data_2YEW
#
_entry.id   2YEW
#
_cell.length_a   1.000
_cell.length_b   1.000
_cell.length_c   1.000
_cell.angle_alpha   90.00
_cell.angle_beta   90.00
_cell.angle_gamma   90.00
#
_symmetry.space_group_name_H-M   'P 1'
#
loop_
_entity.id
_entity.type
_entity.pdbx_description
1 polymer 'CAPSID PROTEIN'
2 polymer 'E1 ENVELOPE GLYCOPROTEIN'
3 polymer 'E2 ENVELOPE GLYCOPROTEIN'
#
loop_
_entity_poly.entity_id
_entity_poly.type
_entity_poly.pdbx_seq_one_letter_code
_entity_poly.pdbx_strand_id
1 'polypeptide(L)'
;MDFIPTQTFYGRRWRPAPVQRYIPQPQPPAPPRRRRGPSQLQQLVAALGALALQPKQKQKRAQKKPKKTPPPKPKKTQKP
KKPTQKKKSKPGKRMRNCMKIENDCIFPVMLDGKVNGYACLVGDKVMKPAHVKGTIDNPELAKLTFKKSSKYDLECAQVP
VCMKSDASKFTHEKPEGHYNWHHGAVQFSNGRFTIPTGSGKPGDSGRPIFDNTGKVVAIVLGGANEGARTALSVVTWNKD
MVTRITPEESVEW
;
A,D,G,J
2 'polypeptide(L)'
;YESTTMPNQVGIPFKALIERPGYAGLPLSLVVIKSELVPSLVQDYITCNYKTVVPSPYIKCCGGAECSKNEADYKCSVFT
GVYPFMWGGAYCFCDTENSQMSEVYVTRGESCEADAIAYQVTASLKAQVMISIGELNQTVDVFVNGDSPARIQQSKFILG
PISSAWSPFDKVIVYRDEVYNEDYAPYGSGQAGRFGDIQSRTVNSTDVYANTNLKLKRPASGNVHVPYTQTPSGFSYWKK
EKGVPLNRNAPFGCIIKVNPVRAENCVYGNIPISMDIADAFTRIDESPSVSLKACEVQSCTYSSDFGGVASISYTSNKVG
KCAISSNSATMKDSVQDVQESGALSLFFATSSVEPNFVVQVCNARITCGKCEPPKDIVPYAAKNDAEFPSISTTAWQWLA
TTSGPLTILVVAIIVVVVVSIVVCARH
;
B,E,H,K
3 'polypeptide(L)'
;SVAHFEAYKATRPYIGWCADCGLAGSCPSPVSIEHVWSDADDGVLKIQVSMQIGIAKSNTINHAKIRYMGANGVQEAERS
TLSVSTTAPCDILATMGHFILARCRPGSQVEVSLSTDPKLLCRTPFSHKPRFIGNEKSPAPTGHKTRIPCKTYSHQTDLT
REEITMHVPPDVPIQGLVSNTGKSYSLDPKTKTIKYKCTCGETVKEGTATNKITLFNCDTAPKCITYAVDNTVWQYNSQY
VPRSEVTEVKGKIHVPFPLTDSTCAVSVAPEPQVTYRLGEVEFHFHPMYPTLFSIRSLGKDPSHSQEWIDTPMSKTIQVG
AEGVEYVWGNNNPVRLWAQKSSSSSAHGNPISIVSHYYDLYPYWTITVLASLGLLIVISSGFSCFLCSVARTKCLTPYQL
APGAQLPTFIALLCCAKSARA
;
C,F,I,L
#
# COMPACT_ATOMS: atom_id res chain seq x y z
N PRO A 83 46.05 109.47 -56.57
CA PRO A 83 46.51 108.73 -57.81
C PRO A 83 45.80 109.31 -59.03
N THR A 84 45.88 108.57 -60.15
CA THR A 84 45.06 108.88 -61.29
C THR A 84 44.22 107.59 -61.51
N GLN A 85 42.92 107.83 -61.78
CA GLN A 85 41.84 106.87 -61.88
C GLN A 85 41.19 107.21 -63.20
N LYS A 86 41.00 106.20 -64.01
CA LYS A 86 40.38 106.36 -65.35
C LYS A 86 39.12 105.64 -65.41
N LYS A 87 38.57 105.01 -64.33
CA LYS A 87 37.34 104.26 -64.20
C LYS A 87 36.97 104.34 -62.66
N LYS A 88 35.65 104.22 -62.35
CA LYS A 88 35.20 103.98 -61.06
C LYS A 88 34.42 102.66 -61.16
N SER A 89 34.77 101.72 -60.21
CA SER A 89 34.12 100.41 -60.08
C SER A 89 34.18 100.01 -58.61
N LYS A 90 34.44 100.96 -57.71
CA LYS A 90 34.37 100.72 -56.30
C LYS A 90 32.92 100.83 -55.89
N PRO A 91 32.44 100.34 -54.70
CA PRO A 91 31.09 100.58 -54.27
C PRO A 91 30.99 102.01 -53.85
N GLY A 92 29.85 102.57 -54.20
CA GLY A 92 29.83 103.96 -54.09
C GLY A 92 28.55 104.42 -54.78
N LYS A 93 27.53 103.56 -54.87
CA LYS A 93 26.32 103.79 -55.56
C LYS A 93 25.27 102.98 -54.84
N ARG A 94 25.67 102.38 -53.69
CA ARG A 94 24.87 101.57 -52.82
C ARG A 94 24.23 102.48 -51.73
N MET A 95 23.07 101.96 -51.32
CA MET A 95 22.17 102.46 -50.30
C MET A 95 21.66 101.31 -49.49
N ARG A 96 22.52 100.34 -49.23
CA ARG A 96 22.07 99.05 -48.70
C ARG A 96 21.76 98.99 -47.19
N ASN A 97 20.66 98.38 -46.77
CA ASN A 97 20.35 98.21 -45.35
C ASN A 97 21.32 97.33 -44.57
N CYS A 98 21.86 96.22 -45.18
CA CYS A 98 22.74 95.26 -44.54
C CYS A 98 24.08 95.06 -45.19
N MET A 99 25.14 94.70 -44.49
CA MET A 99 26.47 94.50 -44.92
C MET A 99 27.10 93.40 -43.97
N LYS A 100 26.22 92.73 -43.18
CA LYS A 100 26.53 91.79 -42.16
C LYS A 100 27.13 90.54 -42.70
N ILE A 101 28.30 90.00 -42.16
CA ILE A 101 29.09 88.94 -42.68
C ILE A 101 29.02 87.95 -41.59
N GLU A 102 29.03 88.31 -40.28
CA GLU A 102 29.04 87.37 -39.25
C GLU A 102 27.83 86.45 -39.28
N ASN A 103 28.20 85.13 -39.11
CA ASN A 103 27.27 84.01 -39.46
C ASN A 103 25.97 84.14 -38.75
N ASP A 104 24.94 83.51 -39.35
CA ASP A 104 23.57 83.47 -38.82
C ASP A 104 22.99 82.28 -39.46
N CYS A 105 23.87 81.37 -39.94
CA CYS A 105 23.55 80.09 -40.44
C CYS A 105 23.75 79.05 -39.33
N ILE A 106 24.02 79.51 -38.12
CA ILE A 106 24.33 78.72 -36.97
C ILE A 106 22.97 78.49 -36.30
N PHE A 107 23.00 77.61 -35.32
CA PHE A 107 21.80 77.17 -34.59
C PHE A 107 22.22 77.05 -33.20
N PRO A 108 21.63 77.61 -32.15
CA PRO A 108 22.01 77.36 -30.79
C PRO A 108 21.50 76.01 -30.32
N VAL A 109 22.25 75.37 -29.35
CA VAL A 109 21.94 73.99 -29.03
C VAL A 109 21.82 73.94 -27.56
N MET A 110 20.71 73.30 -27.05
CA MET A 110 20.24 73.49 -25.69
C MET A 110 20.51 72.34 -24.73
N LEU A 111 20.75 72.69 -23.42
CA LEU A 111 20.87 71.82 -22.28
C LEU A 111 20.59 72.67 -21.07
N ASP A 112 19.55 72.23 -20.30
CA ASP A 112 18.95 73.00 -19.30
C ASP A 112 18.42 74.40 -19.74
N GLY A 113 18.08 74.62 -21.04
CA GLY A 113 17.35 75.79 -21.51
C GLY A 113 18.35 76.88 -21.70
N LYS A 114 19.66 76.53 -21.73
CA LYS A 114 20.70 77.54 -21.78
C LYS A 114 21.47 77.19 -23.04
N VAL A 115 21.97 78.26 -23.72
CA VAL A 115 22.71 78.15 -24.93
C VAL A 115 24.11 77.72 -24.50
N ASN A 116 24.44 76.36 -24.55
CA ASN A 116 25.75 75.92 -24.12
C ASN A 116 26.63 75.66 -25.32
N GLY A 117 26.31 76.39 -26.41
CA GLY A 117 27.12 76.27 -27.57
C GLY A 117 26.33 76.57 -28.78
N TYR A 118 27.02 76.54 -29.95
CA TYR A 118 26.52 76.96 -31.20
C TYR A 118 26.95 75.87 -32.08
N ALA A 119 26.03 75.38 -33.02
CA ALA A 119 26.30 74.30 -33.96
C ALA A 119 26.09 74.77 -35.37
N CYS A 120 26.74 74.13 -36.30
CA CYS A 120 26.47 74.24 -37.70
C CYS A 120 27.11 73.03 -38.29
N LEU A 121 26.68 72.77 -39.49
CA LEU A 121 26.93 71.60 -40.24
C LEU A 121 27.73 72.06 -41.37
N VAL A 122 29.05 71.70 -41.38
CA VAL A 122 30.05 72.37 -42.23
C VAL A 122 30.26 71.23 -43.18
N GLY A 123 31.19 70.29 -42.97
CA GLY A 123 31.80 69.50 -44.03
C GLY A 123 31.03 68.30 -44.53
N ASP A 124 31.64 67.33 -45.31
CA ASP A 124 30.97 66.23 -45.96
C ASP A 124 30.48 65.31 -44.90
N LYS A 125 31.28 65.01 -43.83
CA LYS A 125 30.93 64.39 -42.57
C LYS A 125 31.19 65.37 -41.56
N VAL A 126 30.43 65.51 -40.46
CA VAL A 126 30.13 66.82 -39.84
C VAL A 126 31.07 66.83 -38.64
N MET A 127 31.79 67.89 -38.52
CA MET A 127 33.02 67.98 -37.81
C MET A 127 32.63 68.72 -36.51
N LYS A 128 31.26 68.92 -36.17
CA LYS A 128 30.94 69.86 -35.08
C LYS A 128 31.11 69.27 -33.71
N PRO A 129 30.49 68.18 -33.32
CA PRO A 129 30.29 68.02 -31.86
C PRO A 129 31.55 67.54 -31.31
N ALA A 130 32.15 68.22 -30.29
CA ALA A 130 33.56 68.00 -30.00
C ALA A 130 33.87 68.75 -28.69
N HIS A 131 32.91 69.59 -28.29
CA HIS A 131 32.95 70.40 -27.06
C HIS A 131 31.55 70.80 -26.85
N VAL A 132 30.67 70.43 -27.86
CA VAL A 132 29.23 70.73 -27.97
C VAL A 132 28.54 69.35 -28.22
N LYS A 133 29.23 68.25 -27.99
CA LYS A 133 28.65 66.91 -27.97
C LYS A 133 28.19 66.50 -26.57
N GLY A 134 28.61 67.25 -25.51
CA GLY A 134 28.33 66.98 -24.12
C GLY A 134 27.08 67.73 -23.71
N THR A 135 26.55 68.55 -24.60
CA THR A 135 25.42 69.46 -24.27
C THR A 135 24.28 69.09 -25.10
N ILE A 136 24.54 68.13 -26.02
CA ILE A 136 23.63 67.72 -27.10
C ILE A 136 23.06 68.77 -28.02
N ASP A 137 22.26 68.38 -29.07
CA ASP A 137 21.98 69.25 -30.14
C ASP A 137 20.50 69.35 -30.03
N ASN A 138 19.87 68.28 -30.29
CA ASN A 138 18.43 68.08 -30.06
C ASN A 138 18.43 66.59 -29.87
N PRO A 139 17.47 65.95 -29.21
CA PRO A 139 17.40 64.48 -28.99
C PRO A 139 17.25 63.70 -30.19
N GLU A 140 16.46 64.18 -31.15
CA GLU A 140 16.10 63.47 -32.38
C GLU A 140 17.35 63.33 -33.20
N LEU A 141 18.13 64.44 -33.26
CA LEU A 141 19.40 64.54 -33.93
C LEU A 141 20.51 63.73 -33.23
N ALA A 142 20.53 63.80 -31.89
CA ALA A 142 21.60 63.21 -31.04
C ALA A 142 21.72 61.73 -31.32
N LYS A 143 20.57 61.03 -31.33
CA LYS A 143 20.54 59.57 -31.48
C LYS A 143 21.01 59.04 -32.85
N LEU A 144 20.61 59.72 -34.01
CA LEU A 144 20.97 59.30 -35.36
C LEU A 144 22.42 59.40 -35.67
N THR A 145 23.06 60.52 -35.30
CA THR A 145 24.33 60.92 -35.98
C THR A 145 25.53 60.03 -35.49
N PHE A 146 25.53 59.85 -34.16
CA PHE A 146 26.76 59.96 -33.37
C PHE A 146 27.47 58.65 -33.55
N LYS A 147 28.54 58.67 -34.38
CA LYS A 147 29.70 57.82 -34.40
C LYS A 147 30.75 58.77 -34.21
N LYS A 148 31.78 58.29 -33.46
CA LYS A 148 32.89 59.17 -33.02
C LYS A 148 34.16 58.48 -33.01
N SER A 149 35.29 59.24 -32.86
CA SER A 149 36.69 58.93 -32.70
C SER A 149 37.05 59.55 -31.40
N SER A 150 37.02 58.79 -30.26
CA SER A 150 37.07 59.38 -28.99
C SER A 150 38.56 59.36 -28.57
N LYS A 151 39.43 59.25 -29.57
CA LYS A 151 40.88 59.18 -29.51
C LYS A 151 41.30 60.57 -29.90
N TYR A 152 40.28 61.43 -30.10
CA TYR A 152 40.36 62.76 -30.55
C TYR A 152 39.24 63.50 -29.93
N ASP A 153 38.23 62.79 -29.39
CA ASP A 153 37.04 63.34 -28.77
C ASP A 153 36.23 64.19 -29.77
N LEU A 154 36.11 63.66 -31.01
CA LEU A 154 35.46 64.21 -32.16
C LEU A 154 34.39 63.31 -32.76
N GLU A 155 33.26 63.93 -33.15
CA GLU A 155 32.17 63.24 -33.81
C GLU A 155 32.28 63.52 -35.29
N CYS A 156 32.01 62.49 -36.06
CA CYS A 156 31.89 62.57 -37.52
C CYS A 156 30.87 61.64 -37.98
N ALA A 157 30.00 62.18 -38.86
CA ALA A 157 29.09 61.35 -39.58
C ALA A 157 28.24 62.27 -40.32
N GLN A 158 28.18 62.13 -41.66
CA GLN A 158 27.34 62.85 -42.61
C GLN A 158 25.91 62.97 -42.28
N VAL A 159 25.24 64.01 -42.88
CA VAL A 159 23.85 64.31 -42.72
C VAL A 159 23.32 64.69 -44.04
N PRO A 160 22.11 64.42 -44.42
CA PRO A 160 21.48 64.86 -45.65
C PRO A 160 21.85 66.21 -46.17
N VAL A 161 22.01 66.29 -47.53
CA VAL A 161 22.44 67.38 -48.30
C VAL A 161 21.47 68.60 -48.17
N CYS A 162 20.14 68.34 -48.01
CA CYS A 162 19.13 69.40 -47.86
C CYS A 162 19.48 70.12 -46.59
N MET A 163 19.78 69.39 -45.46
CA MET A 163 20.08 70.07 -44.17
C MET A 163 21.30 71.04 -44.24
N LYS A 164 22.33 70.61 -44.95
CA LYS A 164 23.59 71.27 -45.10
C LYS A 164 23.44 72.57 -45.93
N SER A 165 22.53 72.48 -46.95
CA SER A 165 22.16 73.64 -47.70
C SER A 165 21.66 74.81 -46.81
N ASP A 166 20.97 74.55 -45.67
CA ASP A 166 20.28 75.49 -44.77
C ASP A 166 21.13 75.65 -43.49
N ALA A 167 22.48 75.53 -43.66
CA ALA A 167 23.47 75.77 -42.62
C ALA A 167 24.67 76.31 -43.34
N SER A 168 25.84 75.80 -42.82
CA SER A 168 27.07 76.15 -43.47
C SER A 168 27.48 75.07 -44.50
N LYS A 169 28.49 75.58 -45.25
CA LYS A 169 29.05 74.93 -46.34
C LYS A 169 30.23 74.12 -45.98
N PHE A 170 30.41 73.04 -46.77
CA PHE A 170 31.44 72.13 -46.74
C PHE A 170 32.86 72.70 -46.78
N THR A 171 33.74 71.87 -46.16
CA THR A 171 35.14 72.18 -46.28
C THR A 171 35.83 71.02 -46.98
N HIS A 172 36.94 71.29 -47.62
CA HIS A 172 37.69 70.39 -48.37
C HIS A 172 39.01 71.01 -48.50
N GLU A 173 39.25 72.28 -48.06
CA GLU A 173 40.49 72.98 -48.16
C GLU A 173 40.75 73.78 -46.94
N LYS A 174 41.93 74.35 -46.90
CA LYS A 174 42.26 75.41 -45.99
C LYS A 174 42.71 76.66 -46.73
N PRO A 175 41.84 77.58 -47.08
CA PRO A 175 42.22 78.95 -47.47
C PRO A 175 42.33 79.79 -46.24
N GLU A 176 43.10 80.87 -46.42
CA GLU A 176 43.42 81.78 -45.35
C GLU A 176 42.65 83.08 -45.43
N GLY A 177 41.48 83.02 -46.12
CA GLY A 177 40.48 84.06 -46.29
C GLY A 177 39.91 84.46 -44.94
N HIS A 178 39.90 83.53 -43.93
CA HIS A 178 39.46 83.70 -42.53
C HIS A 178 40.15 84.87 -41.87
N TYR A 179 39.30 85.80 -41.45
CA TYR A 179 39.75 86.93 -40.67
C TYR A 179 38.61 87.23 -39.77
N ASN A 180 37.51 86.45 -39.89
CA ASN A 180 36.25 86.65 -39.20
C ASN A 180 36.12 85.41 -38.32
N TRP A 181 35.64 85.58 -37.08
CA TRP A 181 35.18 84.35 -36.41
C TRP A 181 34.15 84.74 -35.36
N HIS A 182 34.17 86.05 -35.08
CA HIS A 182 33.69 86.63 -33.83
C HIS A 182 34.29 87.96 -33.73
N HIS A 183 35.51 88.05 -34.31
CA HIS A 183 36.45 89.19 -34.16
C HIS A 183 37.32 89.32 -35.38
N GLY A 184 38.04 90.45 -35.47
CA GLY A 184 38.49 90.98 -36.74
C GLY A 184 39.81 90.46 -37.22
N ALA A 185 40.44 89.41 -36.65
CA ALA A 185 41.75 88.95 -37.15
C ALA A 185 42.21 87.78 -36.34
N VAL A 186 42.33 86.54 -36.97
CA VAL A 186 42.87 85.35 -36.39
C VAL A 186 44.00 85.04 -37.29
N GLN A 187 45.21 85.08 -36.83
CA GLN A 187 46.41 84.75 -37.54
C GLN A 187 46.53 83.21 -37.39
N PHE A 188 46.88 82.52 -38.51
CA PHE A 188 47.25 81.17 -38.38
C PHE A 188 48.73 81.14 -38.70
N SER A 189 49.49 80.97 -37.54
CA SER A 189 50.91 80.72 -37.74
C SER A 189 51.26 80.01 -36.55
N ASN A 190 52.17 79.04 -36.60
CA ASN A 190 52.69 78.28 -35.47
C ASN A 190 51.70 77.34 -34.86
N GLY A 191 50.63 76.91 -35.62
CA GLY A 191 49.73 75.86 -35.27
C GLY A 191 48.72 76.37 -34.30
N ARG A 192 48.56 77.72 -34.02
CA ARG A 192 47.58 78.20 -33.08
C ARG A 192 47.06 79.48 -33.70
N PHE A 193 45.76 79.66 -33.51
CA PHE A 193 44.92 80.77 -33.97
C PHE A 193 45.03 81.66 -32.77
N THR A 194 45.24 82.96 -32.93
CA THR A 194 45.39 83.88 -31.83
C THR A 194 44.67 85.09 -32.29
N ILE A 195 44.10 85.77 -31.26
CA ILE A 195 43.35 86.97 -31.18
C ILE A 195 44.13 87.73 -30.07
N PRO A 196 44.00 89.05 -29.82
CA PRO A 196 44.60 89.75 -28.73
C PRO A 196 44.05 89.24 -27.48
N THR A 197 44.77 89.31 -26.32
CA THR A 197 44.36 88.96 -25.02
C THR A 197 43.27 89.87 -24.58
N GLY A 198 42.43 89.20 -23.76
CA GLY A 198 41.27 89.77 -23.15
C GLY A 198 40.13 90.02 -24.12
N SER A 199 40.27 89.75 -25.45
CA SER A 199 39.19 89.64 -26.39
C SER A 199 38.47 88.37 -26.19
N GLY A 200 39.29 87.26 -25.99
CA GLY A 200 38.83 85.89 -25.77
C GLY A 200 38.36 85.87 -24.30
N LYS A 201 37.13 85.32 -24.16
CA LYS A 201 36.41 85.05 -22.94
C LYS A 201 35.47 83.91 -23.13
N PRO A 202 34.87 83.29 -22.06
CA PRO A 202 33.89 82.20 -22.19
C PRO A 202 32.66 82.71 -22.95
N GLY A 203 31.90 81.71 -23.49
CA GLY A 203 30.60 81.85 -24.20
C GLY A 203 30.90 82.13 -25.61
N ASP A 204 32.19 81.89 -26.01
CA ASP A 204 32.67 82.13 -27.32
C ASP A 204 32.99 80.76 -27.82
N SER A 205 32.59 79.69 -27.03
CA SER A 205 32.86 78.32 -27.31
C SER A 205 31.88 77.79 -28.24
N GLY A 206 32.25 77.60 -29.53
CA GLY A 206 31.33 76.87 -30.46
C GLY A 206 31.15 77.74 -31.65
N ARG A 207 31.71 78.97 -31.64
CA ARG A 207 31.62 79.91 -32.76
C ARG A 207 32.58 79.36 -33.91
N PRO A 208 32.27 79.32 -35.22
CA PRO A 208 33.24 78.81 -36.20
C PRO A 208 34.25 79.89 -36.60
N ILE A 209 35.36 79.54 -37.22
CA ILE A 209 36.21 80.53 -37.78
C ILE A 209 35.91 80.42 -39.27
N PHE A 210 35.38 81.47 -39.82
CA PHE A 210 34.78 81.51 -41.10
C PHE A 210 35.52 82.44 -42.09
N ASP A 211 35.55 82.15 -43.36
CA ASP A 211 36.27 82.81 -44.45
C ASP A 211 35.23 83.86 -44.80
N ASN A 212 35.21 84.23 -46.10
CA ASN A 212 34.18 85.18 -46.53
C ASN A 212 33.04 84.46 -47.23
N THR A 213 33.24 83.19 -47.54
CA THR A 213 32.32 82.33 -48.19
C THR A 213 31.67 81.44 -47.23
N GLY A 214 32.14 81.44 -45.94
CA GLY A 214 31.39 80.73 -44.92
C GLY A 214 31.85 79.34 -44.74
N LYS A 215 33.05 79.05 -45.21
CA LYS A 215 33.72 77.76 -45.07
C LYS A 215 34.39 77.83 -43.75
N VAL A 216 34.19 76.74 -42.90
CA VAL A 216 34.75 76.67 -41.60
C VAL A 216 35.90 75.75 -41.64
N VAL A 217 37.09 76.35 -41.32
CA VAL A 217 38.31 75.69 -41.41
C VAL A 217 38.67 75.12 -40.06
N ALA A 218 38.11 75.68 -38.95
CA ALA A 218 38.48 75.24 -37.61
C ALA A 218 37.41 75.64 -36.72
N ILE A 219 37.21 74.97 -35.50
CA ILE A 219 36.13 75.24 -34.54
C ILE A 219 36.82 75.60 -33.28
N VAL A 220 36.39 76.68 -32.58
CA VAL A 220 36.83 77.14 -31.26
C VAL A 220 36.10 76.35 -30.22
N LEU A 221 36.91 75.70 -29.42
CA LEU A 221 36.38 74.84 -28.41
C LEU A 221 36.70 75.58 -27.08
N GLY A 222 37.73 76.35 -27.03
CA GLY A 222 38.16 77.02 -25.78
C GLY A 222 39.38 77.86 -26.04
N GLY A 223 40.15 78.21 -25.02
CA GLY A 223 41.23 79.08 -25.17
C GLY A 223 41.90 79.21 -23.82
N ALA A 224 42.95 80.03 -23.72
CA ALA A 224 43.63 80.42 -22.43
C ALA A 224 44.12 81.84 -22.62
N ASN A 225 44.02 82.74 -21.57
CA ASN A 225 44.60 84.03 -21.75
C ASN A 225 46.14 83.81 -21.54
N GLU A 226 46.94 84.38 -22.49
CA GLU A 226 48.35 84.25 -22.42
C GLU A 226 48.97 85.60 -22.02
N GLY A 227 48.13 86.67 -21.86
CA GLY A 227 48.39 87.97 -21.33
C GLY A 227 49.07 88.83 -22.37
N ALA A 228 49.00 88.36 -23.64
CA ALA A 228 49.46 89.09 -24.76
C ALA A 228 48.51 88.73 -25.89
N ARG A 229 48.16 87.48 -26.01
CA ARG A 229 47.32 86.92 -27.02
C ARG A 229 46.35 86.09 -26.24
N THR A 230 45.32 85.54 -27.00
CA THR A 230 44.49 84.57 -26.42
C THR A 230 44.72 83.44 -27.35
N ALA A 231 45.23 82.28 -26.88
CA ALA A 231 45.41 81.10 -27.71
C ALA A 231 44.04 80.46 -27.72
N LEU A 232 43.72 79.89 -28.91
CA LEU A 232 42.45 79.29 -29.17
C LEU A 232 42.69 77.82 -29.34
N SER A 233 41.71 76.98 -28.96
CA SER A 233 41.84 75.54 -29.03
C SER A 233 40.93 75.21 -30.16
N VAL A 234 41.35 74.24 -31.04
CA VAL A 234 40.48 73.95 -32.19
C VAL A 234 40.61 72.52 -32.52
N VAL A 235 39.54 71.97 -33.16
CA VAL A 235 39.43 70.82 -34.05
C VAL A 235 39.27 71.34 -35.40
N THR A 236 39.95 70.63 -36.38
CA THR A 236 40.10 71.00 -37.70
C THR A 236 39.78 69.76 -38.47
N TRP A 237 39.58 70.07 -39.76
CA TRP A 237 39.47 69.02 -40.75
C TRP A 237 39.63 69.90 -41.98
N ASN A 238 40.74 69.59 -42.72
CA ASN A 238 41.17 70.31 -43.86
C ASN A 238 41.53 69.26 -44.83
N LYS A 239 42.63 69.55 -45.55
CA LYS A 239 43.29 68.77 -46.57
C LYS A 239 44.66 68.26 -46.19
N ASP A 240 44.95 68.47 -44.90
CA ASP A 240 46.17 67.97 -44.28
C ASP A 240 45.78 67.48 -42.91
N MET A 241 44.55 67.91 -42.41
CA MET A 241 43.91 67.63 -41.17
C MET A 241 44.68 67.91 -39.96
N VAL A 242 45.07 66.87 -39.21
CA VAL A 242 45.73 67.06 -37.89
C VAL A 242 44.74 67.67 -36.95
N THR A 243 43.74 66.86 -36.53
CA THR A 243 42.66 67.37 -35.77
C THR A 243 43.15 67.50 -34.38
N ARG A 244 42.56 68.32 -33.55
CA ARG A 244 42.97 68.52 -32.18
C ARG A 244 44.31 69.20 -32.06
N ILE A 245 44.53 70.20 -32.94
CA ILE A 245 45.69 71.06 -32.89
C ILE A 245 45.42 72.14 -31.92
N THR A 246 45.99 71.94 -30.72
CA THR A 246 45.62 72.69 -29.58
C THR A 246 46.81 73.18 -28.90
N PRO A 247 46.81 74.18 -28.03
CA PRO A 247 47.92 74.50 -27.16
C PRO A 247 47.96 73.41 -26.09
N GLU A 248 49.07 73.28 -25.30
CA GLU A 248 49.26 72.30 -24.25
C GLU A 248 49.01 72.84 -22.84
N GLU A 249 48.30 74.01 -22.74
CA GLU A 249 47.96 74.73 -21.55
C GLU A 249 46.78 75.60 -21.96
N SER A 250 45.76 75.01 -22.46
CA SER A 250 44.50 75.62 -22.77
C SER A 250 43.54 74.90 -21.83
N VAL A 251 42.36 75.62 -21.59
CA VAL A 251 41.29 75.06 -20.81
C VAL A 251 40.11 75.02 -21.66
N GLU A 252 39.20 74.01 -21.36
CA GLU A 252 38.00 73.86 -22.15
C GLU A 252 36.88 74.53 -21.37
N TRP A 253 36.43 75.74 -21.69
CA TRP A 253 35.56 76.53 -20.95
C TRP A 253 34.18 75.92 -20.86
N TYR B 1 83.52 3.44 -12.26
CA TYR B 1 83.51 2.64 -11.03
C TYR B 1 82.20 2.85 -10.36
N GLU B 2 82.23 3.60 -9.28
CA GLU B 2 81.23 3.63 -8.31
C GLU B 2 80.07 4.48 -8.88
N SER B 3 78.84 4.24 -8.49
CA SER B 3 77.84 5.18 -8.00
C SER B 3 76.93 5.51 -9.14
N THR B 4 75.72 4.85 -9.19
CA THR B 4 74.59 5.08 -10.06
C THR B 4 73.38 4.93 -9.07
N THR B 5 72.11 5.32 -9.35
CA THR B 5 70.94 5.04 -8.56
C THR B 5 69.91 4.50 -9.46
N MET B 6 69.56 3.15 -9.40
CA MET B 6 68.54 2.54 -10.24
C MET B 6 67.22 2.51 -9.43
N PRO B 7 66.04 2.46 -10.06
CA PRO B 7 64.77 2.12 -9.39
C PRO B 7 64.73 0.59 -9.38
N ASN B 8 63.96 -0.09 -8.57
CA ASN B 8 63.72 -1.53 -8.55
C ASN B 8 62.55 -1.85 -9.46
N GLN B 9 62.85 -2.54 -10.58
CA GLN B 9 61.83 -3.07 -11.47
C GLN B 9 62.31 -4.47 -11.60
N VAL B 10 61.41 -5.48 -11.49
CA VAL B 10 61.73 -6.93 -11.48
C VAL B 10 61.95 -7.49 -12.85
N GLY B 11 63.07 -8.26 -13.12
CA GLY B 11 63.38 -8.93 -14.40
C GLY B 11 64.02 -8.06 -15.49
N ILE B 12 64.20 -6.78 -15.20
CA ILE B 12 64.76 -5.84 -16.10
C ILE B 12 66.30 -5.96 -15.96
N PRO B 13 67.04 -6.09 -17.06
CA PRO B 13 68.46 -6.09 -16.86
C PRO B 13 68.98 -4.68 -17.10
N PHE B 14 69.67 -4.16 -16.08
CA PHE B 14 70.20 -2.81 -16.00
C PHE B 14 71.66 -3.03 -16.47
N LYS B 15 72.26 -2.20 -17.38
CA LYS B 15 73.68 -2.29 -17.88
C LYS B 15 74.59 -1.13 -17.59
N ALA B 16 75.73 -1.33 -16.81
CA ALA B 16 76.68 -0.26 -16.60
C ALA B 16 78.04 -0.84 -17.17
N LEU B 17 78.81 0.00 -17.94
CA LEU B 17 80.16 -0.38 -18.36
C LEU B 17 81.18 0.51 -17.69
N ILE B 18 80.76 1.39 -16.73
CA ILE B 18 81.56 2.49 -16.17
C ILE B 18 82.69 2.01 -15.45
N GLU B 19 83.95 2.50 -15.80
CA GLU B 19 85.18 2.23 -15.03
C GLU B 19 86.00 3.49 -15.28
N ARG B 20 86.50 3.67 -16.52
CA ARG B 20 87.44 4.80 -16.77
C ARG B 20 87.31 5.03 -18.21
N PRO B 21 87.81 6.08 -18.86
CA PRO B 21 87.68 6.34 -20.22
C PRO B 21 88.06 5.19 -21.11
N GLY B 22 87.15 4.80 -22.00
CA GLY B 22 87.23 3.67 -22.91
C GLY B 22 85.94 2.90 -22.95
N TYR B 23 85.99 1.78 -23.73
CA TYR B 23 84.86 0.82 -24.07
C TYR B 23 85.10 -0.41 -23.37
N ALA B 24 84.15 -1.37 -23.30
CA ALA B 24 84.24 -2.66 -22.66
C ALA B 24 83.16 -3.52 -23.30
N GLY B 25 83.39 -4.84 -22.99
CA GLY B 25 82.84 -6.11 -23.57
C GLY B 25 82.12 -6.88 -22.55
N LEU B 26 82.46 -6.66 -21.23
CA LEU B 26 81.92 -7.46 -20.14
C LEU B 26 81.36 -6.45 -19.15
N PRO B 27 80.07 -6.51 -18.79
CA PRO B 27 79.40 -5.41 -18.09
C PRO B 27 78.76 -5.94 -16.82
N LEU B 28 78.14 -5.07 -16.04
CA LEU B 28 77.37 -5.50 -14.90
C LEU B 28 75.91 -5.53 -15.37
N SER B 29 75.26 -6.70 -15.30
CA SER B 29 73.86 -6.83 -15.58
C SER B 29 73.29 -7.24 -14.22
N LEU B 30 72.09 -6.66 -13.86
CA LEU B 30 71.36 -6.80 -12.61
C LEU B 30 69.88 -6.92 -12.84
N VAL B 31 69.34 -7.88 -12.12
CA VAL B 31 67.94 -8.22 -12.19
C VAL B 31 67.57 -8.30 -10.74
N VAL B 32 66.29 -7.88 -10.40
CA VAL B 32 65.70 -8.08 -9.13
C VAL B 32 64.83 -9.23 -9.45
N ILE B 33 64.91 -10.40 -8.80
CA ILE B 33 64.14 -11.59 -9.19
C ILE B 33 62.91 -11.39 -8.36
N LYS B 34 63.06 -11.23 -7.01
CA LYS B 34 61.94 -10.86 -6.19
C LYS B 34 62.36 -10.15 -4.91
N SER B 35 61.41 -9.26 -4.43
CA SER B 35 61.53 -8.64 -3.19
C SER B 35 60.76 -9.45 -2.25
N GLU B 36 61.11 -9.38 -0.93
CA GLU B 36 60.54 -10.21 0.13
C GLU B 36 60.43 -9.33 1.32
N LEU B 37 59.22 -8.90 1.62
CA LEU B 37 58.94 -8.17 2.84
C LEU B 37 58.80 -9.24 3.81
N VAL B 38 59.75 -9.32 4.74
CA VAL B 38 59.83 -10.43 5.70
C VAL B 38 59.55 -9.85 7.04
N PRO B 39 58.58 -10.36 7.79
CA PRO B 39 58.18 -9.75 9.02
C PRO B 39 59.16 -9.95 10.17
N SER B 40 59.20 -8.91 11.04
CA SER B 40 59.92 -8.98 12.36
C SER B 40 58.96 -8.43 13.40
N LEU B 41 58.10 -9.36 13.90
CA LEU B 41 56.85 -9.17 14.51
C LEU B 41 56.88 -9.53 16.02
N VAL B 42 55.84 -9.12 16.88
CA VAL B 42 55.71 -9.48 18.28
C VAL B 42 54.39 -10.25 18.44
N GLN B 43 54.49 -11.38 19.09
CA GLN B 43 53.25 -12.16 19.26
C GLN B 43 52.41 -11.67 20.37
N ASP B 44 51.18 -11.22 20.04
CA ASP B 44 50.30 -10.58 21.00
C ASP B 44 49.73 -11.69 21.81
N TYR B 45 49.07 -12.71 21.17
CA TYR B 45 48.59 -13.85 21.86
C TYR B 45 48.39 -14.93 20.77
N ILE B 46 48.08 -16.16 21.31
CA ILE B 46 47.67 -17.24 20.47
C ILE B 46 46.28 -17.54 21.00
N THR B 47 45.37 -17.97 20.09
CA THR B 47 43.97 -18.47 20.34
C THR B 47 43.88 -19.66 19.55
N CYS B 48 43.08 -20.64 20.02
CA CYS B 48 42.84 -21.84 19.31
C CYS B 48 41.52 -22.14 19.91
N ASN B 49 41.00 -23.34 19.62
CA ASN B 49 39.82 -23.87 20.25
C ASN B 49 40.09 -24.20 21.69
N TYR B 50 39.09 -24.12 22.50
CA TYR B 50 39.15 -24.17 23.95
C TYR B 50 38.03 -25.06 24.31
N LYS B 51 38.06 -25.81 25.47
CA LYS B 51 36.97 -26.59 25.91
C LYS B 51 36.37 -25.93 27.05
N THR B 52 35.09 -25.39 26.87
CA THR B 52 34.35 -24.99 28.04
C THR B 52 33.72 -26.26 28.48
N VAL B 53 33.72 -26.45 29.82
CA VAL B 53 33.33 -27.76 30.31
C VAL B 53 32.37 -27.26 31.32
N VAL B 54 31.14 -27.79 31.19
CA VAL B 54 30.02 -27.63 32.17
C VAL B 54 29.81 -29.06 32.64
N PRO B 55 30.18 -29.47 33.82
CA PRO B 55 29.92 -30.83 34.31
C PRO B 55 28.49 -30.90 34.70
N SER B 56 28.01 -32.14 34.95
CA SER B 56 26.69 -32.46 35.38
C SER B 56 26.62 -32.06 36.80
N PRO B 57 25.47 -31.79 37.38
CA PRO B 57 25.28 -31.28 38.72
C PRO B 57 25.96 -32.21 39.75
N TYR B 58 26.76 -31.60 40.65
CA TYR B 58 27.25 -32.27 41.83
C TYR B 58 26.66 -31.51 43.04
N ILE B 59 25.84 -32.21 43.91
CA ILE B 59 25.21 -31.60 45.04
C ILE B 59 25.77 -32.31 46.14
N LYS B 60 25.70 -31.66 47.29
CA LYS B 60 26.16 -32.20 48.54
C LYS B 60 25.09 -31.76 49.47
N CYS B 61 24.54 -32.81 50.18
CA CYS B 61 23.43 -32.59 51.08
C CYS B 61 23.73 -31.80 52.28
N CYS B 62 22.64 -31.11 52.76
CA CYS B 62 22.62 -30.32 53.95
C CYS B 62 23.71 -29.33 54.03
N GLY B 63 23.79 -28.51 52.91
CA GLY B 63 24.78 -27.49 52.66
C GLY B 63 26.05 -28.14 52.12
N GLY B 64 26.81 -27.42 51.29
CA GLY B 64 28.02 -27.93 50.73
C GLY B 64 28.13 -27.19 49.36
N ALA B 65 29.47 -26.76 49.20
CA ALA B 65 30.01 -26.29 47.96
C ALA B 65 31.41 -25.87 48.28
N GLU B 66 32.25 -25.79 47.22
CA GLU B 66 33.69 -25.48 47.36
C GLU B 66 34.27 -24.85 46.13
N CYS B 67 33.38 -24.45 45.13
CA CYS B 67 33.82 -23.80 43.90
C CYS B 67 34.49 -22.47 44.28
N SER B 68 35.39 -22.04 43.40
CA SER B 68 36.34 -20.96 43.36
C SER B 68 37.66 -21.55 43.76
N LYS B 69 38.23 -22.34 42.86
CA LYS B 69 39.56 -22.26 42.48
C LYS B 69 39.53 -21.86 41.07
N ASN B 70 40.52 -20.92 40.77
CA ASN B 70 40.63 -20.48 39.44
C ASN B 70 41.42 -21.41 38.61
N GLU B 71 41.27 -21.29 37.30
CA GLU B 71 42.05 -21.93 36.19
C GLU B 71 42.04 -20.85 35.12
N ALA B 72 41.81 -21.18 33.79
CA ALA B 72 41.71 -20.10 32.78
C ALA B 72 40.55 -19.16 33.04
N ASP B 73 39.36 -19.65 33.49
CA ASP B 73 38.20 -18.93 33.81
C ASP B 73 37.38 -19.91 34.66
N TYR B 74 36.52 -19.43 35.57
CA TYR B 74 35.81 -20.26 36.44
C TYR B 74 34.53 -19.49 36.65
N LYS B 75 33.44 -20.30 36.95
CA LYS B 75 32.14 -19.79 37.32
C LYS B 75 31.85 -20.65 38.49
N CYS B 76 31.09 -20.14 39.44
CA CYS B 76 30.68 -20.74 40.70
C CYS B 76 29.35 -20.07 40.98
N SER B 77 28.32 -20.89 41.25
CA SER B 77 27.08 -20.44 41.84
C SER B 77 26.91 -21.43 42.96
N VAL B 78 26.41 -21.02 44.20
CA VAL B 78 26.02 -21.98 45.21
C VAL B 78 24.51 -21.79 45.39
N PHE B 79 23.83 -22.86 44.95
CA PHE B 79 22.40 -22.83 44.94
C PHE B 79 21.91 -23.42 46.18
N THR B 80 20.71 -22.99 46.70
CA THR B 80 20.09 -23.37 47.95
C THR B 80 18.59 -23.58 47.63
N GLY B 81 17.94 -24.45 48.41
CA GLY B 81 16.53 -24.81 48.35
C GLY B 81 16.28 -25.96 47.40
N VAL B 82 17.34 -26.56 46.84
CA VAL B 82 17.18 -27.56 45.77
C VAL B 82 16.36 -28.86 45.98
N TYR B 83 15.51 -29.20 45.03
CA TYR B 83 14.82 -30.45 44.80
C TYR B 83 13.56 -30.62 45.64
N PRO B 84 12.50 -31.36 45.20
CA PRO B 84 11.23 -31.30 45.90
C PRO B 84 10.71 -32.73 46.03
N PHE B 85 11.26 -33.74 45.35
CA PHE B 85 10.69 -35.09 45.41
C PHE B 85 11.63 -36.04 46.00
N MET B 86 11.14 -37.20 46.45
CA MET B 86 11.95 -38.10 47.25
C MET B 86 11.77 -39.49 46.76
N TRP B 87 12.84 -40.14 46.28
CA TRP B 87 12.77 -41.44 45.64
C TRP B 87 14.28 -41.82 45.37
N GLY B 88 15.20 -41.20 46.16
CA GLY B 88 16.63 -41.36 46.05
C GLY B 88 17.14 -40.23 45.13
N GLY B 89 16.18 -39.37 44.74
CA GLY B 89 16.45 -38.22 43.92
C GLY B 89 17.14 -37.10 44.65
N ALA B 90 16.75 -36.93 45.97
CA ALA B 90 17.43 -36.04 46.80
C ALA B 90 18.77 -36.62 47.33
N TYR B 91 18.80 -37.87 47.76
CA TYR B 91 19.88 -38.61 48.32
C TYR B 91 20.07 -38.24 49.76
N CYS B 92 19.09 -37.57 50.34
CA CYS B 92 19.14 -37.14 51.71
C CYS B 92 17.72 -36.88 52.15
N PHE B 93 17.57 -36.43 53.41
CA PHE B 93 16.31 -35.87 53.91
C PHE B 93 16.33 -34.39 53.89
N CYS B 94 17.34 -33.90 53.16
CA CYS B 94 17.49 -32.52 52.89
C CYS B 94 17.03 -32.28 51.45
N ASP B 95 16.13 -31.26 51.31
CA ASP B 95 15.39 -30.86 50.14
C ASP B 95 14.99 -29.44 50.34
N THR B 96 15.15 -28.84 51.54
CA THR B 96 14.80 -27.51 51.90
C THR B 96 16.14 -26.87 52.29
N GLU B 97 17.38 -27.53 52.20
CA GLU B 97 18.58 -27.09 52.73
C GLU B 97 19.66 -27.84 52.11
N ASN B 98 19.25 -28.60 51.04
CA ASN B 98 20.09 -29.22 50.06
C ASN B 98 20.67 -28.02 49.28
N SER B 99 21.90 -28.20 48.86
CA SER B 99 22.66 -27.20 48.18
C SER B 99 23.20 -27.89 47.01
N GLN B 100 23.45 -27.09 45.98
CA GLN B 100 23.92 -27.52 44.68
C GLN B 100 25.17 -26.78 44.41
N MET B 101 26.32 -27.46 44.17
CA MET B 101 27.51 -26.71 43.78
C MET B 101 27.50 -26.74 42.26
N SER B 102 27.52 -25.54 41.63
CA SER B 102 27.62 -25.37 40.18
C SER B 102 28.94 -24.88 39.90
N GLU B 103 29.49 -25.33 38.78
CA GLU B 103 30.82 -24.94 38.47
C GLU B 103 31.00 -25.05 37.02
N VAL B 104 31.93 -24.31 36.42
CA VAL B 104 32.20 -24.26 35.00
C VAL B 104 33.57 -23.92 34.98
N TYR B 105 34.27 -24.32 33.91
CA TYR B 105 35.66 -24.01 33.84
C TYR B 105 36.04 -24.15 32.44
N VAL B 106 37.17 -23.48 32.10
CA VAL B 106 37.71 -23.44 30.82
C VAL B 106 38.97 -24.18 30.96
N THR B 107 39.29 -24.98 29.93
CA THR B 107 40.49 -25.67 29.79
C THR B 107 41.06 -25.40 28.44
N ARG B 108 42.33 -25.67 28.36
CA ARG B 108 43.13 -25.61 27.20
C ARG B 108 43.48 -27.01 26.65
N GLY B 109 43.47 -27.17 25.29
CA GLY B 109 43.57 -28.46 24.62
C GLY B 109 44.36 -28.15 23.47
N GLU B 110 44.49 -29.15 22.53
CA GLU B 110 45.36 -29.04 21.33
C GLU B 110 44.45 -29.10 20.12
N SER B 111 44.45 -27.97 19.35
CA SER B 111 43.68 -27.65 18.22
C SER B 111 44.52 -26.73 17.33
N CYS B 112 45.54 -26.22 18.09
CA CYS B 112 46.38 -25.22 17.60
C CYS B 112 47.22 -25.80 16.53
N GLU B 113 47.13 -25.18 15.32
CA GLU B 113 47.95 -25.57 14.19
C GLU B 113 48.31 -24.32 13.46
N ALA B 114 48.27 -23.18 14.19
CA ALA B 114 48.49 -21.79 13.66
C ALA B 114 47.19 -21.14 13.21
N ASP B 115 46.08 -21.56 13.82
CA ASP B 115 44.70 -21.17 13.58
C ASP B 115 44.25 -20.79 14.96
N ALA B 116 44.71 -19.65 15.50
CA ALA B 116 45.11 -18.45 14.82
C ALA B 116 46.03 -17.74 15.73
N ILE B 117 46.87 -16.89 15.15
CA ILE B 117 47.88 -16.12 15.83
C ILE B 117 47.71 -14.64 15.51
N ALA B 118 47.66 -13.85 16.58
CA ALA B 118 47.54 -12.41 16.54
C ALA B 118 48.87 -11.69 16.75
N TYR B 119 49.37 -10.85 15.74
CA TYR B 119 50.66 -10.19 15.80
C TYR B 119 50.41 -8.80 15.47
N GLN B 120 51.17 -7.94 16.12
CA GLN B 120 51.36 -6.57 15.67
C GLN B 120 52.59 -6.69 14.81
N VAL B 121 52.65 -6.22 13.55
CA VAL B 121 53.82 -6.48 12.66
C VAL B 121 54.43 -5.08 12.56
N THR B 122 55.75 -4.94 12.62
CA THR B 122 56.41 -4.03 11.67
C THR B 122 57.55 -4.80 10.96
N ALA B 123 57.37 -5.05 9.63
CA ALA B 123 58.25 -5.86 8.83
C ALA B 123 59.50 -5.10 8.48
N SER B 124 60.59 -5.88 8.24
CA SER B 124 61.94 -5.51 7.78
C SER B 124 61.95 -5.91 6.23
N LEU B 125 62.84 -5.24 5.41
CA LEU B 125 62.79 -5.43 3.97
C LEU B 125 63.96 -6.30 3.57
N LYS B 126 63.74 -7.39 2.72
CA LYS B 126 64.73 -8.30 2.26
C LYS B 126 64.52 -8.36 0.80
N ALA B 127 65.64 -8.51 0.13
CA ALA B 127 65.66 -8.56 -1.30
C ALA B 127 66.18 -9.94 -1.70
N GLN B 128 66.00 -10.28 -2.98
CA GLN B 128 66.64 -11.42 -3.62
C GLN B 128 67.07 -10.87 -4.95
N VAL B 129 68.20 -10.14 -4.90
CA VAL B 129 68.80 -9.53 -6.11
C VAL B 129 69.68 -10.60 -6.76
N MET B 130 69.75 -10.67 -8.14
CA MET B 130 70.53 -11.59 -8.95
C MET B 130 71.52 -10.83 -9.67
N ILE B 131 72.80 -11.18 -9.54
CA ILE B 131 73.92 -10.40 -10.03
C ILE B 131 74.57 -11.24 -11.04
N SER B 132 74.80 -10.68 -12.21
CA SER B 132 75.49 -11.43 -13.25
C SER B 132 76.43 -10.52 -13.91
N ILE B 133 77.74 -10.88 -13.91
CA ILE B 133 78.76 -9.98 -14.49
C ILE B 133 79.39 -10.67 -15.59
N GLY B 134 78.76 -11.84 -16.02
CA GLY B 134 79.25 -12.63 -17.09
C GLY B 134 80.27 -13.66 -16.75
N GLU B 135 80.49 -13.88 -15.45
CA GLU B 135 81.58 -14.76 -15.02
C GLU B 135 80.98 -15.67 -14.02
N LEU B 136 79.88 -15.16 -13.44
CA LEU B 136 79.08 -15.91 -12.49
C LEU B 136 77.72 -15.39 -12.67
N ASN B 137 76.67 -16.26 -12.50
CA ASN B 137 75.23 -15.87 -12.53
C ASN B 137 74.68 -16.39 -11.21
N GLN B 138 74.36 -15.51 -10.24
CA GLN B 138 74.00 -16.04 -8.90
C GLN B 138 73.01 -15.08 -8.28
N THR B 139 72.15 -15.53 -7.35
CA THR B 139 71.39 -14.70 -6.50
C THR B 139 71.72 -15.02 -5.08
N VAL B 140 71.51 -14.04 -4.13
CA VAL B 140 71.79 -14.22 -2.69
C VAL B 140 70.74 -13.33 -2.03
N ASP B 141 70.11 -13.96 -1.01
CA ASP B 141 69.07 -13.44 -0.11
C ASP B 141 69.85 -12.65 0.95
N VAL B 142 69.44 -11.37 1.04
CA VAL B 142 70.17 -10.44 1.81
C VAL B 142 69.18 -9.37 2.35
N PHE B 143 69.45 -8.91 3.61
CA PHE B 143 68.74 -7.77 4.09
C PHE B 143 69.38 -6.51 3.52
N VAL B 144 68.54 -5.51 3.17
CA VAL B 144 68.99 -4.35 2.53
C VAL B 144 68.39 -3.12 3.13
N ASN B 145 68.14 -3.19 4.46
CA ASN B 145 67.83 -1.94 5.23
C ASN B 145 69.01 -1.07 5.30
N GLY B 146 70.25 -1.67 5.39
CA GLY B 146 71.50 -1.01 5.32
C GLY B 146 72.38 -1.44 4.12
N ASP B 147 73.69 -1.36 4.22
CA ASP B 147 74.70 -1.67 3.30
C ASP B 147 74.98 -3.14 3.36
N SER B 148 75.26 -3.81 2.12
CA SER B 148 75.43 -5.28 2.08
C SER B 148 76.61 -5.42 1.20
N PRO B 149 77.84 -5.45 1.74
CA PRO B 149 78.98 -5.56 0.87
C PRO B 149 79.10 -7.06 0.56
N ALA B 150 79.41 -7.31 -0.68
CA ALA B 150 79.62 -8.61 -1.18
C ALA B 150 80.72 -8.50 -2.16
N ARG B 151 81.64 -9.53 -2.25
CA ARG B 151 82.57 -9.55 -3.33
C ARG B 151 82.27 -10.86 -3.98
N ILE B 152 82.11 -10.79 -5.33
CA ILE B 152 81.75 -11.86 -6.21
C ILE B 152 82.78 -11.78 -7.32
N GLN B 153 83.57 -12.92 -7.48
CA GLN B 153 84.68 -13.09 -8.43
C GLN B 153 85.60 -11.90 -8.48
N GLN B 154 85.99 -11.39 -7.23
CA GLN B 154 86.98 -10.33 -7.10
C GLN B 154 86.59 -9.03 -7.73
N SER B 155 85.30 -8.78 -7.52
CA SER B 155 84.74 -7.45 -7.74
C SER B 155 83.99 -7.12 -6.52
N LYS B 156 84.27 -5.85 -6.08
CA LYS B 156 83.62 -5.31 -4.94
C LYS B 156 82.21 -4.87 -5.28
N PHE B 157 81.21 -5.10 -4.41
CA PHE B 157 79.83 -4.79 -4.67
C PHE B 157 79.36 -4.26 -3.40
N ILE B 158 78.47 -3.30 -3.49
CA ILE B 158 77.70 -2.85 -2.42
C ILE B 158 76.30 -2.56 -2.84
N LEU B 159 75.25 -3.24 -2.23
CA LEU B 159 73.91 -2.87 -2.42
C LEU B 159 73.57 -1.96 -1.27
N GLY B 160 73.10 -0.80 -1.60
CA GLY B 160 72.80 0.21 -0.59
C GLY B 160 71.41 0.01 0.01
N PRO B 161 71.00 0.84 0.92
CA PRO B 161 69.65 0.84 1.47
C PRO B 161 68.53 1.06 0.49
N ILE B 162 67.47 0.14 0.41
CA ILE B 162 66.33 0.20 -0.47
C ILE B 162 65.47 1.22 0.16
N SER B 163 64.80 2.10 -0.51
CA SER B 163 63.99 3.16 0.09
C SER B 163 62.73 2.52 0.64
N SER B 164 61.94 3.33 1.34
CA SER B 164 60.73 2.93 1.91
C SER B 164 59.74 2.33 1.04
N ALA B 165 58.99 1.33 1.59
CA ALA B 165 58.02 0.55 0.85
C ALA B 165 56.76 0.46 1.68
N TRP B 166 55.52 0.27 1.11
CA TRP B 166 54.31 0.07 1.80
C TRP B 166 54.39 -1.26 2.52
N SER B 167 53.83 -1.45 3.76
CA SER B 167 53.77 -2.66 4.56
C SER B 167 52.26 -2.97 4.41
N PRO B 168 51.87 -4.15 3.84
CA PRO B 168 50.51 -4.54 3.85
C PRO B 168 50.01 -5.02 5.17
N PHE B 169 50.96 -5.56 5.97
CA PHE B 169 50.85 -6.12 7.22
C PHE B 169 50.38 -4.90 8.08
N ASP B 170 49.32 -5.03 8.86
CA ASP B 170 48.88 -4.10 9.89
C ASP B 170 48.79 -4.88 11.24
N LYS B 171 47.76 -4.56 12.03
CA LYS B 171 47.04 -5.57 12.87
C LYS B 171 46.45 -6.78 12.14
N VAL B 172 46.98 -7.97 12.39
CA VAL B 172 46.63 -9.03 11.51
C VAL B 172 46.42 -10.26 12.33
N ILE B 173 45.63 -11.12 11.72
CA ILE B 173 45.31 -12.38 12.31
C ILE B 173 45.82 -13.38 11.29
N VAL B 174 46.57 -14.44 11.67
CA VAL B 174 47.27 -15.26 10.78
C VAL B 174 46.79 -16.65 10.79
N TYR B 175 46.19 -17.10 9.64
CA TYR B 175 45.83 -18.51 9.46
C TYR B 175 47.05 -19.29 9.02
N ARG B 176 47.03 -20.64 9.03
CA ARG B 176 48.06 -21.54 8.40
C ARG B 176 47.94 -21.47 6.90
N ASP B 177 46.67 -21.33 6.38
CA ASP B 177 46.29 -21.35 5.00
C ASP B 177 46.50 -20.04 4.32
N GLU B 178 46.46 -18.92 5.05
CA GLU B 178 46.57 -17.61 4.44
C GLU B 178 46.43 -16.58 5.50
N VAL B 179 47.29 -15.54 5.46
CA VAL B 179 47.26 -14.32 6.31
C VAL B 179 46.01 -13.56 6.04
N TYR B 180 45.48 -12.93 7.11
CA TYR B 180 44.28 -12.24 7.13
C TYR B 180 44.46 -10.97 7.76
N ASN B 181 43.71 -9.91 7.28
CA ASN B 181 43.68 -8.51 7.72
C ASN B 181 42.31 -8.41 8.50
N GLU B 182 42.42 -8.12 9.83
CA GLU B 182 41.31 -8.11 10.70
C GLU B 182 42.00 -7.81 11.99
N ASP B 183 41.26 -6.91 12.76
CA ASP B 183 41.73 -6.40 13.96
C ASP B 183 41.33 -7.36 15.01
N TYR B 184 42.36 -7.82 15.81
CA TYR B 184 42.19 -8.70 16.91
C TYR B 184 41.61 -8.11 18.16
N ALA B 185 41.12 -9.01 19.00
CA ALA B 185 40.43 -8.62 20.23
C ALA B 185 41.53 -8.66 21.20
N PRO B 186 41.95 -7.59 21.78
CA PRO B 186 43.20 -7.57 22.57
C PRO B 186 42.85 -8.05 23.99
N TYR B 187 43.90 -8.27 24.77
CA TYR B 187 43.98 -8.45 26.19
C TYR B 187 43.33 -7.28 26.91
N GLY B 188 42.54 -7.52 28.03
CA GLY B 188 41.73 -6.52 28.65
C GLY B 188 40.43 -6.25 27.92
N SER B 189 40.19 -7.02 26.86
CA SER B 189 38.98 -6.92 26.02
C SER B 189 38.65 -8.34 25.74
N GLY B 190 37.33 -8.52 25.93
CA GLY B 190 36.87 -9.86 26.11
C GLY B 190 35.48 -10.10 25.69
N GLN B 191 34.65 -10.74 26.54
CA GLN B 191 33.36 -11.19 26.12
C GLN B 191 33.40 -12.16 24.93
N ALA B 192 32.26 -12.34 24.24
CA ALA B 192 32.00 -13.35 23.26
C ALA B 192 31.03 -12.91 22.29
N GLY B 193 31.50 -13.11 21.03
CA GLY B 193 30.66 -12.92 19.94
C GLY B 193 31.46 -12.64 18.71
N ARG B 194 32.73 -12.98 18.82
CA ARG B 194 33.68 -12.47 17.82
C ARG B 194 34.89 -13.41 17.84
N PHE B 195 35.74 -13.33 16.80
CA PHE B 195 36.94 -14.19 16.62
C PHE B 195 38.10 -13.69 17.48
N GLY B 196 39.00 -14.66 17.97
CA GLY B 196 40.21 -14.35 18.80
C GLY B 196 39.83 -13.74 20.17
N ASP B 197 38.63 -14.10 20.76
CA ASP B 197 37.88 -13.55 21.85
C ASP B 197 38.42 -13.99 23.17
N ILE B 198 39.29 -15.00 23.14
CA ILE B 198 40.01 -15.51 24.31
C ILE B 198 41.48 -15.43 23.83
N GLN B 199 42.36 -15.18 24.79
CA GLN B 199 43.71 -14.80 24.56
C GLN B 199 44.47 -15.76 25.44
N SER B 200 45.46 -16.51 24.90
CA SER B 200 46.30 -17.53 25.64
C SER B 200 47.75 -17.38 25.41
N ARG B 201 48.62 -17.47 26.47
CA ARG B 201 50.07 -17.23 26.40
C ARG B 201 50.80 -18.15 25.45
N THR B 202 50.38 -19.46 25.58
CA THR B 202 50.84 -20.55 24.78
C THR B 202 49.63 -21.40 24.56
N VAL B 203 49.91 -22.49 23.75
CA VAL B 203 49.06 -23.47 23.12
C VAL B 203 48.34 -24.19 24.20
N ASN B 204 49.00 -24.59 25.30
CA ASN B 204 48.41 -25.20 26.46
C ASN B 204 49.10 -24.28 27.47
N SER B 205 48.36 -23.62 28.34
CA SER B 205 48.91 -22.57 29.18
C SER B 205 48.11 -22.33 30.46
N THR B 206 48.81 -21.89 31.55
CA THR B 206 48.28 -21.57 32.92
C THR B 206 48.06 -20.00 33.12
N ASP B 207 48.34 -19.24 32.08
CA ASP B 207 48.14 -17.82 32.14
C ASP B 207 47.29 -17.64 30.92
N VAL B 208 45.97 -17.48 31.19
CA VAL B 208 44.92 -17.43 30.18
C VAL B 208 43.88 -16.40 30.59
N TYR B 209 43.56 -15.51 29.67
CA TYR B 209 42.51 -14.56 29.81
C TYR B 209 41.46 -15.16 28.93
N ALA B 210 40.34 -15.58 29.59
CA ALA B 210 39.32 -16.28 28.90
C ALA B 210 37.96 -15.68 29.28
N ASN B 211 37.06 -15.57 28.29
CA ASN B 211 35.75 -15.06 28.62
C ASN B 211 34.79 -15.72 27.77
N THR B 212 33.62 -16.16 28.33
CA THR B 212 32.55 -16.75 27.56
C THR B 212 31.40 -16.52 28.54
N ASN B 213 30.17 -16.91 28.15
CA ASN B 213 28.99 -16.63 28.94
C ASN B 213 28.16 -17.90 29.02
N LEU B 214 27.76 -18.17 30.29
CA LEU B 214 26.99 -19.25 30.72
C LEU B 214 26.27 -18.73 31.93
N LYS B 215 25.02 -19.14 32.00
CA LYS B 215 24.00 -18.82 32.92
C LYS B 215 23.52 -20.04 33.56
N LEU B 216 23.82 -20.12 34.87
CA LEU B 216 23.40 -21.22 35.66
C LEU B 216 22.12 -21.01 36.33
N LYS B 217 21.32 -22.06 36.51
CA LYS B 217 20.05 -22.23 37.23
C LYS B 217 19.98 -23.61 37.80
N ARG B 218 19.23 -23.74 38.94
CA ARG B 218 19.04 -24.87 39.86
C ARG B 218 17.70 -25.56 39.37
N PRO B 219 17.61 -26.88 39.57
CA PRO B 219 16.32 -27.65 39.46
C PRO B 219 15.33 -27.27 40.53
N ALA B 220 14.06 -27.48 40.24
CA ALA B 220 13.06 -27.24 41.21
C ALA B 220 11.96 -28.22 40.95
N SER B 221 12.22 -29.30 40.16
CA SER B 221 11.29 -30.31 39.85
C SER B 221 12.04 -31.55 40.00
N GLY B 222 11.53 -32.70 39.47
CA GLY B 222 12.24 -33.93 39.50
C GLY B 222 13.17 -34.26 38.39
N ASN B 223 13.23 -33.47 37.32
CA ASN B 223 14.13 -33.72 36.18
C ASN B 223 15.37 -33.14 36.67
N VAL B 224 16.50 -33.59 36.12
CA VAL B 224 17.80 -32.99 36.35
C VAL B 224 18.49 -32.90 34.89
N VAL B 226 19.53 -30.85 33.51
CA VAL B 226 20.04 -29.41 33.46
C VAL B 226 18.96 -28.41 32.95
N PRO B 227 18.95 -27.15 33.47
CA PRO B 227 18.05 -26.21 32.88
C PRO B 227 18.95 -25.08 32.70
N TYR B 228 20.26 -25.30 32.50
CA TYR B 228 21.17 -24.20 32.23
C TYR B 228 21.02 -23.71 30.78
N THR B 229 21.58 -22.46 30.56
CA THR B 229 21.82 -21.98 29.21
C THR B 229 23.29 -21.67 29.14
N GLN B 230 23.86 -22.14 27.93
CA GLN B 230 25.27 -22.22 27.73
C GLN B 230 25.37 -21.66 26.36
N THR B 231 26.17 -20.58 26.25
CA THR B 231 26.51 -19.94 25.02
C THR B 231 27.85 -20.69 24.67
N PRO B 232 27.86 -21.43 23.54
CA PRO B 232 29.07 -22.12 23.09
C PRO B 232 30.01 -21.21 22.50
N SER B 233 31.22 -21.73 22.17
CA SER B 233 32.41 -20.99 21.91
C SER B 233 32.12 -19.95 20.81
N GLY B 234 32.56 -18.69 21.01
CA GLY B 234 32.59 -17.64 20.03
C GLY B 234 33.69 -17.90 19.04
N PHE B 235 34.80 -18.59 19.44
CA PHE B 235 35.89 -18.90 18.55
C PHE B 235 35.47 -19.96 17.50
N SER B 236 34.74 -21.07 17.99
CA SER B 236 34.35 -22.22 17.20
C SER B 236 33.29 -21.91 16.13
N TYR B 237 32.42 -20.88 16.46
CA TYR B 237 31.42 -20.40 15.53
C TYR B 237 32.03 -19.62 14.37
N TRP B 238 32.99 -18.71 14.71
CA TRP B 238 33.69 -17.92 13.78
C TRP B 238 34.82 -18.65 13.02
N LYS B 239 35.27 -19.82 13.47
CA LYS B 239 36.35 -20.64 12.89
C LYS B 239 36.16 -21.10 11.51
N LYS B 240 34.84 -21.39 11.12
CA LYS B 240 34.40 -21.80 9.77
C LYS B 240 34.60 -20.56 8.89
N GLU B 241 34.13 -19.38 9.47
CA GLU B 241 34.05 -18.21 8.64
C GLU B 241 35.33 -17.64 8.22
N LYS B 242 36.36 -17.68 9.15
CA LYS B 242 37.65 -17.13 8.90
C LYS B 242 37.70 -15.66 8.85
N GLY B 243 38.89 -15.03 8.51
CA GLY B 243 38.94 -13.61 8.28
C GLY B 243 38.84 -13.34 6.89
N VAL B 244 39.41 -12.17 6.53
CA VAL B 244 39.36 -11.75 5.15
C VAL B 244 40.88 -11.58 4.69
N PRO B 245 41.20 -11.98 3.43
CA PRO B 245 42.58 -11.98 2.92
C PRO B 245 43.36 -10.68 2.84
N LEU B 246 44.66 -10.82 3.06
CA LEU B 246 45.61 -9.80 3.08
C LEU B 246 46.54 -10.08 1.96
N ASN B 247 46.33 -11.24 1.22
CA ASN B 247 47.16 -11.66 0.10
C ASN B 247 47.08 -10.76 -1.11
N ARG B 248 45.91 -10.19 -1.45
CA ARG B 248 45.61 -9.42 -2.67
C ARG B 248 45.73 -7.99 -2.51
N ASN B 249 46.12 -7.62 -1.25
CA ASN B 249 46.19 -6.24 -0.80
C ASN B 249 47.61 -5.80 -1.26
N ALA B 250 47.74 -4.48 -1.48
CA ALA B 250 48.96 -3.83 -2.00
C ALA B 250 49.12 -4.01 -3.54
N PRO B 251 49.05 -2.92 -4.34
CA PRO B 251 49.35 -2.95 -5.75
C PRO B 251 50.82 -3.26 -5.96
N PHE B 252 51.27 -3.45 -7.23
CA PHE B 252 52.68 -3.80 -7.51
C PHE B 252 52.97 -5.23 -7.00
N GLY B 253 52.19 -6.23 -7.30
CA GLY B 253 52.43 -7.59 -6.80
C GLY B 253 52.14 -7.73 -5.27
N CYS B 254 52.81 -8.69 -4.60
CA CYS B 254 52.65 -9.06 -3.23
C CYS B 254 51.64 -10.10 -3.16
N ILE B 255 52.14 -11.34 -3.04
CA ILE B 255 51.48 -12.54 -2.71
C ILE B 255 52.25 -12.88 -1.43
N ILE B 256 51.50 -12.89 -0.31
CA ILE B 256 52.05 -12.92 1.03
C ILE B 256 51.74 -14.29 1.57
N LYS B 257 52.77 -15.11 1.85
CA LYS B 257 52.56 -16.46 2.38
C LYS B 257 53.09 -16.51 3.76
N VAL B 258 52.31 -17.19 4.62
CA VAL B 258 52.63 -17.32 6.02
C VAL B 258 53.88 -18.21 6.32
N ASN B 259 53.93 -19.40 5.80
CA ASN B 259 54.93 -20.37 6.10
C ASN B 259 56.30 -20.04 5.50
N PRO B 260 56.53 -19.38 4.38
CA PRO B 260 57.89 -19.12 3.94
C PRO B 260 58.32 -17.86 4.61
N VAL B 261 57.36 -17.20 5.27
CA VAL B 261 57.46 -16.08 6.20
C VAL B 261 57.89 -14.85 5.44
N ARG B 262 57.20 -14.55 4.34
CA ARG B 262 57.70 -13.51 3.44
C ARG B 262 56.57 -13.07 2.56
N ALA B 263 56.78 -12.00 1.71
CA ALA B 263 55.84 -11.51 0.77
C ALA B 263 56.58 -11.40 -0.53
N GLU B 264 56.28 -12.15 -1.59
CA GLU B 264 57.03 -12.18 -2.84
C GLU B 264 56.52 -11.12 -3.75
N ASN B 265 57.48 -10.60 -4.51
CA ASN B 265 57.36 -9.78 -5.63
C ASN B 265 56.64 -8.43 -5.19
N CYS B 266 57.14 -7.77 -4.18
CA CYS B 266 56.57 -6.61 -3.61
C CYS B 266 57.56 -5.54 -4.16
N VAL B 267 57.13 -4.68 -5.21
CA VAL B 267 58.11 -3.95 -5.92
C VAL B 267 58.11 -2.55 -5.45
N TYR B 268 59.21 -2.02 -4.88
CA TYR B 268 59.20 -0.71 -4.28
C TYR B 268 60.63 -0.11 -4.13
N GLY B 269 60.82 1.19 -3.90
CA GLY B 269 62.13 1.90 -3.58
C GLY B 269 63.12 2.02 -4.70
N ASN B 270 64.24 2.65 -4.31
CA ASN B 270 65.43 2.86 -5.11
C ASN B 270 66.57 2.17 -4.40
N ILE B 271 67.56 1.57 -5.21
CA ILE B 271 68.77 1.02 -4.56
C ILE B 271 69.84 1.85 -5.18
N PRO B 272 70.58 2.68 -4.49
CA PRO B 272 71.81 3.24 -4.95
C PRO B 272 72.83 2.13 -4.94
N ILE B 273 73.69 2.05 -5.96
CA ILE B 273 74.52 0.88 -6.15
C ILE B 273 75.87 1.44 -6.29
N SER B 274 76.88 0.76 -5.72
CA SER B 274 78.27 1.21 -5.76
C SER B 274 78.95 -0.10 -6.02
N MET B 275 79.96 -0.07 -6.91
CA MET B 275 80.70 -1.25 -7.35
C MET B 275 82.13 -0.86 -7.68
N ASP B 276 83.09 -1.75 -7.40
CA ASP B 276 84.44 -1.61 -8.01
C ASP B 276 84.62 -2.88 -8.81
N ILE B 277 84.65 -2.77 -10.12
CA ILE B 277 84.64 -3.88 -10.94
C ILE B 277 85.65 -3.59 -11.98
N ALA B 278 86.30 -4.70 -12.45
CA ALA B 278 87.35 -4.70 -13.39
C ALA B 278 86.80 -5.14 -14.67
N ASP B 279 86.76 -4.16 -15.61
CA ASP B 279 86.15 -4.27 -16.87
C ASP B 279 87.31 -4.10 -17.80
N ALA B 280 88.53 -3.89 -17.25
CA ALA B 280 89.73 -3.69 -17.94
C ALA B 280 90.64 -3.92 -16.82
N PHE B 281 91.45 -5.03 -16.80
CA PHE B 281 92.28 -5.54 -17.95
C PHE B 281 93.01 -4.36 -18.66
N THR B 282 93.23 -4.58 -19.99
CA THR B 282 93.67 -3.54 -20.94
C THR B 282 92.60 -2.58 -21.20
N ARG B 283 92.84 -1.33 -21.52
CA ARG B 283 91.76 -0.46 -21.91
C ARG B 283 92.00 0.17 -23.28
N ILE B 284 91.23 -0.23 -24.34
CA ILE B 284 90.10 -1.14 -24.43
C ILE B 284 90.53 -2.59 -24.35
N ASP B 285 89.58 -3.54 -24.18
CA ASP B 285 89.79 -4.96 -23.93
C ASP B 285 90.07 -5.60 -25.26
N GLU B 286 89.03 -5.46 -26.11
CA GLU B 286 89.02 -5.91 -27.45
C GLU B 286 87.55 -5.67 -27.80
N SER B 287 87.33 -4.59 -28.63
CA SER B 287 86.01 -4.23 -29.22
C SER B 287 86.16 -3.85 -30.61
N PRO B 288 85.13 -4.15 -31.47
CA PRO B 288 85.10 -3.89 -32.87
C PRO B 288 84.78 -2.41 -33.16
N SER B 289 85.50 -1.73 -34.06
CA SER B 289 85.14 -0.45 -34.54
C SER B 289 84.21 -0.66 -35.65
N VAL B 290 83.10 0.16 -35.60
CA VAL B 290 81.90 -0.09 -36.36
C VAL B 290 81.32 1.26 -36.75
N SER B 291 80.66 1.21 -37.92
CA SER B 291 80.30 2.32 -38.79
C SER B 291 78.91 2.03 -39.41
N LEU B 292 78.30 3.11 -40.07
CA LEU B 292 77.02 3.00 -40.80
C LEU B 292 75.94 2.32 -40.03
N LYS B 293 75.73 2.91 -38.82
CA LYS B 293 74.78 2.36 -37.85
C LYS B 293 73.47 2.78 -38.24
N ALA B 294 72.61 1.76 -38.41
CA ALA B 294 71.22 2.11 -38.80
C ALA B 294 70.29 1.30 -38.00
N CYS B 295 68.99 1.57 -38.08
CA CYS B 295 68.02 1.04 -37.21
C CYS B 295 66.86 0.67 -38.06
N GLU B 296 66.54 -0.62 -37.91
CA GLU B 296 65.31 -1.21 -38.46
C GLU B 296 64.41 -1.45 -37.31
N VAL B 297 63.02 -1.31 -37.50
CA VAL B 297 62.04 -1.52 -36.45
C VAL B 297 61.06 -2.46 -37.01
N GLN B 298 60.91 -3.67 -36.35
CA GLN B 298 60.02 -4.77 -36.72
C GLN B 298 58.91 -4.68 -35.74
N SER B 299 57.69 -5.14 -36.16
CA SER B 299 56.50 -5.01 -35.39
C SER B 299 56.10 -3.63 -35.17
N CYS B 300 55.59 -3.32 -33.91
CA CYS B 300 55.08 -2.10 -33.30
C CYS B 300 53.58 -2.18 -33.26
N THR B 301 52.99 -3.40 -33.40
CA THR B 301 51.68 -3.74 -33.22
C THR B 301 51.46 -3.77 -31.63
N TYR B 302 50.26 -3.37 -31.22
CA TYR B 302 49.69 -3.19 -29.88
C TYR B 302 49.89 -4.33 -28.91
N SER B 303 50.05 -4.17 -27.60
CA SER B 303 50.22 -5.14 -26.56
C SER B 303 51.59 -5.75 -26.67
N SER B 304 52.06 -6.36 -25.52
CA SER B 304 53.39 -6.92 -25.39
C SER B 304 53.38 -7.86 -24.31
N ASP B 305 54.26 -8.87 -24.20
CA ASP B 305 54.32 -10.04 -23.32
C ASP B 305 55.78 -10.41 -23.43
N PHE B 306 56.48 -9.89 -24.46
CA PHE B 306 57.90 -10.02 -24.76
C PHE B 306 58.30 -8.64 -25.06
N GLY B 307 59.61 -8.44 -25.02
CA GLY B 307 60.39 -7.24 -25.19
C GLY B 307 60.35 -6.71 -26.64
N GLY B 308 61.36 -5.83 -26.94
CA GLY B 308 61.55 -5.22 -28.23
C GLY B 308 62.07 -6.19 -29.29
N VAL B 309 61.81 -5.89 -30.58
CA VAL B 309 62.23 -6.68 -31.69
C VAL B 309 62.84 -5.70 -32.57
N ALA B 310 64.17 -5.61 -32.68
CA ALA B 310 64.87 -4.65 -33.48
C ALA B 310 65.91 -5.48 -34.14
N SER B 311 66.40 -4.86 -35.23
CA SER B 311 67.55 -5.31 -35.95
C SER B 311 68.38 -4.07 -36.28
N ILE B 312 69.77 -4.16 -36.26
CA ILE B 312 70.75 -3.11 -36.35
C ILE B 312 71.57 -3.45 -37.56
N SER B 313 71.73 -2.41 -38.41
CA SER B 313 72.63 -2.57 -39.58
C SER B 313 73.80 -1.83 -39.15
N TYR B 314 74.97 -2.43 -39.43
CA TYR B 314 76.19 -1.84 -39.05
C TYR B 314 77.17 -2.48 -40.02
N THR B 315 78.43 -2.09 -39.96
CA THR B 315 79.44 -2.55 -40.86
C THR B 315 80.54 -2.82 -39.91
N SER B 316 81.21 -3.91 -40.15
CA SER B 316 82.18 -4.53 -39.21
C SER B 316 83.42 -4.84 -39.99
N ASN B 317 84.57 -5.00 -39.29
CA ASN B 317 85.82 -5.28 -39.88
C ASN B 317 86.65 -5.92 -38.81
N LYS B 318 86.06 -6.32 -37.68
CA LYS B 318 86.82 -6.86 -36.61
C LYS B 318 85.91 -7.74 -35.87
N VAL B 319 86.49 -8.84 -35.35
CA VAL B 319 85.86 -9.81 -34.45
C VAL B 319 86.38 -9.26 -33.09
N GLY B 320 85.47 -8.92 -32.16
CA GLY B 320 85.79 -8.44 -30.82
C GLY B 320 84.50 -8.61 -30.13
N LYS B 321 84.43 -8.21 -28.84
CA LYS B 321 83.26 -8.31 -28.00
C LYS B 321 82.90 -6.94 -27.59
N CYS B 322 81.70 -6.49 -27.88
CA CYS B 322 81.11 -5.30 -27.31
C CYS B 322 80.03 -5.89 -26.40
N ALA B 323 79.58 -5.05 -25.41
CA ALA B 323 78.54 -5.21 -24.48
C ALA B 323 77.46 -4.31 -25.01
N ILE B 324 76.41 -4.94 -25.51
CA ILE B 324 75.33 -4.27 -26.16
C ILE B 324 74.18 -4.31 -25.21
N SER B 325 73.57 -3.17 -24.70
CA SER B 325 73.87 -1.85 -24.96
C SER B 325 73.48 -1.12 -23.70
N SER B 326 74.18 -0.02 -23.32
CA SER B 326 73.61 1.27 -23.01
C SER B 326 72.62 1.34 -21.85
N ASN B 327 71.80 2.45 -21.86
CA ASN B 327 71.06 2.83 -20.68
C ASN B 327 69.58 3.08 -20.93
N SER B 328 69.07 2.89 -22.15
CA SER B 328 67.71 3.12 -22.45
C SER B 328 67.40 2.04 -23.46
N ALA B 329 68.48 1.41 -24.01
CA ALA B 329 68.46 0.20 -24.84
C ALA B 329 69.29 -0.75 -23.98
N THR B 330 68.97 -2.08 -24.03
CA THR B 330 69.62 -3.09 -23.30
C THR B 330 69.15 -4.34 -24.08
N MET B 331 69.81 -5.54 -23.94
CA MET B 331 69.54 -6.78 -24.52
C MET B 331 69.77 -7.74 -23.35
N LYS B 332 69.26 -8.94 -23.55
CA LYS B 332 69.48 -10.09 -22.62
C LYS B 332 70.73 -10.74 -22.91
N ASP B 333 71.44 -10.28 -23.92
CA ASP B 333 72.74 -10.73 -24.28
C ASP B 333 73.54 -9.53 -23.78
N SER B 334 74.75 -9.91 -23.46
CA SER B 334 75.70 -8.91 -23.00
C SER B 334 77.09 -9.40 -23.20
N VAL B 335 77.28 -10.69 -23.38
CA VAL B 335 78.47 -11.34 -23.72
C VAL B 335 78.21 -11.87 -25.04
N GLN B 336 78.88 -11.27 -26.03
CA GLN B 336 78.58 -11.63 -27.39
C GLN B 336 79.80 -11.30 -28.16
N ASP B 337 80.21 -12.34 -28.86
CA ASP B 337 81.34 -12.31 -29.78
C ASP B 337 80.69 -11.68 -30.95
N VAL B 338 81.04 -10.47 -31.31
CA VAL B 338 80.45 -9.79 -32.46
C VAL B 338 81.42 -10.06 -33.65
N GLN B 339 80.87 -10.70 -34.69
CA GLN B 339 81.55 -11.22 -35.88
C GLN B 339 81.72 -10.05 -36.86
N GLU B 340 81.82 -10.36 -38.18
CA GLU B 340 81.79 -9.49 -39.24
C GLU B 340 80.42 -9.20 -39.78
N SER B 341 79.40 -9.90 -39.19
CA SER B 341 78.04 -9.80 -39.59
C SER B 341 77.48 -8.45 -39.24
N GLY B 342 76.98 -7.70 -40.23
CA GLY B 342 76.48 -6.40 -40.14
C GLY B 342 74.99 -6.39 -39.66
N ALA B 343 74.08 -6.56 -40.60
CA ALA B 343 72.71 -6.74 -40.38
C ALA B 343 72.54 -7.97 -39.64
N LEU B 344 72.06 -7.83 -38.35
CA LEU B 344 71.85 -8.81 -37.35
C LEU B 344 70.66 -8.49 -36.42
N SER B 345 69.58 -9.29 -36.54
CA SER B 345 68.37 -9.13 -35.72
C SER B 345 68.61 -9.72 -34.35
N LEU B 346 68.24 -8.94 -33.31
CA LEU B 346 68.52 -9.17 -31.89
C LEU B 346 67.33 -8.76 -31.16
N PHE B 347 67.28 -9.19 -29.90
CA PHE B 347 66.15 -8.83 -29.00
C PHE B 347 66.66 -7.83 -28.07
N PHE B 348 65.71 -6.93 -27.70
CA PHE B 348 66.02 -5.82 -26.87
C PHE B 348 64.88 -5.86 -25.86
N ALA B 349 65.01 -5.04 -24.83
CA ALA B 349 64.07 -5.04 -23.74
C ALA B 349 63.20 -3.75 -23.76
N THR B 350 63.04 -3.22 -24.96
CA THR B 350 62.35 -1.97 -25.29
C THR B 350 60.91 -2.15 -25.04
N SER B 351 60.37 -1.11 -24.45
CA SER B 351 58.99 -0.93 -24.04
C SER B 351 58.75 -1.66 -22.71
N SER B 352 59.79 -1.78 -21.88
CA SER B 352 59.81 -2.52 -20.63
C SER B 352 60.94 -1.91 -19.80
N VAL B 353 61.75 -0.95 -20.38
CA VAL B 353 62.67 -0.16 -19.54
C VAL B 353 62.38 1.28 -19.95
N GLU B 354 62.00 1.49 -21.23
CA GLU B 354 61.67 2.72 -21.81
C GLU B 354 61.32 2.37 -23.23
N PRO B 355 60.30 3.00 -23.90
CA PRO B 355 60.07 2.76 -25.34
C PRO B 355 61.08 3.40 -26.18
N ASN B 356 61.95 4.28 -25.56
CA ASN B 356 62.94 5.00 -26.30
C ASN B 356 64.07 4.09 -26.06
N PHE B 357 64.94 3.87 -27.10
CA PHE B 357 66.10 3.07 -27.02
C PHE B 357 67.12 3.70 -27.91
N VAL B 358 68.29 3.93 -27.28
CA VAL B 358 69.38 4.52 -27.96
C VAL B 358 70.30 3.31 -28.02
N VAL B 359 70.43 2.65 -29.21
CA VAL B 359 71.23 1.45 -29.30
C VAL B 359 72.64 1.90 -29.69
N GLN B 360 73.72 1.42 -28.88
CA GLN B 360 75.04 1.83 -29.17
C GLN B 360 75.73 0.52 -29.38
N VAL B 361 76.85 0.59 -30.16
CA VAL B 361 77.80 -0.54 -30.25
C VAL B 361 79.13 0.17 -30.20
N CYS B 362 79.63 0.24 -28.90
CA CYS B 362 80.94 0.77 -28.59
C CYS B 362 80.97 2.22 -29.04
N ASN B 363 81.74 2.55 -30.07
CA ASN B 363 81.86 3.93 -30.63
C ASN B 363 80.55 4.49 -31.17
N ALA B 364 79.90 3.73 -32.14
CA ALA B 364 78.72 4.18 -32.89
C ALA B 364 77.39 4.00 -32.23
N ARG B 365 76.44 4.89 -32.50
CA ARG B 365 75.10 4.87 -31.90
C ARG B 365 74.14 5.55 -32.81
N ILE B 366 72.82 5.35 -32.59
CA ILE B 366 71.72 6.10 -33.25
C ILE B 366 70.68 6.20 -32.29
N THR B 367 69.66 6.99 -32.62
CA THR B 367 68.50 7.18 -31.78
C THR B 367 67.41 6.45 -32.53
N CYS B 368 66.61 5.70 -31.80
CA CYS B 368 65.43 5.08 -32.24
C CYS B 368 64.59 5.21 -31.00
N GLY B 369 63.21 4.98 -31.03
CA GLY B 369 62.49 4.10 -31.97
C GLY B 369 62.07 4.80 -33.20
N LYS B 370 61.04 4.29 -33.89
CA LYS B 370 60.46 4.85 -35.11
C LYS B 370 58.87 4.66 -35.22
N CYS B 371 58.12 4.38 -34.10
CA CYS B 371 56.67 4.18 -34.18
C CYS B 371 55.92 5.01 -33.18
N GLU B 372 54.61 5.24 -33.43
CA GLU B 372 53.70 5.96 -32.59
C GLU B 372 52.73 6.37 -33.64
N PRO B 373 51.53 5.72 -33.84
CA PRO B 373 50.60 6.19 -34.81
C PRO B 373 49.91 7.48 -34.40
N PRO B 374 49.54 8.35 -35.21
CA PRO B 374 48.68 9.36 -34.72
C PRO B 374 47.17 9.04 -34.63
N LYS B 375 46.41 9.03 -35.75
CA LYS B 375 44.99 8.67 -35.58
C LYS B 375 44.48 8.14 -36.90
N ASP B 376 45.40 7.84 -37.92
CA ASP B 376 45.02 7.23 -39.19
C ASP B 376 44.57 5.81 -39.01
N ILE B 377 45.30 4.80 -38.54
CA ILE B 377 46.43 4.82 -37.73
C ILE B 377 47.50 4.00 -38.37
N VAL B 378 48.72 4.65 -38.58
CA VAL B 378 49.88 4.08 -39.27
C VAL B 378 51.03 4.56 -38.43
N PRO B 379 51.86 3.73 -37.86
CA PRO B 379 53.11 4.17 -37.14
C PRO B 379 53.93 5.21 -37.90
N TYR B 380 54.47 6.24 -37.10
CA TYR B 380 55.42 7.21 -37.63
C TYR B 380 56.31 7.42 -36.41
N ALA B 381 57.32 8.36 -36.71
CA ALA B 381 58.28 8.69 -35.75
C ALA B 381 57.62 9.74 -34.82
N ALA B 382 58.17 9.95 -33.68
CA ALA B 382 57.81 10.80 -32.57
C ALA B 382 58.86 10.88 -31.56
N LYS B 383 60.04 10.45 -31.89
CA LYS B 383 61.17 10.41 -30.99
C LYS B 383 62.09 11.57 -31.30
N ASN B 384 62.60 12.29 -30.26
CA ASN B 384 62.88 11.78 -28.96
C ASN B 384 61.81 12.29 -27.97
N ASP B 385 60.91 13.19 -28.46
CA ASP B 385 59.82 13.87 -27.73
C ASP B 385 58.78 14.02 -28.80
N ALA B 386 57.53 13.60 -28.57
CA ALA B 386 56.42 13.73 -29.53
C ALA B 386 55.90 15.08 -29.51
N GLU B 387 55.22 15.46 -30.61
CA GLU B 387 54.57 16.77 -30.72
C GLU B 387 53.13 16.62 -30.24
N PHE B 388 52.69 15.33 -29.75
CA PHE B 388 51.40 14.95 -29.19
C PHE B 388 50.26 14.89 -30.19
N PRO B 389 50.66 14.53 -31.43
CA PRO B 389 50.04 13.25 -31.88
C PRO B 389 51.12 12.30 -32.09
N SER B 390 52.24 12.80 -32.61
CA SER B 390 53.42 12.12 -33.09
C SER B 390 54.08 13.18 -34.02
N ILE B 391 55.35 12.97 -34.42
CA ILE B 391 56.05 13.92 -35.27
C ILE B 391 55.53 13.48 -36.64
N SER B 392 54.65 14.28 -37.26
CA SER B 392 53.93 13.84 -38.42
C SER B 392 53.42 15.04 -39.15
N THR B 393 52.75 14.81 -40.31
CA THR B 393 52.14 15.88 -41.08
C THR B 393 51.05 16.61 -40.41
N THR B 394 50.27 15.91 -39.61
CA THR B 394 49.08 16.35 -38.79
C THR B 394 49.51 17.34 -37.80
N ALA B 395 50.69 17.09 -37.13
CA ALA B 395 51.25 17.93 -36.12
C ALA B 395 51.57 19.28 -36.66
N TRP B 396 52.31 19.27 -37.83
CA TRP B 396 52.72 20.42 -38.54
C TRP B 396 51.55 21.26 -39.09
N GLN B 397 50.46 20.64 -39.66
CA GLN B 397 49.31 21.36 -40.16
C GLN B 397 48.56 22.18 -39.06
N TRP B 398 48.47 21.61 -37.83
CA TRP B 398 47.96 22.32 -36.63
C TRP B 398 48.81 23.44 -36.08
N LEU B 399 50.14 23.29 -36.11
CA LEU B 399 51.15 24.26 -35.71
C LEU B 399 51.01 25.51 -36.49
N ALA B 400 50.74 25.43 -37.81
CA ALA B 400 50.42 26.52 -38.71
C ALA B 400 49.46 27.57 -38.32
N THR B 401 48.56 27.37 -37.34
CA THR B 401 48.03 28.35 -36.41
C THR B 401 48.96 29.45 -36.02
N THR B 402 50.20 29.23 -35.64
CA THR B 402 51.15 30.24 -35.11
C THR B 402 51.39 31.48 -35.92
N SER B 403 51.44 31.29 -37.28
CA SER B 403 51.70 32.40 -38.20
C SER B 403 50.70 33.52 -38.17
N GLY B 404 49.43 33.15 -38.01
CA GLY B 404 48.33 34.05 -37.95
C GLY B 404 48.16 35.22 -37.01
N PRO B 405 48.32 35.09 -35.71
CA PRO B 405 48.34 36.12 -34.76
C PRO B 405 49.44 37.09 -34.95
N LEU B 406 50.58 36.57 -35.47
CA LEU B 406 51.76 37.39 -35.57
C LEU B 406 51.61 38.36 -36.69
N THR B 407 51.07 37.86 -37.83
CA THR B 407 50.91 38.70 -39.03
C THR B 407 49.87 39.86 -38.80
N ILE B 408 48.69 39.52 -38.26
CA ILE B 408 47.63 40.56 -38.15
C ILE B 408 47.98 41.61 -37.15
N LEU B 409 48.75 41.25 -36.08
CA LEU B 409 49.32 42.15 -35.11
C LEU B 409 50.40 43.11 -35.65
N VAL B 410 51.39 42.64 -36.46
CA VAL B 410 52.39 43.54 -37.02
C VAL B 410 51.77 44.57 -37.86
N VAL B 411 50.83 44.32 -38.78
CA VAL B 411 50.21 45.36 -39.54
C VAL B 411 49.36 46.33 -38.73
N ALA B 412 48.55 45.95 -37.67
CA ALA B 412 47.81 46.86 -36.85
C ALA B 412 48.67 47.85 -36.14
N ILE B 413 49.84 47.44 -35.62
CA ILE B 413 50.71 48.38 -34.96
C ILE B 413 51.11 49.54 -35.86
N ILE B 414 51.40 49.27 -37.12
CA ILE B 414 52.05 50.14 -38.15
C ILE B 414 51.24 51.38 -38.38
N VAL B 415 49.94 51.13 -38.53
CA VAL B 415 48.93 52.09 -38.73
C VAL B 415 48.74 52.94 -37.48
N VAL B 416 48.79 52.34 -36.21
CA VAL B 416 48.74 53.05 -35.03
C VAL B 416 49.84 54.07 -34.93
N VAL B 417 51.10 53.71 -35.34
CA VAL B 417 52.25 54.56 -35.22
C VAL B 417 52.13 55.75 -36.17
N VAL B 418 51.62 55.61 -37.41
CA VAL B 418 51.44 56.62 -38.36
C VAL B 418 50.52 57.72 -37.90
N VAL B 419 49.34 57.33 -37.26
CA VAL B 419 48.43 58.34 -36.80
C VAL B 419 49.00 59.19 -35.64
N SER B 420 49.77 58.57 -34.72
CA SER B 420 50.40 59.20 -33.65
C SER B 420 51.50 60.20 -34.13
N ILE B 421 52.30 59.86 -35.17
CA ILE B 421 53.29 60.66 -35.79
C ILE B 421 52.71 61.84 -36.45
N VAL B 422 51.55 61.68 -37.18
CA VAL B 422 50.88 62.70 -37.92
C VAL B 422 50.44 63.81 -37.07
N VAL B 423 49.79 63.48 -35.94
CA VAL B 423 49.26 64.57 -35.08
C VAL B 423 50.42 65.28 -34.35
N CYS B 424 51.42 64.58 -33.89
CA CYS B 424 52.60 65.08 -33.28
C CYS B 424 53.42 65.99 -34.23
N ALA B 425 53.42 65.71 -35.57
CA ALA B 425 54.29 66.29 -36.58
C ALA B 425 54.07 67.85 -36.60
N ARG B 426 52.81 68.36 -36.54
CA ARG B 426 52.43 69.73 -36.38
C ARG B 426 52.95 70.67 -37.58
N HIS B 427 52.49 70.61 -38.76
N SER C 1 45.86 -46.40 28.68
CA SER C 1 46.82 -45.45 29.36
C SER C 1 48.13 -46.10 29.16
N VAL C 2 48.44 -47.15 30.06
CA VAL C 2 49.61 -47.96 29.90
C VAL C 2 49.09 -49.16 29.17
N ALA C 3 47.96 -49.71 29.72
CA ALA C 3 47.22 -50.73 29.06
C ALA C 3 45.87 -50.15 28.84
N HIS C 4 45.47 -50.19 27.58
CA HIS C 4 44.18 -49.73 27.20
C HIS C 4 43.05 -50.57 27.76
N PHE C 5 43.22 -51.90 27.84
CA PHE C 5 42.26 -52.85 28.34
C PHE C 5 42.00 -52.63 29.80
N GLU C 6 43.05 -52.48 30.63
CA GLU C 6 42.83 -52.35 32.04
C GLU C 6 42.15 -51.00 32.39
N ALA C 7 42.54 -49.88 31.78
CA ALA C 7 41.99 -48.58 32.12
C ALA C 7 40.44 -48.59 31.82
N TYR C 8 39.95 -49.08 30.66
CA TYR C 8 38.53 -49.14 30.30
C TYR C 8 37.80 -50.13 31.10
N LYS C 9 38.44 -51.22 31.48
CA LYS C 9 37.79 -52.33 32.25
C LYS C 9 37.29 -51.71 33.50
N ALA C 10 38.25 -50.98 34.14
CA ALA C 10 38.03 -50.44 35.50
C ALA C 10 37.01 -49.33 35.48
N THR C 11 36.88 -48.47 34.44
CA THR C 11 36.00 -47.38 34.37
C THR C 11 34.80 -47.88 33.62
N ARG C 12 34.20 -49.08 33.94
CA ARG C 12 33.04 -49.77 33.29
C ARG C 12 31.84 -48.78 32.95
N PRO C 13 31.11 -49.04 31.86
CA PRO C 13 29.75 -48.43 31.60
C PRO C 13 28.81 -48.31 32.76
N TYR C 14 27.79 -47.50 32.56
CA TYR C 14 26.92 -47.05 33.63
C TYR C 14 25.59 -46.60 33.08
N ILE C 15 24.61 -46.39 33.93
CA ILE C 15 23.35 -45.75 33.67
C ILE C 15 23.44 -44.36 34.18
N GLY C 16 22.98 -43.44 33.34
CA GLY C 16 22.95 -42.03 33.70
C GLY C 16 21.68 -41.41 33.02
N TRP C 17 21.31 -40.14 33.43
CA TRP C 17 20.23 -39.42 32.85
C TRP C 17 20.47 -38.99 31.42
N CYS C 18 19.46 -39.22 30.58
CA CYS C 18 19.29 -38.57 29.34
C CYS C 18 17.88 -38.16 29.44
N ALA C 19 17.66 -36.84 29.13
CA ALA C 19 16.41 -36.20 29.25
C ALA C 19 15.47 -36.43 28.07
N ASP C 20 15.80 -37.45 27.30
CA ASP C 20 15.05 -37.84 26.10
C ASP C 20 15.06 -39.31 26.19
N CYS C 21 13.87 -39.93 26.06
CA CYS C 21 13.54 -41.26 26.29
C CYS C 21 12.25 -41.36 25.58
N GLY C 22 11.94 -40.54 24.60
CA GLY C 22 10.63 -40.63 23.94
C GLY C 22 10.48 -39.40 23.04
N LEU C 23 11.51 -38.55 22.96
CA LEU C 23 11.48 -37.31 22.23
C LEU C 23 10.48 -36.29 22.88
N ALA C 24 10.29 -36.55 24.14
CA ALA C 24 9.28 -35.86 24.94
C ALA C 24 9.43 -36.37 26.37
N GLY C 25 10.34 -37.38 26.49
CA GLY C 25 10.56 -38.08 27.76
C GLY C 25 11.55 -37.54 28.62
N SER C 26 12.17 -38.41 29.44
CA SER C 26 13.19 -38.10 30.39
C SER C 26 13.31 -39.33 31.29
N CYS C 27 14.48 -40.10 31.27
CA CYS C 27 14.64 -41.37 32.04
C CYS C 27 16.12 -41.70 32.34
N PRO C 28 16.53 -42.54 33.26
CA PRO C 28 17.87 -43.12 33.35
C PRO C 28 17.97 -44.05 32.20
N SER C 29 18.97 -43.81 31.33
CA SER C 29 19.10 -44.56 30.10
C SER C 29 20.48 -45.22 30.09
N PRO C 30 20.71 -46.34 29.46
CA PRO C 30 21.98 -47.04 29.45
C PRO C 30 22.83 -46.44 28.30
N VAL C 31 22.21 -45.50 27.47
CA VAL C 31 22.98 -44.71 26.49
C VAL C 31 22.64 -43.28 26.81
N SER C 32 23.67 -42.39 27.13
CA SER C 32 23.58 -41.03 27.48
C SER C 32 24.81 -40.40 26.78
N ILE C 33 24.63 -39.26 26.18
CA ILE C 33 25.60 -38.48 25.41
C ILE C 33 26.33 -37.61 26.49
N GLU C 34 27.71 -37.81 26.61
CA GLU C 34 28.41 -37.12 27.62
C GLU C 34 28.83 -35.71 27.13
N HIS C 35 29.45 -35.56 25.92
CA HIS C 35 29.92 -34.39 25.30
C HIS C 35 30.20 -34.89 23.89
N VAL C 36 30.02 -34.12 22.85
CA VAL C 36 30.33 -34.52 21.45
C VAL C 36 31.30 -33.49 20.88
N TRP C 37 32.38 -34.04 20.26
CA TRP C 37 33.46 -33.10 19.72
C TRP C 37 33.57 -33.35 18.19
N SER C 38 33.64 -32.25 17.44
CA SER C 38 33.99 -32.33 16.03
C SER C 38 34.85 -31.03 15.80
N ASP C 39 35.83 -31.24 14.90
CA ASP C 39 36.77 -30.13 14.39
C ASP C 39 37.27 -30.58 13.03
N ALA C 40 36.71 -31.69 12.57
CA ALA C 40 37.00 -32.31 11.30
C ALA C 40 36.19 -31.52 10.29
N ASP C 41 36.63 -31.73 8.98
CA ASP C 41 36.07 -31.00 7.84
C ASP C 41 35.61 -31.93 6.82
N ASP C 42 35.51 -33.21 7.24
CA ASP C 42 34.95 -34.27 6.32
C ASP C 42 33.62 -34.80 6.91
N GLY C 43 33.20 -34.22 8.06
CA GLY C 43 31.92 -34.55 8.63
C GLY C 43 32.11 -35.41 9.86
N VAL C 44 33.33 -35.61 10.38
CA VAL C 44 33.53 -36.70 11.37
C VAL C 44 32.95 -36.28 12.78
N LEU C 45 32.29 -37.29 13.49
CA LEU C 45 31.67 -37.08 14.73
C LEU C 45 32.46 -37.94 15.58
N LYS C 46 32.91 -37.33 16.74
CA LYS C 46 33.45 -38.03 17.86
C LYS C 46 32.48 -37.91 18.97
N ILE C 47 31.80 -39.07 19.24
CA ILE C 47 30.61 -39.12 20.07
C ILE C 47 31.11 -39.82 21.26
N GLN C 48 30.72 -39.31 22.46
CA GLN C 48 31.08 -39.96 23.68
C GLN C 48 29.82 -40.33 24.29
N VAL C 49 29.70 -41.58 24.78
CA VAL C 49 28.54 -42.12 25.41
C VAL C 49 28.88 -43.07 26.56
N SER C 50 27.88 -43.44 27.31
CA SER C 50 28.01 -44.28 28.52
C SER C 50 28.26 -45.68 28.21
N MET C 51 27.84 -46.04 26.95
CA MET C 51 28.27 -47.30 26.29
C MET C 51 29.64 -47.24 25.69
N GLN C 52 30.37 -48.41 25.59
CA GLN C 52 31.75 -48.42 25.13
C GLN C 52 31.64 -49.41 24.02
N ILE C 53 31.97 -48.87 22.81
CA ILE C 53 31.65 -49.44 21.56
C ILE C 53 32.90 -50.21 21.05
N GLY C 54 32.77 -51.40 20.52
CA GLY C 54 33.90 -52.09 19.97
C GLY C 54 34.75 -52.84 20.97
N ILE C 55 34.31 -52.84 22.24
CA ILE C 55 35.07 -53.52 23.22
C ILE C 55 34.16 -54.52 23.79
N ALA C 56 34.81 -55.75 23.93
CA ALA C 56 34.11 -56.79 24.66
C ALA C 56 34.62 -56.77 26.10
N LYS C 57 33.73 -57.11 27.05
CA LYS C 57 34.02 -57.05 28.49
C LYS C 57 34.96 -58.14 28.90
N SER C 58 35.24 -59.16 28.04
CA SER C 58 36.14 -60.28 28.27
C SER C 58 37.60 -59.82 27.94
N ASN C 59 37.89 -58.45 27.80
CA ASN C 59 39.16 -57.87 27.44
C ASN C 59 39.62 -58.58 26.17
N THR C 60 38.84 -58.55 25.15
CA THR C 60 39.21 -59.01 23.89
C THR C 60 38.41 -58.03 23.05
N ILE C 61 38.81 -57.69 21.81
CA ILE C 61 38.28 -56.55 21.03
C ILE C 61 37.48 -57.22 19.98
N ASN C 62 36.15 -56.90 19.88
CA ASN C 62 35.27 -57.54 18.83
C ASN C 62 34.53 -56.38 18.42
N HIS C 63 34.46 -56.15 17.06
CA HIS C 63 33.80 -55.07 16.46
C HIS C 63 32.34 -55.29 16.62
N ALA C 64 31.95 -56.59 16.71
CA ALA C 64 30.58 -57.03 16.78
C ALA C 64 29.89 -56.59 18.01
N LYS C 65 30.63 -56.42 19.09
CA LYS C 65 30.12 -56.23 20.42
C LYS C 65 30.15 -54.76 20.81
N ILE C 66 29.36 -54.50 21.88
CA ILE C 66 29.09 -53.26 22.49
C ILE C 66 28.93 -53.81 23.88
N ARG C 67 29.43 -53.04 24.90
CA ARG C 67 29.31 -53.35 26.32
C ARG C 67 28.62 -52.28 27.02
N TYR C 68 27.58 -52.58 27.82
CA TYR C 68 26.76 -51.64 28.56
C TYR C 68 26.58 -52.36 29.82
N MET C 69 26.36 -51.51 30.82
CA MET C 69 26.02 -51.91 32.15
C MET C 69 25.00 -50.92 32.63
N GLY C 70 23.81 -51.38 33.05
CA GLY C 70 22.68 -50.58 33.50
C GLY C 70 21.96 -51.46 34.44
N ALA C 71 20.65 -51.63 34.17
CA ALA C 71 19.64 -52.03 35.16
C ALA C 71 19.49 -53.55 35.17
N ASN C 72 20.27 -54.25 34.34
CA ASN C 72 20.44 -55.69 34.28
C ASN C 72 21.89 -56.09 34.38
N GLY C 73 22.68 -55.14 34.91
CA GLY C 73 24.07 -55.26 35.09
C GLY C 73 24.69 -55.24 33.77
N VAL C 74 25.94 -55.78 33.74
CA VAL C 74 26.81 -55.68 32.58
C VAL C 74 26.46 -56.87 31.71
N GLN C 75 25.97 -56.42 30.50
CA GLN C 75 25.60 -57.32 29.45
C GLN C 75 26.28 -56.76 28.23
N GLU C 76 26.32 -57.62 27.16
CA GLU C 76 26.76 -57.31 25.83
C GLU C 76 25.61 -57.04 24.97
N ALA C 77 25.80 -56.21 23.86
CA ALA C 77 24.87 -55.84 22.84
C ALA C 77 25.66 -55.84 21.60
N GLU C 78 24.93 -56.00 20.46
CA GLU C 78 25.41 -56.18 19.08
C GLU C 78 25.42 -54.82 18.51
N ARG C 79 26.43 -54.67 17.64
CA ARG C 79 26.72 -53.42 16.99
C ARG C 79 26.14 -53.44 15.60
N SER C 80 25.38 -54.48 15.22
CA SER C 80 24.79 -54.44 13.91
C SER C 80 23.41 -53.84 14.02
N THR C 81 22.87 -53.52 15.26
CA THR C 81 21.57 -53.02 15.59
C THR C 81 21.78 -51.52 16.04
N LEU C 82 23.07 -51.04 16.27
CA LEU C 82 23.41 -49.67 16.62
C LEU C 82 23.07 -48.82 15.42
N SER C 83 22.48 -47.61 15.65
CA SER C 83 22.12 -46.74 14.61
C SER C 83 22.35 -45.45 15.23
N VAL C 84 22.73 -44.57 14.30
CA VAL C 84 23.09 -43.16 14.55
C VAL C 84 22.24 -42.45 13.52
N SER C 85 21.68 -41.30 13.87
CA SER C 85 20.82 -40.61 12.90
C SER C 85 20.92 -39.15 13.38
N THR C 86 21.54 -38.35 12.44
CA THR C 86 21.33 -36.94 12.39
C THR C 86 19.89 -36.71 11.86
N THR C 87 19.65 -37.36 10.75
CA THR C 87 18.36 -37.25 10.12
C THR C 87 18.51 -38.32 9.09
N ALA C 88 19.69 -38.99 9.00
CA ALA C 88 19.99 -40.01 8.00
C ALA C 88 21.16 -40.91 8.56
N PRO C 89 21.51 -42.15 7.98
CA PRO C 89 22.45 -43.06 8.56
C PRO C 89 23.89 -42.67 8.48
N CYS C 90 24.81 -43.41 9.19
CA CYS C 90 26.17 -43.07 9.24
C CYS C 90 26.98 -44.28 9.02
N ASP C 91 28.28 -44.13 8.74
CA ASP C 91 29.19 -45.21 8.56
C ASP C 91 30.05 -45.07 9.77
N ILE C 92 30.28 -46.15 10.56
CA ILE C 92 31.10 -46.07 11.76
C ILE C 92 32.55 -46.24 11.28
N LEU C 93 33.40 -45.16 11.46
CA LEU C 93 34.80 -45.21 11.19
C LEU C 93 35.66 -46.09 12.08
N ALA C 94 35.51 -45.95 13.38
CA ALA C 94 36.50 -46.59 14.28
C ALA C 94 35.87 -46.57 15.67
N THR C 95 36.25 -47.53 16.56
CA THR C 95 35.64 -47.63 17.92
C THR C 95 36.77 -47.94 18.90
N MET C 96 36.74 -47.16 20.05
CA MET C 96 37.70 -47.38 21.10
C MET C 96 37.17 -46.80 22.33
N GLY C 97 36.91 -47.56 23.45
CA GLY C 97 36.43 -47.00 24.72
C GLY C 97 35.13 -46.40 24.62
N HIS C 98 34.91 -45.30 25.38
CA HIS C 98 33.67 -44.54 25.33
C HIS C 98 33.50 -43.78 24.06
N PHE C 99 34.49 -43.74 23.21
CA PHE C 99 34.59 -42.84 22.04
C PHE C 99 34.19 -43.72 20.92
N ILE C 100 33.39 -43.13 19.99
CA ILE C 100 32.97 -43.73 18.73
C ILE C 100 33.15 -42.65 17.69
N LEU C 101 33.77 -43.14 16.65
CA LEU C 101 34.03 -42.36 15.50
C LEU C 101 33.07 -42.77 14.45
N ALA C 102 32.43 -41.83 13.75
CA ALA C 102 31.50 -42.17 12.71
C ALA C 102 31.65 -40.93 11.81
N ARG C 103 31.34 -41.17 10.54
CA ARG C 103 31.23 -40.11 9.59
C ARG C 103 29.80 -40.08 9.25
N CYS C 104 29.17 -38.97 9.57
CA CYS C 104 27.74 -38.69 9.40
C CYS C 104 27.60 -37.54 8.54
N ARG C 105 26.43 -37.26 8.01
CA ARG C 105 26.06 -36.11 7.20
C ARG C 105 25.37 -35.06 8.01
N PRO C 106 25.23 -33.75 7.61
CA PRO C 106 24.64 -32.68 8.40
C PRO C 106 23.38 -32.98 9.27
N GLY C 107 23.13 -32.31 10.43
CA GLY C 107 21.95 -32.43 11.16
C GLY C 107 21.95 -31.42 12.31
N SER C 108 20.71 -31.14 12.78
CA SER C 108 20.48 -30.19 13.85
C SER C 108 20.63 -30.86 15.17
N GLN C 109 20.43 -32.21 15.16
CA GLN C 109 20.41 -32.98 16.39
C GLN C 109 21.23 -34.29 16.13
N VAL C 110 21.64 -35.01 17.23
CA VAL C 110 22.29 -36.21 17.01
C VAL C 110 21.61 -37.13 17.96
N GLU C 111 21.18 -38.26 17.39
CA GLU C 111 20.49 -39.30 18.09
C GLU C 111 21.40 -40.53 17.90
N VAL C 112 21.52 -41.18 19.07
CA VAL C 112 22.22 -42.45 19.28
C VAL C 112 21.18 -43.37 19.83
N SER C 113 21.11 -44.60 19.22
CA SER C 113 20.06 -45.54 19.55
C SER C 113 20.64 -46.91 19.55
N LEU C 114 19.95 -47.78 20.20
CA LEU C 114 20.30 -49.21 20.07
C LEU C 114 19.01 -49.85 20.40
N SER C 115 18.74 -51.11 20.12
CA SER C 115 17.55 -51.85 20.52
C SER C 115 17.91 -53.31 20.73
N THR C 116 19.22 -53.71 20.90
CA THR C 116 19.65 -55.03 21.28
C THR C 116 19.15 -55.28 22.66
N ASP C 117 19.07 -54.25 23.60
CA ASP C 117 18.44 -54.46 24.92
C ASP C 117 18.00 -53.11 25.50
N PRO C 118 18.39 -51.91 25.03
CA PRO C 118 17.70 -50.78 25.61
C PRO C 118 16.32 -50.47 25.10
N LYS C 119 16.23 -50.38 23.70
CA LYS C 119 15.01 -50.02 22.97
C LYS C 119 14.56 -48.62 23.30
N LEU C 120 15.59 -47.74 23.42
CA LEU C 120 15.54 -46.34 23.95
C LEU C 120 16.55 -45.63 23.16
N LEU C 121 16.73 -44.34 23.53
CA LEU C 121 17.50 -43.36 22.81
C LEU C 121 17.84 -42.23 23.59
N CYS C 122 18.85 -41.52 23.17
CA CYS C 122 19.26 -40.25 23.74
C CYS C 122 19.53 -39.47 22.53
N ARG C 123 19.05 -38.22 22.55
CA ARG C 123 19.23 -37.30 21.53
C ARG C 123 19.59 -36.00 22.19
N THR C 124 20.56 -35.24 21.61
CA THR C 124 20.97 -33.94 22.20
C THR C 124 20.86 -33.04 20.99
N PRO C 125 20.42 -31.72 21.06
CA PRO C 125 20.62 -30.73 19.98
C PRO C 125 22.10 -30.55 19.73
N PHE C 126 22.61 -30.70 18.54
CA PHE C 126 23.99 -30.51 18.30
C PHE C 126 24.05 -30.06 16.84
N SER C 127 24.53 -28.87 16.54
CA SER C 127 24.48 -28.44 15.17
C SER C 127 25.68 -28.84 14.36
N HIS C 128 25.41 -29.55 13.29
CA HIS C 128 26.41 -30.03 12.33
C HIS C 128 25.79 -29.52 11.05
N LYS C 129 26.50 -28.68 10.29
CA LYS C 129 25.98 -28.07 9.08
C LYS C 129 27.06 -28.19 8.02
N PRO C 130 26.83 -28.11 6.72
CA PRO C 130 27.81 -28.29 5.67
C PRO C 130 29.17 -27.67 5.91
N ARG C 131 30.22 -28.46 5.70
CA ARG C 131 31.57 -28.04 6.20
C ARG C 131 32.62 -28.70 5.31
N PHE C 132 32.18 -29.26 4.16
CA PHE C 132 32.94 -30.06 3.31
C PHE C 132 34.19 -29.38 2.77
N ILE C 133 35.30 -30.14 2.80
CA ILE C 133 36.63 -29.85 2.40
C ILE C 133 36.80 -28.95 1.23
N GLY C 134 37.79 -28.03 1.33
CA GLY C 134 38.15 -27.03 0.35
C GLY C 134 37.19 -25.89 0.09
N ASN C 135 37.42 -25.14 -1.00
CA ASN C 135 36.60 -23.95 -1.34
C ASN C 135 35.65 -24.41 -2.45
N GLU C 136 35.75 -25.63 -2.94
CA GLU C 136 34.73 -26.30 -3.79
C GLU C 136 33.87 -27.05 -2.77
N LYS C 137 32.57 -27.37 -3.22
CA LYS C 137 31.75 -28.18 -2.44
C LYS C 137 31.37 -29.28 -3.35
N SER C 138 31.33 -30.52 -2.71
CA SER C 138 31.07 -31.79 -3.31
C SER C 138 32.37 -32.64 -3.32
N PRO C 139 32.82 -33.22 -2.18
CA PRO C 139 33.96 -34.14 -2.07
C PRO C 139 33.96 -35.18 -3.19
N ALA C 140 35.12 -35.70 -3.58
CA ALA C 140 35.17 -36.58 -4.69
C ALA C 140 36.37 -37.39 -4.40
N PRO C 141 36.36 -38.33 -3.54
CA PRO C 141 37.64 -38.95 -3.10
C PRO C 141 38.37 -39.83 -4.09
N THR C 142 37.62 -40.48 -5.07
CA THR C 142 38.04 -41.52 -5.99
C THR C 142 39.21 -41.02 -6.83
N GLY C 143 39.05 -39.76 -7.33
CA GLY C 143 39.84 -39.01 -8.23
C GLY C 143 40.95 -38.38 -7.57
N HIS C 144 41.64 -37.38 -8.22
CA HIS C 144 42.67 -36.61 -7.69
C HIS C 144 42.79 -35.48 -8.65
N LYS C 145 43.45 -34.40 -8.23
CA LYS C 145 43.83 -33.27 -9.02
C LYS C 145 44.79 -32.58 -8.15
N THR C 146 44.43 -32.22 -6.91
CA THR C 146 45.34 -31.46 -6.08
C THR C 146 44.94 -31.88 -4.76
N ARG C 147 45.92 -32.12 -3.83
CA ARG C 147 45.77 -32.40 -2.45
C ARG C 147 45.84 -31.18 -1.63
N ILE C 148 44.89 -31.14 -0.64
CA ILE C 148 44.58 -29.91 0.07
C ILE C 148 44.78 -30.23 1.50
N PRO C 149 45.21 -29.35 2.47
CA PRO C 149 45.20 -29.70 3.84
C PRO C 149 43.80 -29.80 4.40
N CYS C 150 43.55 -30.76 5.34
CA CYS C 150 42.22 -30.80 5.94
C CYS C 150 42.47 -31.37 7.26
N LYS C 151 41.50 -31.40 8.17
CA LYS C 151 41.78 -31.89 9.52
C LYS C 151 40.79 -33.06 9.59
N THR C 152 41.27 -34.11 10.35
CA THR C 152 40.57 -35.34 10.58
C THR C 152 40.96 -35.92 11.85
N TYR C 153 40.14 -37.02 12.34
CA TYR C 153 40.50 -37.87 13.48
C TYR C 153 40.96 -39.16 12.85
N SER C 154 42.25 -39.46 13.08
CA SER C 154 42.93 -40.62 12.43
C SER C 154 42.47 -41.90 13.06
N HIS C 155 42.85 -43.03 12.45
CA HIS C 155 42.29 -44.30 12.88
C HIS C 155 43.11 -45.11 13.84
N GLN C 156 44.30 -44.57 14.15
CA GLN C 156 45.30 -45.18 14.99
C GLN C 156 44.91 -45.43 16.40
N THR C 157 45.43 -46.51 17.06
CA THR C 157 45.10 -46.81 18.45
C THR C 157 46.03 -46.26 19.45
N ASP C 158 45.48 -45.52 20.37
CA ASP C 158 46.34 -44.61 21.11
C ASP C 158 46.45 -45.25 22.55
N LEU C 159 47.67 -45.20 23.13
CA LEU C 159 47.85 -45.67 24.45
C LEU C 159 48.01 -44.43 25.34
N THR C 160 48.70 -43.35 24.94
CA THR C 160 48.70 -42.03 25.55
C THR C 160 48.63 -40.97 24.50
N ARG C 161 47.92 -39.87 24.78
CA ARG C 161 47.77 -38.69 23.95
C ARG C 161 47.78 -37.53 24.96
N GLU C 162 46.72 -37.62 25.79
CA GLU C 162 46.50 -36.70 26.85
C GLU C 162 45.60 -37.49 27.77
N GLU C 163 45.26 -36.86 28.92
CA GLU C 163 44.43 -37.47 29.86
C GLU C 163 43.46 -36.46 30.37
N ILE C 164 42.38 -36.92 30.91
CA ILE C 164 41.36 -36.11 31.53
C ILE C 164 41.08 -36.85 32.82
N THR C 165 40.50 -36.14 33.84
CA THR C 165 40.13 -36.71 35.11
C THR C 165 38.75 -37.22 35.08
N MET C 166 38.48 -38.37 35.80
CA MET C 166 37.08 -38.74 35.94
C MET C 166 36.93 -39.12 37.43
N HIS C 167 35.68 -39.12 37.96
CA HIS C 167 35.40 -39.21 39.36
C HIS C 167 33.94 -39.31 39.63
N VAL C 168 33.61 -39.71 40.90
CA VAL C 168 32.23 -39.87 41.40
C VAL C 168 31.82 -41.26 40.96
N PRO C 169 32.08 -42.39 41.69
CA PRO C 169 31.36 -43.70 41.45
C PRO C 169 29.92 -43.54 41.17
N PRO C 170 29.31 -44.36 40.33
CA PRO C 170 27.99 -44.02 39.75
C PRO C 170 26.86 -44.15 40.75
N ASP C 171 25.77 -43.34 40.65
CA ASP C 171 24.59 -43.50 41.48
C ASP C 171 23.40 -43.04 40.67
N VAL C 172 22.29 -43.81 40.67
CA VAL C 172 21.04 -43.50 40.03
C VAL C 172 19.98 -43.63 41.10
N PRO C 173 18.88 -42.81 41.10
CA PRO C 173 17.82 -42.98 42.15
C PRO C 173 17.00 -44.21 41.81
N ILE C 174 16.59 -45.07 42.82
CA ILE C 174 15.74 -46.19 42.55
C ILE C 174 15.39 -46.86 43.83
N GLN C 175 14.05 -46.99 44.13
CA GLN C 175 13.56 -47.61 45.32
C GLN C 175 12.64 -48.89 44.87
N GLY C 176 12.78 -49.25 43.57
CA GLY C 176 12.07 -50.32 43.06
C GLY C 176 12.68 -51.62 43.30
N LEU C 177 13.84 -51.60 44.16
CA LEU C 177 14.57 -52.76 44.43
C LEU C 177 14.34 -53.18 45.82
N VAL C 178 13.33 -52.66 46.54
CA VAL C 178 12.99 -52.97 47.88
C VAL C 178 11.48 -52.90 47.91
N SER C 179 10.95 -53.37 49.09
CA SER C 179 9.54 -53.44 49.35
C SER C 179 9.22 -53.19 50.87
N ASN C 180 7.93 -52.77 51.10
CA ASN C 180 7.41 -52.57 52.42
C ASN C 180 6.68 -53.85 52.61
N THR C 181 7.19 -54.70 53.47
CA THR C 181 6.45 -55.84 53.88
C THR C 181 5.98 -55.58 55.33
N GLY C 182 4.67 -55.37 55.48
CA GLY C 182 4.00 -55.02 56.71
C GLY C 182 4.41 -53.57 57.12
N LYS C 183 4.94 -53.52 58.39
CA LYS C 183 5.20 -52.32 59.12
C LYS C 183 6.67 -52.37 59.39
N SER C 184 7.39 -53.17 58.55
CA SER C 184 8.82 -53.29 58.67
C SER C 184 9.23 -53.11 57.21
N TYR C 185 10.55 -52.98 57.06
CA TYR C 185 11.26 -52.63 55.80
C TYR C 185 12.13 -53.78 55.47
N SER C 186 11.93 -54.36 54.25
CA SER C 186 12.57 -55.52 53.78
C SER C 186 13.53 -55.14 52.73
N LEU C 187 14.84 -55.50 52.98
CA LEU C 187 15.93 -55.24 52.02
C LEU C 187 16.14 -56.58 51.41
N ASP C 188 15.81 -56.69 50.09
CA ASP C 188 15.82 -57.98 49.35
C ASP C 188 17.13 -57.88 48.57
N PRO C 189 17.77 -58.96 48.06
CA PRO C 189 18.93 -58.86 47.25
C PRO C 189 18.91 -58.17 45.90
N LYS C 190 18.19 -58.72 44.91
CA LYS C 190 18.18 -58.33 43.54
C LYS C 190 19.54 -58.01 42.85
N THR C 191 19.44 -57.25 41.75
CA THR C 191 20.50 -56.99 40.83
C THR C 191 21.64 -56.08 41.35
N LYS C 192 21.22 -54.91 41.87
CA LYS C 192 22.10 -53.84 42.37
C LYS C 192 22.19 -53.85 43.92
N THR C 193 23.39 -53.65 44.47
CA THR C 193 23.55 -53.35 45.93
C THR C 193 22.92 -51.99 46.22
N ILE C 194 22.37 -51.78 47.39
CA ILE C 194 21.61 -50.66 47.71
C ILE C 194 22.21 -49.93 48.86
N LYS C 195 22.36 -48.61 48.81
CA LYS C 195 22.74 -47.63 49.76
C LYS C 195 21.39 -47.02 50.06
N TYR C 196 21.08 -47.06 51.39
CA TYR C 196 19.89 -46.60 51.99
C TYR C 196 20.32 -45.78 53.10
N LYS C 197 19.33 -44.91 53.48
CA LYS C 197 19.32 -44.09 54.64
C LYS C 197 18.06 -44.46 55.45
N CYS C 198 18.32 -44.91 56.68
CA CYS C 198 17.20 -45.47 57.51
C CYS C 198 16.99 -44.75 58.86
N THR C 199 15.71 -44.31 59.11
CA THR C 199 15.31 -43.51 60.27
C THR C 199 15.31 -44.29 61.49
N CYS C 200 15.30 -45.66 61.35
CA CYS C 200 15.64 -46.62 62.40
C CYS C 200 16.62 -47.58 61.83
N GLY C 201 17.69 -47.95 62.61
CA GLY C 201 18.69 -48.85 62.21
C GLY C 201 18.61 -49.95 63.21
N GLU C 202 19.15 -51.15 62.93
CA GLU C 202 19.09 -52.19 63.96
C GLU C 202 20.18 -53.11 63.64
N THR C 203 20.70 -53.14 62.38
CA THR C 203 21.93 -53.89 62.03
C THR C 203 22.79 -52.94 61.09
N VAL C 204 22.12 -52.04 60.35
CA VAL C 204 22.70 -51.34 59.25
C VAL C 204 21.82 -50.13 59.04
N LYS C 205 22.41 -49.04 58.48
CA LYS C 205 21.70 -47.89 58.09
C LYS C 205 22.33 -47.02 57.07
N GLU C 206 23.62 -47.34 56.67
CA GLU C 206 24.29 -46.67 55.64
C GLU C 206 25.16 -47.56 54.87
N GLY C 207 24.81 -48.90 54.82
CA GLY C 207 25.58 -49.94 54.26
C GLY C 207 25.32 -50.29 52.81
N THR C 208 26.07 -51.27 52.32
CA THR C 208 25.84 -51.89 51.08
C THR C 208 25.09 -53.23 51.29
N ALA C 209 23.75 -53.34 50.93
CA ALA C 209 22.95 -54.49 51.29
C ALA C 209 22.70 -55.29 50.01
N THR C 210 22.67 -56.64 50.13
CA THR C 210 22.35 -57.62 49.14
C THR C 210 21.86 -58.82 49.88
N ASN C 211 21.74 -58.80 51.31
CA ASN C 211 21.36 -59.89 52.15
C ASN C 211 20.01 -59.54 52.63
N LYS C 212 19.22 -60.55 53.01
CA LYS C 212 17.81 -60.34 53.32
C LYS C 212 17.77 -60.08 54.82
N ILE C 213 17.50 -58.84 55.14
CA ILE C 213 17.52 -58.31 56.52
C ILE C 213 16.26 -57.44 56.66
N THR C 214 15.77 -57.28 57.91
CA THR C 214 14.54 -56.58 58.22
C THR C 214 14.98 -55.43 59.21
N LEU C 215 14.41 -54.25 58.99
CA LEU C 215 14.66 -53.07 59.77
C LEU C 215 13.35 -52.71 60.15
N PHE C 216 13.00 -52.60 61.42
CA PHE C 216 11.69 -52.39 61.88
C PHE C 216 11.46 -50.90 62.28
N ASN C 217 10.19 -50.47 62.29
CA ASN C 217 9.73 -49.13 62.70
C ASN C 217 10.11 -48.18 61.66
N CYS C 218 10.09 -48.59 60.38
CA CYS C 218 10.51 -47.86 59.22
C CYS C 218 9.84 -48.47 58.09
N ASP C 219 9.57 -47.70 57.01
CA ASP C 219 8.68 -48.15 55.93
C ASP C 219 9.23 -47.48 54.70
N THR C 220 8.71 -47.99 53.48
CA THR C 220 9.20 -47.56 52.29
C THR C 220 8.54 -46.28 52.06
N ALA C 221 9.39 -45.28 52.06
CA ALA C 221 9.58 -44.27 51.10
C ALA C 221 9.96 -42.90 51.76
N PRO C 222 9.41 -42.52 52.93
CA PRO C 222 9.79 -41.22 53.51
C PRO C 222 10.67 -41.54 54.68
N LYS C 223 10.69 -42.82 55.12
CA LYS C 223 11.42 -43.25 56.27
C LYS C 223 12.56 -44.13 55.90
N CYS C 224 12.76 -44.27 54.52
CA CYS C 224 13.75 -45.08 53.86
C CYS C 224 13.86 -44.48 52.49
N ILE C 225 14.99 -43.83 52.23
CA ILE C 225 15.22 -43.24 50.95
C ILE C 225 16.31 -44.09 50.39
N THR C 226 15.90 -44.77 49.34
CA THR C 226 16.55 -45.91 48.89
C THR C 226 17.02 -45.51 47.49
N TYR C 227 18.32 -45.86 47.16
CA TYR C 227 19.02 -45.60 45.85
C TYR C 227 20.01 -46.70 45.62
N ALA C 228 20.09 -47.14 44.36
CA ALA C 228 21.04 -48.18 43.98
C ALA C 228 22.33 -47.52 43.60
N VAL C 229 23.43 -48.19 44.04
CA VAL C 229 24.80 -47.64 44.06
C VAL C 229 25.63 -48.68 43.33
N ASP C 230 26.83 -48.24 42.90
CA ASP C 230 27.96 -49.01 42.30
C ASP C 230 29.23 -48.36 42.82
N ASN C 231 30.32 -49.16 42.97
CA ASN C 231 31.58 -48.77 43.46
C ASN C 231 32.55 -49.83 42.87
N THR C 232 33.84 -49.43 42.76
CA THR C 232 35.07 -49.94 42.19
C THR C 232 34.91 -49.64 40.71
N VAL C 233 34.33 -48.50 40.41
CA VAL C 233 33.82 -48.14 39.14
C VAL C 233 33.75 -46.59 39.26
N TRP C 234 34.03 -45.85 38.11
CA TRP C 234 33.69 -44.47 38.00
C TRP C 234 33.10 -44.25 36.69
N GLN C 235 32.51 -43.01 36.65
CA GLN C 235 31.82 -42.61 35.45
C GLN C 235 32.45 -41.33 35.07
N TYR C 236 32.48 -41.01 33.76
CA TYR C 236 32.79 -39.73 33.21
C TYR C 236 31.66 -38.71 33.50
N ASN C 237 31.90 -37.37 33.38
CA ASN C 237 31.04 -36.27 33.62
C ASN C 237 30.05 -36.14 32.45
N SER C 238 28.74 -36.20 32.89
CA SER C 238 27.63 -36.45 32.01
C SER C 238 27.02 -35.19 31.72
N GLN C 239 25.90 -35.28 31.04
CA GLN C 239 25.17 -34.09 30.70
C GLN C 239 24.32 -33.53 31.92
N TYR C 240 23.68 -34.44 32.64
CA TYR C 240 22.60 -34.06 33.59
C TYR C 240 22.42 -35.17 34.62
N VAL C 241 23.47 -35.94 35.13
CA VAL C 241 23.24 -36.88 36.31
C VAL C 241 23.14 -36.14 37.63
N PRO C 242 22.38 -36.67 38.66
CA PRO C 242 22.37 -36.05 39.94
C PRO C 242 23.39 -36.85 40.68
N ARG C 243 24.32 -36.27 41.42
CA ARG C 243 25.43 -37.01 42.02
C ARG C 243 25.52 -36.84 43.52
N SER C 244 25.77 -38.01 44.23
CA SER C 244 26.00 -38.09 45.64
C SER C 244 26.61 -39.45 45.92
N GLU C 245 27.89 -39.53 46.25
CA GLU C 245 28.65 -40.63 46.64
C GLU C 245 29.30 -40.26 47.91
N VAL C 246 29.40 -41.20 48.88
CA VAL C 246 29.89 -41.01 50.14
C VAL C 246 31.44 -40.92 50.20
N THR C 247 32.13 -41.30 49.11
CA THR C 247 33.56 -41.15 49.12
C THR C 247 33.87 -40.59 47.77
N GLU C 248 34.95 -39.83 47.73
CA GLU C 248 35.36 -39.10 46.59
C GLU C 248 36.70 -39.60 46.32
N VAL C 249 36.79 -40.32 45.19
CA VAL C 249 37.96 -41.00 44.70
C VAL C 249 38.10 -40.69 43.20
N LYS C 250 39.19 -41.00 42.55
CA LYS C 250 39.37 -40.64 41.22
C LYS C 250 39.95 -41.74 40.27
N GLY C 251 39.89 -41.47 38.95
CA GLY C 251 40.48 -42.33 37.99
C GLY C 251 40.96 -41.39 36.94
N LYS C 252 41.63 -41.89 35.90
CA LYS C 252 42.03 -41.11 34.71
C LYS C 252 41.76 -41.93 33.54
N ILE C 253 41.58 -41.26 32.37
CA ILE C 253 41.40 -41.97 31.17
C ILE C 253 42.01 -41.24 30.04
N HIS C 254 42.60 -42.03 29.14
CA HIS C 254 43.17 -41.61 27.86
C HIS C 254 42.10 -41.25 26.91
N VAL C 255 42.55 -40.49 25.85
CA VAL C 255 41.67 -39.92 24.89
C VAL C 255 42.25 -40.53 23.58
N PRO C 256 41.51 -41.14 22.67
CA PRO C 256 42.04 -41.81 21.46
C PRO C 256 41.60 -41.01 20.24
N PHE C 257 42.22 -41.23 19.09
CA PHE C 257 41.90 -40.66 17.83
C PHE C 257 42.37 -39.30 17.74
N PRO C 258 43.68 -39.07 17.53
CA PRO C 258 44.18 -37.69 17.47
C PRO C 258 43.62 -36.78 16.33
N LEU C 259 43.30 -35.45 16.60
CA LEU C 259 43.01 -34.47 15.54
C LEU C 259 44.34 -34.24 14.87
N THR C 260 44.43 -34.42 13.52
CA THR C 260 45.67 -34.21 12.87
C THR C 260 45.47 -33.63 11.54
N ASP C 261 46.47 -32.92 11.05
CA ASP C 261 46.47 -32.49 9.61
C ASP C 261 46.70 -33.76 8.87
N SER C 262 46.08 -33.83 7.67
CA SER C 262 46.42 -34.82 6.75
C SER C 262 46.19 -34.05 5.56
N THR C 263 46.30 -34.69 4.39
CA THR C 263 46.00 -34.10 3.09
C THR C 263 45.03 -35.02 2.41
N CYS C 264 44.01 -34.53 1.73
CA CYS C 264 42.95 -35.34 1.13
C CYS C 264 42.98 -35.13 -0.42
N ALA C 265 42.79 -36.30 -1.15
CA ALA C 265 42.69 -36.37 -2.63
C ALA C 265 41.32 -36.00 -2.95
N VAL C 266 41.19 -34.98 -3.79
CA VAL C 266 39.95 -34.53 -4.40
C VAL C 266 40.32 -34.04 -5.74
N SER C 267 39.34 -34.14 -6.67
CA SER C 267 39.34 -33.35 -7.93
C SER C 267 39.13 -31.85 -7.51
N VAL C 268 39.78 -30.76 -8.06
CA VAL C 268 39.22 -29.37 -8.05
C VAL C 268 39.08 -29.00 -9.54
N ALA C 269 37.83 -28.59 -9.90
CA ALA C 269 37.42 -28.12 -11.19
C ALA C 269 38.44 -27.52 -12.13
N PRO C 270 38.54 -27.79 -13.41
CA PRO C 270 39.59 -27.27 -14.32
C PRO C 270 39.33 -25.80 -14.70
N GLU C 271 40.31 -25.13 -15.38
CA GLU C 271 40.25 -23.72 -15.75
C GLU C 271 39.12 -23.50 -16.78
N PRO C 272 38.44 -22.39 -16.72
CA PRO C 272 37.27 -22.31 -17.55
C PRO C 272 37.65 -21.99 -18.93
N GLN C 273 36.68 -22.02 -19.86
CA GLN C 273 36.94 -21.77 -21.27
C GLN C 273 37.40 -20.38 -21.42
N VAL C 274 38.38 -20.03 -22.33
CA VAL C 274 38.88 -18.68 -22.35
C VAL C 274 38.58 -18.19 -23.80
N THR C 275 38.27 -16.93 -23.95
CA THR C 275 38.07 -16.24 -25.16
C THR C 275 38.98 -15.06 -24.99
N TYR C 276 39.53 -14.45 -26.10
CA TYR C 276 40.43 -13.35 -26.18
C TYR C 276 39.85 -12.40 -27.10
N ARG C 277 40.04 -11.15 -26.69
CA ARG C 277 39.51 -9.96 -27.33
C ARG C 277 40.63 -9.04 -27.09
N LEU C 278 40.56 -7.85 -27.68
CA LEU C 278 41.73 -6.93 -27.70
C LEU C 278 42.08 -6.44 -26.27
N GLY C 279 43.24 -6.93 -25.79
CA GLY C 279 43.85 -6.50 -24.51
C GLY C 279 43.14 -6.97 -23.26
N GLU C 280 42.15 -7.83 -23.39
CA GLU C 280 41.07 -8.15 -22.45
C GLU C 280 40.78 -9.61 -22.57
N VAL C 281 40.36 -10.22 -21.44
CA VAL C 281 40.15 -11.63 -21.43
C VAL C 281 38.80 -11.86 -20.79
N GLU C 282 38.09 -12.82 -21.44
CA GLU C 282 36.72 -13.25 -21.05
C GLU C 282 36.83 -14.76 -20.82
N PHE C 283 36.11 -15.17 -19.76
CA PHE C 283 35.99 -16.54 -19.32
C PHE C 283 34.60 -17.03 -19.28
N HIS C 284 34.32 -18.23 -19.88
CA HIS C 284 32.97 -18.76 -19.98
C HIS C 284 32.95 -19.90 -19.02
N PHE C 285 32.18 -19.60 -17.94
CA PHE C 285 32.04 -20.50 -16.81
C PHE C 285 30.92 -21.46 -17.20
N HIS C 286 31.16 -22.75 -16.86
CA HIS C 286 30.20 -23.78 -17.19
C HIS C 286 29.32 -23.96 -16.01
N PRO C 287 28.25 -24.72 -16.16
CA PRO C 287 27.37 -25.15 -15.02
C PRO C 287 27.87 -26.44 -14.39
N MET C 288 28.52 -26.41 -13.24
CA MET C 288 29.15 -27.50 -12.63
C MET C 288 28.83 -27.26 -11.20
N TYR C 289 29.32 -28.21 -10.28
CA TYR C 289 29.08 -28.09 -8.85
C TYR C 289 29.50 -26.73 -8.31
N PRO C 290 28.80 -26.21 -7.24
CA PRO C 290 29.17 -25.04 -6.56
C PRO C 290 30.66 -24.91 -6.09
N THR C 291 31.35 -23.99 -6.76
CA THR C 291 32.75 -23.69 -6.64
C THR C 291 32.94 -22.24 -6.53
N LEU C 292 33.74 -21.90 -5.52
CA LEU C 292 34.01 -20.53 -5.17
C LEU C 292 35.01 -19.98 -6.16
N PHE C 293 34.77 -18.76 -6.58
CA PHE C 293 35.54 -18.07 -7.50
C PHE C 293 35.81 -16.79 -6.89
N SER C 294 36.98 -16.34 -7.13
CA SER C 294 37.50 -15.12 -6.58
C SER C 294 37.92 -14.29 -7.79
N ILE C 295 37.68 -12.98 -7.74
CA ILE C 295 37.98 -12.00 -8.73
C ILE C 295 38.73 -11.01 -7.95
N ARG C 296 40.01 -10.74 -8.33
CA ARG C 296 40.78 -9.87 -7.55
C ARG C 296 41.62 -9.10 -8.56
N SER C 297 42.59 -8.29 -8.04
CA SER C 297 43.66 -7.61 -8.69
C SER C 297 44.69 -7.48 -7.65
N LEU C 298 45.97 -7.22 -8.00
CA LEU C 298 46.99 -7.12 -7.00
C LEU C 298 48.13 -6.37 -7.64
N GLY C 299 47.95 -5.97 -8.90
CA GLY C 299 48.77 -5.03 -9.61
C GLY C 299 48.19 -3.59 -9.62
N LYS C 300 46.88 -3.45 -9.63
CA LYS C 300 46.00 -2.35 -9.71
C LYS C 300 45.52 -2.26 -8.27
N ASP C 301 44.66 -1.28 -7.94
CA ASP C 301 44.13 -0.97 -6.61
C ASP C 301 43.39 -2.16 -6.05
N PRO C 302 43.51 -2.64 -4.82
CA PRO C 302 43.00 -3.94 -4.49
C PRO C 302 41.50 -3.97 -4.48
N SER C 303 40.88 -5.11 -4.88
CA SER C 303 39.49 -5.26 -4.88
C SER C 303 39.41 -6.79 -4.82
N HIS C 304 38.36 -7.25 -4.21
CA HIS C 304 38.20 -8.66 -3.99
C HIS C 304 36.77 -8.92 -3.87
N SER C 305 36.31 -9.94 -4.57
CA SER C 305 34.89 -10.23 -4.50
C SER C 305 34.91 -11.71 -4.54
N GLN C 306 33.81 -12.29 -4.13
CA GLN C 306 33.61 -13.66 -3.94
C GLN C 306 32.31 -14.03 -4.65
N GLU C 307 32.15 -15.21 -5.27
CA GLU C 307 30.88 -15.67 -5.81
C GLU C 307 30.96 -17.17 -5.97
N TRP C 308 29.78 -17.84 -5.89
CA TRP C 308 29.56 -19.24 -6.24
C TRP C 308 29.15 -19.43 -7.70
N ILE C 309 29.78 -20.42 -8.41
CA ILE C 309 29.54 -20.81 -9.74
C ILE C 309 28.76 -22.11 -9.68
N ASP C 310 27.49 -22.10 -10.21
CA ASP C 310 26.66 -23.27 -10.31
C ASP C 310 25.70 -22.99 -11.45
N THR C 311 26.03 -21.87 -12.29
CA THR C 311 25.18 -21.32 -13.30
C THR C 311 25.98 -21.14 -14.56
N PRO C 312 25.53 -20.91 -15.79
CA PRO C 312 26.38 -20.65 -16.91
C PRO C 312 26.51 -19.11 -17.07
N MET C 313 27.73 -18.50 -17.03
CA MET C 313 27.84 -17.08 -17.29
C MET C 313 29.17 -16.83 -17.83
N SER C 314 29.27 -15.67 -18.56
CA SER C 314 30.49 -15.18 -19.11
C SER C 314 30.86 -13.98 -18.26
N LYS C 315 32.21 -13.89 -17.89
CA LYS C 315 32.74 -12.78 -17.18
C LYS C 315 33.87 -12.13 -17.95
N THR C 316 33.85 -10.74 -17.97
CA THR C 316 34.94 -9.98 -18.59
C THR C 316 35.75 -9.37 -17.49
N ILE C 317 37.07 -9.61 -17.57
CA ILE C 317 38.06 -9.29 -16.61
C ILE C 317 39.10 -8.52 -17.36
N GLN C 318 39.55 -7.48 -16.65
CA GLN C 318 40.45 -6.55 -17.14
C GLN C 318 41.75 -6.91 -16.69
N VAL C 319 42.70 -6.77 -17.59
CA VAL C 319 44.11 -7.03 -17.51
C VAL C 319 44.78 -5.83 -18.01
N GLY C 320 46.07 -5.70 -17.77
CA GLY C 320 46.93 -4.63 -18.27
C GLY C 320 48.35 -5.02 -18.10
N ALA C 321 49.25 -4.05 -18.01
CA ALA C 321 50.70 -4.25 -18.02
C ALA C 321 51.18 -4.58 -16.67
N GLU C 322 50.41 -4.37 -15.65
CA GLU C 322 50.90 -4.53 -14.26
C GLU C 322 50.54 -5.88 -13.76
N GLY C 323 49.69 -6.59 -14.60
CA GLY C 323 49.22 -7.98 -14.47
C GLY C 323 48.13 -8.18 -13.41
N VAL C 324 47.24 -9.15 -13.68
CA VAL C 324 46.23 -9.51 -12.78
C VAL C 324 46.23 -11.09 -12.69
N GLU C 325 46.08 -11.54 -11.40
CA GLU C 325 46.22 -12.92 -11.10
C GLU C 325 44.90 -13.35 -10.58
N TYR C 326 44.42 -14.56 -10.96
CA TYR C 326 43.14 -14.99 -10.64
C TYR C 326 43.33 -16.19 -9.81
N VAL C 327 42.39 -16.30 -8.74
CA VAL C 327 42.22 -17.55 -7.99
C VAL C 327 40.90 -18.27 -8.19
N TRP C 328 41.03 -19.60 -8.48
CA TRP C 328 39.88 -20.35 -8.89
C TRP C 328 39.96 -21.56 -7.94
N GLY C 329 38.98 -21.66 -6.99
CA GLY C 329 38.92 -22.79 -6.08
C GLY C 329 40.17 -23.00 -5.30
N ASN C 330 40.93 -24.08 -5.56
CA ASN C 330 42.12 -24.37 -4.79
C ASN C 330 43.26 -24.64 -5.78
N ASN C 331 42.93 -24.38 -7.04
CA ASN C 331 43.84 -24.58 -8.11
C ASN C 331 44.92 -23.51 -8.14
N ASN C 332 45.95 -23.86 -8.98
CA ASN C 332 47.09 -22.98 -9.16
C ASN C 332 46.70 -21.60 -9.68
N PRO C 333 47.25 -20.55 -9.17
CA PRO C 333 47.01 -19.22 -9.76
C PRO C 333 48.04 -18.98 -10.99
N VAL C 334 47.36 -18.50 -12.08
CA VAL C 334 47.94 -18.03 -13.30
C VAL C 334 47.89 -16.49 -13.17
N ARG C 335 48.91 -15.87 -13.58
CA ARG C 335 48.96 -14.40 -13.74
C ARG C 335 49.04 -14.09 -15.21
N LEU C 336 48.34 -12.98 -15.67
CA LEU C 336 48.14 -12.69 -17.06
C LEU C 336 48.35 -11.25 -17.16
N TRP C 337 48.82 -10.85 -18.39
CA TRP C 337 49.00 -9.47 -18.85
C TRP C 337 48.40 -9.40 -20.25
N ALA C 338 48.12 -8.13 -20.77
CA ALA C 338 47.54 -7.84 -22.06
C ALA C 338 48.34 -8.63 -23.08
N GLN C 339 47.60 -9.25 -24.09
CA GLN C 339 48.21 -10.05 -25.12
C GLN C 339 47.48 -9.81 -26.42
N LYS C 340 48.26 -10.05 -27.51
CA LYS C 340 47.84 -9.80 -28.85
C LYS C 340 49.11 -10.02 -29.66
N SER C 341 49.09 -11.03 -30.54
CA SER C 341 50.30 -11.29 -31.31
C SER C 341 50.93 -10.11 -32.13
N SER C 342 52.27 -10.00 -32.06
CA SER C 342 53.18 -8.99 -32.56
C SER C 342 53.36 -7.99 -31.46
N SER C 343 54.52 -8.05 -30.74
CA SER C 343 54.95 -7.19 -29.65
C SER C 343 55.46 -5.81 -30.04
N SER C 344 55.18 -4.83 -29.21
CA SER C 344 55.67 -3.44 -29.35
C SER C 344 57.14 -3.42 -29.27
N SER C 345 57.71 -2.34 -29.80
CA SER C 345 59.15 -2.23 -29.94
C SER C 345 59.54 -0.79 -30.00
N ALA C 346 58.55 0.15 -29.96
CA ALA C 346 58.80 1.51 -30.17
C ALA C 346 57.49 2.25 -29.97
N HIS C 347 56.41 1.50 -29.87
CA HIS C 347 55.03 2.03 -29.93
C HIS C 347 54.85 3.01 -28.83
N GLY C 348 54.56 4.28 -29.11
CA GLY C 348 54.33 5.37 -28.25
C GLY C 348 55.55 5.92 -27.59
N ASN C 349 55.38 6.88 -26.71
CA ASN C 349 56.41 7.58 -26.00
C ASN C 349 55.83 7.50 -24.61
N PRO C 350 56.63 7.66 -23.58
CA PRO C 350 56.12 7.35 -22.28
C PRO C 350 55.82 8.67 -21.56
N ILE C 351 56.22 9.83 -22.09
CA ILE C 351 56.16 11.16 -21.48
C ILE C 351 54.72 11.57 -21.19
N SER C 352 53.86 11.31 -22.16
CA SER C 352 52.44 11.75 -22.11
C SER C 352 51.63 11.04 -23.13
N ILE C 353 52.21 10.29 -24.03
CA ILE C 353 51.49 9.61 -24.98
C ILE C 353 51.12 8.36 -24.17
N VAL C 354 49.85 8.03 -24.41
CA VAL C 354 49.20 6.98 -23.67
C VAL C 354 48.36 6.25 -24.69
N SER C 355 47.98 4.92 -24.45
CA SER C 355 47.35 4.05 -25.42
C SER C 355 46.18 4.64 -26.13
N HIS C 356 45.99 4.28 -27.46
CA HIS C 356 45.01 4.70 -28.41
C HIS C 356 44.90 6.17 -28.54
N TYR C 357 43.63 6.66 -28.63
CA TYR C 357 43.29 8.06 -28.88
C TYR C 357 41.84 8.28 -28.45
N TYR C 358 41.27 7.25 -27.81
CA TYR C 358 40.01 7.17 -27.14
C TYR C 358 40.22 7.23 -25.62
N ASP C 359 39.11 7.62 -24.90
CA ASP C 359 38.99 7.82 -23.50
C ASP C 359 39.55 6.80 -22.66
N LEU C 360 40.39 7.17 -21.66
CA LEU C 360 41.04 6.30 -20.71
C LEU C 360 40.84 6.84 -19.27
N TYR C 361 40.60 8.17 -18.84
CA TYR C 361 40.65 9.37 -19.64
C TYR C 361 42.09 9.55 -20.18
N PRO C 362 42.44 9.89 -21.47
CA PRO C 362 43.76 9.84 -22.03
C PRO C 362 44.45 11.17 -22.04
N TYR C 363 45.30 11.50 -23.04
CA TYR C 363 45.95 12.78 -23.10
C TYR C 363 45.93 13.24 -24.54
N TRP C 364 44.78 12.83 -25.29
CA TRP C 364 44.59 13.10 -26.73
C TRP C 364 43.46 13.89 -26.99
N THR C 365 42.47 14.02 -26.02
CA THR C 365 41.29 14.80 -26.13
C THR C 365 41.51 16.19 -25.61
N ILE C 366 42.67 16.38 -24.89
CA ILE C 366 43.06 17.66 -24.34
C ILE C 366 43.48 18.51 -25.47
N THR C 367 44.24 17.90 -26.42
CA THR C 367 44.85 18.53 -27.57
C THR C 367 43.77 19.07 -28.43
N VAL C 368 42.61 18.39 -28.50
CA VAL C 368 41.47 18.72 -29.33
C VAL C 368 40.83 20.03 -28.87
N LEU C 369 40.62 20.21 -27.52
CA LEU C 369 39.93 21.36 -26.90
C LEU C 369 40.64 22.64 -27.13
N ALA C 370 41.95 22.64 -26.99
CA ALA C 370 42.93 23.67 -27.24
C ALA C 370 43.00 24.07 -28.67
N SER C 371 43.02 23.15 -29.70
CA SER C 371 43.22 23.58 -31.05
C SER C 371 42.05 24.46 -31.49
N LEU C 372 40.86 23.98 -30.99
CA LEU C 372 39.61 24.65 -31.17
C LEU C 372 39.55 26.00 -30.48
N GLY C 373 40.12 26.18 -29.25
CA GLY C 373 40.03 27.55 -28.64
C GLY C 373 40.86 28.55 -29.36
N LEU C 374 42.01 28.17 -29.97
CA LEU C 374 43.05 28.98 -30.61
C LEU C 374 42.52 29.50 -31.86
N LEU C 375 41.67 28.77 -32.59
CA LEU C 375 41.06 29.25 -33.87
C LEU C 375 40.16 30.42 -33.60
N ILE C 376 39.40 30.37 -32.43
CA ILE C 376 38.64 31.54 -31.98
C ILE C 376 39.53 32.75 -31.66
N VAL C 377 40.76 32.55 -30.99
CA VAL C 377 41.51 33.64 -30.44
C VAL C 377 42.00 34.56 -31.58
N ILE C 378 42.41 33.91 -32.73
CA ILE C 378 42.82 34.59 -34.00
C ILE C 378 41.59 35.31 -34.57
N SER C 379 40.37 34.72 -34.48
CA SER C 379 39.21 35.29 -35.09
C SER C 379 38.82 36.62 -34.40
N SER C 380 38.91 36.58 -33.03
CA SER C 380 38.57 37.69 -32.13
C SER C 380 39.46 38.86 -32.38
N GLY C 381 40.74 38.47 -32.51
CA GLY C 381 41.94 39.33 -32.58
C GLY C 381 41.95 40.17 -33.79
N PHE C 382 41.64 39.53 -34.95
CA PHE C 382 41.46 40.23 -36.19
C PHE C 382 40.28 41.23 -36.18
N SER C 383 39.05 40.84 -35.59
CA SER C 383 37.84 41.60 -35.57
C SER C 383 38.00 42.91 -34.93
N CYS C 384 38.70 42.88 -33.74
CA CYS C 384 38.85 44.18 -32.99
C CYS C 384 39.88 45.09 -33.69
N PHE C 385 40.99 44.56 -34.20
CA PHE C 385 42.07 45.35 -34.86
C PHE C 385 41.49 45.90 -36.14
N LEU C 386 40.72 45.08 -36.91
CA LEU C 386 40.12 45.55 -38.21
C LEU C 386 39.29 46.80 -37.95
N CYS C 387 38.48 46.79 -36.87
CA CYS C 387 37.63 47.91 -36.43
C CYS C 387 38.45 49.13 -36.24
N SER C 388 39.57 49.10 -35.51
CA SER C 388 40.35 50.23 -35.24
C SER C 388 41.01 50.82 -36.46
N VAL C 389 41.55 49.92 -37.28
CA VAL C 389 42.30 50.18 -38.44
C VAL C 389 41.35 50.84 -39.44
N ALA C 390 40.05 50.35 -39.44
CA ALA C 390 38.97 50.95 -40.25
C ALA C 390 38.68 52.43 -39.82
N ARG C 391 38.71 52.70 -38.56
CA ARG C 391 38.49 54.07 -38.07
C ARG C 391 39.59 55.00 -38.46
N THR C 392 40.87 54.52 -38.42
CA THR C 392 42.06 55.28 -38.87
C THR C 392 41.94 55.55 -40.34
N LYS C 393 41.41 54.57 -41.19
CA LYS C 393 41.24 54.59 -42.68
C LYS C 393 40.29 55.63 -43.07
N CYS C 394 39.20 55.85 -42.24
CA CYS C 394 38.21 56.92 -42.45
C CYS C 394 38.93 58.24 -42.34
N LEU C 395 39.79 58.36 -41.26
CA LEU C 395 40.51 59.58 -41.00
C LEU C 395 41.64 59.76 -42.05
N THR C 396 42.21 58.69 -42.68
CA THR C 396 43.36 58.81 -43.58
C THR C 396 43.19 59.67 -44.81
N PRO C 397 42.13 59.69 -45.69
CA PRO C 397 41.90 60.70 -46.67
C PRO C 397 41.81 62.20 -46.28
N TYR C 398 41.74 62.52 -44.90
CA TYR C 398 41.73 63.86 -44.40
C TYR C 398 43.18 64.11 -44.06
N GLN C 399 43.91 63.16 -43.37
CA GLN C 399 45.31 63.27 -43.03
C GLN C 399 46.31 63.43 -44.14
N LEU C 400 46.07 62.72 -45.26
CA LEU C 400 46.82 62.84 -46.50
C LEU C 400 45.91 63.57 -47.45
N ALA C 401 46.23 63.54 -48.76
CA ALA C 401 45.37 64.21 -49.74
C ALA C 401 44.28 63.25 -50.15
N PRO C 402 43.05 63.59 -50.49
CA PRO C 402 41.99 62.60 -50.80
C PRO C 402 42.25 62.04 -52.18
N GLY C 403 41.96 60.78 -52.51
CA GLY C 403 41.47 59.59 -51.81
C GLY C 403 41.22 58.50 -52.78
N ALA C 404 41.73 58.84 -53.96
CA ALA C 404 41.57 58.13 -55.23
C ALA C 404 42.76 58.42 -56.12
N GLN C 405 43.69 59.29 -55.61
CA GLN C 405 44.81 59.72 -56.42
C GLN C 405 45.86 58.68 -56.58
N LEU C 406 46.22 58.07 -55.43
CA LEU C 406 47.13 57.00 -55.30
C LEU C 406 46.21 55.82 -55.19
N PRO C 407 46.47 54.66 -55.83
CA PRO C 407 45.57 53.60 -55.87
C PRO C 407 45.61 52.91 -54.50
N THR C 408 46.69 53.17 -53.68
CA THR C 408 46.74 52.72 -52.29
C THR C 408 45.46 52.99 -51.49
N PHE C 409 44.88 54.22 -51.78
CA PHE C 409 43.74 54.71 -51.10
C PHE C 409 42.47 53.87 -51.31
N ILE C 410 42.31 53.33 -52.54
CA ILE C 410 41.14 52.78 -53.07
C ILE C 410 40.72 51.57 -52.13
N ALA C 411 41.77 50.82 -51.67
CA ALA C 411 41.72 49.65 -50.82
C ALA C 411 41.18 50.00 -49.51
N LEU C 412 41.55 51.15 -48.98
CA LEU C 412 41.24 51.59 -47.61
C LEU C 412 39.77 51.85 -47.46
N LEU C 413 39.15 52.44 -48.54
CA LEU C 413 37.81 52.87 -48.76
C LEU C 413 36.91 51.67 -48.76
N CYS C 414 37.37 50.55 -49.41
CA CYS C 414 36.53 49.33 -49.54
C CYS C 414 36.26 48.78 -48.15
N CYS C 415 37.35 48.73 -47.32
CA CYS C 415 37.38 48.09 -46.05
C CYS C 415 36.47 48.72 -45.02
N ALA C 416 36.51 50.08 -45.06
CA ALA C 416 35.79 51.02 -44.21
C ALA C 416 34.34 50.98 -44.58
N LYS C 417 34.03 51.00 -45.87
CA LYS C 417 32.67 50.96 -46.40
C LYS C 417 31.91 49.64 -45.96
N SER C 418 32.61 48.47 -45.99
CA SER C 418 32.02 47.19 -45.63
C SER C 418 31.67 47.05 -44.20
N ALA C 419 32.63 47.49 -43.33
CA ALA C 419 32.60 47.48 -41.91
C ALA C 419 31.57 48.36 -41.36
N ARG C 420 31.59 49.65 -41.78
CA ARG C 420 30.67 50.70 -41.26
C ARG C 420 29.17 50.56 -41.56
N ALA C 421 28.92 50.26 -42.82
CA ALA C 421 27.59 49.85 -43.27
C ALA C 421 27.29 48.42 -42.86
N PRO D 83 -33.03 99.40 -59.93
CA PRO D 83 -33.98 99.70 -58.77
C PRO D 83 -33.10 99.74 -57.56
N THR D 84 -33.75 100.06 -56.40
CA THR D 84 -33.07 100.18 -55.16
C THR D 84 -33.40 99.09 -54.16
N GLN D 85 -32.66 99.06 -52.98
CA GLN D 85 -32.97 98.14 -51.97
C GLN D 85 -33.92 98.95 -51.07
N LYS D 86 -35.07 98.31 -50.70
CA LYS D 86 -36.08 99.09 -50.03
C LYS D 86 -36.12 98.58 -48.58
N LYS D 87 -35.20 97.72 -48.20
CA LYS D 87 -35.11 97.24 -46.81
C LYS D 87 -33.63 96.93 -46.71
N LYS D 88 -33.12 96.74 -45.44
CA LYS D 88 -31.77 96.27 -45.06
C LYS D 88 -32.14 95.65 -43.70
N SER D 89 -31.21 94.70 -43.23
CA SER D 89 -31.26 94.06 -41.86
C SER D 89 -29.86 93.84 -41.46
N LYS D 90 -28.94 94.56 -42.15
CA LYS D 90 -27.51 94.43 -42.05
C LYS D 90 -26.89 95.73 -42.61
N PRO D 91 -25.61 96.09 -42.55
CA PRO D 91 -24.94 97.26 -43.08
C PRO D 91 -25.35 97.56 -44.53
N GLY D 92 -25.93 98.80 -44.71
CA GLY D 92 -26.51 99.33 -45.98
C GLY D 92 -25.41 99.76 -46.91
N LYS D 93 -24.20 99.95 -46.32
CA LYS D 93 -23.15 100.56 -47.09
C LYS D 93 -21.85 100.25 -46.48
N ARG D 94 -20.76 100.66 -47.22
CA ARG D 94 -19.43 100.33 -46.87
C ARG D 94 -18.57 101.44 -47.12
N MET D 95 -17.49 101.50 -46.37
CA MET D 95 -16.46 102.48 -46.34
C MET D 95 -15.13 102.00 -46.74
N ARG D 96 -14.97 100.66 -47.11
CA ARG D 96 -13.66 100.09 -47.54
C ARG D 96 -13.83 98.66 -47.42
N ASN D 97 -12.85 97.84 -47.87
CA ASN D 97 -12.84 96.38 -47.64
C ASN D 97 -11.59 96.01 -46.97
N CYS D 98 -11.69 95.25 -45.85
CA CYS D 98 -10.54 95.01 -44.93
C CYS D 98 -10.97 93.78 -44.18
N MET D 99 -12.24 93.32 -44.51
CA MET D 99 -12.68 92.04 -43.96
C MET D 99 -12.82 91.10 -45.13
N LYS D 100 -12.72 89.80 -44.72
CA LYS D 100 -12.75 88.58 -45.51
C LYS D 100 -14.11 88.01 -45.26
N ILE D 101 -14.79 87.46 -46.31
CA ILE D 101 -16.19 86.95 -46.27
C ILE D 101 -16.34 85.68 -45.39
N GLU D 102 -15.39 84.77 -45.45
CA GLU D 102 -15.39 83.60 -44.56
C GLU D 102 -13.96 83.50 -44.05
N ASN D 103 -13.80 82.96 -42.83
CA ASN D 103 -12.51 82.80 -42.15
C ASN D 103 -12.18 81.42 -41.93
N ASP D 104 -10.97 80.96 -42.35
CA ASP D 104 -10.62 79.55 -42.14
C ASP D 104 -10.56 79.23 -40.71
N CYS D 105 -10.66 77.90 -40.33
CA CYS D 105 -10.56 77.43 -39.02
C CYS D 105 -9.63 76.22 -39.09
N ILE D 106 -8.89 76.00 -40.25
CA ILE D 106 -8.14 74.75 -40.40
C ILE D 106 -6.88 74.78 -39.55
N PHE D 107 -6.23 73.57 -39.34
CA PHE D 107 -5.04 73.39 -38.62
C PHE D 107 -4.22 72.41 -39.37
N PRO D 108 -2.96 72.68 -39.73
CA PRO D 108 -2.14 71.67 -40.32
C PRO D 108 -1.55 70.78 -39.24
N VAL D 109 -1.34 69.53 -39.71
CA VAL D 109 -1.09 68.48 -38.81
C VAL D 109 0.26 67.81 -39.11
N MET D 110 1.11 67.55 -38.08
CA MET D 110 2.45 67.22 -38.34
C MET D 110 2.73 65.75 -38.07
N LEU D 111 3.70 65.19 -38.81
CA LEU D 111 4.24 63.88 -38.47
C LEU D 111 5.64 63.96 -39.10
N ASP D 112 6.66 63.73 -38.28
CA ASP D 112 8.07 63.96 -38.40
C ASP D 112 8.34 65.41 -38.74
N GLY D 113 7.53 66.30 -38.11
CA GLY D 113 7.54 67.70 -38.37
C GLY D 113 7.19 68.13 -39.80
N LYS D 114 6.33 67.36 -40.52
CA LYS D 114 5.98 67.63 -41.91
C LYS D 114 4.45 67.69 -41.97
N VAL D 115 3.85 68.62 -42.81
CA VAL D 115 2.47 68.75 -43.01
C VAL D 115 1.97 67.66 -43.95
N ASN D 116 1.43 66.51 -43.43
CA ASN D 116 1.07 65.44 -44.27
C ASN D 116 -0.47 65.36 -44.34
N GLY D 117 -1.20 66.49 -44.08
CA GLY D 117 -2.68 66.63 -44.05
C GLY D 117 -3.08 67.84 -43.26
N TYR D 118 -4.40 67.95 -43.13
CA TYR D 118 -5.04 69.04 -42.42
C TYR D 118 -6.14 68.40 -41.63
N ALA D 119 -6.41 68.84 -40.35
CA ALA D 119 -7.45 68.29 -39.51
C ALA D 119 -8.48 69.30 -39.18
N CYS D 120 -9.67 68.78 -39.06
CA CYS D 120 -10.77 69.52 -38.57
C CYS D 120 -11.69 68.49 -38.08
N LEU D 121 -12.69 68.83 -37.31
CA LEU D 121 -13.41 67.83 -36.50
C LEU D 121 -14.90 68.15 -36.66
N VAL D 122 -15.57 67.56 -37.75
CA VAL D 122 -16.74 68.22 -38.37
C VAL D 122 -17.81 67.19 -38.61
N GLY D 123 -19.06 67.59 -38.94
CA GLY D 123 -20.24 66.84 -38.78
C GLY D 123 -20.68 66.68 -37.32
N ASP D 124 -21.75 65.93 -37.15
CA ASP D 124 -22.35 65.79 -35.88
C ASP D 124 -21.53 64.70 -35.27
N LYS D 125 -21.54 63.57 -35.97
CA LYS D 125 -20.56 62.47 -35.76
C LYS D 125 -19.40 62.66 -36.68
N VAL D 126 -18.15 62.35 -36.34
CA VAL D 126 -17.02 63.11 -36.79
C VAL D 126 -16.23 62.20 -37.71
N MET D 127 -15.86 62.80 -38.84
CA MET D 127 -15.61 62.00 -39.99
C MET D 127 -14.22 62.01 -40.58
N LYS D 128 -13.35 62.92 -40.10
CA LYS D 128 -12.21 63.36 -40.89
C LYS D 128 -11.27 62.25 -41.42
N PRO D 129 -10.80 61.27 -40.78
CA PRO D 129 -9.62 60.60 -41.10
C PRO D 129 -9.71 59.88 -42.37
N ALA D 130 -8.68 60.09 -43.21
CA ALA D 130 -8.45 59.50 -44.48
C ALA D 130 -7.01 59.68 -44.90
N HIS D 131 -6.26 60.49 -44.18
CA HIS D 131 -4.92 60.87 -44.51
C HIS D 131 -4.30 61.57 -43.35
N VAL D 132 -5.18 61.64 -42.31
CA VAL D 132 -4.69 62.11 -41.00
C VAL D 132 -4.97 60.92 -40.02
N LYS D 133 -5.11 59.68 -40.52
CA LYS D 133 -5.05 58.56 -39.61
C LYS D 133 -3.66 58.43 -38.93
N GLY D 134 -2.64 58.67 -39.72
CA GLY D 134 -1.23 58.59 -39.29
C GLY D 134 -0.63 59.78 -38.68
N THR D 135 -1.29 60.96 -39.00
CA THR D 135 -0.61 62.20 -38.84
C THR D 135 -1.41 62.90 -37.78
N ILE D 136 -0.77 63.17 -36.62
CA ILE D 136 -1.31 63.39 -35.38
C ILE D 136 -1.77 64.78 -35.18
N ASP D 137 -2.95 64.85 -34.54
CA ASP D 137 -3.78 66.00 -34.30
C ASP D 137 -3.27 66.52 -32.98
N ASN D 138 -3.43 65.64 -32.06
CA ASN D 138 -2.78 65.73 -30.77
C ASN D 138 -2.66 64.20 -30.46
N PRO D 139 -1.69 63.69 -29.80
CA PRO D 139 -1.55 62.27 -29.45
C PRO D 139 -2.65 61.65 -28.66
N GLU D 140 -3.19 62.40 -27.70
CA GLU D 140 -4.22 61.86 -26.87
C GLU D 140 -5.39 61.60 -27.72
N LEU D 141 -5.78 62.55 -28.58
CA LEU D 141 -6.86 62.66 -29.47
C LEU D 141 -6.71 61.53 -30.45
N ALA D 142 -5.47 61.21 -30.89
CA ALA D 142 -5.29 60.19 -31.90
C ALA D 142 -5.78 58.83 -31.36
N LYS D 143 -5.34 58.54 -30.12
CA LYS D 143 -5.56 57.34 -29.33
C LYS D 143 -6.98 57.19 -29.10
N LEU D 144 -7.69 58.31 -28.72
CA LEU D 144 -9.08 58.36 -28.27
C LEU D 144 -10.08 57.94 -29.35
N THR D 145 -9.97 58.41 -30.60
CA THR D 145 -11.11 58.49 -31.44
C THR D 145 -11.53 57.12 -31.94
N PHE D 146 -10.59 56.34 -32.45
CA PHE D 146 -10.83 55.42 -33.53
C PHE D 146 -11.86 54.34 -33.34
N LYS D 147 -12.97 54.52 -34.14
CA LYS D 147 -13.79 53.43 -34.57
C LYS D 147 -14.09 53.80 -35.91
N LYS D 148 -13.91 52.88 -36.84
CA LYS D 148 -13.85 53.29 -38.24
C LYS D 148 -14.48 52.25 -39.11
N SER D 149 -14.69 52.57 -40.40
CA SER D 149 -15.05 51.69 -41.48
C SER D 149 -13.80 51.86 -42.25
N SER D 150 -12.81 50.97 -42.01
CA SER D 150 -11.50 51.09 -42.61
C SER D 150 -11.47 50.61 -43.98
N LYS D 151 -12.58 50.12 -44.48
CA LYS D 151 -12.89 49.69 -45.79
C LYS D 151 -12.79 50.85 -46.76
N TYR D 152 -13.17 52.02 -46.33
CA TYR D 152 -13.23 53.14 -47.17
C TYR D 152 -12.69 54.26 -46.39
N ASP D 153 -12.19 53.98 -45.20
CA ASP D 153 -11.68 54.99 -44.36
C ASP D 153 -12.58 56.21 -43.97
N LEU D 154 -13.73 55.91 -43.26
CA LEU D 154 -14.68 56.79 -42.72
C LEU D 154 -14.81 56.53 -41.28
N GLU D 155 -14.85 57.61 -40.46
CA GLU D 155 -14.93 57.49 -39.03
C GLU D 155 -16.35 57.75 -38.65
N CYS D 156 -16.79 57.00 -37.66
CA CYS D 156 -18.15 57.09 -37.20
C CYS D 156 -18.15 57.40 -35.74
N ALA D 157 -16.97 57.50 -35.10
CA ALA D 157 -16.75 57.94 -33.77
C ALA D 157 -16.70 59.42 -33.78
N GLN D 158 -17.00 59.99 -32.61
CA GLN D 158 -17.01 61.40 -32.42
C GLN D 158 -16.02 61.85 -31.37
N VAL D 159 -15.60 63.11 -31.48
CA VAL D 159 -14.66 63.81 -30.57
C VAL D 159 -15.31 64.76 -29.58
N PRO D 160 -14.63 65.29 -28.55
CA PRO D 160 -15.27 66.21 -27.59
C PRO D 160 -15.72 67.43 -28.24
N VAL D 161 -16.55 68.22 -27.53
CA VAL D 161 -17.07 69.55 -27.87
C VAL D 161 -15.90 70.54 -27.95
N CYS D 162 -14.84 70.28 -27.06
CA CYS D 162 -13.66 71.06 -26.93
C CYS D 162 -12.92 71.16 -28.21
N MET D 163 -12.71 70.02 -28.93
CA MET D 163 -12.01 69.96 -30.19
C MET D 163 -12.89 70.58 -31.22
N LYS D 164 -14.21 70.31 -31.20
CA LYS D 164 -15.14 70.66 -32.19
C LYS D 164 -15.41 72.11 -32.41
N SER D 165 -15.50 72.95 -31.29
CA SER D 165 -15.71 74.34 -31.51
C SER D 165 -14.59 74.99 -32.33
N ASP D 166 -13.30 74.50 -32.17
CA ASP D 166 -12.10 75.20 -32.71
C ASP D 166 -11.97 74.88 -34.21
N ALA D 167 -12.61 73.76 -34.74
CA ALA D 167 -12.64 73.37 -36.17
C ALA D 167 -13.60 74.19 -37.00
N SER D 168 -13.67 74.01 -38.33
CA SER D 168 -14.61 74.62 -39.27
C SER D 168 -16.02 74.30 -38.79
N LYS D 169 -17.05 75.01 -39.35
CA LYS D 169 -18.43 74.80 -38.84
C LYS D 169 -18.96 73.45 -39.30
N PHE D 170 -19.98 72.87 -38.57
CA PHE D 170 -20.48 71.51 -38.93
C PHE D 170 -21.36 71.57 -40.15
N THR D 171 -21.57 70.42 -40.82
CA THR D 171 -22.35 70.22 -42.02
C THR D 171 -23.59 69.27 -41.73
N HIS D 172 -24.71 69.56 -42.51
CA HIS D 172 -25.88 68.76 -42.33
C HIS D 172 -26.66 68.88 -43.62
N GLU D 173 -26.15 69.70 -44.51
CA GLU D 173 -26.77 69.98 -45.78
C GLU D 173 -25.74 70.33 -46.78
N LYS D 174 -26.02 70.35 -48.06
CA LYS D 174 -25.15 70.80 -49.13
C LYS D 174 -25.58 72.08 -49.75
N PRO D 175 -24.90 73.20 -49.38
CA PRO D 175 -24.73 74.34 -50.30
C PRO D 175 -23.85 73.95 -51.49
N GLU D 176 -24.21 74.41 -52.68
CA GLU D 176 -23.66 74.16 -53.95
C GLU D 176 -23.60 75.45 -54.74
N GLY D 177 -23.89 76.48 -53.90
CA GLY D 177 -23.80 77.82 -54.39
C GLY D 177 -22.45 78.43 -54.07
N HIS D 178 -21.58 77.66 -53.47
CA HIS D 178 -20.32 78.21 -52.94
C HIS D 178 -19.25 78.12 -53.99
N TYR D 179 -18.39 79.20 -54.19
CA TYR D 179 -17.28 79.27 -55.19
C TYR D 179 -16.05 79.77 -54.47
N ASN D 180 -16.07 79.82 -53.10
CA ASN D 180 -14.88 80.24 -52.39
C ASN D 180 -14.59 79.21 -51.36
N TRP D 181 -13.32 78.77 -51.34
CA TRP D 181 -12.65 78.17 -50.14
C TRP D 181 -11.17 78.62 -50.25
N HIS D 182 -10.41 78.23 -51.26
CA HIS D 182 -8.98 78.33 -51.31
C HIS D 182 -8.71 78.42 -52.80
N HIS D 183 -9.80 78.33 -53.61
CA HIS D 183 -9.72 78.28 -55.07
C HIS D 183 -10.97 78.87 -55.55
N GLY D 184 -10.87 79.40 -56.80
CA GLY D 184 -11.57 80.53 -57.24
C GLY D 184 -13.00 80.20 -57.68
N ALA D 185 -13.33 78.91 -57.75
CA ALA D 185 -14.64 78.51 -58.16
C ALA D 185 -14.76 76.98 -58.00
N VAL D 186 -15.96 76.61 -57.50
CA VAL D 186 -16.21 75.27 -57.19
C VAL D 186 -17.48 74.93 -57.95
N GLN D 187 -17.32 74.19 -59.04
CA GLN D 187 -18.45 73.76 -59.85
C GLN D 187 -18.84 72.38 -59.39
N PHE D 188 -20.18 72.11 -59.16
CA PHE D 188 -20.70 70.81 -59.08
C PHE D 188 -21.51 70.64 -60.32
N SER D 189 -21.02 69.82 -61.24
CA SER D 189 -21.76 69.35 -62.42
C SER D 189 -21.18 68.01 -62.83
N ASN D 190 -22.06 67.10 -63.33
CA ASN D 190 -21.80 65.86 -64.02
C ASN D 190 -21.16 65.04 -62.94
N GLY D 191 -21.58 65.22 -61.68
CA GLY D 191 -21.31 64.43 -60.54
C GLY D 191 -19.97 64.58 -60.05
N ARG D 192 -19.34 65.70 -60.44
CA ARG D 192 -17.94 65.87 -60.15
C ARG D 192 -17.76 67.29 -59.69
N PHE D 193 -16.92 67.53 -58.67
CA PHE D 193 -16.46 68.79 -58.16
C PHE D 193 -15.27 69.11 -58.96
N THR D 194 -15.09 70.40 -59.46
CA THR D 194 -13.90 70.82 -60.05
C THR D 194 -13.63 72.23 -59.50
N ILE D 195 -12.28 72.48 -59.62
CA ILE D 195 -11.67 73.74 -59.24
C ILE D 195 -10.83 73.93 -60.55
N PRO D 196 -10.36 75.12 -60.95
CA PRO D 196 -9.34 75.32 -61.94
C PRO D 196 -8.07 74.88 -61.42
N THR D 197 -7.20 74.46 -62.36
CA THR D 197 -5.78 73.88 -62.32
C THR D 197 -4.97 74.57 -61.24
N GLY D 198 -4.63 73.74 -60.21
CA GLY D 198 -4.08 74.16 -58.96
C GLY D 198 -3.01 73.22 -58.57
N SER D 199 -2.62 73.40 -57.34
CA SER D 199 -1.71 72.52 -56.59
C SER D 199 -2.21 71.16 -56.33
N GLY D 200 -1.31 70.13 -56.27
CA GLY D 200 -1.74 68.81 -56.14
C GLY D 200 -0.39 68.32 -55.68
N LYS D 201 0.18 69.03 -54.68
CA LYS D 201 1.53 68.70 -54.13
C LYS D 201 1.40 67.97 -52.78
N PRO D 202 2.42 67.15 -52.37
CA PRO D 202 2.37 66.18 -51.21
C PRO D 202 1.84 66.80 -49.94
N GLY D 203 0.97 66.07 -49.21
CA GLY D 203 0.43 66.55 -47.99
C GLY D 203 -0.60 67.68 -48.21
N ASP D 204 -1.22 67.87 -49.37
CA ASP D 204 -2.35 68.75 -49.60
C ASP D 204 -3.59 68.04 -49.36
N SER D 205 -3.51 66.69 -49.23
CA SER D 205 -4.63 65.82 -48.95
C SER D 205 -5.30 66.09 -47.58
N GLY D 206 -6.65 65.82 -47.37
CA GLY D 206 -7.32 65.90 -46.06
C GLY D 206 -7.74 67.33 -45.78
N ARG D 207 -7.53 68.33 -46.64
CA ARG D 207 -8.01 69.67 -46.47
C ARG D 207 -9.47 69.80 -46.79
N PRO D 208 -10.33 70.36 -45.99
CA PRO D 208 -11.74 70.46 -46.28
C PRO D 208 -11.85 71.59 -47.25
N ILE D 209 -12.99 71.53 -48.00
CA ILE D 209 -13.51 72.40 -49.07
C ILE D 209 -14.58 73.03 -48.18
N PHE D 210 -14.41 74.36 -47.90
CA PHE D 210 -15.22 75.09 -46.96
C PHE D 210 -15.92 76.15 -47.75
N ASP D 211 -17.09 76.59 -47.19
CA ASP D 211 -18.05 77.28 -47.97
C ASP D 211 -18.00 78.70 -47.51
N ASN D 212 -19.03 79.41 -47.94
CA ASN D 212 -19.20 80.82 -47.55
C ASN D 212 -19.85 81.05 -46.22
N THR D 213 -20.24 79.93 -45.52
CA THR D 213 -20.71 79.88 -44.14
C THR D 213 -19.91 78.76 -43.51
N GLY D 214 -18.80 78.41 -44.18
CA GLY D 214 -17.81 77.49 -43.68
C GLY D 214 -18.32 76.07 -43.43
N LYS D 215 -19.38 75.64 -44.15
CA LYS D 215 -19.83 74.26 -43.91
C LYS D 215 -18.92 73.37 -44.79
N VAL D 216 -18.58 72.17 -44.38
CA VAL D 216 -17.68 71.36 -45.19
C VAL D 216 -18.51 70.40 -45.95
N VAL D 217 -18.45 70.54 -47.30
CA VAL D 217 -19.19 69.82 -48.31
C VAL D 217 -18.41 68.54 -48.73
N ALA D 218 -17.06 68.51 -48.66
CA ALA D 218 -16.27 67.44 -49.18
C ALA D 218 -14.95 67.59 -48.55
N ILE D 219 -14.18 66.49 -48.52
CA ILE D 219 -12.83 66.37 -47.92
C ILE D 219 -11.99 65.86 -49.13
N VAL D 220 -10.85 66.52 -49.46
CA VAL D 220 -10.09 66.19 -50.64
C VAL D 220 -9.28 64.95 -50.33
N LEU D 221 -9.39 63.86 -51.20
CA LEU D 221 -8.48 62.79 -50.99
C LEU D 221 -7.30 62.99 -51.94
N GLY D 222 -7.60 63.53 -53.11
CA GLY D 222 -6.62 63.84 -54.23
C GLY D 222 -7.34 64.44 -55.40
N GLY D 223 -6.84 64.35 -56.64
CA GLY D 223 -7.58 64.78 -57.82
C GLY D 223 -6.62 64.47 -58.98
N ALA D 224 -7.08 64.84 -60.22
CA ALA D 224 -6.28 64.76 -61.40
C ALA D 224 -6.72 65.80 -62.36
N ASN D 225 -5.77 66.53 -62.87
CA ASN D 225 -5.93 67.59 -63.83
C ASN D 225 -6.24 67.10 -65.15
N GLU D 226 -7.30 67.65 -65.82
CA GLU D 226 -7.62 67.37 -67.19
C GLU D 226 -8.45 68.56 -67.61
N GLY D 227 -8.43 69.00 -68.86
CA GLY D 227 -9.22 69.97 -69.55
C GLY D 227 -8.65 71.36 -69.31
N ALA D 228 -9.00 71.97 -68.16
CA ALA D 228 -8.47 73.18 -67.70
C ALA D 228 -8.88 73.28 -66.28
N ARG D 229 -9.41 72.13 -65.73
CA ARG D 229 -10.05 72.00 -64.46
C ARG D 229 -9.27 70.86 -63.82
N THR D 230 -9.60 70.67 -62.51
CA THR D 230 -8.99 69.61 -61.76
C THR D 230 -10.22 68.89 -61.24
N ALA D 231 -10.30 67.59 -61.59
CA ALA D 231 -11.35 66.73 -61.05
C ALA D 231 -10.99 66.30 -59.73
N LEU D 232 -11.90 66.18 -58.77
CA LEU D 232 -11.48 65.86 -57.37
C LEU D 232 -12.03 64.54 -56.95
N SER D 233 -11.35 63.81 -56.04
CA SER D 233 -11.81 62.58 -55.51
C SER D 233 -12.15 62.99 -54.11
N VAL D 234 -13.29 62.53 -53.63
CA VAL D 234 -13.82 63.04 -52.32
C VAL D 234 -14.43 61.98 -51.49
N VAL D 235 -14.57 62.19 -50.18
CA VAL D 235 -15.51 61.56 -49.24
C VAL D 235 -16.40 62.65 -48.89
N THR D 236 -17.67 62.40 -48.81
CA THR D 236 -18.74 63.35 -48.65
C THR D 236 -19.61 63.02 -47.44
N TRP D 237 -20.55 63.87 -47.05
CA TRP D 237 -21.52 63.71 -45.99
C TRP D 237 -22.12 65.07 -45.75
N ASN D 238 -23.32 65.18 -46.18
CA ASN D 238 -24.08 66.47 -46.14
C ASN D 238 -25.48 66.00 -45.79
N LYS D 239 -26.43 66.11 -46.77
CA LYS D 239 -27.75 65.56 -46.72
C LYS D 239 -27.79 64.41 -47.71
N ASP D 240 -26.79 64.25 -48.56
CA ASP D 240 -26.58 63.29 -49.60
C ASP D 240 -25.12 62.77 -49.42
N MET D 241 -24.85 61.46 -49.62
CA MET D 241 -23.45 61.01 -49.23
C MET D 241 -22.96 59.79 -49.97
N VAL D 242 -21.67 59.78 -50.29
CA VAL D 242 -21.02 58.67 -50.95
C VAL D 242 -19.70 58.58 -50.13
N THR D 243 -19.35 57.39 -49.62
CA THR D 243 -18.19 57.12 -48.84
C THR D 243 -17.03 56.79 -49.78
N ARG D 244 -16.17 57.76 -50.24
CA ARG D 244 -15.10 57.60 -51.18
C ARG D 244 -15.64 57.33 -52.55
N ILE D 245 -15.35 58.29 -53.42
CA ILE D 245 -15.74 58.14 -54.83
C ILE D 245 -14.55 58.90 -55.58
N THR D 246 -14.18 58.38 -56.82
CA THR D 246 -12.95 58.63 -57.54
C THR D 246 -13.30 58.80 -59.06
N PRO D 247 -12.58 59.74 -59.72
CA PRO D 247 -12.70 59.95 -61.18
C PRO D 247 -11.85 58.92 -61.87
N GLU D 248 -12.00 58.85 -63.23
CA GLU D 248 -11.35 57.99 -64.18
C GLU D 248 -9.83 58.04 -64.04
N GLU D 249 -9.31 59.25 -63.86
CA GLU D 249 -7.90 59.44 -63.77
C GLU D 249 -7.66 60.10 -62.41
N SER D 250 -6.63 59.70 -61.65
CA SER D 250 -6.34 60.25 -60.32
C SER D 250 -4.88 60.11 -60.01
N VAL D 251 -4.40 61.07 -59.19
CA VAL D 251 -3.04 61.06 -58.59
C VAL D 251 -3.34 61.03 -57.06
N GLU D 252 -2.39 60.57 -56.23
CA GLU D 252 -2.56 60.52 -54.79
C GLU D 252 -1.85 61.79 -54.25
N TRP D 253 -2.60 62.85 -53.89
CA TRP D 253 -2.06 64.14 -53.56
C TRP D 253 -1.54 64.06 -52.16
N TYR E 1 -22.63 -17.61 -62.35
CA TYR E 1 -22.20 -19.03 -61.99
C TYR E 1 -21.09 -19.04 -61.04
N GLU E 2 -19.81 -18.83 -61.40
CA GLU E 2 -18.76 -18.99 -60.53
C GLU E 2 -18.38 -17.69 -59.95
N SER E 3 -18.04 -17.70 -58.64
CA SER E 3 -16.81 -17.19 -58.18
C SER E 3 -17.16 -16.29 -57.04
N THR E 4 -16.67 -16.62 -55.84
CA THR E 4 -16.82 -15.79 -54.57
C THR E 4 -15.44 -15.88 -54.02
N THR E 5 -15.09 -15.03 -53.05
CA THR E 5 -13.84 -15.12 -52.30
C THR E 5 -14.31 -15.00 -50.92
N MET E 6 -14.18 -16.15 -50.15
CA MET E 6 -14.72 -16.28 -48.82
C MET E 6 -13.55 -16.09 -47.79
N PRO E 7 -13.77 -15.63 -46.49
CA PRO E 7 -12.62 -15.58 -45.56
C PRO E 7 -12.49 -16.82 -44.79
N ASN E 8 -11.27 -17.05 -44.34
CA ASN E 8 -10.99 -18.24 -43.61
C ASN E 8 -11.22 -17.90 -42.19
N GLN E 9 -12.23 -18.58 -41.62
CA GLN E 9 -12.56 -18.53 -40.21
C GLN E 9 -13.15 -19.88 -39.98
N VAL E 10 -12.86 -20.62 -38.85
CA VAL E 10 -13.21 -21.95 -38.71
C VAL E 10 -14.62 -22.04 -38.08
N GLY E 11 -15.40 -22.99 -38.56
CA GLY E 11 -16.63 -23.42 -37.98
C GLY E 11 -17.79 -22.48 -38.23
N ILE E 12 -17.62 -21.47 -39.11
CA ILE E 12 -18.53 -20.42 -39.27
C ILE E 12 -18.98 -20.64 -40.72
N PRO E 13 -20.18 -20.77 -41.06
CA PRO E 13 -20.61 -21.07 -42.46
C PRO E 13 -20.81 -19.82 -43.29
N PHE E 14 -20.07 -19.85 -44.42
CA PHE E 14 -20.06 -18.66 -45.22
C PHE E 14 -21.11 -18.94 -46.22
N LYS E 15 -21.86 -17.93 -46.65
CA LYS E 15 -22.88 -18.14 -47.62
C LYS E 15 -22.51 -17.33 -48.82
N ALA E 16 -22.40 -18.13 -49.86
CA ALA E 16 -22.15 -17.67 -51.15
C ALA E 16 -23.33 -17.98 -52.06
N LEU E 17 -23.89 -16.95 -52.76
CA LEU E 17 -24.85 -17.07 -53.81
C LEU E 17 -24.31 -16.15 -54.91
N ILE E 18 -24.24 -16.63 -56.20
CA ILE E 18 -23.49 -15.97 -57.26
C ILE E 18 -24.04 -16.45 -58.57
N GLU E 19 -24.98 -17.47 -58.46
CA GLU E 19 -25.83 -18.03 -59.60
C GLU E 19 -26.62 -17.10 -60.55
N ARG E 20 -27.26 -17.77 -61.53
CA ARG E 20 -27.87 -17.02 -62.60
C ARG E 20 -29.04 -16.21 -62.15
N PRO E 21 -29.51 -15.03 -62.74
CA PRO E 21 -30.69 -14.34 -62.26
C PRO E 21 -31.90 -15.17 -62.01
N GLY E 22 -32.62 -14.98 -60.88
CA GLY E 22 -33.68 -15.78 -60.41
C GLY E 22 -33.03 -16.80 -59.59
N TYR E 23 -33.48 -17.03 -58.30
CA TYR E 23 -32.76 -17.99 -57.47
C TYR E 23 -33.71 -19.11 -57.29
N ALA E 24 -33.22 -20.32 -57.51
CA ALA E 24 -33.99 -21.53 -57.49
C ALA E 24 -32.98 -22.65 -57.36
N GLY E 25 -31.65 -22.37 -57.33
CA GLY E 25 -30.53 -23.31 -57.32
C GLY E 25 -30.16 -23.88 -55.96
N LEU E 26 -28.93 -24.21 -55.75
CA LEU E 26 -28.50 -24.82 -54.56
C LEU E 26 -27.67 -23.70 -53.91
N PRO E 27 -27.89 -23.36 -52.66
CA PRO E 27 -27.18 -22.31 -51.97
C PRO E 27 -25.90 -22.98 -51.47
N LEU E 28 -24.83 -22.25 -51.65
CA LEU E 28 -23.54 -22.84 -51.26
C LEU E 28 -23.23 -22.41 -49.84
N SER E 29 -23.00 -23.42 -48.93
CA SER E 29 -22.50 -23.16 -47.62
C SER E 29 -21.21 -23.85 -47.61
N LEU E 30 -20.14 -23.17 -47.05
CA LEU E 30 -18.83 -23.76 -47.00
C LEU E 30 -18.28 -23.34 -45.64
N VAL E 31 -17.63 -24.28 -45.03
CA VAL E 31 -17.02 -24.25 -43.69
C VAL E 31 -15.59 -24.64 -43.96
N VAL E 32 -14.64 -24.05 -43.20
CA VAL E 32 -13.28 -24.48 -43.05
C VAL E 32 -13.25 -25.30 -41.73
N ILE E 33 -12.81 -26.57 -41.75
CA ILE E 33 -12.85 -27.31 -40.50
C ILE E 33 -11.63 -26.91 -39.84
N LYS E 34 -10.52 -27.12 -40.52
CA LYS E 34 -9.19 -26.81 -40.10
C LYS E 34 -8.45 -26.50 -41.36
N SER E 35 -7.42 -25.62 -41.28
CA SER E 35 -6.40 -25.49 -42.26
C SER E 35 -5.19 -26.38 -41.92
N GLU E 36 -4.37 -26.86 -42.85
CA GLU E 36 -3.36 -27.89 -42.52
C GLU E 36 -2.18 -27.53 -43.21
N LEU E 37 -1.22 -26.96 -42.47
CA LEU E 37 0.07 -26.48 -42.92
C LEU E 37 0.95 -27.70 -43.09
N VAL E 38 1.20 -27.99 -44.43
CA VAL E 38 1.78 -29.30 -44.61
C VAL E 38 3.19 -28.92 -44.97
N PRO E 39 4.23 -29.33 -44.32
CA PRO E 39 5.62 -28.79 -44.50
C PRO E 39 6.29 -29.20 -45.80
N SER E 40 7.22 -28.39 -46.39
CA SER E 40 8.11 -28.74 -47.41
C SER E 40 9.45 -28.19 -46.93
N LEU E 41 10.17 -29.01 -46.13
CA LEU E 41 11.10 -28.62 -45.16
C LEU E 41 12.46 -29.11 -45.51
N VAL E 42 13.55 -28.55 -44.89
CA VAL E 42 14.91 -29.06 -44.94
C VAL E 42 15.33 -29.40 -43.54
N GLN E 43 15.88 -30.65 -43.25
CA GLN E 43 16.44 -31.00 -41.96
C GLN E 43 17.79 -30.51 -41.78
N ASP E 44 17.96 -29.55 -40.85
CA ASP E 44 19.15 -28.85 -40.55
C ASP E 44 20.07 -29.74 -39.83
N TYR E 45 19.64 -30.41 -38.71
CA TYR E 45 20.46 -31.23 -37.84
C TYR E 45 19.56 -32.03 -36.96
N ILE E 46 20.18 -32.99 -36.20
CA ILE E 46 19.65 -33.80 -35.09
C ILE E 46 20.61 -33.41 -34.04
N THR E 47 20.01 -33.25 -32.82
CA THR E 47 20.74 -32.97 -31.57
C THR E 47 20.10 -33.78 -30.48
N CYS E 48 20.92 -34.14 -29.47
CA CYS E 48 20.48 -34.87 -28.31
C CYS E 48 21.55 -34.82 -27.28
N ASN E 49 21.23 -35.31 -26.07
CA ASN E 49 22.15 -35.50 -24.96
C ASN E 49 23.09 -36.63 -25.41
N TYR E 50 24.30 -36.58 -24.80
CA TYR E 50 25.42 -37.29 -25.30
C TYR E 50 26.15 -37.92 -24.16
N LYS E 51 26.80 -39.06 -24.40
CA LYS E 51 27.66 -39.75 -23.36
C LYS E 51 29.14 -39.78 -23.85
N THR E 52 30.04 -39.02 -23.17
CA THR E 52 31.45 -38.95 -23.54
C THR E 52 32.02 -40.12 -22.78
N VAL E 53 32.98 -40.84 -23.39
CA VAL E 53 33.37 -42.08 -22.85
C VAL E 53 34.91 -41.99 -22.85
N VAL E 54 35.52 -42.18 -21.66
CA VAL E 54 36.89 -42.17 -21.38
C VAL E 54 37.19 -43.53 -20.93
N PRO E 55 37.90 -44.40 -21.72
CA PRO E 55 38.51 -45.69 -21.31
C PRO E 55 39.41 -45.49 -20.13
N SER E 56 39.48 -46.46 -19.24
CA SER E 56 40.40 -46.51 -18.10
C SER E 56 41.81 -46.76 -18.58
N PRO E 57 42.93 -46.19 -17.91
CA PRO E 57 44.30 -46.33 -18.39
C PRO E 57 44.81 -47.58 -18.88
N TYR E 58 45.43 -47.47 -20.06
CA TYR E 58 46.19 -48.61 -20.67
C TYR E 58 47.56 -48.12 -20.71
N ILE E 59 48.49 -48.86 -20.09
CA ILE E 59 49.85 -48.51 -19.99
C ILE E 59 50.57 -49.66 -20.69
N LYS E 60 51.78 -49.25 -21.17
CA LYS E 60 52.71 -50.06 -21.78
C LYS E 60 54.03 -49.56 -21.24
N CYS E 61 54.86 -50.53 -20.74
CA CYS E 61 56.02 -50.26 -19.89
C CYS E 61 57.18 -49.70 -20.72
N CYS E 62 57.74 -48.58 -20.21
CA CYS E 62 58.96 -47.99 -20.60
C CYS E 62 58.85 -47.35 -21.99
N GLY E 63 59.68 -46.35 -22.29
CA GLY E 63 59.71 -45.91 -23.61
C GLY E 63 58.59 -45.05 -24.05
N GLY E 64 58.64 -44.59 -25.30
CA GLY E 64 57.57 -43.76 -25.90
C GLY E 64 56.39 -44.54 -26.27
N ALA E 65 55.38 -43.85 -26.84
CA ALA E 65 54.26 -44.41 -27.52
C ALA E 65 53.69 -43.34 -28.40
N GLU E 66 52.79 -43.77 -29.28
CA GLU E 66 52.09 -42.88 -30.21
C GLU E 66 50.66 -43.31 -30.29
N CYS E 67 49.82 -42.33 -30.58
CA CYS E 67 48.40 -42.60 -30.69
C CYS E 67 47.94 -42.15 -32.03
N SER E 68 46.65 -42.49 -32.35
CA SER E 68 46.08 -42.45 -33.69
C SER E 68 44.55 -42.41 -33.41
N LYS E 69 43.80 -42.20 -34.47
CA LYS E 69 42.49 -42.78 -34.82
C LYS E 69 41.40 -41.78 -34.48
N ASN E 70 40.12 -42.06 -34.94
CA ASN E 70 38.91 -41.35 -34.72
C ASN E 70 37.82 -42.36 -34.39
N GLU E 71 36.81 -42.03 -33.47
CA GLU E 71 35.66 -42.94 -33.22
C GLU E 71 34.44 -42.15 -33.56
N ALA E 72 34.46 -40.81 -33.40
CA ALA E 72 33.39 -39.98 -33.80
C ALA E 72 34.00 -38.55 -33.79
N ASP E 73 34.79 -38.34 -32.73
CA ASP E 73 35.60 -37.21 -32.48
C ASP E 73 36.44 -37.76 -31.36
N TYR E 74 37.69 -37.32 -31.28
CA TYR E 74 38.72 -37.92 -30.43
C TYR E 74 39.68 -36.79 -30.04
N LYS E 75 40.28 -36.98 -28.84
CA LYS E 75 41.41 -36.24 -28.37
C LYS E 75 42.24 -37.28 -27.75
N CYS E 76 43.54 -37.09 -27.83
CA CYS E 76 44.49 -38.13 -27.35
C CYS E 76 45.73 -37.45 -26.97
N SER E 77 46.17 -37.80 -25.75
CA SER E 77 47.34 -37.29 -25.18
C SER E 77 47.92 -38.51 -24.60
N VAL E 78 49.23 -38.64 -24.62
CA VAL E 78 50.00 -39.80 -24.18
C VAL E 78 50.78 -39.09 -23.08
N PHE E 79 50.51 -39.42 -21.86
CA PHE E 79 51.36 -39.00 -20.79
C PHE E 79 52.54 -39.90 -20.50
N THR E 80 53.61 -39.26 -19.96
CA THR E 80 54.88 -39.95 -19.90
C THR E 80 55.52 -39.67 -18.57
N GLY E 81 56.24 -40.64 -18.12
CA GLY E 81 56.92 -40.72 -16.85
C GLY E 81 55.98 -40.99 -15.76
N VAL E 82 54.79 -41.43 -16.21
CA VAL E 82 53.71 -41.86 -15.35
C VAL E 82 54.09 -42.84 -14.23
N TYR E 83 53.51 -42.47 -13.12
CA TYR E 83 53.59 -43.09 -11.82
C TYR E 83 54.91 -42.81 -11.32
N PRO E 84 55.17 -43.32 -10.08
CA PRO E 84 56.49 -43.04 -9.51
C PRO E 84 56.97 -44.35 -9.01
N PHE E 85 56.12 -45.42 -9.06
CA PHE E 85 56.38 -46.70 -8.48
C PHE E 85 57.38 -47.51 -9.34
N MET E 86 57.74 -48.67 -8.84
CA MET E 86 58.79 -49.42 -9.41
C MET E 86 58.61 -50.77 -8.72
N TRP E 87 57.35 -51.19 -8.29
CA TRP E 87 57.15 -52.34 -7.41
C TRP E 87 55.84 -53.06 -7.80
N GLY E 88 55.20 -52.73 -8.98
CA GLY E 88 54.02 -53.38 -9.53
C GLY E 88 52.81 -52.56 -9.28
N GLY E 89 53.08 -51.31 -9.01
CA GLY E 89 52.06 -50.25 -8.86
C GLY E 89 52.12 -49.37 -10.10
N ALA E 90 53.28 -49.30 -10.81
CA ALA E 90 53.37 -48.71 -12.09
C ALA E 90 52.85 -49.76 -13.02
N TYR E 91 52.88 -51.04 -12.55
CA TYR E 91 52.68 -52.27 -13.35
C TYR E 91 53.90 -52.42 -14.24
N CYS E 92 55.02 -51.71 -13.95
CA CYS E 92 56.20 -51.58 -14.78
C CYS E 92 57.37 -51.43 -13.77
N PHE E 93 58.55 -51.51 -14.40
CA PHE E 93 59.83 -51.31 -13.74
C PHE E 93 60.35 -49.96 -14.03
N CYS E 94 59.63 -49.14 -14.85
CA CYS E 94 60.06 -47.84 -15.28
C CYS E 94 59.01 -46.88 -14.81
N ASP E 95 59.43 -45.60 -14.72
CA ASP E 95 58.51 -44.55 -14.20
C ASP E 95 59.15 -43.27 -14.62
N THR E 96 60.08 -43.25 -15.55
CA THR E 96 60.84 -42.03 -16.02
C THR E 96 60.62 -41.78 -17.49
N GLU E 97 59.97 -42.76 -18.15
CA GLU E 97 59.78 -42.92 -19.62
C GLU E 97 58.69 -43.84 -19.82
N ASN E 98 58.08 -44.43 -18.76
CA ASN E 98 56.86 -45.24 -18.81
C ASN E 98 55.73 -44.42 -19.45
N SER E 99 54.79 -45.00 -20.20
CA SER E 99 53.86 -44.19 -20.91
C SER E 99 52.46 -44.69 -20.61
N GLN E 100 51.38 -43.80 -20.68
CA GLN E 100 50.03 -44.06 -20.52
C GLN E 100 49.42 -43.54 -21.77
N MET E 101 48.64 -44.37 -22.46
CA MET E 101 47.79 -43.84 -23.50
C MET E 101 46.47 -43.59 -22.82
N SER E 102 46.14 -42.31 -22.78
CA SER E 102 44.82 -41.79 -22.42
C SER E 102 44.12 -41.29 -23.69
N GLU E 103 42.80 -41.40 -23.73
CA GLU E 103 42.09 -41.19 -24.90
C GLU E 103 40.68 -40.83 -24.39
N VAL E 104 39.87 -40.06 -25.20
CA VAL E 104 38.50 -39.77 -24.96
C VAL E 104 37.89 -39.54 -26.24
N TYR E 105 36.56 -39.88 -26.30
CA TYR E 105 35.83 -39.77 -27.54
C TYR E 105 34.39 -39.67 -27.15
N VAL E 106 33.59 -39.31 -28.23
CA VAL E 106 32.22 -38.94 -27.99
C VAL E 106 31.42 -40.06 -28.52
N THR E 107 30.38 -40.48 -27.80
CA THR E 107 29.40 -41.44 -28.21
C THR E 107 28.17 -40.77 -27.91
N ARG E 108 27.11 -41.30 -28.54
CA ARG E 108 25.78 -40.84 -28.38
C ARG E 108 24.90 -41.64 -27.47
N GLY E 109 24.11 -40.92 -26.68
CA GLY E 109 23.26 -41.61 -25.74
C GLY E 109 22.12 -42.38 -26.45
N GLU E 110 21.06 -42.47 -25.64
CA GLU E 110 19.85 -43.09 -25.93
C GLU E 110 18.70 -42.11 -25.97
N SER E 111 18.98 -40.81 -26.02
CA SER E 111 17.93 -39.74 -26.10
C SER E 111 17.71 -39.36 -27.57
N CYS E 112 18.62 -39.97 -28.44
CA CYS E 112 18.97 -39.57 -29.75
C CYS E 112 18.09 -40.27 -30.66
N GLU E 113 17.28 -41.21 -30.09
CA GLU E 113 16.36 -42.09 -30.83
C GLU E 113 15.02 -41.37 -30.80
N ALA E 114 14.95 -40.34 -29.91
CA ALA E 114 13.89 -39.50 -29.58
C ALA E 114 14.32 -38.07 -29.94
N ASP E 115 14.01 -37.03 -29.10
CA ASP E 115 14.25 -35.65 -29.35
C ASP E 115 15.71 -35.32 -29.59
N ALA E 116 16.04 -34.51 -30.66
CA ALA E 116 15.25 -33.44 -31.20
C ALA E 116 15.72 -33.22 -32.57
N ILE E 117 14.91 -32.74 -33.48
CA ILE E 117 15.24 -32.49 -34.89
C ILE E 117 14.98 -30.98 -35.20
N ALA E 118 16.01 -30.33 -35.87
CA ALA E 118 15.99 -28.94 -36.25
C ALA E 118 15.58 -28.90 -37.63
N TYR E 119 14.51 -28.08 -37.95
CA TYR E 119 14.02 -27.87 -39.24
C TYR E 119 14.00 -26.41 -39.55
N GLN E 120 14.30 -26.07 -40.89
CA GLN E 120 13.94 -24.94 -41.59
C GLN E 120 12.78 -25.38 -42.25
N VAL E 121 11.67 -24.59 -42.05
CA VAL E 121 10.38 -25.01 -42.62
C VAL E 121 10.04 -23.85 -43.51
N THR E 122 9.54 -24.14 -44.71
CA THR E 122 8.51 -23.27 -45.28
C THR E 122 7.37 -24.18 -45.70
N ALA E 123 6.19 -23.98 -45.07
CA ALA E 123 5.03 -24.78 -45.29
C ALA E 123 4.38 -24.30 -46.53
N SER E 124 3.77 -25.34 -47.15
CA SER E 124 2.93 -25.26 -48.24
C SER E 124 1.52 -25.45 -47.67
N LEU E 125 0.46 -24.90 -48.28
CA LEU E 125 -0.89 -24.84 -47.68
C LEU E 125 -1.93 -25.82 -48.29
N LYS E 126 -2.60 -26.58 -47.34
CA LYS E 126 -3.69 -27.54 -47.63
C LYS E 126 -4.82 -26.99 -46.76
N ALA E 127 -6.07 -27.10 -47.24
CA ALA E 127 -7.27 -26.66 -46.59
C ALA E 127 -8.01 -27.97 -46.26
N GLN E 128 -9.07 -27.98 -45.39
CA GLN E 128 -9.88 -29.14 -45.14
C GLN E 128 -11.24 -28.55 -45.04
N VAL E 129 -11.72 -28.21 -46.33
CA VAL E 129 -13.01 -27.53 -46.53
C VAL E 129 -14.08 -28.52 -46.56
N MET E 130 -15.30 -28.09 -46.06
CA MET E 130 -16.55 -28.76 -45.87
C MET E 130 -17.49 -28.08 -46.80
N ILE E 131 -18.08 -28.92 -47.66
CA ILE E 131 -19.01 -28.60 -48.73
C ILE E 131 -20.36 -29.05 -48.25
N SER E 132 -21.36 -28.13 -48.29
CA SER E 132 -22.75 -28.36 -47.95
C SER E 132 -23.51 -27.77 -49.03
N ILE E 133 -24.25 -28.65 -49.77
CA ILE E 133 -24.97 -28.32 -50.92
C ILE E 133 -26.37 -28.44 -50.43
N GLY E 134 -26.59 -28.49 -49.06
CA GLY E 134 -27.91 -28.64 -48.45
C GLY E 134 -28.55 -29.99 -48.68
N GLU E 135 -27.80 -31.03 -49.13
CA GLU E 135 -28.39 -32.32 -49.35
C GLU E 135 -27.42 -33.37 -48.82
N LEU E 136 -26.08 -33.08 -48.73
CA LEU E 136 -25.13 -33.90 -48.09
C LEU E 136 -24.11 -33.04 -47.47
N ASN E 137 -23.37 -33.60 -46.45
CA ASN E 137 -22.41 -32.86 -45.68
C ASN E 137 -21.13 -33.70 -45.67
N GLN E 138 -20.05 -33.18 -46.29
CA GLN E 138 -18.84 -33.94 -46.43
C GLN E 138 -17.67 -32.99 -46.51
N THR E 139 -16.47 -33.46 -46.01
CA THR E 139 -15.25 -32.66 -45.94
C THR E 139 -14.16 -33.37 -46.67
N VAL E 140 -13.07 -32.67 -47.12
CA VAL E 140 -12.24 -33.19 -48.17
C VAL E 140 -10.86 -32.52 -47.97
N ASP E 141 -9.74 -33.24 -48.01
CA ASP E 141 -8.43 -32.56 -48.05
C ASP E 141 -8.10 -32.24 -49.45
N VAL E 142 -7.60 -31.02 -49.70
CA VAL E 142 -7.30 -30.61 -51.00
C VAL E 142 -6.26 -29.60 -50.83
N PHE E 143 -5.30 -29.50 -51.73
CA PHE E 143 -4.27 -28.46 -51.69
C PHE E 143 -4.92 -27.28 -52.34
N VAL E 144 -4.73 -26.06 -51.77
CA VAL E 144 -5.35 -24.81 -52.12
C VAL E 144 -4.50 -23.80 -52.82
N ASN E 145 -3.25 -24.22 -53.02
CA ASN E 145 -2.25 -23.57 -53.89
C ASN E 145 -2.38 -24.25 -55.26
N GLY E 146 -2.10 -23.47 -56.38
CA GLY E 146 -2.34 -24.00 -57.69
C GLY E 146 -3.74 -23.86 -58.08
N ASP E 147 -4.11 -24.29 -59.31
CA ASP E 147 -5.43 -24.31 -59.83
C ASP E 147 -5.67 -25.79 -59.81
N SER E 148 -6.62 -26.24 -59.03
CA SER E 148 -6.71 -27.58 -58.43
C SER E 148 -8.11 -28.10 -58.54
N PRO E 149 -8.55 -28.75 -59.65
CA PRO E 149 -9.95 -29.12 -59.86
C PRO E 149 -10.25 -30.35 -59.11
N ALA E 150 -11.49 -30.49 -58.52
CA ALA E 150 -12.07 -31.72 -58.08
C ALA E 150 -13.53 -31.55 -58.28
N ARG E 151 -14.21 -32.68 -58.62
CA ARG E 151 -15.64 -32.66 -58.61
C ARG E 151 -16.18 -33.65 -57.59
N ILE E 152 -17.07 -33.22 -56.67
CA ILE E 152 -17.69 -33.91 -55.53
C ILE E 152 -19.18 -33.78 -55.62
N GLN E 153 -19.91 -34.91 -55.67
CA GLN E 153 -21.33 -35.05 -55.89
C GLN E 153 -21.67 -34.65 -57.33
N GLN E 154 -20.66 -34.46 -58.23
CA GLN E 154 -20.78 -34.02 -59.57
C GLN E 154 -21.16 -32.54 -59.64
N SER E 155 -20.53 -31.75 -58.70
CA SER E 155 -20.51 -30.33 -58.72
C SER E 155 -19.02 -30.15 -58.71
N LYS E 156 -18.59 -29.27 -59.67
CA LYS E 156 -17.24 -28.81 -59.87
C LYS E 156 -16.84 -27.86 -58.86
N PHE E 157 -15.62 -27.95 -58.31
CA PHE E 157 -15.08 -26.99 -57.41
C PHE E 157 -13.74 -26.85 -58.10
N ILE E 158 -13.17 -25.63 -58.07
CA ILE E 158 -11.83 -25.29 -58.53
C ILE E 158 -11.37 -24.45 -57.36
N LEU E 159 -10.26 -24.86 -56.64
CA LEU E 159 -9.76 -24.17 -55.46
C LEU E 159 -8.69 -23.25 -56.00
N GLY E 160 -8.86 -21.93 -55.76
CA GLY E 160 -7.95 -20.91 -56.32
C GLY E 160 -6.84 -20.77 -55.31
N PRO E 161 -5.63 -20.25 -55.56
CA PRO E 161 -4.55 -20.04 -54.64
C PRO E 161 -4.88 -19.29 -53.37
N ILE E 162 -4.19 -19.64 -52.24
CA ILE E 162 -4.36 -19.01 -50.93
C ILE E 162 -3.09 -18.27 -50.60
N SER E 163 -3.34 -16.92 -50.29
CA SER E 163 -2.23 -15.94 -50.08
C SER E 163 -2.73 -15.09 -48.91
N SER E 164 -1.72 -14.40 -48.37
CA SER E 164 -1.78 -13.53 -47.22
C SER E 164 -1.93 -14.39 -46.02
N ALA E 165 -1.13 -15.47 -45.95
CA ALA E 165 -1.28 -16.54 -44.99
C ALA E 165 -0.12 -16.67 -44.05
N TRP E 166 -0.49 -16.51 -42.73
CA TRP E 166 0.45 -16.56 -41.57
C TRP E 166 1.24 -17.79 -41.62
N SER E 167 2.46 -17.69 -41.14
CA SER E 167 3.44 -18.72 -41.01
C SER E 167 3.91 -18.61 -39.58
N PRO E 168 3.79 -19.56 -38.63
CA PRO E 168 4.38 -19.49 -37.35
C PRO E 168 5.83 -19.94 -37.52
N PHE E 169 6.15 -20.96 -38.36
CA PHE E 169 7.45 -21.53 -38.36
C PHE E 169 8.48 -20.66 -39.07
N ASP E 170 9.78 -20.68 -38.69
CA ASP E 170 10.84 -19.93 -39.38
C ASP E 170 11.98 -20.88 -39.07
N LYS E 171 13.04 -20.41 -38.39
CA LYS E 171 13.86 -21.22 -37.52
C LYS E 171 13.12 -21.82 -36.33
N VAL E 172 12.98 -23.14 -36.34
CA VAL E 172 12.23 -23.80 -35.25
C VAL E 172 13.00 -25.04 -34.93
N ILE E 173 12.92 -25.51 -33.58
CA ILE E 173 13.46 -26.76 -33.21
C ILE E 173 12.33 -27.50 -32.61
N VAL E 174 12.13 -28.79 -33.04
CA VAL E 174 11.06 -29.62 -32.51
C VAL E 174 11.66 -30.66 -31.69
N TYR E 175 11.38 -30.48 -30.34
CA TYR E 175 11.49 -31.39 -29.32
C TYR E 175 10.21 -32.23 -29.28
N ARG E 176 10.32 -33.35 -28.51
CA ARG E 176 9.20 -34.24 -28.24
C ARG E 176 8.43 -33.74 -27.05
N ASP E 177 9.03 -32.85 -26.21
CA ASP E 177 8.40 -32.30 -25.06
C ASP E 177 7.35 -31.27 -25.55
N GLU E 178 7.69 -30.36 -26.45
CA GLU E 178 6.89 -29.20 -26.85
C GLU E 178 7.82 -28.52 -27.76
N VAL E 179 7.30 -28.05 -28.94
CA VAL E 179 7.94 -27.27 -29.92
C VAL E 179 8.35 -25.98 -29.37
N TYR E 180 9.52 -25.40 -29.82
CA TYR E 180 10.03 -24.21 -29.23
C TYR E 180 10.46 -23.43 -30.48
N ASN E 181 10.38 -22.07 -30.45
CA ASN E 181 10.88 -21.29 -31.55
C ASN E 181 12.21 -20.88 -31.02
N GLU E 182 13.31 -21.38 -31.67
CA GLU E 182 14.63 -21.07 -31.26
C GLU E 182 15.50 -20.95 -32.51
N ASP E 183 16.42 -19.97 -32.36
CA ASP E 183 17.46 -19.74 -33.39
C ASP E 183 18.65 -20.49 -32.99
N TYR E 184 19.48 -20.86 -33.99
CA TYR E 184 20.77 -21.56 -33.76
C TYR E 184 21.64 -21.31 -34.92
N ALA E 185 22.86 -21.93 -34.96
CA ALA E 185 23.76 -21.88 -36.14
C ALA E 185 24.22 -23.35 -36.31
N PRO E 186 23.90 -24.18 -37.34
CA PRO E 186 24.23 -25.60 -37.26
C PRO E 186 25.74 -25.94 -37.42
N TYR E 187 26.13 -27.10 -36.85
CA TYR E 187 27.43 -27.68 -36.95
C TYR E 187 28.53 -26.73 -36.42
N GLY E 188 28.32 -26.10 -35.27
CA GLY E 188 29.19 -25.13 -34.69
C GLY E 188 28.82 -24.85 -33.32
N SER E 189 28.37 -25.86 -32.57
CA SER E 189 28.15 -25.85 -31.20
C SER E 189 28.97 -27.00 -30.66
N GLY E 190 29.42 -26.89 -29.40
CA GLY E 190 30.41 -27.74 -28.80
C GLY E 190 30.46 -27.29 -27.36
N GLN E 191 31.52 -27.79 -26.67
CA GLN E 191 31.84 -27.53 -25.25
C GLN E 191 30.60 -27.81 -24.34
N ALA E 192 30.12 -26.94 -23.40
CA ALA E 192 29.07 -27.30 -22.45
C ALA E 192 28.44 -26.03 -21.98
N GLY E 193 28.67 -24.89 -22.65
CA GLY E 193 28.09 -23.63 -22.33
C GLY E 193 26.84 -23.31 -23.06
N ARG E 194 26.31 -24.32 -23.76
CA ARG E 194 25.24 -24.11 -24.68
C ARG E 194 24.45 -25.42 -24.65
N PHE E 195 23.19 -25.29 -25.26
CA PHE E 195 22.24 -26.39 -25.31
C PHE E 195 22.30 -26.89 -26.75
N GLY E 196 22.54 -28.16 -27.03
CA GLY E 196 22.69 -28.70 -28.32
C GLY E 196 24.26 -28.60 -28.60
N ASP E 197 25.00 -29.21 -27.61
CA ASP E 197 26.50 -29.23 -27.68
C ASP E 197 26.87 -30.14 -28.76
N ILE E 198 26.20 -31.32 -28.96
CA ILE E 198 26.62 -32.18 -30.04
C ILE E 198 25.81 -31.75 -31.20
N GLN E 199 26.49 -31.80 -32.42
CA GLN E 199 25.89 -31.47 -33.70
C GLN E 199 26.13 -32.65 -34.56
N SER E 200 25.04 -33.23 -35.12
CA SER E 200 25.07 -34.46 -35.80
C SER E 200 24.32 -34.23 -37.12
N ARG E 201 24.84 -34.78 -38.22
CA ARG E 201 24.46 -34.69 -39.61
C ARG E 201 23.23 -35.43 -39.99
N THR E 202 22.90 -36.49 -39.24
CA THR E 202 21.80 -37.36 -39.56
C THR E 202 21.40 -37.92 -38.22
N VAL E 203 20.30 -38.65 -38.27
CA VAL E 203 19.75 -39.29 -37.18
C VAL E 203 20.64 -40.38 -36.67
N ASN E 204 21.42 -41.15 -37.52
CA ASN E 204 22.24 -42.32 -37.16
C ASN E 204 23.55 -42.01 -37.78
N SER E 205 24.27 -40.99 -37.18
CA SER E 205 25.44 -40.47 -37.72
C SER E 205 26.62 -41.16 -37.17
N THR E 206 27.78 -40.96 -37.77
CA THR E 206 29.08 -41.40 -37.38
C THR E 206 30.06 -40.26 -37.32
N ASP E 207 29.58 -39.01 -37.44
CA ASP E 207 30.49 -37.85 -37.37
C ASP E 207 29.81 -36.76 -36.59
N VAL E 208 30.58 -36.14 -35.68
CA VAL E 208 29.90 -35.23 -34.74
C VAL E 208 30.80 -34.12 -34.54
N TYR E 209 30.25 -32.91 -34.51
CA TYR E 209 30.98 -31.71 -34.21
C TYR E 209 30.60 -31.40 -32.85
N ALA E 210 31.62 -31.45 -32.01
CA ALA E 210 31.58 -31.11 -30.65
C ALA E 210 33.06 -30.73 -30.37
N ASN E 211 33.17 -29.85 -29.35
CA ASN E 211 34.45 -29.27 -28.96
C ASN E 211 34.64 -29.68 -27.54
N THR E 212 33.82 -30.60 -26.97
CA THR E 212 33.83 -31.00 -25.57
C THR E 212 35.23 -31.35 -25.09
N ASN E 213 35.56 -30.88 -23.86
CA ASN E 213 36.89 -30.91 -23.33
C ASN E 213 36.82 -31.51 -22.02
N LEU E 214 37.65 -32.58 -21.81
CA LEU E 214 37.73 -33.27 -20.58
C LEU E 214 39.23 -33.53 -20.53
N LYS E 215 39.82 -33.38 -19.35
CA LYS E 215 41.29 -33.25 -19.19
C LYS E 215 41.70 -34.41 -18.27
N LEU E 216 42.47 -35.36 -18.91
CA LEU E 216 43.21 -36.43 -18.14
C LEU E 216 44.62 -35.80 -17.89
N LYS E 217 45.29 -36.43 -16.92
CA LYS E 217 46.66 -36.14 -16.38
C LYS E 217 47.17 -37.51 -15.98
N ARG E 218 48.54 -37.49 -15.83
CA ARG E 218 49.32 -38.64 -15.47
C ARG E 218 49.03 -39.04 -14.00
N PRO E 219 48.92 -40.31 -13.67
CA PRO E 219 48.91 -40.78 -12.25
C PRO E 219 50.34 -40.43 -11.67
N ALA E 220 50.38 -40.00 -10.37
CA ALA E 220 51.53 -39.56 -9.66
C ALA E 220 51.25 -39.83 -8.21
N SER E 221 50.14 -40.58 -7.87
CA SER E 221 49.59 -40.95 -6.56
C SER E 221 49.42 -42.40 -6.49
N GLY E 222 49.22 -42.85 -5.26
CA GLY E 222 48.97 -44.26 -4.86
C GLY E 222 47.55 -44.82 -5.21
N ASN E 223 46.68 -43.96 -5.71
CA ASN E 223 45.30 -44.21 -6.15
C ASN E 223 45.40 -44.78 -7.48
N VAL E 224 44.32 -45.11 -8.13
CA VAL E 224 44.38 -45.36 -9.55
C VAL E 224 43.15 -44.46 -10.21
N VAL E 226 43.20 -42.20 -11.82
CA VAL E 226 44.03 -41.31 -12.69
C VAL E 226 43.56 -39.96 -12.17
N PRO E 227 44.35 -38.85 -12.24
CA PRO E 227 43.86 -37.57 -11.76
C PRO E 227 42.95 -37.11 -12.86
N TYR E 228 41.75 -36.50 -12.56
CA TYR E 228 40.90 -36.07 -13.67
C TYR E 228 40.23 -34.80 -13.21
N THR E 229 40.15 -33.89 -14.17
CA THR E 229 39.35 -32.75 -14.04
C THR E 229 38.48 -32.87 -15.27
N GLN E 230 37.18 -32.75 -15.01
CA GLN E 230 36.14 -33.14 -15.87
C GLN E 230 35.11 -32.09 -15.89
N THR E 231 34.97 -31.52 -17.09
CA THR E 231 33.83 -30.64 -17.27
C THR E 231 32.81 -31.61 -17.81
N PRO E 232 31.65 -31.83 -17.24
CA PRO E 232 30.63 -32.71 -17.85
C PRO E 232 29.62 -31.94 -18.74
N SER E 233 28.62 -32.66 -19.33
CA SER E 233 27.74 -32.32 -20.47
C SER E 233 26.69 -31.35 -20.05
N GLY E 234 26.66 -30.13 -20.78
CA GLY E 234 25.92 -28.87 -20.69
C GLY E 234 24.51 -29.13 -21.02
N PHE E 235 24.24 -30.19 -21.80
CA PHE E 235 22.89 -30.53 -22.37
C PHE E 235 21.91 -30.87 -21.34
N SER E 236 22.36 -31.68 -20.33
CA SER E 236 21.50 -32.10 -19.24
C SER E 236 21.06 -30.94 -18.36
N TYR E 237 21.97 -29.95 -18.20
CA TYR E 237 21.69 -28.71 -17.48
C TYR E 237 20.72 -27.80 -18.11
N TRP E 238 20.90 -27.57 -19.46
CA TRP E 238 20.16 -26.70 -20.30
C TRP E 238 18.76 -27.17 -20.68
N LYS E 239 18.56 -28.44 -20.36
CA LYS E 239 17.41 -29.18 -20.62
C LYS E 239 16.20 -28.55 -19.85
N LYS E 240 16.45 -28.15 -18.60
CA LYS E 240 15.42 -27.45 -17.79
C LYS E 240 15.05 -26.10 -18.35
N GLU E 241 16.12 -25.34 -18.73
CA GLU E 241 15.97 -23.92 -19.08
C GLU E 241 15.13 -23.80 -20.35
N LYS E 242 15.26 -24.66 -21.40
CA LYS E 242 14.41 -24.61 -22.64
C LYS E 242 14.44 -23.21 -23.29
N GLY E 243 13.77 -23.12 -24.47
CA GLY E 243 13.48 -21.97 -25.13
C GLY E 243 12.12 -21.41 -24.62
N VAL E 244 11.40 -20.82 -25.59
CA VAL E 244 10.16 -20.25 -25.43
C VAL E 244 9.22 -20.88 -26.46
N PRO E 245 7.94 -21.29 -26.19
CA PRO E 245 7.10 -22.17 -27.07
C PRO E 245 6.73 -21.64 -28.45
N LEU E 246 6.67 -22.54 -29.47
CA LEU E 246 6.19 -22.20 -30.78
C LEU E 246 4.68 -22.14 -30.80
N ASN E 247 4.12 -22.90 -29.83
CA ASN E 247 2.68 -23.10 -29.64
C ASN E 247 1.92 -21.77 -29.32
N ARG E 248 2.57 -20.89 -28.49
CA ARG E 248 1.91 -19.67 -28.12
C ARG E 248 2.09 -18.62 -29.19
N ASN E 249 3.03 -18.86 -30.08
CA ASN E 249 3.33 -18.02 -31.21
C ASN E 249 2.30 -18.14 -32.29
N ALA E 250 1.55 -17.06 -32.53
CA ALA E 250 0.47 -17.00 -33.50
C ALA E 250 -0.30 -15.84 -32.95
N PRO E 251 -0.74 -14.96 -33.80
CA PRO E 251 -1.65 -13.89 -33.41
C PRO E 251 -3.09 -14.50 -33.29
N PHE E 252 -3.48 -15.36 -34.22
CA PHE E 252 -4.83 -15.95 -34.23
C PHE E 252 -4.54 -17.40 -34.60
N GLY E 253 -5.08 -18.27 -33.77
CA GLY E 253 -5.09 -19.74 -33.94
C GLY E 253 -3.70 -20.42 -33.86
N CYS E 254 -3.66 -21.66 -34.44
CA CYS E 254 -2.48 -22.45 -34.59
C CYS E 254 -2.24 -23.27 -33.36
N ILE E 255 -2.52 -24.54 -33.40
CA ILE E 255 -2.13 -25.49 -32.41
C ILE E 255 -1.21 -26.35 -33.16
N ILE E 256 0.04 -26.46 -32.72
CA ILE E 256 1.18 -26.97 -33.39
C ILE E 256 1.22 -28.40 -32.84
N LYS E 257 1.28 -29.40 -33.74
CA LYS E 257 1.23 -30.74 -33.37
C LYS E 257 2.64 -31.25 -33.73
N VAL E 258 3.23 -32.09 -32.84
CA VAL E 258 4.68 -32.41 -32.88
C VAL E 258 5.01 -33.41 -33.95
N ASN E 259 4.25 -34.55 -33.91
CA ASN E 259 4.55 -35.85 -34.53
C ASN E 259 4.56 -35.88 -36.04
N PRO E 260 3.60 -35.29 -36.75
CA PRO E 260 3.66 -35.11 -38.19
C PRO E 260 4.31 -33.82 -38.59
N VAL E 261 4.31 -32.82 -37.68
CA VAL E 261 4.83 -31.49 -37.83
C VAL E 261 3.85 -30.69 -38.63
N ARG E 262 2.95 -29.99 -37.97
CA ARG E 262 1.91 -29.15 -38.61
C ARG E 262 1.43 -28.13 -37.71
N ALA E 263 0.57 -27.22 -38.24
CA ALA E 263 -0.14 -26.34 -37.41
C ALA E 263 -1.54 -26.41 -37.89
N GLU E 264 -2.52 -26.86 -37.02
CA GLU E 264 -3.93 -26.99 -37.32
C GLU E 264 -4.59 -25.71 -37.04
N ASN E 265 -5.69 -25.39 -37.81
CA ASN E 265 -6.55 -24.22 -37.46
C ASN E 265 -5.88 -22.83 -37.42
N CYS E 266 -5.19 -22.29 -38.44
CA CYS E 266 -4.64 -21.00 -38.46
C CYS E 266 -5.61 -20.26 -39.40
N VAL E 267 -6.39 -19.28 -38.77
CA VAL E 267 -7.48 -18.58 -39.52
C VAL E 267 -6.94 -17.36 -40.30
N TYR E 268 -6.27 -17.65 -41.46
CA TYR E 268 -5.63 -16.58 -42.10
C TYR E 268 -5.50 -17.07 -43.52
N GLY E 269 -5.48 -16.10 -44.46
CA GLY E 269 -5.47 -16.44 -45.89
C GLY E 269 -6.85 -16.52 -46.35
N ASN E 270 -7.06 -16.10 -47.61
CA ASN E 270 -8.42 -16.10 -48.16
C ASN E 270 -8.44 -17.03 -49.36
N ILE E 271 -9.58 -17.79 -49.60
CA ILE E 271 -9.57 -18.80 -50.65
C ILE E 271 -10.53 -18.28 -51.67
N PRO E 272 -10.05 -17.84 -52.86
CA PRO E 272 -11.00 -17.60 -53.89
C PRO E 272 -11.41 -19.05 -54.45
N ILE E 273 -12.71 -19.18 -54.79
CA ILE E 273 -13.33 -20.42 -55.10
C ILE E 273 -14.08 -20.20 -56.34
N SER E 274 -14.25 -21.21 -57.20
CA SER E 274 -15.03 -21.10 -58.38
C SER E 274 -15.80 -22.37 -58.61
N MET E 275 -17.02 -22.18 -59.10
CA MET E 275 -17.89 -23.34 -59.29
C MET E 275 -18.87 -23.16 -60.38
N ASP E 276 -19.14 -24.30 -61.03
CA ASP E 276 -20.13 -24.70 -61.98
C ASP E 276 -20.74 -25.78 -61.18
N ILE E 277 -22.02 -25.54 -60.77
CA ILE E 277 -22.66 -26.44 -59.77
C ILE E 277 -23.57 -27.33 -60.60
N ALA E 278 -23.44 -27.30 -61.97
CA ALA E 278 -24.28 -27.92 -62.90
C ALA E 278 -25.63 -27.25 -62.99
N ASP E 279 -25.57 -25.89 -63.05
CA ASP E 279 -26.69 -25.04 -63.17
C ASP E 279 -27.52 -25.40 -64.38
N ALA E 280 -28.88 -25.44 -64.43
CA ALA E 280 -29.76 -25.90 -65.44
C ALA E 280 -29.44 -27.33 -65.59
N PHE E 281 -29.82 -28.20 -64.56
CA PHE E 281 -31.09 -28.22 -63.91
C PHE E 281 -32.26 -27.97 -64.78
N THR E 282 -33.38 -27.34 -64.22
CA THR E 282 -34.55 -27.14 -64.87
C THR E 282 -35.09 -25.86 -64.20
N ARG E 283 -34.15 -24.92 -63.95
CA ARG E 283 -34.34 -23.60 -63.44
C ARG E 283 -34.92 -22.72 -64.51
N ILE E 284 -35.95 -21.85 -64.31
CA ILE E 284 -36.49 -21.48 -63.07
C ILE E 284 -37.80 -22.28 -63.14
N ASP E 285 -38.25 -22.76 -61.91
CA ASP E 285 -39.47 -23.53 -61.83
C ASP E 285 -39.96 -23.56 -60.38
N GLU E 286 -39.13 -22.97 -59.51
CA GLU E 286 -39.54 -22.75 -58.14
C GLU E 286 -39.01 -21.41 -57.86
N SER E 287 -39.77 -20.49 -57.13
CA SER E 287 -39.08 -19.29 -56.62
C SER E 287 -39.98 -18.63 -55.64
N PRO E 288 -39.98 -18.88 -54.41
CA PRO E 288 -40.67 -18.12 -53.40
C PRO E 288 -40.42 -16.66 -53.45
N SER E 289 -41.49 -15.95 -53.02
CA SER E 289 -41.43 -14.53 -52.86
C SER E 289 -42.09 -14.35 -51.57
N VAL E 290 -41.84 -13.26 -50.87
CA VAL E 290 -42.07 -13.04 -49.49
C VAL E 290 -42.30 -11.53 -49.38
N SER E 291 -43.21 -11.18 -48.40
CA SER E 291 -43.87 -9.89 -48.23
C SER E 291 -43.82 -9.58 -46.74
N LEU E 292 -44.05 -8.27 -46.30
CA LEU E 292 -44.12 -7.87 -44.93
C LEU E 292 -42.92 -8.16 -44.10
N LYS E 293 -41.75 -7.79 -44.56
CA LYS E 293 -40.48 -8.24 -43.99
C LYS E 293 -40.09 -7.46 -42.75
N ALA E 294 -39.86 -8.08 -41.58
CA ALA E 294 -39.64 -7.41 -40.31
C ALA E 294 -38.51 -8.08 -39.54
N CYS E 295 -37.95 -7.37 -38.51
CA CYS E 295 -36.87 -7.77 -37.60
C CYS E 295 -37.37 -7.37 -36.24
N GLU E 296 -37.28 -8.31 -35.30
CA GLU E 296 -37.44 -8.28 -33.85
C GLU E 296 -36.07 -8.52 -33.25
N VAL E 297 -35.74 -7.88 -32.11
CA VAL E 297 -34.46 -8.15 -31.47
C VAL E 297 -34.65 -8.60 -30.12
N GLN E 298 -34.16 -9.83 -29.87
CA GLN E 298 -34.17 -10.42 -28.58
C GLN E 298 -32.80 -10.97 -28.42
N SER E 299 -32.51 -11.33 -27.17
CA SER E 299 -31.23 -11.78 -26.73
C SER E 299 -30.12 -10.92 -27.06
N CYS E 300 -30.26 -9.67 -26.63
CA CYS E 300 -29.25 -8.66 -26.73
C CYS E 300 -28.64 -8.63 -25.35
N THR E 301 -27.35 -9.11 -25.15
CA THR E 301 -26.75 -8.97 -23.90
C THR E 301 -25.37 -8.52 -24.38
N TYR E 302 -24.65 -7.89 -23.47
CA TYR E 302 -23.43 -7.25 -23.83
C TYR E 302 -22.39 -8.16 -23.28
N SER E 303 -22.38 -9.46 -23.83
CA SER E 303 -21.36 -10.42 -23.45
C SER E 303 -20.88 -10.71 -24.84
N SER E 304 -19.51 -11.03 -24.92
CA SER E 304 -19.00 -11.38 -26.22
C SER E 304 -18.99 -12.89 -26.25
N ASP E 305 -19.89 -13.33 -27.15
CA ASP E 305 -20.09 -14.74 -27.56
C ASP E 305 -20.16 -14.70 -29.06
N PHE E 306 -20.21 -15.87 -29.72
CA PHE E 306 -20.40 -16.00 -31.20
C PHE E 306 -21.76 -16.24 -31.65
N GLY E 307 -22.72 -16.48 -30.67
CA GLY E 307 -24.08 -16.96 -30.92
C GLY E 307 -24.88 -15.84 -31.58
N GLY E 308 -26.20 -16.00 -31.70
CA GLY E 308 -27.02 -14.98 -32.25
C GLY E 308 -28.43 -15.47 -32.17
N VAL E 309 -29.37 -14.75 -31.45
CA VAL E 309 -30.66 -15.35 -31.36
C VAL E 309 -31.80 -14.31 -31.58
N ALA E 310 -32.29 -14.34 -32.86
CA ALA E 310 -33.22 -13.29 -33.29
C ALA E 310 -34.30 -14.02 -34.12
N SER E 311 -35.42 -13.35 -34.47
CA SER E 311 -36.49 -13.70 -35.28
C SER E 311 -36.89 -12.62 -36.29
N ILE E 312 -37.39 -13.12 -37.43
CA ILE E 312 -37.97 -12.33 -38.51
C ILE E 312 -39.40 -12.69 -38.88
N SER E 313 -40.30 -11.68 -39.06
CA SER E 313 -41.69 -11.95 -39.30
C SER E 313 -41.98 -11.61 -40.71
N TYR E 314 -42.64 -12.59 -41.31
CA TYR E 314 -43.02 -12.42 -42.69
C TYR E 314 -44.14 -13.41 -42.95
N THR E 315 -44.62 -13.35 -44.18
CA THR E 315 -45.71 -14.15 -44.61
C THR E 315 -45.23 -14.58 -45.97
N SER E 316 -45.63 -15.83 -46.30
CA SER E 316 -45.26 -16.44 -47.65
C SER E 316 -46.53 -17.04 -48.08
N ASN E 317 -46.71 -17.18 -49.38
CA ASN E 317 -47.83 -17.91 -49.91
C ASN E 317 -47.36 -18.68 -51.12
N LYS E 318 -46.01 -18.55 -51.44
CA LYS E 318 -45.45 -19.22 -52.67
C LYS E 318 -44.81 -20.48 -52.15
N VAL E 319 -45.19 -21.72 -52.69
CA VAL E 319 -44.68 -22.93 -52.11
C VAL E 319 -43.41 -23.27 -52.80
N GLY E 320 -42.25 -23.20 -52.11
CA GLY E 320 -41.00 -23.62 -52.75
C GLY E 320 -39.83 -23.62 -51.82
N LYS E 321 -38.60 -23.85 -52.35
CA LYS E 321 -37.27 -23.61 -51.79
C LYS E 321 -36.66 -22.66 -52.75
N CYS E 322 -36.16 -21.47 -52.22
CA CYS E 322 -35.32 -20.62 -52.99
C CYS E 322 -33.92 -20.82 -52.52
N ALA E 323 -32.84 -20.36 -53.27
CA ALA E 323 -31.56 -20.41 -52.74
C ALA E 323 -31.37 -19.18 -51.85
N ILE E 324 -31.09 -19.46 -50.59
CA ILE E 324 -31.07 -18.47 -49.60
C ILE E 324 -29.78 -18.89 -48.82
N SER E 325 -29.06 -17.92 -48.27
CA SER E 325 -29.41 -16.54 -47.97
C SER E 325 -28.10 -15.88 -47.93
N SER E 326 -27.83 -14.91 -48.84
CA SER E 326 -27.32 -13.63 -48.42
C SER E 326 -25.80 -13.66 -48.71
N ASN E 327 -25.18 -12.46 -48.67
CA ASN E 327 -23.88 -12.25 -49.23
C ASN E 327 -23.37 -11.04 -48.47
N SER E 328 -23.98 -10.77 -47.32
CA SER E 328 -23.59 -9.70 -46.37
C SER E 328 -24.23 -10.05 -45.12
N ALA E 329 -24.72 -11.36 -44.95
CA ALA E 329 -25.27 -11.90 -43.78
C ALA E 329 -25.18 -13.40 -43.71
N THR E 330 -25.37 -13.99 -42.53
CA THR E 330 -25.12 -15.41 -42.32
C THR E 330 -26.15 -15.82 -41.42
N MET E 331 -26.81 -16.95 -41.82
CA MET E 331 -27.94 -17.59 -41.16
C MET E 331 -27.25 -18.87 -40.90
N LYS E 332 -27.80 -19.77 -40.06
CA LYS E 332 -27.30 -21.14 -39.89
C LYS E 332 -28.14 -22.11 -40.71
N ASP E 333 -29.36 -21.58 -41.12
CA ASP E 333 -30.24 -22.33 -42.00
C ASP E 333 -29.82 -21.89 -43.37
N SER E 334 -30.32 -22.61 -44.42
CA SER E 334 -30.12 -22.22 -45.79
C SER E 334 -31.12 -22.97 -46.66
N VAL E 335 -31.82 -23.93 -46.14
CA VAL E 335 -32.86 -24.61 -46.85
C VAL E 335 -34.13 -24.63 -45.98
N GLN E 336 -35.26 -24.07 -46.52
CA GLN E 336 -36.50 -23.81 -45.75
C GLN E 336 -37.52 -23.89 -46.89
N ASP E 337 -38.39 -24.93 -46.86
CA ASP E 337 -39.54 -24.99 -47.75
C ASP E 337 -40.58 -24.17 -47.03
N VAL E 338 -40.82 -23.00 -47.63
CA VAL E 338 -41.79 -22.02 -47.23
C VAL E 338 -42.98 -22.12 -48.04
N GLN E 339 -44.12 -22.42 -47.41
CA GLN E 339 -45.36 -22.61 -48.07
C GLN E 339 -46.33 -21.54 -47.59
N GLU E 340 -46.20 -21.16 -46.26
CA GLU E 340 -46.95 -20.23 -45.44
C GLU E 340 -45.80 -19.86 -44.49
N SER E 341 -45.96 -18.72 -43.76
CA SER E 341 -44.94 -18.21 -42.82
C SER E 341 -45.48 -17.29 -41.80
N GLY E 342 -44.76 -17.15 -40.68
CA GLY E 342 -45.11 -16.32 -39.55
C GLY E 342 -43.81 -15.80 -39.02
N ALA E 343 -43.52 -15.96 -37.73
CA ALA E 343 -42.30 -15.61 -37.01
C ALA E 343 -41.41 -16.77 -37.23
N LEU E 344 -40.13 -16.55 -37.60
CA LEU E 344 -39.22 -17.64 -37.87
C LEU E 344 -37.91 -17.28 -37.21
N SER E 345 -37.56 -18.05 -36.17
CA SER E 345 -36.35 -17.84 -35.35
C SER E 345 -35.24 -18.53 -36.08
N LEU E 346 -34.08 -17.91 -36.13
CA LEU E 346 -33.02 -18.38 -36.92
C LEU E 346 -31.84 -18.11 -36.01
N PHE E 347 -30.69 -18.73 -36.33
CA PHE E 347 -29.43 -18.54 -35.62
C PHE E 347 -28.53 -17.80 -36.57
N PHE E 348 -27.66 -17.02 -35.95
CA PHE E 348 -26.85 -16.12 -36.68
C PHE E 348 -25.49 -16.21 -36.01
N ALA E 349 -24.50 -15.83 -36.82
CA ALA E 349 -23.11 -15.81 -36.52
C ALA E 349 -22.90 -14.35 -36.31
N THR E 350 -23.11 -13.90 -35.04
CA THR E 350 -22.98 -12.53 -34.64
C THR E 350 -21.68 -12.41 -33.94
N SER E 351 -20.96 -11.27 -34.25
CA SER E 351 -19.65 -10.91 -33.63
C SER E 351 -18.56 -11.90 -33.93
N SER E 352 -18.64 -12.47 -35.13
CA SER E 352 -17.71 -13.46 -35.68
C SER E 352 -16.94 -12.86 -36.84
N VAL E 353 -17.67 -12.58 -37.92
CA VAL E 353 -17.24 -11.94 -39.12
C VAL E 353 -18.41 -11.05 -39.63
N GLU E 354 -19.59 -11.03 -39.02
CA GLU E 354 -20.65 -10.16 -39.36
C GLU E 354 -20.79 -9.31 -38.16
N PRO E 355 -20.67 -8.00 -38.25
CA PRO E 355 -21.13 -7.05 -37.24
C PRO E 355 -22.18 -6.24 -37.90
N ASN E 356 -22.42 -6.48 -39.22
CA ASN E 356 -23.47 -5.83 -39.97
C ASN E 356 -24.09 -6.98 -40.80
N PHE E 357 -25.40 -6.71 -41.12
CA PHE E 357 -26.08 -7.78 -41.76
C PHE E 357 -27.01 -7.13 -42.74
N VAL E 358 -27.02 -7.66 -43.97
CA VAL E 358 -28.06 -7.27 -44.94
C VAL E 358 -28.88 -8.49 -45.14
N VAL E 359 -30.13 -8.56 -44.56
CA VAL E 359 -30.80 -9.82 -44.36
C VAL E 359 -31.62 -10.07 -45.58
N GLN E 360 -31.52 -11.23 -46.22
CA GLN E 360 -32.30 -11.52 -47.40
C GLN E 360 -33.07 -12.78 -47.18
N VAL E 361 -34.23 -12.86 -47.82
CA VAL E 361 -34.90 -14.12 -47.78
C VAL E 361 -35.34 -14.11 -49.24
N CYS E 362 -34.50 -14.81 -50.07
CA CYS E 362 -34.66 -14.89 -51.48
C CYS E 362 -34.25 -13.60 -52.08
N ASN E 363 -34.98 -13.19 -53.19
CA ASN E 363 -34.72 -12.04 -53.99
C ASN E 363 -35.06 -10.81 -53.17
N ALA E 364 -35.84 -10.97 -52.13
CA ALA E 364 -36.35 -9.96 -51.22
C ALA E 364 -35.44 -9.67 -50.08
N ARG E 365 -35.43 -8.36 -49.60
CA ARG E 365 -34.54 -8.00 -48.47
C ARG E 365 -34.93 -6.80 -47.58
N ILE E 366 -34.31 -6.66 -46.39
CA ILE E 366 -34.29 -5.43 -45.58
C ILE E 366 -32.87 -5.43 -44.96
N THR E 367 -32.40 -4.34 -44.24
CA THR E 367 -31.16 -4.30 -43.51
C THR E 367 -31.56 -4.36 -42.07
N CYS E 368 -30.76 -5.11 -41.19
CA CYS E 368 -30.97 -5.17 -39.76
C CYS E 368 -29.63 -5.21 -39.04
N GLY E 369 -29.66 -4.89 -37.71
CA GLY E 369 -30.71 -4.83 -36.80
C GLY E 369 -30.36 -3.80 -35.82
N LYS E 370 -30.70 -4.09 -34.49
CA LYS E 370 -30.73 -3.07 -33.48
C LYS E 370 -29.82 -3.56 -32.33
N CYS E 371 -29.53 -2.71 -31.35
CA CYS E 371 -28.88 -2.92 -30.06
C CYS E 371 -27.47 -2.42 -30.15
N GLU E 372 -27.39 -1.14 -29.60
CA GLU E 372 -26.11 -0.44 -29.50
C GLU E 372 -26.53 0.84 -28.74
N PRO E 373 -26.31 0.91 -27.45
CA PRO E 373 -26.76 2.07 -26.66
C PRO E 373 -25.45 2.88 -26.57
N PRO E 374 -25.36 4.13 -26.06
CA PRO E 374 -24.13 4.90 -26.06
C PRO E 374 -23.21 4.55 -24.87
N LYS E 375 -23.35 5.00 -23.61
CA LYS E 375 -22.43 4.82 -22.56
C LYS E 375 -23.18 5.11 -21.22
N ASP E 376 -24.57 5.19 -21.22
CA ASP E 376 -25.34 5.25 -20.03
C ASP E 376 -25.65 3.95 -19.35
N ILE E 377 -26.47 3.02 -19.83
CA ILE E 377 -26.73 2.76 -21.20
C ILE E 377 -28.21 3.00 -21.49
N VAL E 378 -28.68 3.22 -22.76
CA VAL E 378 -30.07 3.39 -23.18
C VAL E 378 -30.11 2.68 -24.49
N PRO E 379 -30.81 1.58 -24.81
CA PRO E 379 -30.90 1.00 -26.17
C PRO E 379 -31.02 1.98 -27.31
N TYR E 380 -30.32 1.72 -28.45
CA TYR E 380 -30.67 2.42 -29.66
C TYR E 380 -30.46 1.38 -30.75
N ALA E 381 -30.81 1.66 -31.99
CA ALA E 381 -30.59 0.92 -33.24
C ALA E 381 -29.09 0.94 -33.36
N ALA E 382 -28.59 0.04 -34.22
CA ALA E 382 -27.22 -0.24 -34.39
C ALA E 382 -26.95 -0.07 -35.85
N LYS E 383 -27.92 0.45 -36.66
CA LYS E 383 -27.98 0.67 -38.09
C LYS E 383 -28.57 2.03 -38.15
N ASN E 384 -28.39 2.87 -39.20
CA ASN E 384 -27.97 2.70 -40.55
C ASN E 384 -26.70 3.49 -40.73
N ASP E 385 -26.75 4.90 -40.69
CA ASP E 385 -25.61 5.81 -40.75
C ASP E 385 -24.60 5.65 -39.67
N ALA E 386 -23.35 5.97 -40.06
CA ALA E 386 -22.15 5.78 -39.20
C ALA E 386 -21.98 7.14 -38.47
N GLU E 387 -22.16 7.09 -37.17
CA GLU E 387 -22.07 8.13 -36.24
C GLU E 387 -21.52 7.57 -34.92
N PHE E 388 -21.40 6.29 -34.69
CA PHE E 388 -20.68 5.58 -33.63
C PHE E 388 -21.38 5.61 -32.26
N PRO E 389 -22.70 5.88 -32.08
CA PRO E 389 -23.49 4.80 -31.44
C PRO E 389 -24.60 4.56 -32.44
N SER E 390 -24.43 5.08 -33.70
CA SER E 390 -25.38 4.96 -34.86
C SER E 390 -26.50 5.90 -34.69
N ILE E 391 -27.72 5.55 -35.05
CA ILE E 391 -28.92 6.54 -35.08
C ILE E 391 -29.46 6.44 -33.73
N SER E 392 -29.49 7.67 -33.04
CA SER E 392 -29.76 7.69 -31.65
C SER E 392 -30.25 9.05 -31.45
N THR E 393 -31.02 9.21 -30.36
CA THR E 393 -31.36 10.58 -29.92
C THR E 393 -30.17 11.42 -29.49
N THR E 394 -29.14 10.77 -28.86
CA THR E 394 -27.83 11.30 -28.58
C THR E 394 -27.04 11.64 -29.86
N ALA E 395 -27.03 10.74 -30.88
CA ALA E 395 -26.35 10.97 -32.15
C ALA E 395 -26.88 12.15 -32.92
N TRP E 396 -28.20 12.27 -32.90
CA TRP E 396 -28.91 13.47 -33.43
C TRP E 396 -28.61 14.73 -32.66
N GLN E 397 -28.63 14.67 -31.30
CA GLN E 397 -28.33 15.80 -30.45
C GLN E 397 -26.89 16.37 -30.62
N TRP E 398 -25.86 15.51 -30.77
CA TRP E 398 -24.50 15.85 -31.12
C TRP E 398 -24.38 16.45 -32.54
N LEU E 399 -25.11 15.88 -33.51
CA LEU E 399 -25.20 16.34 -34.90
C LEU E 399 -25.70 17.78 -35.10
N ALA E 400 -26.73 18.23 -34.36
CA ALA E 400 -27.32 19.55 -34.18
C ALA E 400 -26.35 20.72 -34.06
N THR E 401 -25.04 20.56 -33.83
CA THR E 401 -24.03 21.60 -34.26
C THR E 401 -24.16 22.08 -35.63
N THR E 402 -24.77 21.30 -36.59
CA THR E 402 -24.87 21.63 -38.02
C THR E 402 -25.51 23.01 -38.28
N SER E 403 -26.59 23.47 -37.55
CA SER E 403 -27.22 24.76 -37.52
C SER E 403 -26.19 25.82 -37.20
N GLY E 404 -25.21 25.64 -36.29
CA GLY E 404 -24.26 26.71 -35.96
C GLY E 404 -23.48 27.34 -37.16
N PRO E 405 -22.84 26.54 -38.07
CA PRO E 405 -22.17 27.03 -39.21
C PRO E 405 -23.06 27.83 -40.22
N LEU E 406 -24.43 27.47 -40.24
CA LEU E 406 -25.39 28.07 -41.09
C LEU E 406 -25.81 29.48 -40.62
N THR E 407 -26.06 29.66 -39.28
CA THR E 407 -26.38 30.94 -38.72
C THR E 407 -25.18 31.90 -38.97
N ILE E 408 -23.90 31.47 -38.81
CA ILE E 408 -22.75 32.39 -38.95
C ILE E 408 -22.62 32.70 -40.43
N LEU E 409 -22.95 31.81 -41.40
CA LEU E 409 -23.01 32.06 -42.84
C LEU E 409 -24.06 33.03 -43.33
N VAL E 410 -25.33 33.02 -42.86
CA VAL E 410 -26.33 33.99 -43.20
C VAL E 410 -25.90 35.46 -42.88
N VAL E 411 -25.21 35.69 -41.69
CA VAL E 411 -24.67 36.94 -41.30
C VAL E 411 -23.59 37.51 -42.23
N ALA E 412 -22.59 36.70 -42.68
CA ALA E 412 -21.71 37.04 -43.70
C ALA E 412 -22.33 37.36 -45.00
N ILE E 413 -23.38 36.64 -45.54
CA ILE E 413 -23.90 36.91 -46.87
C ILE E 413 -24.50 38.27 -46.89
N ILE E 414 -25.29 38.61 -45.86
CA ILE E 414 -26.02 39.87 -45.79
C ILE E 414 -25.07 40.98 -45.76
N VAL E 415 -24.00 40.96 -44.98
CA VAL E 415 -23.12 42.07 -44.86
C VAL E 415 -22.33 42.33 -46.15
N VAL E 416 -21.85 41.28 -46.83
CA VAL E 416 -21.13 41.49 -48.09
C VAL E 416 -21.95 42.17 -49.23
N VAL E 417 -23.18 41.74 -49.46
CA VAL E 417 -24.12 42.23 -50.46
C VAL E 417 -24.59 43.66 -50.09
N VAL E 418 -24.87 43.94 -48.79
CA VAL E 418 -25.30 45.23 -48.27
C VAL E 418 -24.29 46.38 -48.47
N VAL E 419 -22.96 46.14 -48.32
CA VAL E 419 -22.04 47.18 -48.71
C VAL E 419 -22.05 47.59 -50.08
N SER E 420 -22.05 46.65 -51.05
CA SER E 420 -22.09 46.93 -52.42
C SER E 420 -23.31 47.72 -52.82
N ILE E 421 -24.46 47.33 -52.16
CA ILE E 421 -25.76 48.00 -52.29
C ILE E 421 -25.77 49.46 -51.79
N VAL E 422 -25.05 49.82 -50.70
CA VAL E 422 -24.92 51.17 -50.24
C VAL E 422 -24.22 52.21 -51.13
N VAL E 423 -23.13 51.76 -51.72
CA VAL E 423 -22.48 52.59 -52.60
C VAL E 423 -23.32 53.01 -53.82
N CYS E 424 -24.03 51.99 -54.34
CA CYS E 424 -25.00 52.16 -55.38
C CYS E 424 -26.20 53.02 -54.98
N ALA E 425 -26.69 52.84 -53.73
CA ALA E 425 -27.87 53.56 -53.24
C ALA E 425 -27.66 55.02 -53.23
N ARG E 426 -26.46 55.41 -52.80
CA ARG E 426 -26.04 56.80 -52.86
C ARG E 426 -24.50 56.81 -52.73
N HIS E 427 -23.83 57.60 -53.47
N SER F 1 25.54 -60.44 -26.94
CA SER F 1 26.12 -61.31 -28.00
C SER F 1 24.84 -61.68 -28.77
N VAL F 2 24.41 -62.90 -28.60
CA VAL F 2 23.29 -63.43 -29.32
C VAL F 2 22.35 -63.93 -28.33
N ALA F 3 22.73 -64.11 -26.98
CA ALA F 3 21.91 -64.67 -25.85
C ALA F 3 22.39 -64.01 -24.63
N HIS F 4 21.49 -63.33 -23.96
CA HIS F 4 21.91 -62.57 -22.77
C HIS F 4 22.54 -63.36 -21.61
N PHE F 5 22.04 -64.58 -21.37
CA PHE F 5 22.56 -65.46 -20.32
C PHE F 5 23.96 -65.83 -20.50
N GLU F 6 24.30 -66.24 -21.76
CA GLU F 6 25.60 -66.59 -22.21
C GLU F 6 26.53 -65.47 -22.08
N ALA F 7 26.17 -64.18 -22.37
CA ALA F 7 27.01 -63.02 -22.25
C ALA F 7 27.55 -62.79 -20.83
N TYR F 8 26.60 -62.93 -19.83
CA TYR F 8 26.94 -62.72 -18.44
C TYR F 8 27.84 -63.81 -17.91
N LYS F 9 27.80 -65.08 -18.35
CA LYS F 9 28.80 -66.11 -17.96
C LYS F 9 30.24 -65.74 -18.37
N ALA F 10 30.32 -65.14 -19.62
CA ALA F 10 31.54 -64.75 -20.25
C ALA F 10 32.32 -63.66 -19.60
N THR F 11 31.54 -62.72 -18.99
CA THR F 11 31.97 -61.43 -18.42
C THR F 11 32.11 -61.37 -16.95
N ARG F 12 32.80 -62.33 -16.29
CA ARG F 12 33.10 -62.41 -14.86
C ARG F 12 33.36 -61.14 -14.12
N PRO F 13 32.98 -60.97 -12.90
CA PRO F 13 33.33 -59.81 -12.10
C PRO F 13 34.85 -59.53 -12.00
N TYR F 14 35.20 -58.25 -11.75
CA TYR F 14 36.55 -57.80 -11.70
C TYR F 14 36.60 -56.83 -10.59
N ILE F 15 37.86 -56.52 -10.21
CA ILE F 15 38.17 -55.52 -9.18
C ILE F 15 38.24 -54.22 -9.81
N GLY F 16 38.10 -53.07 -9.02
CA GLY F 16 38.42 -51.78 -9.49
C GLY F 16 38.98 -51.05 -8.37
N TRP F 17 39.63 -49.89 -8.56
CA TRP F 17 40.11 -49.05 -7.51
C TRP F 17 38.88 -48.30 -6.93
N CYS F 18 38.71 -48.33 -5.59
CA CYS F 18 37.75 -47.35 -5.01
C CYS F 18 38.41 -46.72 -3.85
N ALA F 19 38.30 -45.41 -3.66
CA ALA F 19 38.93 -44.72 -2.57
C ALA F 19 38.20 -44.88 -1.24
N ASP F 20 36.97 -45.48 -1.27
CA ASP F 20 36.07 -45.58 -0.17
C ASP F 20 36.05 -47.05 0.09
N CYS F 21 36.27 -47.49 1.35
CA CYS F 21 36.32 -48.83 1.73
C CYS F 21 35.73 -48.85 3.11
N GLY F 22 34.51 -48.26 3.20
CA GLY F 22 33.85 -48.03 4.43
C GLY F 22 34.05 -46.64 4.82
N LEU F 23 34.65 -45.82 3.90
CA LEU F 23 35.05 -44.39 4.10
C LEU F 23 36.27 -44.39 5.03
N ALA F 24 36.98 -45.52 5.17
CA ALA F 24 38.03 -45.68 6.09
C ALA F 24 39.37 -45.71 5.42
N GLY F 25 39.39 -45.59 4.14
CA GLY F 25 40.70 -45.76 3.53
C GLY F 25 40.52 -46.16 2.09
N SER F 26 41.62 -46.00 1.37
CA SER F 26 41.54 -46.15 -0.05
C SER F 26 42.20 -47.42 -0.32
N CYS F 27 41.58 -48.31 -1.15
CA CYS F 27 41.96 -49.72 -1.36
C CYS F 27 41.44 -50.12 -2.69
N PRO F 28 41.90 -51.27 -3.29
CA PRO F 28 41.14 -51.78 -4.37
C PRO F 28 39.80 -52.31 -3.82
N SER F 29 38.62 -51.91 -4.34
CA SER F 29 37.32 -52.41 -3.80
C SER F 29 36.73 -53.32 -4.84
N PRO F 30 35.98 -54.37 -4.50
CA PRO F 30 35.21 -55.12 -5.49
C PRO F 30 34.11 -54.35 -6.28
N VAL F 31 33.54 -53.24 -5.68
CA VAL F 31 32.57 -52.36 -6.31
C VAL F 31 33.15 -51.07 -6.75
N SER F 32 32.82 -50.58 -7.98
CA SER F 32 33.19 -49.25 -8.44
C SER F 32 32.22 -48.84 -9.47
N ILE F 33 31.96 -47.47 -9.63
CA ILE F 33 31.04 -47.05 -10.65
C ILE F 33 31.70 -46.90 -11.99
N GLU F 34 31.26 -47.61 -13.06
CA GLU F 34 31.92 -47.47 -14.33
C GLU F 34 31.43 -46.23 -15.03
N HIS F 35 30.09 -46.06 -15.11
CA HIS F 35 29.51 -44.95 -15.76
C HIS F 35 28.04 -45.06 -15.23
N VAL F 36 27.38 -43.88 -15.06
CA VAL F 36 25.96 -43.80 -14.71
C VAL F 36 25.40 -43.06 -15.89
N TRP F 37 24.34 -43.66 -16.45
CA TRP F 37 23.69 -43.02 -17.60
C TRP F 37 22.28 -42.69 -17.13
N SER F 38 21.86 -41.38 -17.38
CA SER F 38 20.46 -41.00 -17.04
C SER F 38 20.00 -40.01 -18.05
N ASP F 39 18.69 -40.15 -18.38
CA ASP F 39 18.06 -39.22 -19.30
C ASP F 39 16.56 -39.55 -19.23
N ALA F 40 16.18 -40.57 -18.39
CA ALA F 40 14.81 -40.94 -18.06
C ALA F 40 14.10 -39.64 -17.51
N ASP F 41 12.78 -39.64 -17.59
CA ASP F 41 11.90 -38.66 -17.06
C ASP F 41 11.13 -39.17 -15.80
N ASP F 42 11.50 -40.37 -15.21
CA ASP F 42 10.80 -40.90 -14.08
C ASP F 42 11.95 -41.11 -13.06
N GLY F 43 13.19 -40.53 -13.37
CA GLY F 43 14.21 -40.27 -12.29
C GLY F 43 15.10 -41.47 -12.11
N VAL F 44 14.99 -42.45 -13.02
CA VAL F 44 15.61 -43.73 -12.98
C VAL F 44 17.07 -43.62 -13.36
N LEU F 45 17.98 -44.23 -12.63
CA LEU F 45 19.43 -44.12 -12.77
C LEU F 45 19.82 -45.58 -13.18
N LYS F 46 20.64 -45.64 -14.29
CA LYS F 46 21.07 -46.90 -14.84
C LYS F 46 22.51 -47.00 -14.53
N ILE F 47 22.90 -47.93 -13.63
CA ILE F 47 24.15 -47.87 -13.00
C ILE F 47 24.92 -49.01 -13.55
N GLN F 48 26.19 -48.82 -13.89
CA GLN F 48 27.02 -49.91 -14.39
C GLN F 48 28.14 -50.02 -13.34
N VAL F 49 28.43 -51.27 -12.97
CA VAL F 49 29.30 -51.50 -11.90
C VAL F 49 30.18 -52.70 -12.22
N SER F 50 31.30 -52.86 -11.44
CA SER F 50 32.40 -53.83 -11.65
C SER F 50 31.80 -55.16 -11.41
N MET F 51 31.02 -55.21 -10.34
CA MET F 51 30.44 -56.50 -9.86
C MET F 51 29.33 -57.16 -10.69
N GLN F 52 29.08 -58.46 -10.54
CA GLN F 52 28.00 -59.03 -11.25
C GLN F 52 26.96 -59.60 -10.25
N ILE F 53 25.73 -59.09 -10.29
CA ILE F 53 24.65 -59.46 -9.41
C ILE F 53 23.65 -60.31 -10.12
N GLY F 54 23.18 -61.45 -9.54
CA GLY F 54 22.12 -62.21 -10.22
C GLY F 54 22.68 -63.30 -11.05
N ILE F 55 23.97 -63.44 -10.95
CA ILE F 55 24.77 -64.29 -11.71
C ILE F 55 25.55 -65.09 -10.77
N ALA F 56 25.65 -66.41 -10.98
CA ALA F 56 26.35 -67.32 -10.10
C ALA F 56 27.74 -67.64 -10.61
N LYS F 57 28.60 -68.25 -9.71
CA LYS F 57 29.99 -68.62 -10.07
C LYS F 57 30.05 -69.88 -10.90
N SER F 58 28.93 -70.63 -10.74
CA SER F 58 28.73 -71.92 -11.44
C SER F 58 28.60 -71.74 -12.99
N ASN F 59 28.19 -70.49 -13.41
CA ASN F 59 28.02 -70.11 -14.83
C ASN F 59 26.62 -70.47 -15.20
N THR F 60 25.73 -69.76 -14.60
CA THR F 60 24.31 -69.97 -14.79
C THR F 60 23.71 -68.68 -14.25
N ILE F 61 22.38 -68.40 -14.49
CA ILE F 61 21.78 -67.13 -14.12
C ILE F 61 20.89 -67.56 -13.00
N ASN F 62 21.08 -67.04 -11.77
CA ASN F 62 20.38 -67.44 -10.57
C ASN F 62 20.10 -66.14 -9.85
N HIS F 63 18.81 -66.02 -9.53
CA HIS F 63 18.33 -64.90 -8.76
C HIS F 63 18.78 -64.78 -7.30
N ALA F 64 19.09 -65.94 -6.75
CA ALA F 64 19.68 -66.04 -5.42
C ALA F 64 21.11 -65.64 -5.31
N LYS F 65 21.86 -65.77 -6.37
CA LYS F 65 23.29 -65.60 -6.22
C LYS F 65 23.80 -64.22 -6.63
N ILE F 66 25.05 -63.90 -6.28
CA ILE F 66 25.71 -62.71 -6.62
C ILE F 66 27.15 -63.22 -6.72
N ARG F 67 28.01 -62.70 -7.67
CA ARG F 67 29.27 -63.23 -7.92
C ARG F 67 30.15 -62.00 -7.87
N TYR F 68 31.20 -61.99 -6.98
CA TYR F 68 31.89 -60.75 -6.79
C TYR F 68 33.32 -61.10 -6.90
N MET F 69 34.21 -60.16 -7.29
CA MET F 69 35.55 -60.47 -7.43
C MET F 69 36.22 -59.20 -6.87
N GLY F 70 37.18 -59.39 -5.91
CA GLY F 70 37.94 -58.23 -5.41
C GLY F 70 39.21 -58.85 -5.03
N ALA F 71 39.62 -58.60 -3.75
CA ALA F 71 41.00 -58.91 -3.29
C ALA F 71 41.04 -60.31 -2.68
N ASN F 72 39.95 -61.02 -2.66
CA ASN F 72 39.75 -62.33 -2.15
C ASN F 72 39.36 -63.27 -3.31
N GLY F 73 39.47 -62.79 -4.56
CA GLY F 73 39.11 -63.35 -5.85
C GLY F 73 37.65 -63.45 -5.95
N VAL F 74 37.17 -64.40 -6.82
CA VAL F 74 35.82 -64.54 -7.26
C VAL F 74 35.19 -65.43 -6.16
N GLN F 75 34.16 -64.92 -5.47
CA GLN F 75 33.36 -65.55 -4.40
C GLN F 75 31.93 -65.30 -4.65
N GLU F 76 31.16 -66.12 -3.99
CA GLU F 76 29.71 -66.07 -3.92
C GLU F 76 29.30 -65.28 -2.70
N ALA F 77 28.12 -64.67 -2.76
CA ALA F 77 27.28 -64.20 -1.67
C ALA F 77 25.89 -64.35 -2.10
N GLU F 78 24.99 -64.53 -1.18
CA GLU F 78 23.56 -64.62 -1.30
C GLU F 78 22.92 -63.22 -1.31
N ARG F 79 21.81 -63.02 -2.11
CA ARG F 79 21.13 -61.69 -2.05
C ARG F 79 20.21 -61.71 -0.91
N SER F 80 20.56 -60.84 0.07
CA SER F 80 19.76 -60.63 1.22
C SER F 80 19.95 -59.12 1.41
N THR F 81 21.09 -58.51 0.96
CA THR F 81 21.38 -57.10 0.95
C THR F 81 22.04 -56.71 -0.34
N LEU F 82 21.50 -55.61 -0.92
CA LEU F 82 22.06 -54.80 -1.96
C LEU F 82 21.28 -53.58 -1.51
N SER F 83 21.93 -52.41 -1.77
CA SER F 83 21.41 -51.11 -1.38
C SER F 83 22.01 -50.15 -2.37
N VAL F 84 21.28 -49.13 -2.73
CA VAL F 84 21.64 -48.10 -3.63
C VAL F 84 21.23 -46.89 -2.85
N SER F 85 22.09 -45.81 -2.85
CA SER F 85 21.93 -44.71 -1.94
C SER F 85 22.68 -43.49 -2.58
N THR F 86 21.91 -42.39 -2.73
CA THR F 86 22.45 -41.08 -2.88
C THR F 86 23.18 -40.53 -1.67
N THR F 87 22.39 -40.63 -0.58
CA THR F 87 22.86 -40.39 0.78
C THR F 87 21.84 -41.14 1.60
N ALA F 88 20.86 -41.76 1.04
CA ALA F 88 19.80 -42.33 1.79
C ALA F 88 19.19 -43.40 0.81
N PRO F 89 18.51 -44.44 1.16
CA PRO F 89 18.14 -45.56 0.32
C PRO F 89 17.29 -45.11 -0.91
N CYS F 90 17.50 -45.81 -1.97
CA CYS F 90 16.85 -45.72 -3.18
C CYS F 90 15.99 -47.00 -3.26
N ASP F 91 15.09 -47.11 -4.31
CA ASP F 91 14.31 -48.31 -4.40
C ASP F 91 14.96 -48.94 -5.61
N ILE F 92 15.41 -50.23 -5.50
CA ILE F 92 16.05 -50.89 -6.58
C ILE F 92 14.98 -51.54 -7.37
N LEU F 93 14.82 -50.99 -8.65
CA LEU F 93 13.82 -51.40 -9.59
C LEU F 93 14.17 -52.79 -9.99
N ALA F 94 15.44 -53.15 -10.29
CA ALA F 94 15.73 -54.36 -10.89
C ALA F 94 17.17 -54.51 -10.92
N THR F 95 17.69 -55.84 -10.93
CA THR F 95 19.16 -56.04 -11.00
C THR F 95 19.53 -57.22 -11.88
N MET F 96 20.45 -57.08 -12.79
CA MET F 96 20.80 -58.24 -13.61
C MET F 96 22.23 -57.83 -14.05
N GLY F 97 23.26 -58.61 -13.66
CA GLY F 97 24.61 -58.42 -14.02
C GLY F 97 25.27 -57.15 -13.63
N HIS F 98 26.04 -56.51 -14.49
CA HIS F 98 26.62 -55.22 -14.15
C HIS F 98 25.66 -54.12 -14.08
N PHE F 99 24.39 -54.31 -14.56
CA PHE F 99 23.45 -53.31 -14.71
C PHE F 99 22.62 -53.32 -13.53
N ILE F 100 22.25 -52.13 -12.98
CA ILE F 100 21.32 -52.01 -11.83
C ILE F 100 20.40 -50.93 -12.27
N LEU F 101 19.07 -51.06 -12.06
CA LEU F 101 18.20 -49.92 -12.26
C LEU F 101 17.73 -49.65 -10.86
N ALA F 102 17.70 -48.33 -10.51
CA ALA F 102 17.19 -47.91 -9.27
C ALA F 102 16.45 -46.66 -9.56
N ARG F 103 15.47 -46.29 -8.71
CA ARG F 103 14.83 -45.05 -8.71
C ARG F 103 15.30 -44.36 -7.47
N CYS F 104 15.98 -43.16 -7.67
CA CYS F 104 16.65 -42.45 -6.60
C CYS F 104 16.09 -41.10 -6.37
N ARG F 105 16.67 -40.40 -5.39
CA ARG F 105 16.38 -39.04 -4.93
C ARG F 105 17.48 -38.16 -5.36
N PRO F 106 17.41 -36.84 -5.22
CA PRO F 106 18.51 -35.93 -5.42
C PRO F 106 19.74 -36.23 -4.56
N GLY F 107 20.91 -35.92 -5.19
CA GLY F 107 22.13 -36.03 -4.43
C GLY F 107 23.14 -35.47 -5.27
N SER F 108 24.28 -35.10 -4.61
CA SER F 108 25.56 -34.76 -5.32
C SER F 108 26.30 -36.00 -5.65
N GLN F 109 26.19 -37.16 -4.95
CA GLN F 109 27.03 -38.29 -5.18
C GLN F 109 26.22 -39.52 -5.18
N VAL F 110 26.73 -40.68 -5.69
CA VAL F 110 25.97 -41.87 -5.79
C VAL F 110 26.89 -42.96 -5.31
N GLU F 111 26.31 -43.71 -4.43
CA GLU F 111 26.97 -44.81 -3.73
C GLU F 111 26.31 -46.13 -3.87
N VAL F 112 27.00 -47.31 -4.16
CA VAL F 112 26.37 -48.60 -4.17
C VAL F 112 27.13 -49.45 -3.15
N SER F 113 26.30 -50.19 -2.33
CA SER F 113 26.76 -50.89 -1.15
C SER F 113 26.09 -52.18 -0.96
N LEU F 114 26.71 -53.05 -0.06
CA LEU F 114 26.16 -54.32 0.38
C LEU F 114 26.76 -54.44 1.77
N SER F 115 26.16 -55.38 2.53
CA SER F 115 26.51 -55.61 3.91
C SER F 115 26.25 -57.04 4.17
N THR F 116 26.46 -57.90 3.15
CA THR F 116 26.20 -59.32 3.21
C THR F 116 27.51 -59.98 3.55
N ASP F 117 28.24 -60.33 2.50
CA ASP F 117 29.57 -60.92 2.56
C ASP F 117 30.52 -60.03 1.87
N PRO F 118 30.18 -59.02 0.99
CA PRO F 118 31.29 -58.23 0.46
C PRO F 118 31.71 -57.18 1.39
N LYS F 119 30.75 -56.42 1.99
CA LYS F 119 31.00 -55.56 3.15
C LYS F 119 31.74 -54.30 2.91
N LEU F 120 31.70 -53.76 1.68
CA LEU F 120 32.34 -52.50 1.46
C LEU F 120 31.50 -51.77 0.47
N LEU F 121 31.99 -50.65 -0.05
CA LEU F 121 31.12 -49.69 -0.69
C LEU F 121 31.98 -48.80 -1.54
N CYS F 122 31.33 -48.14 -2.52
CA CYS F 122 32.07 -47.21 -3.40
C CYS F 122 31.17 -46.07 -3.58
N ARG F 123 31.74 -44.84 -3.51
CA ARG F 123 30.97 -43.63 -3.70
C ARG F 123 31.74 -42.82 -4.67
N THR F 124 31.06 -42.24 -5.80
CA THR F 124 31.73 -41.41 -6.81
C THR F 124 30.73 -40.28 -7.03
N PRO F 125 31.10 -39.06 -7.34
CA PRO F 125 30.17 -37.96 -7.68
C PRO F 125 29.38 -38.11 -8.94
N PHE F 126 28.06 -37.97 -8.91
CA PHE F 126 27.18 -38.06 -10.00
C PHE F 126 26.08 -37.18 -9.50
N SER F 127 25.71 -36.15 -10.37
CA SER F 127 24.67 -35.21 -10.13
C SER F 127 23.37 -35.84 -10.53
N HIS F 128 22.40 -35.87 -9.55
CA HIS F 128 21.02 -36.23 -9.75
C HIS F 128 20.18 -35.07 -9.25
N LYS F 129 19.49 -34.39 -10.19
CA LYS F 129 18.69 -33.18 -10.02
C LYS F 129 17.39 -33.51 -10.75
N PRO F 130 16.32 -32.84 -10.37
CA PRO F 130 14.99 -33.10 -10.85
C PRO F 130 14.78 -33.11 -12.36
N ARG F 131 13.88 -33.98 -12.81
CA ARG F 131 13.62 -34.25 -14.19
C ARG F 131 12.35 -35.09 -14.05
N PHE F 132 11.63 -35.06 -12.90
CA PHE F 132 10.63 -36.11 -12.60
C PHE F 132 9.30 -35.80 -13.33
N ILE F 133 8.42 -36.88 -13.30
CA ILE F 133 7.13 -36.97 -14.00
C ILE F 133 6.32 -35.68 -14.23
N GLY F 134 5.84 -35.57 -15.50
CA GLY F 134 4.94 -34.46 -15.90
C GLY F 134 5.64 -33.15 -15.57
N ASN F 135 4.87 -32.04 -15.45
CA ASN F 135 5.36 -30.66 -15.29
C ASN F 135 5.88 -30.38 -13.94
N GLU F 136 5.50 -31.16 -12.92
CA GLU F 136 5.85 -30.85 -11.55
C GLU F 136 7.15 -31.57 -11.41
N LYS F 137 7.98 -31.28 -10.38
CA LYS F 137 9.28 -31.88 -10.19
C LYS F 137 9.00 -32.59 -8.84
N SER F 138 7.74 -32.91 -8.45
CA SER F 138 7.32 -33.60 -7.28
C SER F 138 6.90 -34.95 -7.67
N PRO F 139 7.74 -35.97 -7.45
CA PRO F 139 7.39 -37.41 -7.59
C PRO F 139 6.40 -37.81 -6.52
N ALA F 140 5.45 -38.77 -6.82
CA ALA F 140 4.55 -39.51 -5.94
C ALA F 140 3.22 -39.06 -6.38
N PRO F 141 2.46 -39.78 -7.17
CA PRO F 141 1.21 -39.38 -7.70
C PRO F 141 0.21 -39.68 -6.63
N THR F 142 -0.97 -39.02 -6.65
CA THR F 142 -2.07 -38.98 -5.69
C THR F 142 -3.13 -39.97 -6.13
N GLY F 143 -3.41 -40.07 -7.48
CA GLY F 143 -4.43 -40.89 -8.05
C GLY F 143 -4.12 -40.98 -9.49
N HIS F 144 -5.17 -41.35 -10.28
CA HIS F 144 -5.13 -41.32 -11.71
C HIS F 144 -6.19 -40.39 -12.29
N LYS F 145 -5.78 -39.37 -13.12
CA LYS F 145 -6.62 -38.35 -13.71
C LYS F 145 -6.41 -38.31 -15.20
N THR F 146 -5.13 -38.26 -15.57
CA THR F 146 -4.72 -38.09 -16.95
C THR F 146 -3.51 -38.91 -17.01
N ARG F 147 -3.30 -39.71 -18.05
CA ARG F 147 -2.16 -40.53 -18.31
C ARG F 147 -1.30 -39.63 -19.25
N ILE F 148 0.02 -39.51 -18.94
CA ILE F 148 0.91 -38.66 -19.71
C ILE F 148 2.06 -39.55 -20.19
N PRO F 149 2.65 -39.31 -21.38
CA PRO F 149 3.75 -40.07 -21.96
C PRO F 149 5.04 -39.74 -21.24
N CYS F 150 5.96 -40.71 -21.03
CA CYS F 150 7.25 -40.51 -20.32
C CYS F 150 8.24 -41.51 -20.84
N LYS F 151 9.52 -41.38 -20.55
CA LYS F 151 10.57 -42.30 -20.94
C LYS F 151 11.20 -42.75 -19.70
N THR F 152 11.61 -44.08 -19.65
CA THR F 152 12.23 -44.77 -18.61
C THR F 152 13.00 -45.90 -19.23
N TYR F 153 13.83 -46.59 -18.40
CA TYR F 153 14.64 -47.72 -18.72
C TYR F 153 13.93 -48.95 -18.12
N SER F 154 13.66 -49.87 -19.04
CA SER F 154 12.96 -51.13 -18.70
C SER F 154 13.76 -52.11 -17.98
N HIS F 155 13.12 -53.06 -17.31
CA HIS F 155 13.55 -54.12 -16.46
C HIS F 155 13.72 -55.45 -17.12
N GLN F 156 13.66 -55.51 -18.45
CA GLN F 156 13.81 -56.65 -19.36
C GLN F 156 15.23 -56.56 -19.99
N THR F 157 15.89 -57.71 -20.21
CA THR F 157 17.20 -57.82 -20.68
C THR F 157 17.00 -57.97 -22.20
N ASP F 158 18.00 -57.47 -22.97
CA ASP F 158 17.91 -57.48 -24.42
C ASP F 158 18.93 -58.43 -24.93
N LEU F 159 18.67 -59.14 -26.04
CA LEU F 159 19.62 -60.07 -26.64
C LEU F 159 20.71 -59.41 -27.48
N THR F 160 20.35 -58.45 -28.44
CA THR F 160 21.22 -57.40 -28.98
C THR F 160 20.39 -56.28 -29.62
N ARG F 161 20.94 -55.06 -29.68
CA ARG F 161 20.32 -53.84 -30.13
C ARG F 161 21.35 -52.77 -30.48
N GLU F 162 22.62 -53.08 -30.10
CA GLU F 162 23.81 -52.33 -30.16
C GLU F 162 24.69 -53.19 -29.33
N GLU F 163 26.03 -53.14 -29.54
CA GLU F 163 27.01 -53.81 -28.64
C GLU F 163 28.03 -52.71 -28.42
N ILE F 164 28.81 -53.01 -27.34
CA ILE F 164 30.01 -52.30 -27.04
C ILE F 164 31.12 -53.36 -26.87
N THR F 165 32.41 -52.98 -27.07
CA THR F 165 33.55 -53.83 -26.98
C THR F 165 33.95 -53.98 -25.53
N MET F 166 34.50 -55.16 -25.25
CA MET F 166 35.08 -55.35 -23.94
C MET F 166 36.50 -55.94 -24.14
N HIS F 167 37.40 -55.82 -23.17
CA HIS F 167 38.71 -56.45 -23.23
C HIS F 167 39.29 -56.19 -21.83
N VAL F 168 40.43 -56.93 -21.55
CA VAL F 168 41.29 -56.76 -20.43
C VAL F 168 40.83 -57.57 -19.22
N PRO F 169 41.36 -58.67 -18.72
CA PRO F 169 41.19 -59.15 -17.37
C PRO F 169 42.00 -58.38 -16.37
N PRO F 170 41.69 -58.19 -15.11
CA PRO F 170 42.27 -57.09 -14.39
C PRO F 170 43.57 -57.52 -13.72
N ASP F 171 44.25 -56.54 -13.11
CA ASP F 171 45.61 -56.54 -12.59
C ASP F 171 45.49 -55.70 -11.43
N VAL F 172 46.00 -56.10 -10.21
CA VAL F 172 45.76 -55.42 -8.95
C VAL F 172 47.11 -54.99 -8.32
N PRO F 173 47.19 -53.75 -7.70
CA PRO F 173 48.42 -53.24 -7.07
C PRO F 173 48.80 -53.98 -5.81
N ILE F 174 50.07 -54.31 -5.61
CA ILE F 174 50.67 -54.99 -4.50
C ILE F 174 52.14 -54.59 -4.65
N GLN F 175 52.88 -54.69 -3.54
CA GLN F 175 54.33 -54.40 -3.44
C GLN F 175 55.12 -55.72 -3.34
N GLY F 176 54.41 -56.87 -3.23
CA GLY F 176 54.90 -58.23 -3.12
C GLY F 176 55.23 -58.52 -1.69
N LEU F 177 55.99 -59.57 -1.44
CA LEU F 177 56.59 -59.89 -0.14
C LEU F 177 57.81 -60.73 -0.31
N VAL F 178 58.26 -60.73 -1.60
CA VAL F 178 59.53 -61.24 -2.12
C VAL F 178 60.69 -60.53 -1.51
N SER F 179 61.81 -61.25 -1.23
CA SER F 179 62.86 -60.67 -0.45
C SER F 179 64.16 -61.17 -0.88
N ASN F 180 65.19 -60.41 -0.46
CA ASN F 180 66.59 -60.57 -0.83
C ASN F 180 67.23 -61.32 0.19
N THR F 181 67.52 -62.59 -0.26
CA THR F 181 68.14 -63.62 0.49
C THR F 181 69.52 -63.70 -0.07
N GLY F 182 70.58 -63.38 0.81
CA GLY F 182 71.93 -63.57 0.43
C GLY F 182 72.22 -62.49 -0.59
N LYS F 183 72.79 -62.96 -1.78
CA LYS F 183 73.16 -62.23 -2.98
C LYS F 183 72.12 -62.38 -4.02
N SER F 184 70.95 -63.01 -3.60
CA SER F 184 70.02 -63.53 -4.62
C SER F 184 68.62 -63.18 -4.20
N TYR F 185 67.66 -63.36 -5.15
CA TYR F 185 66.29 -62.94 -4.98
C TYR F 185 65.64 -64.28 -4.92
N SER F 186 64.92 -64.60 -3.81
CA SER F 186 64.19 -65.79 -3.73
C SER F 186 62.71 -65.43 -3.85
N LEU F 187 62.08 -66.05 -4.88
CA LEU F 187 60.69 -65.66 -5.26
C LEU F 187 59.75 -66.73 -4.79
N ASP F 188 58.93 -66.36 -3.83
CA ASP F 188 57.88 -67.15 -3.25
C ASP F 188 56.74 -67.40 -4.24
N PRO F 189 56.24 -68.65 -4.45
CA PRO F 189 55.23 -69.05 -5.46
C PRO F 189 53.90 -68.34 -5.29
N LYS F 190 53.56 -68.04 -4.03
CA LYS F 190 52.28 -67.62 -3.64
C LYS F 190 51.15 -68.46 -4.11
N THR F 191 49.95 -67.93 -3.78
CA THR F 191 48.71 -68.58 -4.09
C THR F 191 47.89 -67.84 -5.12
N LYS F 192 48.54 -66.76 -5.71
CA LYS F 192 47.95 -65.95 -6.70
C LYS F 192 48.87 -66.15 -7.78
N THR F 193 48.33 -66.31 -8.96
CA THR F 193 49.13 -66.32 -10.14
C THR F 193 49.77 -64.93 -10.26
N ILE F 194 51.09 -64.88 -10.41
CA ILE F 194 51.80 -63.60 -10.37
C ILE F 194 52.59 -63.48 -11.66
N LYS F 195 52.50 -62.26 -12.27
CA LYS F 195 53.26 -61.81 -13.47
C LYS F 195 54.25 -60.84 -12.89
N TYR F 196 55.57 -61.06 -13.15
CA TYR F 196 56.55 -60.13 -12.63
C TYR F 196 57.50 -59.89 -13.69
N LYS F 197 58.12 -58.71 -13.67
CA LYS F 197 59.08 -58.35 -14.68
C LYS F 197 60.40 -58.11 -13.95
N CYS F 198 61.45 -58.83 -14.45
CA CYS F 198 62.72 -58.80 -13.85
C CYS F 198 63.64 -58.41 -14.96
N THR F 199 64.55 -57.47 -14.70
CA THR F 199 65.65 -56.99 -15.60
C THR F 199 66.91 -57.79 -15.31
N CYS F 200 66.84 -58.48 -14.18
CA CYS F 200 67.90 -59.30 -13.66
C CYS F 200 67.63 -60.74 -13.82
N GLY F 201 66.42 -60.96 -14.39
CA GLY F 201 65.90 -62.25 -14.72
C GLY F 201 66.80 -63.13 -15.59
N GLU F 202 66.54 -64.42 -15.52
CA GLU F 202 67.28 -65.42 -16.29
C GLU F 202 66.43 -66.61 -16.54
N THR F 203 65.11 -66.60 -16.20
CA THR F 203 64.08 -67.54 -16.53
C THR F 203 62.76 -66.84 -16.93
N VAL F 204 62.45 -65.74 -16.26
CA VAL F 204 61.13 -65.18 -16.32
C VAL F 204 61.30 -63.70 -16.38
N LYS F 205 60.77 -63.04 -17.44
CA LYS F 205 60.99 -61.70 -17.69
C LYS F 205 59.75 -60.95 -17.98
N GLU F 206 58.65 -61.67 -18.27
CA GLU F 206 57.32 -61.14 -18.35
C GLU F 206 56.22 -62.15 -18.18
N GLY F 207 56.54 -63.43 -18.05
CA GLY F 207 55.53 -64.45 -17.96
C GLY F 207 54.95 -64.65 -16.60
N THR F 208 53.88 -65.56 -16.58
CA THR F 208 52.96 -65.79 -15.50
C THR F 208 53.57 -66.91 -14.80
N ALA F 209 54.14 -66.59 -13.59
CA ALA F 209 54.97 -67.44 -12.76
C ALA F 209 54.08 -67.82 -11.66
N THR F 210 54.30 -69.06 -11.15
CA THR F 210 53.53 -69.61 -10.05
C THR F 210 54.42 -70.65 -9.41
N ASN F 211 55.74 -70.52 -9.66
CA ASN F 211 56.77 -71.30 -9.14
C ASN F 211 57.89 -70.64 -8.47
N LYS F 212 58.65 -71.33 -7.52
CA LYS F 212 59.72 -70.76 -6.76
C LYS F 212 60.92 -70.94 -7.63
N ILE F 213 61.67 -69.87 -7.86
CA ILE F 213 62.89 -69.92 -8.72
C ILE F 213 63.78 -69.01 -7.88
N THR F 214 65.12 -69.12 -7.99
CA THR F 214 65.98 -68.15 -7.36
C THR F 214 66.73 -67.59 -8.50
N LEU F 215 66.90 -66.20 -8.49
CA LEU F 215 67.54 -65.45 -9.49
C LEU F 215 68.68 -64.77 -8.82
N PHE F 216 69.93 -64.97 -9.31
CA PHE F 216 71.16 -64.48 -8.69
C PHE F 216 71.57 -63.22 -9.34
N ASN F 217 72.38 -62.47 -8.54
CA ASN F 217 72.91 -61.17 -8.81
C ASN F 217 71.86 -60.11 -8.79
N CYS F 218 71.48 -59.81 -7.58
CA CYS F 218 70.27 -59.05 -7.29
C CYS F 218 70.41 -57.98 -6.26
N ASP F 219 69.41 -57.03 -6.31
CA ASP F 219 69.39 -55.77 -5.61
C ASP F 219 67.93 -55.46 -5.60
N THR F 220 67.54 -54.47 -4.78
CA THR F 220 66.13 -54.18 -4.56
C THR F 220 65.62 -53.50 -5.75
N ALA F 221 64.29 -53.66 -5.95
CA ALA F 221 63.37 -52.53 -6.29
C ALA F 221 62.90 -52.58 -7.74
N PRO F 222 63.44 -52.19 -8.88
CA PRO F 222 62.75 -52.35 -10.12
C PRO F 222 63.19 -53.63 -10.67
N LYS F 223 63.88 -54.48 -9.92
CA LYS F 223 64.37 -55.74 -10.25
C LYS F 223 63.37 -56.81 -10.10
N CYS F 224 62.28 -56.62 -9.37
CA CYS F 224 61.22 -57.64 -9.38
C CYS F 224 60.10 -56.93 -8.93
N ILE F 225 59.19 -56.74 -9.94
CA ILE F 225 57.96 -55.96 -9.70
C ILE F 225 56.83 -56.85 -9.90
N THR F 226 56.10 -57.08 -8.76
CA THR F 226 55.29 -58.30 -8.64
C THR F 226 53.91 -57.82 -8.53
N TYR F 227 53.00 -58.38 -9.38
CA TYR F 227 51.63 -57.94 -9.34
C TYR F 227 50.87 -59.16 -9.75
N ALA F 228 49.71 -59.37 -9.07
CA ALA F 228 48.80 -60.54 -9.23
C ALA F 228 47.93 -60.20 -10.45
N VAL F 229 47.61 -61.19 -11.33
CA VAL F 229 46.82 -60.94 -12.57
C VAL F 229 45.75 -62.08 -12.64
N ASP F 230 44.80 -62.05 -13.59
CA ASP F 230 43.71 -62.96 -13.76
C ASP F 230 43.58 -63.10 -15.29
N ASN F 231 42.83 -64.09 -15.63
CA ASN F 231 42.71 -64.64 -17.00
C ASN F 231 41.23 -65.06 -17.18
N THR F 232 40.65 -64.68 -18.32
CA THR F 232 39.36 -64.90 -18.93
C THR F 232 38.24 -63.98 -18.49
N VAL F 233 38.58 -62.77 -17.96
CA VAL F 233 37.68 -61.79 -17.43
C VAL F 233 37.77 -60.70 -18.42
N TRP F 234 36.71 -59.88 -18.58
CA TRP F 234 36.86 -58.60 -19.32
C TRP F 234 36.46 -57.49 -18.38
N GLN F 235 36.80 -56.26 -18.71
CA GLN F 235 36.18 -55.03 -18.20
C GLN F 235 35.40 -54.12 -19.17
N TYR F 236 34.61 -53.16 -18.54
CA TYR F 236 33.86 -52.09 -19.24
C TYR F 236 34.75 -50.85 -19.10
N ASN F 237 34.43 -49.84 -19.95
CA ASN F 237 35.09 -48.54 -19.79
C ASN F 237 34.84 -47.82 -18.44
N SER F 238 35.79 -47.09 -17.87
CA SER F 238 35.61 -46.53 -16.54
C SER F 238 36.55 -45.31 -16.46
N GLN F 239 36.28 -44.24 -15.70
CA GLN F 239 37.10 -43.09 -15.59
C GLN F 239 38.41 -43.38 -14.84
N TYR F 240 38.40 -44.44 -13.95
CA TYR F 240 39.56 -44.77 -13.16
C TYR F 240 39.31 -46.07 -12.33
N VAL F 241 39.88 -47.15 -12.80
CA VAL F 241 40.02 -48.46 -12.25
C VAL F 241 41.35 -48.99 -12.88
N PRO F 242 42.13 -49.97 -12.34
CA PRO F 242 43.16 -50.59 -13.17
C PRO F 242 42.63 -51.37 -14.36
N ARG F 243 43.31 -51.11 -15.56
CA ARG F 243 43.05 -51.70 -16.85
C ARG F 243 44.36 -51.59 -17.57
N SER F 244 45.45 -51.46 -16.74
CA SER F 244 46.78 -51.39 -17.23
C SER F 244 47.33 -52.56 -18.13
N GLU F 245 46.85 -53.82 -17.91
CA GLU F 245 47.17 -54.89 -18.77
C GLU F 245 46.39 -54.76 -20.06
N VAL F 246 47.02 -55.22 -21.18
CA VAL F 246 46.45 -55.17 -22.53
C VAL F 246 46.72 -56.52 -23.15
N THR F 247 45.76 -57.13 -23.79
CA THR F 247 45.93 -58.47 -24.24
C THR F 247 45.13 -58.43 -25.51
N GLU F 248 45.05 -59.58 -26.18
CA GLU F 248 44.48 -59.88 -27.50
C GLU F 248 43.15 -60.64 -27.37
N VAL F 249 42.76 -60.96 -26.13
CA VAL F 249 41.51 -61.63 -26.00
C VAL F 249 40.51 -60.56 -25.60
N LYS F 250 39.50 -60.47 -26.51
CA LYS F 250 38.41 -59.56 -26.46
C LYS F 250 37.18 -60.24 -26.94
N GLY F 251 36.08 -59.48 -26.63
CA GLY F 251 34.74 -59.86 -26.77
C GLY F 251 33.89 -58.66 -27.04
N LYS F 252 32.58 -58.93 -27.27
CA LYS F 252 31.57 -57.83 -27.33
C LYS F 252 30.50 -58.26 -26.43
N ILE F 253 29.61 -57.35 -25.85
CA ILE F 253 28.57 -57.70 -24.95
C ILE F 253 27.39 -56.79 -25.34
N HIS F 254 26.15 -57.29 -25.26
CA HIS F 254 25.01 -56.52 -25.57
C HIS F 254 24.78 -55.54 -24.44
N VAL F 255 24.13 -54.45 -24.72
CA VAL F 255 23.87 -53.35 -23.90
C VAL F 255 22.31 -53.56 -23.72
N PRO F 256 21.67 -53.83 -22.52
CA PRO F 256 20.20 -54.00 -22.35
C PRO F 256 19.69 -52.77 -21.76
N PHE F 257 18.44 -52.84 -21.15
CA PHE F 257 17.79 -51.76 -20.53
C PHE F 257 17.66 -50.55 -21.42
N PRO F 258 16.74 -50.50 -22.48
CA PRO F 258 16.68 -49.42 -23.55
C PRO F 258 15.87 -48.34 -22.98
N LEU F 259 16.13 -47.11 -23.47
CA LEU F 259 15.25 -45.96 -23.28
C LEU F 259 14.04 -46.20 -24.15
N THR F 260 12.90 -46.21 -23.54
CA THR F 260 11.75 -46.44 -24.30
C THR F 260 10.61 -45.74 -23.59
N ASP F 261 9.59 -45.42 -24.39
CA ASP F 261 8.30 -44.85 -23.98
C ASP F 261 7.43 -45.76 -23.16
N SER F 262 6.61 -45.15 -22.27
CA SER F 262 5.61 -45.84 -21.54
C SER F 262 4.65 -44.74 -21.31
N THR F 263 3.65 -44.94 -20.47
CA THR F 263 2.76 -43.93 -20.02
C THR F 263 2.68 -44.24 -18.54
N CYS F 264 2.72 -43.15 -17.76
CA CYS F 264 2.54 -43.21 -16.28
C CYS F 264 1.19 -42.51 -15.91
N ALA F 265 0.47 -43.09 -14.88
CA ALA F 265 -0.77 -42.55 -14.35
C ALA F 265 -0.41 -41.44 -13.43
N VAL F 266 -0.96 -40.22 -13.61
CA VAL F 266 -0.68 -39.10 -12.68
C VAL F 266 -1.92 -38.32 -12.49
N SER F 267 -2.07 -37.72 -11.29
CA SER F 267 -3.15 -36.82 -11.07
C SER F 267 -2.38 -35.58 -10.52
N VAL F 268 -2.85 -34.37 -10.97
CA VAL F 268 -2.47 -33.09 -10.30
C VAL F 268 -3.82 -32.38 -9.97
N ALA F 269 -3.72 -31.18 -9.28
CA ALA F 269 -4.84 -30.50 -8.70
C ALA F 269 -5.89 -29.92 -9.66
N PRO F 270 -7.09 -29.48 -9.15
CA PRO F 270 -8.15 -28.88 -9.94
C PRO F 270 -7.77 -27.74 -10.82
N GLU F 271 -8.32 -27.68 -12.05
CA GLU F 271 -8.00 -26.65 -13.04
C GLU F 271 -8.80 -25.46 -12.57
N PRO F 272 -8.32 -24.13 -12.70
CA PRO F 272 -8.94 -22.91 -12.20
C PRO F 272 -10.46 -22.77 -12.59
N GLN F 273 -11.27 -22.34 -11.53
CA GLN F 273 -12.69 -22.05 -11.68
C GLN F 273 -12.79 -20.80 -12.46
N VAL F 274 -13.86 -20.77 -13.33
CA VAL F 274 -14.04 -19.62 -14.13
C VAL F 274 -15.29 -19.00 -13.63
N THR F 275 -15.19 -17.67 -13.70
CA THR F 275 -16.24 -16.74 -13.40
C THR F 275 -16.32 -15.84 -14.62
N TYR F 276 -17.46 -15.22 -14.89
CA TYR F 276 -17.62 -14.60 -16.15
C TYR F 276 -18.24 -13.29 -15.78
N ARG F 277 -17.88 -12.29 -16.60
CA ARG F 277 -18.57 -10.96 -16.53
C ARG F 277 -18.70 -10.41 -17.99
N LEU F 278 -19.32 -9.24 -18.22
CA LEU F 278 -19.50 -8.58 -19.49
C LEU F 278 -18.18 -8.24 -20.16
N GLY F 279 -17.78 -9.08 -21.10
CA GLY F 279 -16.53 -9.01 -21.84
C GLY F 279 -15.29 -9.32 -21.05
N GLU F 280 -15.40 -10.14 -19.97
CA GLU F 280 -14.35 -10.30 -18.91
C GLU F 280 -14.36 -11.80 -18.53
N VAL F 281 -13.16 -12.37 -18.25
CA VAL F 281 -12.93 -13.73 -17.73
C VAL F 281 -12.03 -13.52 -16.61
N GLU F 282 -12.45 -14.20 -15.48
CA GLU F 282 -11.66 -14.13 -14.28
C GLU F 282 -11.41 -15.56 -13.93
N PHE F 283 -10.25 -15.90 -13.38
CA PHE F 283 -9.79 -17.21 -13.04
C PHE F 283 -9.35 -17.27 -11.59
N HIS F 284 -9.80 -18.31 -10.82
CA HIS F 284 -9.39 -18.57 -9.47
C HIS F 284 -8.55 -19.74 -9.55
N PHE F 285 -7.25 -19.61 -9.19
CA PHE F 285 -6.32 -20.65 -9.16
C PHE F 285 -6.42 -21.36 -7.81
N HIS F 286 -6.33 -22.74 -7.88
CA HIS F 286 -6.59 -23.55 -6.75
C HIS F 286 -5.80 -24.79 -6.71
N PRO F 287 -4.72 -24.82 -5.90
CA PRO F 287 -3.78 -25.97 -5.92
C PRO F 287 -4.03 -26.84 -4.74
N MET F 288 -3.25 -27.91 -4.54
CA MET F 288 -3.27 -28.91 -3.48
C MET F 288 -1.94 -28.88 -3.00
N TYR F 289 -0.97 -29.09 -3.89
CA TYR F 289 0.49 -28.94 -3.65
C TYR F 289 1.00 -28.23 -4.86
N PRO F 290 2.15 -27.54 -4.84
CA PRO F 290 2.69 -26.75 -5.94
C PRO F 290 2.54 -27.38 -7.31
N THR F 291 1.96 -26.60 -8.25
CA THR F 291 1.47 -27.04 -9.53
C THR F 291 1.97 -25.94 -10.43
N LEU F 292 2.49 -26.37 -11.63
CA LEU F 292 3.13 -25.48 -12.60
C LEU F 292 1.93 -24.98 -13.42
N PHE F 293 2.00 -23.67 -13.70
CA PHE F 293 0.97 -23.08 -14.47
C PHE F 293 1.61 -22.22 -15.51
N SER F 294 0.97 -22.01 -16.71
CA SER F 294 1.49 -21.15 -17.72
C SER F 294 0.40 -20.25 -18.10
N ILE F 295 0.79 -19.03 -18.51
CA ILE F 295 -0.11 -17.96 -18.93
C ILE F 295 0.48 -17.73 -20.27
N ARG F 296 -0.46 -17.85 -21.25
CA ARG F 296 -0.07 -17.72 -22.66
C ARG F 296 -1.20 -17.09 -23.37
N SER F 297 -1.06 -17.07 -24.75
CA SER F 297 -2.04 -16.38 -25.54
C SER F 297 -1.71 -16.78 -26.97
N LEU F 298 -2.73 -16.91 -27.87
CA LEU F 298 -2.40 -17.27 -29.23
C LEU F 298 -3.61 -16.84 -30.04
N GLY F 299 -4.57 -16.22 -29.29
CA GLY F 299 -5.67 -15.47 -29.85
C GLY F 299 -5.45 -14.03 -29.78
N LYS F 300 -4.30 -13.71 -29.16
CA LYS F 300 -3.73 -12.43 -28.92
C LYS F 300 -2.31 -12.45 -29.24
N ASP F 301 -1.62 -11.29 -29.14
CA ASP F 301 -0.21 -11.05 -29.44
C ASP F 301 0.66 -11.95 -28.47
N PRO F 302 1.72 -12.61 -29.02
CA PRO F 302 2.55 -13.58 -28.25
C PRO F 302 3.06 -13.13 -26.96
N SER F 303 2.93 -14.00 -25.96
CA SER F 303 3.40 -13.85 -24.56
C SER F 303 3.64 -15.26 -24.03
N HIS F 304 4.58 -15.36 -23.02
CA HIS F 304 4.84 -16.56 -22.26
C HIS F 304 5.39 -16.26 -20.89
N SER F 305 4.75 -16.95 -19.91
CA SER F 305 5.31 -17.01 -18.61
C SER F 305 5.09 -18.32 -18.04
N GLN F 306 5.78 -18.70 -16.92
CA GLN F 306 5.66 -19.93 -16.15
C GLN F 306 5.77 -19.39 -14.77
N GLU F 307 4.96 -19.97 -13.84
CA GLU F 307 5.05 -19.74 -12.46
C GLU F 307 4.46 -20.92 -11.76
N TRP F 308 4.90 -21.12 -10.53
CA TRP F 308 4.32 -22.13 -9.73
C TRP F 308 3.22 -21.53 -8.92
N ILE F 309 1.96 -22.06 -8.87
CA ILE F 309 0.93 -21.53 -7.92
C ILE F 309 0.94 -22.52 -6.85
N ASP F 310 1.32 -22.05 -5.60
CA ASP F 310 1.30 -22.87 -4.45
C ASP F 310 0.09 -22.48 -3.64
N THR F 311 -0.41 -21.26 -3.84
CA THR F 311 -1.44 -20.70 -2.98
C THR F 311 -2.27 -19.91 -3.89
N PRO F 312 -3.62 -19.97 -3.74
CA PRO F 312 -4.53 -19.35 -4.66
C PRO F 312 -4.28 -17.89 -4.87
N MET F 313 -4.51 -17.44 -6.11
CA MET F 313 -4.52 -16.04 -6.50
C MET F 313 -5.34 -15.92 -7.67
N SER F 314 -6.06 -14.77 -7.83
CA SER F 314 -6.96 -14.54 -8.97
C SER F 314 -6.32 -13.77 -10.02
N LYS F 315 -6.47 -14.19 -11.23
CA LYS F 315 -5.88 -13.42 -12.31
C LYS F 315 -7.00 -13.17 -13.16
N THR F 316 -7.13 -11.88 -13.60
CA THR F 316 -8.24 -11.52 -14.45
C THR F 316 -7.55 -11.19 -15.74
N ILE F 317 -8.11 -11.76 -16.85
CA ILE F 317 -7.77 -11.48 -18.22
C ILE F 317 -9.02 -11.18 -18.93
N GLN F 318 -9.00 -10.08 -19.76
CA GLN F 318 -10.11 -9.78 -20.58
C GLN F 318 -10.09 -10.41 -21.89
N VAL F 319 -11.25 -10.90 -22.42
CA VAL F 319 -11.31 -11.62 -23.68
C VAL F 319 -12.60 -11.13 -24.33
N GLY F 320 -12.55 -10.59 -25.55
CA GLY F 320 -13.79 -9.97 -26.18
C GLY F 320 -14.22 -10.86 -27.32
N ALA F 321 -13.95 -12.20 -27.15
CA ALA F 321 -14.24 -13.24 -28.06
C ALA F 321 -13.07 -13.36 -28.95
N GLU F 322 -11.83 -13.30 -28.43
CA GLU F 322 -10.64 -13.33 -29.28
C GLU F 322 -10.13 -14.79 -29.15
N GLY F 323 -9.68 -15.13 -27.92
CA GLY F 323 -9.18 -16.41 -27.58
C GLY F 323 -8.10 -16.23 -26.58
N VAL F 324 -8.25 -16.80 -25.33
CA VAL F 324 -7.16 -16.76 -24.31
C VAL F 324 -7.11 -18.13 -23.88
N GLU F 325 -5.79 -18.67 -23.76
CA GLU F 325 -5.55 -20.07 -23.29
C GLU F 325 -4.77 -20.04 -21.95
N TYR F 326 -5.17 -20.95 -20.98
CA TYR F 326 -4.44 -21.15 -19.77
C TYR F 326 -4.06 -22.69 -19.71
N VAL F 327 -2.85 -23.00 -19.27
CA VAL F 327 -2.26 -24.31 -19.15
C VAL F 327 -2.05 -24.58 -17.71
N TRP F 328 -2.64 -25.69 -17.26
CA TRP F 328 -2.63 -26.00 -15.83
C TRP F 328 -2.18 -27.45 -15.81
N GLY F 329 -1.01 -27.69 -15.11
CA GLY F 329 -0.25 -28.99 -14.88
C GLY F 329 -0.22 -30.03 -16.01
N ASN F 330 -0.75 -31.31 -15.69
CA ASN F 330 -0.88 -32.42 -16.63
C ASN F 330 -2.40 -32.73 -16.93
N ASN F 331 -2.92 -31.82 -17.70
CA ASN F 331 -4.35 -31.77 -17.99
C ASN F 331 -4.41 -31.11 -19.36
N ASN F 332 -5.48 -31.30 -20.09
CA ASN F 332 -5.57 -30.61 -21.41
C ASN F 332 -5.64 -29.05 -21.37
N PRO F 333 -5.03 -28.16 -22.28
CA PRO F 333 -5.16 -26.75 -22.12
C PRO F 333 -6.58 -26.35 -22.42
N VAL F 334 -7.11 -25.19 -21.89
CA VAL F 334 -8.43 -24.80 -22.24
C VAL F 334 -8.30 -23.41 -22.82
N ARG F 335 -8.87 -23.22 -23.98
CA ARG F 335 -8.96 -21.96 -24.69
C ARG F 335 -10.40 -21.60 -24.76
N LEU F 336 -10.70 -20.30 -24.52
CA LEU F 336 -12.03 -19.88 -24.42
C LEU F 336 -12.13 -18.51 -25.08
N TRP F 337 -13.34 -18.29 -25.64
CA TRP F 337 -13.81 -17.16 -26.43
C TRP F 337 -14.87 -16.51 -25.58
N ALA F 338 -14.80 -16.81 -24.30
CA ALA F 338 -15.67 -16.40 -23.27
C ALA F 338 -17.10 -16.77 -23.48
N GLN F 339 -17.29 -18.07 -23.87
CA GLN F 339 -18.54 -18.70 -24.12
C GLN F 339 -19.42 -18.76 -22.85
N LYS F 340 -20.70 -18.39 -22.99
CA LYS F 340 -21.66 -18.52 -21.91
C LYS F 340 -22.89 -18.85 -22.59
N SER F 341 -23.94 -18.86 -21.67
CA SER F 341 -25.29 -19.09 -22.06
C SER F 341 -25.98 -17.71 -22.35
N SER F 342 -25.32 -16.82 -23.11
CA SER F 342 -25.92 -15.61 -23.59
C SER F 342 -25.44 -15.45 -25.01
N SER F 343 -26.01 -14.44 -25.74
CA SER F 343 -25.62 -14.19 -27.15
C SER F 343 -25.82 -12.66 -27.44
N SER F 344 -25.21 -12.17 -28.54
CA SER F 344 -25.46 -10.85 -29.01
C SER F 344 -26.51 -10.97 -30.04
N SER F 345 -26.72 -9.93 -30.81
CA SER F 345 -27.79 -9.85 -31.74
C SER F 345 -27.71 -8.53 -32.46
N ALA F 346 -27.03 -8.46 -33.63
CA ALA F 346 -26.85 -7.33 -34.48
C ALA F 346 -26.31 -6.15 -33.81
N HIS F 347 -25.26 -6.30 -32.95
CA HIS F 347 -24.55 -5.20 -32.33
C HIS F 347 -23.45 -4.77 -33.28
N GLY F 348 -22.92 -3.55 -33.04
CA GLY F 348 -21.72 -2.95 -33.61
C GLY F 348 -22.15 -2.18 -34.80
N ASN F 349 -21.58 -0.97 -35.02
CA ASN F 349 -21.73 0.02 -36.05
C ASN F 349 -21.23 -0.53 -37.33
N PRO F 350 -21.73 -0.20 -38.53
CA PRO F 350 -21.29 -0.80 -39.78
C PRO F 350 -19.91 -0.57 -40.16
N ILE F 351 -19.31 0.53 -39.65
CA ILE F 351 -17.95 0.97 -39.87
C ILE F 351 -17.26 0.71 -38.53
N SER F 352 -16.11 0.04 -38.52
CA SER F 352 -15.44 -0.65 -37.42
C SER F 352 -15.43 0.03 -36.03
N ILE F 353 -15.71 -0.79 -34.94
CA ILE F 353 -15.90 -0.23 -33.60
C ILE F 353 -15.60 -1.36 -32.64
N VAL F 354 -15.68 -1.14 -31.34
CA VAL F 354 -15.16 -2.00 -30.29
C VAL F 354 -16.25 -2.65 -29.67
N SER F 355 -15.96 -3.79 -28.97
CA SER F 355 -17.01 -4.58 -28.32
C SER F 355 -17.54 -4.01 -27.05
N HIS F 356 -18.85 -4.05 -26.96
CA HIS F 356 -19.72 -3.53 -25.97
C HIS F 356 -19.74 -2.06 -26.02
N TYR F 357 -20.65 -1.46 -25.22
CA TYR F 357 -20.89 -0.06 -25.10
C TYR F 357 -19.70 0.79 -24.74
N TYR F 358 -18.84 0.25 -23.83
CA TYR F 358 -17.60 0.77 -23.23
C TYR F 358 -16.77 1.50 -24.22
N ASP F 359 -16.25 2.62 -23.77
CA ASP F 359 -15.51 3.64 -24.47
C ASP F 359 -14.22 3.17 -25.07
N LEU F 360 -13.53 2.26 -24.45
CA LEU F 360 -12.21 1.84 -24.90
C LEU F 360 -12.34 0.73 -25.95
N TYR F 361 -11.61 0.77 -27.13
CA TYR F 361 -10.70 1.75 -27.60
C TYR F 361 -11.48 2.91 -27.96
N PRO F 362 -11.08 4.20 -27.58
CA PRO F 362 -11.84 5.38 -27.94
C PRO F 362 -12.36 5.44 -29.37
N TYR F 363 -13.68 5.30 -29.48
CA TYR F 363 -14.48 5.32 -30.63
C TYR F 363 -15.87 5.70 -30.14
N TRP F 364 -16.07 6.02 -28.83
CA TRP F 364 -17.32 6.47 -28.25
C TRP F 364 -16.98 7.78 -27.58
N THR F 365 -15.70 7.92 -27.33
CA THR F 365 -15.18 9.15 -26.74
C THR F 365 -14.69 10.11 -27.76
N ILE F 366 -14.44 9.66 -29.00
CA ILE F 366 -14.06 10.45 -30.09
C ILE F 366 -15.25 11.38 -30.51
N THR F 367 -16.55 10.94 -30.54
CA THR F 367 -17.72 11.71 -30.77
C THR F 367 -17.90 12.80 -29.73
N VAL F 368 -17.60 12.60 -28.44
CA VAL F 368 -17.62 13.61 -27.45
C VAL F 368 -16.61 14.67 -27.76
N LEU F 369 -15.36 14.33 -28.11
CA LEU F 369 -14.29 15.28 -28.27
C LEU F 369 -14.61 16.17 -29.44
N ALA F 370 -15.13 15.53 -30.51
CA ALA F 370 -15.43 16.23 -31.80
C ALA F 370 -16.48 17.30 -31.64
N SER F 371 -17.63 16.92 -30.97
CA SER F 371 -18.80 17.79 -30.75
C SER F 371 -18.50 19.02 -29.95
N LEU F 372 -17.59 18.82 -28.93
CA LEU F 372 -17.15 19.84 -27.95
C LEU F 372 -16.35 20.87 -28.71
N GLY F 373 -15.49 20.42 -29.67
CA GLY F 373 -14.66 21.31 -30.48
C GLY F 373 -15.47 22.10 -31.48
N LEU F 374 -16.57 21.52 -31.91
CA LEU F 374 -17.45 22.14 -32.86
C LEU F 374 -18.11 23.32 -32.37
N LEU F 375 -18.62 23.41 -31.12
CA LEU F 375 -19.31 24.51 -30.46
C LEU F 375 -18.49 25.81 -30.36
N ILE F 376 -17.18 25.61 -30.09
CA ILE F 376 -16.16 26.64 -29.92
C ILE F 376 -16.02 27.33 -31.34
N VAL F 377 -16.12 26.56 -32.46
CA VAL F 377 -15.95 27.09 -33.81
C VAL F 377 -17.07 28.04 -34.10
N ILE F 378 -18.32 27.71 -33.66
CA ILE F 378 -19.49 28.60 -33.85
C ILE F 378 -19.28 29.90 -33.10
N SER F 379 -18.80 29.87 -31.87
CA SER F 379 -18.52 31.13 -31.15
C SER F 379 -17.44 31.98 -31.74
N SER F 380 -16.31 31.44 -32.27
CA SER F 380 -15.17 32.10 -32.79
C SER F 380 -15.55 32.76 -34.06
N GLY F 381 -16.30 31.99 -34.94
CA GLY F 381 -16.73 32.60 -36.23
C GLY F 381 -17.72 33.72 -36.10
N PHE F 382 -18.71 33.57 -35.08
CA PHE F 382 -19.79 34.53 -34.84
C PHE F 382 -19.27 35.87 -34.42
N SER F 383 -18.37 35.82 -33.46
CA SER F 383 -17.81 36.98 -32.83
C SER F 383 -16.94 37.82 -33.73
N CYS F 384 -16.07 37.16 -34.56
CA CYS F 384 -15.13 37.84 -35.42
C CYS F 384 -15.87 38.52 -36.52
N PHE F 385 -16.93 37.89 -37.14
CA PHE F 385 -17.73 38.42 -38.24
C PHE F 385 -18.52 39.63 -37.91
N LEU F 386 -19.09 39.51 -36.64
CA LEU F 386 -19.96 40.48 -35.92
C LEU F 386 -19.36 41.86 -35.85
N CYS F 387 -18.05 41.81 -35.58
CA CYS F 387 -17.25 43.01 -35.49
C CYS F 387 -17.24 43.71 -36.74
N SER F 388 -17.09 43.05 -37.85
CA SER F 388 -17.06 43.64 -39.22
C SER F 388 -18.42 44.15 -39.53
N VAL F 389 -19.44 43.42 -39.08
CA VAL F 389 -20.86 43.77 -39.27
C VAL F 389 -21.17 45.10 -38.61
N ALA F 390 -20.65 45.46 -37.41
CA ALA F 390 -20.91 46.67 -36.71
C ALA F 390 -20.43 47.84 -37.43
N ARG F 391 -19.29 47.78 -38.20
CA ARG F 391 -18.72 48.92 -38.94
C ARG F 391 -19.61 49.18 -40.13
N THR F 392 -20.14 48.10 -40.83
CA THR F 392 -21.14 48.27 -41.94
C THR F 392 -22.39 48.85 -41.45
N LYS F 393 -22.92 48.49 -40.25
CA LYS F 393 -24.11 49.05 -39.65
C LYS F 393 -24.05 50.54 -39.41
N CYS F 394 -22.92 51.10 -39.05
CA CYS F 394 -22.72 52.53 -39.02
C CYS F 394 -22.71 53.12 -40.36
N LEU F 395 -21.94 52.51 -41.32
CA LEU F 395 -21.76 53.07 -42.61
C LEU F 395 -23.02 53.25 -43.42
N THR F 396 -23.90 52.16 -43.48
CA THR F 396 -24.98 52.05 -44.41
C THR F 396 -26.04 53.10 -44.29
N PRO F 397 -26.72 53.39 -43.15
CA PRO F 397 -27.65 54.45 -43.03
C PRO F 397 -27.10 55.82 -43.09
N TYR F 398 -25.72 56.06 -42.86
CA TYR F 398 -25.08 57.32 -42.97
C TYR F 398 -25.02 57.68 -44.37
N GLN F 399 -24.48 56.75 -45.21
CA GLN F 399 -24.30 56.96 -46.62
C GLN F 399 -25.54 57.02 -47.44
N LEU F 400 -26.54 56.14 -47.12
CA LEU F 400 -27.89 55.88 -47.65
C LEU F 400 -28.57 57.16 -47.88
N ALA F 401 -28.77 57.93 -46.80
CA ALA F 401 -29.50 59.16 -46.77
C ALA F 401 -29.28 59.61 -45.33
N PRO F 402 -28.40 60.62 -45.06
CA PRO F 402 -28.02 61.03 -43.70
C PRO F 402 -29.25 61.37 -42.86
N GLY F 403 -29.54 60.72 -41.75
CA GLY F 403 -28.85 59.69 -41.00
C GLY F 403 -28.19 60.35 -39.85
N ALA F 404 -28.32 61.68 -39.66
CA ALA F 404 -27.63 62.39 -38.55
C ALA F 404 -28.54 62.78 -37.36
N GLN F 405 -29.85 62.58 -37.49
CA GLN F 405 -30.73 63.02 -36.49
C GLN F 405 -31.86 62.09 -36.58
N LEU F 406 -31.79 61.00 -37.46
CA LEU F 406 -33.01 60.25 -37.64
C LEU F 406 -33.11 59.08 -36.65
N PRO F 407 -34.29 58.59 -36.34
CA PRO F 407 -34.48 57.44 -35.49
C PRO F 407 -34.02 56.16 -36.14
N THR F 408 -34.07 56.10 -37.51
CA THR F 408 -33.55 55.07 -38.29
C THR F 408 -32.18 54.56 -37.94
N PHE F 409 -31.18 55.44 -37.53
CA PHE F 409 -29.89 55.03 -37.24
C PHE F 409 -29.92 54.10 -36.05
N ILE F 410 -30.73 54.43 -35.01
CA ILE F 410 -30.85 53.77 -33.73
C ILE F 410 -31.17 52.26 -33.85
N ALA F 411 -32.00 51.79 -34.79
CA ALA F 411 -32.37 50.44 -34.80
C ALA F 411 -31.17 49.56 -35.12
N LEU F 412 -30.37 50.02 -36.17
CA LEU F 412 -29.14 49.42 -36.58
C LEU F 412 -27.96 49.59 -35.61
N LEU F 413 -28.02 50.77 -34.98
CA LEU F 413 -27.04 51.19 -34.01
C LEU F 413 -26.97 50.36 -32.73
N CYS F 414 -28.09 49.85 -32.23
CA CYS F 414 -28.16 49.10 -31.02
C CYS F 414 -27.30 47.84 -31.19
N CYS F 415 -27.46 47.28 -32.37
CA CYS F 415 -26.62 46.06 -32.66
C CYS F 415 -25.13 46.40 -32.64
N ALA F 416 -24.72 47.51 -33.22
CA ALA F 416 -23.42 47.96 -33.50
C ALA F 416 -22.70 48.27 -32.23
N LYS F 417 -23.42 48.93 -31.22
CA LYS F 417 -22.93 49.27 -29.86
C LYS F 417 -22.57 47.95 -29.14
N SER F 418 -23.40 46.96 -29.23
CA SER F 418 -23.20 45.65 -28.55
C SER F 418 -22.01 44.90 -29.18
N ALA F 419 -21.89 44.94 -30.47
CA ALA F 419 -20.77 44.39 -31.17
C ALA F 419 -19.36 44.96 -30.79
N ARG F 420 -19.21 46.31 -30.86
CA ARG F 420 -17.98 47.01 -30.58
C ARG F 420 -17.59 46.87 -29.14
N ALA F 421 -18.55 47.02 -28.14
CA ALA F 421 -18.19 46.94 -26.74
C ALA F 421 -18.41 45.47 -26.42
N PRO G 83 14.28 115.68 9.87
CA PRO G 83 14.75 114.33 9.93
C PRO G 83 16.18 114.35 9.37
N THR G 84 17.03 113.31 9.74
CA THR G 84 18.34 113.25 9.11
C THR G 84 18.21 112.68 7.73
N GLN G 85 19.22 113.01 6.93
CA GLN G 85 19.35 112.79 5.52
C GLN G 85 18.26 113.55 4.73
N LYS G 86 17.93 113.14 3.44
CA LYS G 86 17.19 113.96 2.53
C LYS G 86 15.74 114.07 2.98
N LYS G 87 15.03 115.26 2.63
CA LYS G 87 13.72 115.55 3.11
C LYS G 87 12.77 115.06 2.05
N LYS G 88 13.27 114.16 1.18
CA LYS G 88 12.48 113.42 0.30
C LYS G 88 13.12 112.08 0.27
N SER G 89 12.34 110.98 -0.02
CA SER G 89 12.72 109.56 -0.09
C SER G 89 13.68 109.42 -1.26
N LYS G 90 13.34 109.98 -2.51
CA LYS G 90 14.15 109.92 -3.65
C LYS G 90 13.96 111.09 -4.61
N PRO G 91 14.99 111.37 -5.41
CA PRO G 91 14.98 112.40 -6.39
C PRO G 91 14.29 111.89 -7.65
N GLY G 92 14.22 112.85 -8.63
CA GLY G 92 13.56 112.73 -9.96
C GLY G 92 14.10 111.59 -10.80
N LYS G 93 13.15 110.72 -11.15
CA LYS G 93 13.53 109.57 -11.92
C LYS G 93 12.17 109.41 -12.78
N ARG G 94 12.32 108.74 -13.90
CA ARG G 94 11.21 108.46 -14.83
C ARG G 94 10.73 107.04 -14.62
N MET G 95 11.48 106.27 -13.78
CA MET G 95 11.26 104.86 -13.56
C MET G 95 11.42 104.63 -12.06
N ARG G 96 10.47 104.00 -11.38
CA ARG G 96 10.53 103.85 -9.93
C ARG G 96 11.13 102.52 -9.67
N ASN G 97 11.90 102.38 -8.57
CA ASN G 97 12.57 101.09 -8.35
C ASN G 97 11.65 99.98 -8.03
N CYS G 98 10.39 100.32 -7.63
CA CYS G 98 9.42 99.34 -7.06
C CYS G 98 8.14 99.58 -7.91
N MET G 99 7.08 98.73 -7.75
CA MET G 99 5.88 98.82 -8.59
C MET G 99 4.91 99.67 -7.90
N LYS G 100 5.09 100.00 -6.65
CA LYS G 100 4.18 100.62 -5.75
C LYS G 100 4.81 100.37 -4.42
N ILE G 101 5.05 99.15 -4.07
CA ILE G 101 5.70 98.84 -2.78
C ILE G 101 6.11 97.38 -2.90
N GLU G 102 5.51 96.60 -3.81
CA GLU G 102 5.74 95.20 -4.04
C GLU G 102 6.92 95.21 -4.97
N ASN G 103 7.51 93.98 -4.92
CA ASN G 103 8.60 93.72 -5.81
C ASN G 103 8.40 92.28 -6.13
N ASP G 104 8.15 91.99 -7.39
CA ASP G 104 7.81 90.72 -7.99
C ASP G 104 9.10 89.99 -8.24
N CYS G 105 9.09 88.61 -8.03
CA CYS G 105 10.22 87.77 -8.04
C CYS G 105 9.69 86.36 -8.11
N ILE G 106 8.33 86.17 -8.42
CA ILE G 106 7.70 84.90 -8.27
C ILE G 106 7.91 84.17 -9.61
N PHE G 107 7.92 82.78 -9.53
CA PHE G 107 8.28 81.89 -10.64
C PHE G 107 7.20 80.81 -10.65
N PRO G 108 6.53 80.47 -11.80
CA PRO G 108 5.38 79.51 -11.92
C PRO G 108 5.95 78.04 -11.87
N VAL G 109 5.10 77.15 -11.32
CA VAL G 109 5.45 75.78 -11.08
C VAL G 109 4.35 74.93 -11.70
N MET G 110 4.71 73.88 -12.52
CA MET G 110 3.74 73.23 -13.39
C MET G 110 3.37 71.88 -12.82
N LEU G 111 2.12 71.48 -13.03
CA LEU G 111 1.76 70.11 -12.72
C LEU G 111 0.60 69.88 -13.65
N ASP G 112 0.66 68.82 -14.47
CA ASP G 112 -0.13 68.51 -15.66
C ASP G 112 -0.37 69.68 -16.60
N GLY G 113 0.71 70.51 -16.96
CA GLY G 113 0.53 71.68 -17.89
C GLY G 113 -0.07 72.86 -17.28
N LYS G 114 -0.54 72.85 -16.07
CA LYS G 114 -1.38 73.90 -15.53
C LYS G 114 -0.59 74.50 -14.36
N VAL G 115 -0.74 75.82 -14.11
CA VAL G 115 -0.08 76.65 -13.11
C VAL G 115 -0.89 76.43 -11.79
N ASN G 116 -0.46 75.59 -10.86
CA ASN G 116 -1.13 75.24 -9.66
C ASN G 116 -0.50 75.87 -8.43
N GLY G 117 0.23 77.00 -8.75
CA GLY G 117 1.03 77.58 -7.67
C GLY G 117 2.14 78.38 -8.29
N TYR G 118 2.94 78.95 -7.36
CA TYR G 118 4.15 79.61 -7.60
C TYR G 118 5.14 79.23 -6.55
N ALA G 119 6.38 79.11 -6.99
CA ALA G 119 7.45 78.83 -6.00
C ALA G 119 8.42 79.98 -5.91
N CYS G 120 9.15 80.13 -4.79
CA CYS G 120 10.15 81.21 -4.60
C CYS G 120 10.68 80.98 -3.21
N LEU G 121 11.91 80.39 -3.16
CA LEU G 121 12.50 79.73 -2.08
C LEU G 121 12.60 80.44 -0.74
N VAL G 122 11.85 79.87 0.36
CA VAL G 122 11.61 80.60 1.50
C VAL G 122 12.68 80.34 2.51
N GLY G 123 12.89 79.13 2.94
CA GLY G 123 13.37 78.67 4.25
C GLY G 123 14.46 77.80 4.19
N ASP G 124 14.78 77.21 5.36
CA ASP G 124 15.93 76.37 5.58
C ASP G 124 16.06 75.02 4.88
N LYS G 125 14.92 74.24 4.86
CA LYS G 125 14.67 73.18 3.90
C LYS G 125 13.26 73.38 3.36
N VAL G 126 13.06 73.36 2.05
CA VAL G 126 12.20 74.33 1.52
C VAL G 126 10.71 73.87 1.45
N MET G 127 9.81 74.87 1.54
CA MET G 127 8.61 74.63 2.30
C MET G 127 7.46 74.81 1.30
N LYS G 128 7.60 75.13 0.00
CA LYS G 128 6.42 75.49 -0.88
C LYS G 128 5.38 74.45 -1.05
N PRO G 129 5.65 73.11 -1.24
CA PRO G 129 4.59 72.33 -1.85
C PRO G 129 3.57 72.02 -0.66
N ALA G 130 2.23 72.09 -0.95
CA ALA G 130 1.17 71.99 -0.05
C ALA G 130 -0.04 71.67 -0.92
N HIS G 131 0.20 71.45 -2.24
CA HIS G 131 -0.84 71.35 -3.32
C HIS G 131 -0.11 71.05 -4.61
N VAL G 132 1.22 71.10 -4.55
CA VAL G 132 2.05 70.82 -5.77
C VAL G 132 3.03 69.78 -5.34
N LYS G 133 3.62 69.17 -6.36
CA LYS G 133 4.70 68.25 -6.20
C LYS G 133 5.58 68.79 -7.24
N GLY G 134 6.88 69.04 -7.09
CA GLY G 134 7.78 69.56 -8.06
C GLY G 134 7.78 71.07 -8.16
N THR G 135 8.98 71.68 -8.31
CA THR G 135 9.18 73.12 -8.17
C THR G 135 10.20 73.59 -9.20
N ILE G 136 9.88 74.76 -9.76
CA ILE G 136 10.53 75.29 -10.94
C ILE G 136 10.76 76.75 -10.59
N ASP G 137 12.04 77.14 -10.56
CA ASP G 137 12.51 78.49 -10.37
C ASP G 137 13.68 78.75 -11.35
N ASN G 138 14.31 77.64 -11.85
CA ASN G 138 15.29 77.64 -12.86
C ASN G 138 15.30 76.20 -13.27
N PRO G 139 15.51 75.79 -14.59
CA PRO G 139 15.67 74.41 -14.92
C PRO G 139 16.75 73.63 -14.29
N GLU G 140 17.85 74.41 -13.99
CA GLU G 140 19.15 73.89 -13.41
C GLU G 140 18.91 73.57 -12.02
N LEU G 141 18.25 74.47 -11.25
CA LEU G 141 17.89 74.23 -9.86
C LEU G 141 16.98 73.09 -9.57
N ALA G 142 15.85 72.91 -10.37
CA ALA G 142 14.81 71.94 -10.21
C ALA G 142 15.31 70.57 -10.21
N LYS G 143 16.17 70.19 -11.17
CA LYS G 143 16.75 68.87 -11.34
C LYS G 143 17.70 68.55 -10.18
N LEU G 144 18.45 69.59 -9.73
CA LEU G 144 19.48 69.50 -8.64
C LEU G 144 18.76 69.25 -7.29
N THR G 145 17.68 69.99 -6.96
CA THR G 145 17.21 70.09 -5.68
C THR G 145 16.66 68.75 -5.21
N PHE G 146 15.86 68.01 -5.96
CA PHE G 146 14.64 67.20 -5.49
C PHE G 146 15.10 66.03 -4.62
N LYS G 147 15.13 66.16 -3.26
CA LYS G 147 14.95 65.06 -2.37
C LYS G 147 13.68 65.50 -1.53
N LYS G 148 12.85 64.60 -1.08
CA LYS G 148 11.59 65.03 -0.38
C LYS G 148 11.27 64.07 0.77
N SER G 149 10.43 64.61 1.71
CA SER G 149 9.82 63.91 2.83
C SER G 149 8.32 64.01 2.65
N SER G 150 7.69 62.97 2.04
CA SER G 150 6.31 63.07 1.68
C SER G 150 5.48 62.70 2.88
N LYS G 151 5.11 63.71 3.74
CA LYS G 151 4.27 63.56 4.89
C LYS G 151 3.46 64.84 5.10
N TYR G 152 3.87 65.92 4.41
CA TYR G 152 3.14 67.19 4.35
C TYR G 152 3.50 67.59 3.00
N ASP G 153 4.42 66.87 2.27
CA ASP G 153 5.01 67.37 1.09
C ASP G 153 6.06 68.44 1.51
N LEU G 154 7.15 67.95 1.98
CA LEU G 154 8.28 68.80 2.32
C LEU G 154 9.39 68.33 1.39
N GLU G 155 10.04 69.38 0.93
CA GLU G 155 11.17 69.41 0.05
C GLU G 155 12.38 69.65 0.83
N CYS G 156 13.64 69.20 0.51
CA CYS G 156 14.90 69.45 1.21
C CYS G 156 15.87 69.78 0.22
N ALA G 157 16.65 70.91 0.44
CA ALA G 157 17.71 71.28 -0.48
C ALA G 157 18.04 72.70 -0.13
N GLN G 158 19.25 73.25 -0.60
CA GLN G 158 19.52 74.63 -0.45
C GLN G 158 20.36 75.03 -1.66
N VAL G 159 19.94 76.00 -2.45
CA VAL G 159 20.67 76.60 -3.57
C VAL G 159 21.78 77.61 -3.13
N PRO G 160 22.77 78.10 -3.96
CA PRO G 160 23.72 79.24 -3.83
C PRO G 160 23.05 80.44 -3.28
N VAL G 161 23.84 81.17 -2.45
CA VAL G 161 23.53 82.33 -1.71
C VAL G 161 23.19 83.52 -2.56
N CYS G 162 23.79 83.70 -3.75
CA CYS G 162 23.43 84.77 -4.73
C CYS G 162 22.03 84.83 -5.19
N MET G 163 21.46 83.62 -5.57
CA MET G 163 20.15 83.27 -5.82
C MET G 163 19.14 83.36 -4.73
N LYS G 164 19.55 82.98 -3.51
CA LYS G 164 18.73 82.85 -2.39
C LYS G 164 18.19 84.14 -1.96
N SER G 165 19.06 85.20 -2.01
CA SER G 165 18.78 86.62 -1.69
C SER G 165 17.59 87.17 -2.54
N ASP G 166 17.51 86.70 -3.81
CA ASP G 166 16.66 87.22 -4.82
C ASP G 166 15.29 86.63 -4.80
N ALA G 167 15.20 85.50 -4.04
CA ALA G 167 14.05 84.66 -3.75
C ALA G 167 13.22 85.22 -2.61
N SER G 168 13.06 84.47 -1.56
CA SER G 168 12.41 85.06 -0.38
C SER G 168 13.37 84.79 0.75
N LYS G 169 13.08 85.36 1.89
CA LYS G 169 13.87 85.35 3.14
C LYS G 169 13.29 84.24 3.94
N PHE G 170 14.14 83.70 4.89
CA PHE G 170 13.89 82.58 5.80
C PHE G 170 12.76 83.00 6.75
N THR G 171 12.33 82.02 7.58
CA THR G 171 11.36 82.39 8.55
C THR G 171 11.50 81.43 9.68
N HIS G 172 11.19 81.88 10.97
CA HIS G 172 11.10 81.17 12.20
C HIS G 172 10.36 82.00 13.21
N GLU G 173 10.11 83.32 12.85
CA GLU G 173 9.68 84.33 13.77
C GLU G 173 8.63 85.16 13.10
N LYS G 174 7.82 86.04 13.73
CA LYS G 174 6.75 86.71 12.99
C LYS G 174 7.18 88.15 13.11
N PRO G 175 7.69 88.85 12.06
CA PRO G 175 7.73 90.36 12.00
C PRO G 175 6.39 90.80 11.42
N GLU G 176 5.96 92.16 11.66
CA GLU G 176 4.69 92.61 11.17
C GLU G 176 5.01 93.51 9.99
N GLY G 177 4.26 93.22 8.85
CA GLY G 177 4.46 93.95 7.70
C GLY G 177 3.50 93.53 6.64
N HIS G 178 2.89 92.33 6.80
CA HIS G 178 2.14 91.55 5.82
C HIS G 178 0.94 92.41 5.40
N TYR G 179 0.88 92.87 4.13
CA TYR G 179 -0.18 93.67 3.64
C TYR G 179 -0.15 93.55 2.12
N ASN G 180 0.61 92.53 1.64
CA ASN G 180 0.72 92.12 0.26
C ASN G 180 0.67 90.58 0.19
N TRP G 181 0.11 89.95 -0.93
CA TRP G 181 0.31 88.56 -1.35
C TRP G 181 0.17 88.43 -2.84
N HIS G 182 -0.30 89.60 -3.46
CA HIS G 182 -0.76 89.56 -4.80
C HIS G 182 -1.03 90.92 -5.22
N HIS G 183 -1.81 91.66 -4.40
CA HIS G 183 -2.39 92.95 -4.64
C HIS G 183 -2.17 93.50 -3.31
N GLY G 184 -1.95 94.81 -3.12
CA GLY G 184 -1.11 95.36 -2.11
C GLY G 184 -1.98 96.07 -1.12
N ALA G 185 -3.28 95.78 -1.17
CA ALA G 185 -4.23 96.40 -0.30
C ALA G 185 -4.86 95.27 0.37
N VAL G 186 -4.11 94.32 1.07
CA VAL G 186 -4.73 93.26 1.84
C VAL G 186 -5.12 93.81 3.14
N GLN G 187 -6.42 93.71 3.50
CA GLN G 187 -7.04 94.22 4.69
C GLN G 187 -6.89 93.34 5.90
N PHE G 188 -6.69 94.06 7.06
CA PHE G 188 -6.53 93.34 8.27
C PHE G 188 -7.79 93.59 8.99
N SER G 189 -8.70 92.64 9.03
CA SER G 189 -9.83 92.78 9.94
C SER G 189 -10.30 91.36 10.43
N ASN G 190 -10.61 91.26 11.72
CA ASN G 190 -11.10 90.09 12.46
C ASN G 190 -10.04 89.09 12.54
N GLY G 191 -8.77 89.59 12.75
CA GLY G 191 -7.60 88.76 12.98
C GLY G 191 -7.14 88.01 11.76
N ARG G 192 -7.68 88.43 10.58
CA ARG G 192 -7.49 87.75 9.34
C ARG G 192 -7.31 88.65 8.21
N PHE G 193 -6.53 88.15 7.27
CA PHE G 193 -6.23 88.91 6.06
C PHE G 193 -7.17 88.46 4.97
N THR G 194 -7.82 89.46 4.35
CA THR G 194 -8.87 89.21 3.33
C THR G 194 -8.70 90.22 2.28
N ILE G 195 -9.05 89.80 0.99
CA ILE G 195 -8.89 90.59 -0.17
C ILE G 195 -10.23 90.40 -0.91
N PRO G 196 -10.70 91.32 -1.84
CA PRO G 196 -11.93 91.07 -2.63
C PRO G 196 -11.74 89.99 -3.70
N THR G 197 -12.77 89.29 -4.10
CA THR G 197 -12.66 88.32 -5.18
C THR G 197 -11.80 88.65 -6.36
N GLY G 198 -10.99 87.69 -6.75
CA GLY G 198 -10.01 87.90 -7.66
C GLY G 198 -8.98 86.86 -7.44
N SER G 199 -9.36 85.75 -6.87
CA SER G 199 -8.54 84.61 -6.51
C SER G 199 -9.18 83.40 -7.13
N GLY G 200 -10.37 83.57 -7.86
CA GLY G 200 -11.15 82.51 -8.46
C GLY G 200 -10.47 81.83 -9.64
N LYS G 201 -9.26 82.34 -10.05
CA LYS G 201 -8.46 81.83 -11.17
C LYS G 201 -7.56 80.78 -10.51
N PRO G 202 -7.08 79.77 -11.15
CA PRO G 202 -6.18 78.72 -10.59
C PRO G 202 -4.88 79.32 -10.17
N GLY G 203 -4.20 78.61 -9.21
CA GLY G 203 -2.85 79.00 -8.87
C GLY G 203 -2.75 79.96 -7.72
N ASP G 204 -3.86 80.27 -6.99
CA ASP G 204 -3.96 81.15 -5.74
C ASP G 204 -3.95 80.23 -4.53
N SER G 205 -3.38 78.96 -4.71
CA SER G 205 -3.12 77.93 -3.77
C SER G 205 -1.59 77.84 -3.56
N GLY G 206 -0.78 78.84 -4.05
CA GLY G 206 0.68 78.83 -3.76
C GLY G 206 1.11 80.13 -4.26
N ARG G 207 0.64 81.18 -3.61
CA ARG G 207 1.10 82.56 -3.71
C ARG G 207 1.62 82.81 -2.33
N PRO G 208 2.78 83.43 -2.07
CA PRO G 208 3.25 83.71 -0.70
C PRO G 208 2.72 84.95 -0.06
N ILE G 209 2.73 85.06 1.30
CA ILE G 209 2.31 86.27 1.87
C ILE G 209 3.59 86.90 2.28
N PHE G 210 3.99 88.04 1.63
CA PHE G 210 5.24 88.74 1.89
C PHE G 210 4.93 90.09 2.37
N ASP G 211 5.81 90.59 3.27
CA ASP G 211 5.75 91.91 3.99
C ASP G 211 5.86 93.01 2.94
N ASN G 212 5.88 94.27 3.43
CA ASN G 212 5.94 95.52 2.73
C ASN G 212 7.23 95.64 1.81
N THR G 213 8.39 95.23 2.34
CA THR G 213 9.67 95.00 1.72
C THR G 213 9.65 93.52 1.34
N GLY G 214 9.14 92.64 2.26
CA GLY G 214 9.12 91.19 2.01
C GLY G 214 9.86 90.36 2.99
N LYS G 215 9.40 89.12 3.25
CA LYS G 215 9.89 88.02 4.13
C LYS G 215 8.61 87.18 4.27
N VAL G 216 8.65 85.89 3.93
CA VAL G 216 7.45 85.07 3.78
C VAL G 216 7.46 84.25 4.99
N VAL G 217 6.45 84.42 5.87
CA VAL G 217 6.19 83.60 7.09
C VAL G 217 5.27 82.37 6.67
N ALA G 218 4.47 82.55 5.54
CA ALA G 218 3.38 81.65 5.23
C ALA G 218 3.04 81.66 3.81
N ILE G 219 2.31 80.58 3.35
CA ILE G 219 1.97 80.35 1.97
C ILE G 219 0.44 80.29 1.95
N VAL G 220 -0.17 80.96 0.96
CA VAL G 220 -1.61 80.98 0.82
C VAL G 220 -1.87 79.67 0.27
N LEU G 221 -2.73 78.86 0.98
CA LEU G 221 -3.17 77.51 0.68
C LEU G 221 -4.54 77.61 0.08
N GLY G 222 -5.42 78.59 0.45
CA GLY G 222 -6.77 78.56 -0.05
C GLY G 222 -7.52 79.73 0.57
N GLY G 223 -8.86 79.58 0.57
CA GLY G 223 -9.65 80.66 1.01
C GLY G 223 -11.03 80.17 1.06
N ALA G 224 -11.89 81.09 1.47
CA ALA G 224 -13.30 80.76 1.60
C ALA G 224 -14.03 82.08 1.24
N ASN G 225 -15.13 82.15 0.38
CA ASN G 225 -15.74 83.38 0.17
C ASN G 225 -16.69 83.72 1.27
N GLU G 226 -16.51 84.90 1.82
CA GLU G 226 -17.40 85.46 2.82
C GLU G 226 -18.62 85.97 2.08
N GLY G 227 -18.47 86.60 0.88
CA GLY G 227 -19.74 86.97 0.20
C GLY G 227 -19.44 87.60 -1.12
N ALA G 228 -18.37 88.44 -1.24
CA ALA G 228 -17.96 89.05 -2.45
C ALA G 228 -16.49 89.17 -2.22
N ARG G 229 -16.00 88.61 -1.07
CA ARG G 229 -14.60 88.80 -0.66
C ARG G 229 -14.07 87.40 -0.31
N THR G 230 -12.78 87.22 -0.19
CA THR G 230 -12.14 85.96 0.07
C THR G 230 -11.36 86.13 1.34
N ALA G 231 -11.61 85.37 2.43
CA ALA G 231 -10.85 85.20 3.63
C ALA G 231 -9.92 84.06 3.33
N LEU G 232 -8.71 84.06 3.99
CA LEU G 232 -7.63 83.22 3.50
C LEU G 232 -7.31 82.10 4.47
N SER G 233 -7.00 80.93 3.90
CA SER G 233 -6.50 79.86 4.66
C SER G 233 -5.01 79.75 4.35
N VAL G 234 -4.31 79.41 5.39
CA VAL G 234 -2.91 79.40 5.35
C VAL G 234 -2.23 78.37 6.18
N VAL G 235 -1.09 77.96 5.68
CA VAL G 235 -0.13 77.25 6.47
C VAL G 235 0.97 78.25 6.73
N THR G 236 1.53 78.20 8.00
CA THR G 236 2.58 79.15 8.40
C THR G 236 3.77 78.39 9.03
N TRP G 237 4.93 79.11 9.32
CA TRP G 237 6.20 78.60 9.89
C TRP G 237 6.79 79.82 10.62
N ASN G 238 5.94 80.66 11.16
CA ASN G 238 6.38 81.73 12.06
C ASN G 238 6.58 81.17 13.49
N LYS G 239 6.47 82.02 14.54
CA LYS G 239 6.60 81.67 15.94
C LYS G 239 5.23 81.58 16.64
N ASP G 240 4.15 81.49 15.88
CA ASP G 240 2.80 81.42 16.38
C ASP G 240 2.26 80.05 16.04
N MET G 241 3.01 79.27 15.31
CA MET G 241 2.73 77.90 14.77
C MET G 241 1.34 77.76 14.15
N VAL G 242 0.64 76.61 14.36
CA VAL G 242 -0.75 76.41 13.78
C VAL G 242 -0.66 76.13 12.33
N THR G 243 -1.21 74.98 11.87
CA THR G 243 -1.30 74.49 10.57
C THR G 243 -2.69 74.57 10.13
N ARG G 244 -2.98 74.83 8.85
CA ARG G 244 -4.37 74.79 8.44
C ARG G 244 -5.34 75.63 9.17
N ILE G 245 -5.01 76.95 9.19
CA ILE G 245 -5.90 78.01 9.64
C ILE G 245 -7.07 78.06 8.70
N THR G 246 -8.28 77.84 9.20
CA THR G 246 -9.52 77.77 8.45
C THR G 246 -10.27 79.02 8.89
N PRO G 247 -10.94 79.61 7.95
CA PRO G 247 -11.85 80.64 8.34
C PRO G 247 -13.19 79.90 8.38
N GLU G 248 -13.41 78.99 7.39
CA GLU G 248 -14.65 78.26 7.18
C GLU G 248 -14.17 76.99 6.55
N GLU G 249 -13.47 77.04 5.40
CA GLU G 249 -12.97 75.79 4.77
C GLU G 249 -11.87 76.32 3.91
N SER G 250 -11.05 75.39 3.38
CA SER G 250 -9.89 75.70 2.60
C SER G 250 -10.08 75.22 1.18
N VAL G 251 -10.34 76.21 0.26
CA VAL G 251 -10.67 76.02 -1.14
C VAL G 251 -9.43 76.20 -1.94
N GLU G 252 -8.91 75.05 -2.43
CA GLU G 252 -7.81 74.96 -3.35
C GLU G 252 -8.27 75.12 -4.79
N TRP G 253 -7.76 76.17 -5.44
CA TRP G 253 -8.03 76.39 -6.83
C TRP G 253 -6.96 75.79 -7.67
N TYR H 1 -16.79 14.03 51.87
CA TYR H 1 -17.70 12.88 51.86
C TYR H 1 -17.13 11.79 51.01
N GLU H 2 -16.97 12.11 49.74
CA GLU H 2 -16.45 11.20 48.77
C GLU H 2 -15.90 11.96 47.60
N SER H 3 -15.15 11.28 46.75
CA SER H 3 -15.37 11.19 45.35
C SER H 3 -14.40 11.90 44.54
N THR H 4 -13.61 11.05 43.82
CA THR H 4 -12.53 11.47 43.03
C THR H 4 -12.65 10.65 41.75
N THR H 5 -11.73 11.06 40.81
CA THR H 5 -11.45 10.33 39.65
C THR H 5 -9.98 10.07 39.66
N MET H 6 -9.66 8.81 39.80
CA MET H 6 -8.38 8.37 39.67
C MET H 6 -8.19 7.92 38.27
N PRO H 7 -6.92 7.94 37.78
CA PRO H 7 -6.57 7.30 36.53
C PRO H 7 -6.22 5.94 36.93
N ASN H 8 -6.35 5.04 35.90
CA ASN H 8 -6.11 3.68 36.04
C ASN H 8 -4.67 3.58 35.62
N GLN H 9 -3.79 3.46 36.59
CA GLN H 9 -2.39 3.20 36.31
C GLN H 9 -2.00 2.13 37.24
N VAL H 10 -1.43 1.06 36.65
CA VAL H 10 -1.04 -0.10 37.46
C VAL H 10 0.09 0.23 38.38
N GLY H 11 -0.06 -0.09 39.66
CA GLY H 11 1.04 -0.03 40.54
C GLY H 11 1.28 1.31 41.16
N ILE H 12 0.45 2.29 40.88
CA ILE H 12 0.54 3.67 41.41
C ILE H 12 -0.14 3.64 42.77
N PRO H 13 0.30 4.15 43.89
CA PRO H 13 -0.49 4.10 45.10
C PRO H 13 -1.36 5.33 45.22
N PHE H 14 -2.67 5.25 45.11
CA PHE H 14 -3.55 6.43 45.07
C PHE H 14 -4.08 6.66 46.43
N LYS H 15 -4.18 7.89 46.99
CA LYS H 15 -4.51 8.07 48.37
C LYS H 15 -5.69 8.91 48.33
N ALA H 16 -6.81 8.38 48.84
CA ALA H 16 -8.04 9.08 49.01
C ALA H 16 -8.37 9.14 50.43
N LEU H 17 -8.74 10.27 51.07
CA LEU H 17 -9.22 10.22 52.43
C LEU H 17 -10.27 11.25 52.58
N ILE H 18 -11.06 11.53 51.51
CA ILE H 18 -11.98 12.60 51.53
C ILE H 18 -13.23 11.95 52.21
N GLU H 19 -13.62 12.57 53.33
CA GLU H 19 -14.62 12.09 54.24
C GLU H 19 -15.26 13.31 54.70
N ARG H 20 -16.33 13.25 55.56
CA ARG H 20 -17.08 14.31 56.16
C ARG H 20 -16.32 15.43 56.74
N PRO H 21 -16.68 16.68 56.92
CA PRO H 21 -15.88 17.58 57.75
C PRO H 21 -15.52 17.09 59.13
N GLY H 22 -14.30 17.51 59.69
CA GLY H 22 -13.74 16.95 60.87
C GLY H 22 -12.66 16.16 60.19
N TYR H 23 -11.62 15.97 61.05
CA TYR H 23 -10.46 15.18 60.73
C TYR H 23 -10.99 13.71 60.71
N ALA H 24 -10.67 13.02 59.56
CA ALA H 24 -11.08 11.64 59.27
C ALA H 24 -9.94 10.77 58.88
N GLY H 25 -9.76 9.72 59.76
CA GLY H 25 -8.53 8.94 59.82
C GLY H 25 -8.79 7.70 59.03
N LEU H 26 -7.84 6.74 59.10
CA LEU H 26 -7.89 5.47 58.53
C LEU H 26 -8.04 5.48 57.00
N PRO H 27 -7.07 6.15 56.29
CA PRO H 27 -7.20 6.54 54.91
C PRO H 27 -7.39 5.34 54.00
N LEU H 28 -7.85 5.54 52.73
CA LEU H 28 -7.94 4.43 51.75
C LEU H 28 -6.59 4.66 50.94
N SER H 29 -5.74 3.57 50.81
CA SER H 29 -4.69 3.47 49.86
C SER H 29 -5.19 2.39 48.97
N LEU H 30 -5.05 2.59 47.66
CA LEU H 30 -5.56 1.63 46.72
C LEU H 30 -4.55 1.65 45.61
N VAL H 31 -4.27 0.39 45.16
CA VAL H 31 -3.26 0.07 44.18
C VAL H 31 -4.11 -0.70 43.23
N VAL H 32 -3.89 -0.68 41.90
CA VAL H 32 -4.69 -1.51 41.02
C VAL H 32 -3.67 -2.58 40.61
N ILE H 33 -4.15 -3.84 40.79
CA ILE H 33 -3.29 -5.03 40.60
C ILE H 33 -3.44 -5.32 39.16
N LYS H 34 -4.72 -5.47 38.68
CA LYS H 34 -5.03 -5.58 37.35
C LYS H 34 -6.45 -5.27 37.15
N SER H 35 -6.72 -4.83 35.90
CA SER H 35 -8.08 -4.73 35.37
C SER H 35 -8.15 -6.04 34.57
N GLU H 36 -9.36 -6.52 34.50
CA GLU H 36 -9.70 -7.82 33.95
C GLU H 36 -11.00 -7.53 33.14
N LEU H 37 -10.82 -7.46 31.83
CA LEU H 37 -11.84 -7.39 30.84
C LEU H 37 -12.52 -8.72 30.78
N VAL H 38 -13.79 -8.80 31.13
CA VAL H 38 -14.54 -10.07 31.28
C VAL H 38 -15.55 -10.02 30.13
N PRO H 39 -15.45 -11.03 29.26
CA PRO H 39 -16.07 -10.88 27.93
C PRO H 39 -17.57 -11.02 27.94
N SER H 40 -18.24 -10.29 27.04
CA SER H 40 -19.66 -10.28 26.95
C SER H 40 -19.94 -10.53 25.45
N LEU H 41 -19.82 -11.83 25.04
CA LEU H 41 -19.77 -12.19 23.65
C LEU H 41 -20.97 -12.96 23.29
N VAL H 42 -21.20 -12.96 21.96
CA VAL H 42 -22.18 -13.86 21.35
C VAL H 42 -21.35 -14.76 20.36
N GLN H 43 -21.63 -16.11 20.51
CA GLN H 43 -20.97 -17.02 19.61
C GLN H 43 -21.72 -17.05 18.27
N ASP H 44 -20.94 -16.62 17.22
CA ASP H 44 -21.33 -16.53 15.85
C ASP H 44 -21.34 -17.91 15.19
N TYR H 45 -20.30 -18.67 15.36
CA TYR H 45 -20.21 -20.09 14.95
C TYR H 45 -18.94 -20.76 15.69
N ILE H 46 -18.84 -22.09 15.50
CA ILE H 46 -17.72 -22.90 15.96
C ILE H 46 -17.16 -23.49 14.68
N THR H 47 -15.85 -23.56 14.58
CA THR H 47 -15.32 -24.06 13.33
C THR H 47 -14.21 -24.96 13.81
N CYS H 48 -13.83 -26.06 13.12
CA CYS H 48 -12.68 -26.95 13.34
C CYS H 48 -12.58 -27.65 12.02
N ASN H 49 -11.46 -28.37 11.83
CA ASN H 49 -11.15 -29.13 10.61
C ASN H 49 -11.98 -30.39 10.66
N TYR H 50 -12.02 -31.13 9.54
CA TYR H 50 -13.07 -32.07 9.18
C TYR H 50 -12.37 -33.36 8.62
N LYS H 51 -13.20 -34.41 8.68
CA LYS H 51 -12.88 -35.79 8.28
C LYS H 51 -13.71 -36.03 7.06
N THR H 52 -13.04 -36.20 5.98
CA THR H 52 -13.67 -36.41 4.65
C THR H 52 -13.95 -37.94 4.45
N VAL H 53 -15.10 -38.30 3.81
CA VAL H 53 -15.55 -39.63 3.88
C VAL H 53 -15.81 -40.08 2.50
N VAL H 54 -15.24 -41.28 2.06
CA VAL H 54 -15.64 -41.89 0.81
C VAL H 54 -16.23 -43.23 1.29
N PRO H 55 -17.42 -43.66 0.91
CA PRO H 55 -18.11 -44.84 1.35
C PRO H 55 -17.88 -45.93 0.33
N SER H 56 -16.87 -45.81 -0.59
CA SER H 56 -16.41 -46.72 -1.61
C SER H 56 -17.25 -46.60 -2.79
N PRO H 57 -16.83 -46.47 -4.07
CA PRO H 57 -17.67 -46.27 -5.25
C PRO H 57 -18.40 -47.59 -5.52
N TYR H 58 -19.67 -47.42 -5.96
CA TYR H 58 -20.66 -48.41 -6.22
C TYR H 58 -20.86 -48.31 -7.73
N ILE H 59 -20.69 -49.46 -8.37
CA ILE H 59 -20.49 -49.44 -9.82
C ILE H 59 -21.63 -50.18 -10.43
N LYS H 60 -22.05 -49.80 -11.65
CA LYS H 60 -23.32 -50.24 -12.24
C LYS H 60 -23.06 -50.56 -13.63
N CYS H 61 -23.47 -51.79 -13.88
CA CYS H 61 -23.29 -52.45 -15.18
C CYS H 61 -24.43 -52.14 -16.04
N CYS H 62 -24.19 -52.15 -17.44
CA CYS H 62 -25.21 -52.07 -18.45
C CYS H 62 -25.98 -50.77 -18.40
N GLY H 63 -25.22 -49.65 -18.05
CA GLY H 63 -25.76 -48.27 -17.95
C GLY H 63 -25.57 -47.93 -16.50
N GLY H 64 -25.32 -46.60 -16.27
CA GLY H 64 -25.01 -46.08 -14.99
C GLY H 64 -26.22 -45.30 -14.50
N ALA H 65 -26.05 -44.69 -13.29
CA ALA H 65 -27.05 -43.71 -12.84
C ALA H 65 -26.28 -42.86 -11.86
N GLU H 66 -26.95 -41.63 -11.56
CA GLU H 66 -26.45 -40.67 -10.68
C GLU H 66 -27.07 -40.90 -9.33
N CYS H 67 -26.42 -40.20 -8.35
CA CYS H 67 -26.63 -40.23 -6.93
C CYS H 67 -28.08 -39.88 -6.57
N SER H 68 -28.57 -40.52 -5.45
CA SER H 68 -29.90 -40.34 -5.01
C SER H 68 -29.78 -40.88 -3.56
N LYS H 69 -28.67 -40.49 -2.86
CA LYS H 69 -28.79 -39.85 -1.58
C LYS H 69 -28.08 -38.52 -1.74
N ASN H 70 -28.46 -37.53 -0.85
CA ASN H 70 -27.74 -36.30 -0.82
C ASN H 70 -27.57 -35.94 0.63
N GLU H 71 -26.60 -35.08 0.94
CA GLU H 71 -26.12 -34.52 2.18
C GLU H 71 -25.81 -33.06 1.94
N ALA H 72 -25.80 -32.26 3.08
CA ALA H 72 -25.47 -30.92 3.21
C ALA H 72 -24.25 -30.56 2.34
N ASP H 73 -23.22 -31.40 2.36
CA ASP H 73 -22.12 -31.21 1.51
C ASP H 73 -21.89 -32.59 0.95
N TYR H 74 -22.05 -32.61 -0.44
CA TYR H 74 -22.08 -33.77 -1.28
C TYR H 74 -21.56 -33.57 -2.72
N LYS H 75 -21.01 -34.69 -3.32
CA LYS H 75 -20.53 -34.70 -4.61
C LYS H 75 -20.87 -35.97 -5.25
N CYS H 76 -21.12 -35.90 -6.52
CA CYS H 76 -21.60 -37.01 -7.25
C CYS H 76 -20.96 -36.74 -8.63
N SER H 77 -20.27 -37.77 -9.20
CA SER H 77 -19.80 -37.83 -10.53
C SER H 77 -20.02 -39.15 -11.03
N VAL H 78 -20.45 -39.30 -12.26
CA VAL H 78 -20.83 -40.57 -12.89
C VAL H 78 -19.65 -40.66 -13.85
N PHE H 79 -18.79 -41.70 -13.68
CA PHE H 79 -17.61 -41.89 -14.58
C PHE H 79 -18.12 -42.80 -15.73
N THR H 80 -17.52 -42.64 -16.90
CA THR H 80 -17.99 -43.33 -18.04
C THR H 80 -16.74 -43.74 -18.78
N GLY H 81 -16.76 -44.88 -19.61
CA GLY H 81 -15.46 -45.20 -20.19
C GLY H 81 -14.70 -45.98 -19.22
N VAL H 82 -15.21 -46.19 -17.98
CA VAL H 82 -14.54 -46.98 -16.94
C VAL H 82 -14.64 -48.46 -17.19
N TYR H 83 -13.48 -49.18 -17.19
CA TYR H 83 -13.39 -50.58 -17.51
C TYR H 83 -13.77 -50.89 -19.02
N PRO H 84 -12.94 -50.72 -20.02
CA PRO H 84 -13.39 -50.73 -21.41
C PRO H 84 -13.69 -52.23 -21.86
N PHE H 85 -13.30 -53.22 -21.06
CA PHE H 85 -13.38 -54.63 -21.21
C PHE H 85 -13.17 -55.16 -19.78
N MET H 86 -13.56 -56.41 -19.45
CA MET H 86 -13.50 -56.94 -18.09
C MET H 86 -12.03 -57.03 -17.72
N TRP H 87 -11.50 -56.11 -16.85
CA TRP H 87 -10.13 -55.87 -16.66
C TRP H 87 -9.56 -56.60 -15.45
N GLY H 88 -10.42 -57.18 -14.73
CA GLY H 88 -10.05 -57.72 -13.44
C GLY H 88 -10.44 -56.77 -12.32
N GLY H 89 -11.67 -56.33 -12.37
CA GLY H 89 -12.34 -55.67 -11.29
C GLY H 89 -13.42 -54.88 -11.88
N ALA H 90 -13.85 -55.20 -13.12
CA ALA H 90 -14.97 -54.52 -13.78
C ALA H 90 -16.15 -54.77 -13.08
N TYR H 91 -16.37 -56.07 -12.69
CA TYR H 91 -17.50 -56.58 -12.00
C TYR H 91 -18.75 -56.53 -12.72
N CYS H 92 -18.76 -56.82 -14.05
CA CYS H 92 -19.91 -56.48 -14.89
C CYS H 92 -20.17 -57.38 -16.09
N PHE H 93 -21.53 -57.48 -16.44
CA PHE H 93 -22.06 -58.14 -17.60
C PHE H 93 -21.68 -57.39 -18.89
N CYS H 94 -21.75 -56.01 -18.87
CA CYS H 94 -21.52 -55.16 -20.06
C CYS H 94 -20.27 -54.25 -19.91
N ASP H 95 -19.61 -53.99 -21.02
CA ASP H 95 -18.36 -53.37 -20.90
C ASP H 95 -18.38 -52.15 -21.78
N THR H 96 -19.42 -51.96 -22.70
CA THR H 96 -19.64 -50.86 -23.60
C THR H 96 -20.40 -49.80 -22.86
N GLU H 97 -21.00 -50.20 -21.67
CA GLU H 97 -21.96 -49.35 -20.97
C GLU H 97 -21.56 -49.31 -19.53
N ASN H 98 -20.43 -49.90 -19.15
CA ASN H 98 -19.83 -49.83 -17.82
C ASN H 98 -19.45 -48.42 -17.43
N SER H 99 -20.23 -48.09 -16.40
CA SER H 99 -20.29 -46.83 -15.77
C SER H 99 -20.15 -47.04 -14.28
N GLN H 100 -19.56 -46.05 -13.54
CA GLN H 100 -19.37 -46.14 -12.11
C GLN H 100 -20.00 -44.94 -11.59
N MET H 101 -20.78 -45.13 -10.52
CA MET H 101 -21.30 -44.06 -9.68
C MET H 101 -20.42 -43.83 -8.50
N SER H 102 -19.86 -42.65 -8.49
CA SER H 102 -18.97 -42.20 -7.44
C SER H 102 -19.65 -41.17 -6.57
N GLU H 103 -19.34 -41.20 -5.20
CA GLU H 103 -19.99 -40.31 -4.25
C GLU H 103 -18.98 -40.12 -3.21
N VAL H 104 -19.05 -38.91 -2.57
CA VAL H 104 -18.12 -38.50 -1.61
C VAL H 104 -18.88 -37.42 -0.85
N TYR H 105 -18.50 -37.22 0.43
CA TYR H 105 -19.14 -36.22 1.25
C TYR H 105 -18.13 -35.95 2.40
N VAL H 106 -18.33 -34.85 3.07
CA VAL H 106 -17.45 -34.44 4.19
C VAL H 106 -18.31 -34.52 5.40
N THR H 107 -17.80 -34.96 6.57
CA THR H 107 -18.51 -34.89 7.84
C THR H 107 -17.59 -34.20 8.77
N ARG H 108 -18.15 -33.83 9.90
CA ARG H 108 -17.38 -33.27 10.92
C ARG H 108 -17.14 -34.37 11.92
N GLY H 109 -15.85 -34.36 12.49
CA GLY H 109 -15.26 -35.29 13.46
C GLY H 109 -15.02 -34.57 14.75
N GLU H 110 -15.03 -33.20 14.66
CA GLU H 110 -14.77 -32.27 15.75
C GLU H 110 -13.23 -32.28 15.99
N SER H 111 -12.52 -32.57 14.88
CA SER H 111 -11.09 -32.96 14.86
C SER H 111 -10.15 -31.75 15.00
N CYS H 112 -9.91 -31.35 16.26
CA CYS H 112 -9.28 -30.16 16.60
C CYS H 112 -9.07 -30.28 18.02
N GLU H 113 -8.21 -29.36 18.54
CA GLU H 113 -7.76 -29.35 19.90
C GLU H 113 -8.55 -28.31 20.55
N ALA H 114 -8.61 -27.04 19.94
CA ALA H 114 -9.51 -26.00 20.45
C ALA H 114 -9.34 -24.97 19.38
N ASP H 115 -9.18 -25.36 18.09
CA ASP H 115 -9.01 -24.46 17.02
C ASP H 115 -10.23 -24.65 16.09
N ALA H 116 -11.20 -23.70 16.09
CA ALA H 116 -11.16 -22.29 16.49
C ALA H 116 -12.59 -21.82 16.81
N ILE H 117 -12.85 -20.76 17.63
CA ILE H 117 -14.16 -20.25 17.90
C ILE H 117 -14.25 -18.79 17.43
N ALA H 118 -15.36 -18.46 16.65
CA ALA H 118 -15.64 -17.16 16.05
C ALA H 118 -16.65 -16.45 16.94
N TYR H 119 -16.32 -15.28 17.55
CA TYR H 119 -17.18 -14.45 18.44
C TYR H 119 -17.16 -13.02 18.05
N GLN H 120 -18.32 -12.42 18.16
CA GLN H 120 -18.54 -10.96 18.17
C GLN H 120 -18.47 -10.62 19.63
N VAL H 121 -17.53 -9.79 20.04
CA VAL H 121 -17.36 -9.34 21.41
C VAL H 121 -17.51 -7.87 21.42
N THR H 122 -18.14 -7.39 22.52
CA THR H 122 -17.63 -6.22 23.24
C THR H 122 -17.55 -6.51 24.74
N ALA H 123 -16.32 -6.49 25.27
CA ALA H 123 -16.07 -6.90 26.59
C ALA H 123 -16.43 -5.81 27.56
N SER H 124 -16.77 -6.27 28.79
CA SER H 124 -17.15 -5.38 29.84
C SER H 124 -15.90 -5.29 30.71
N LEU H 125 -15.68 -4.09 31.42
CA LEU H 125 -14.44 -3.98 32.12
C LEU H 125 -14.82 -4.13 33.60
N LYS H 126 -14.05 -5.00 34.30
CA LYS H 126 -14.17 -5.38 35.67
C LYS H 126 -12.81 -5.06 36.22
N ALA H 127 -12.73 -4.58 37.51
CA ALA H 127 -11.38 -4.26 38.09
C ALA H 127 -10.97 -5.27 39.19
N GLN H 128 -9.65 -5.26 39.49
CA GLN H 128 -9.18 -6.01 40.62
C GLN H 128 -8.37 -5.14 41.43
N VAL H 129 -9.11 -4.37 42.22
CA VAL H 129 -8.55 -3.28 42.97
C VAL H 129 -8.08 -3.95 44.23
N MET H 130 -6.92 -3.42 44.73
CA MET H 130 -6.47 -3.87 46.06
C MET H 130 -6.50 -2.71 46.92
N ILE H 131 -7.28 -2.87 48.08
CA ILE H 131 -7.78 -1.86 48.93
C ILE H 131 -7.29 -2.08 50.31
N SER H 132 -6.83 -0.97 50.94
CA SER H 132 -6.24 -0.96 52.25
C SER H 132 -6.79 0.22 52.96
N ILE H 133 -7.49 -0.02 54.08
CA ILE H 133 -8.25 0.97 54.97
C ILE H 133 -7.37 1.52 56.14
N GLY H 134 -6.05 1.19 56.04
CA GLY H 134 -4.98 1.37 56.97
C GLY H 134 -5.19 0.51 58.28
N GLU H 135 -5.84 -0.66 58.00
CA GLU H 135 -6.24 -1.61 59.02
C GLU H 135 -6.28 -3.01 58.54
N LEU H 136 -6.23 -3.09 57.25
CA LEU H 136 -6.30 -4.43 56.68
C LEU H 136 -5.96 -4.28 55.26
N ASN H 137 -5.40 -5.39 54.66
CA ASN H 137 -4.82 -5.50 53.33
C ASN H 137 -5.53 -6.63 52.66
N GLN H 138 -6.40 -6.31 51.67
CA GLN H 138 -7.26 -7.28 50.98
C GLN H 138 -7.67 -6.86 49.62
N THR H 139 -7.87 -7.85 48.69
CA THR H 139 -8.25 -7.66 47.34
C THR H 139 -9.58 -8.33 47.04
N VAL H 140 -10.35 -7.72 46.02
CA VAL H 140 -11.72 -8.22 45.68
C VAL H 140 -12.00 -7.89 44.27
N ASP H 141 -12.59 -8.83 43.49
CA ASP H 141 -13.10 -8.59 42.14
C ASP H 141 -14.49 -7.80 42.25
N VAL H 142 -14.51 -6.63 41.55
CA VAL H 142 -15.64 -5.74 41.63
C VAL H 142 -15.70 -4.96 40.31
N PHE H 143 -17.03 -4.70 39.89
CA PHE H 143 -17.35 -4.05 38.67
C PHE H 143 -17.19 -2.54 38.91
N VAL H 144 -16.75 -1.92 37.84
CA VAL H 144 -16.58 -0.57 37.67
C VAL H 144 -17.41 -0.04 36.57
N ASN H 145 -18.34 -0.92 36.15
CA ASN H 145 -19.45 -0.42 35.29
C ASN H 145 -20.63 -0.43 36.15
N GLY H 146 -21.43 0.71 36.12
CA GLY H 146 -22.61 0.84 36.87
C GLY H 146 -22.36 1.18 38.30
N ASP H 147 -23.43 1.59 39.05
CA ASP H 147 -23.23 1.77 40.52
C ASP H 147 -23.36 0.38 41.12
N SER H 148 -22.42 0.06 42.00
CA SER H 148 -22.07 -1.17 42.65
C SER H 148 -21.71 -0.77 44.08
N PRO H 149 -22.66 -0.72 45.01
CA PRO H 149 -22.38 -0.56 46.49
C PRO H 149 -21.95 -1.83 47.13
N ALA H 150 -20.98 -1.76 48.10
CA ALA H 150 -20.68 -2.91 48.83
C ALA H 150 -20.10 -2.44 50.12
N ARG H 151 -20.26 -3.14 51.30
CA ARG H 151 -19.63 -2.67 52.52
C ARG H 151 -18.76 -3.82 52.87
N ILE H 152 -17.41 -3.55 53.02
CA ILE H 152 -16.36 -4.54 53.30
C ILE H 152 -15.53 -3.96 54.39
N GLN H 153 -15.46 -4.70 55.50
CA GLN H 153 -14.82 -4.35 56.76
C GLN H 153 -15.40 -3.21 57.45
N GLN H 154 -16.77 -2.99 57.35
CA GLN H 154 -17.54 -2.04 58.09
C GLN H 154 -17.30 -0.66 57.54
N SER H 155 -16.71 -0.50 56.28
CA SER H 155 -16.51 0.70 55.54
C SER H 155 -17.17 0.46 54.17
N LYS H 156 -17.98 1.43 53.78
CA LYS H 156 -18.75 1.55 52.55
C LYS H 156 -17.88 1.92 51.47
N PHE H 157 -18.13 1.33 50.31
CA PHE H 157 -17.41 1.57 49.04
C PHE H 157 -18.56 1.70 47.97
N ILE H 158 -18.30 2.49 46.86
CA ILE H 158 -19.19 2.44 45.70
C ILE H 158 -18.04 2.46 44.74
N LEU H 159 -17.89 1.43 43.85
CA LEU H 159 -17.04 1.61 42.64
C LEU H 159 -18.07 2.12 41.70
N GLY H 160 -17.96 3.32 41.13
CA GLY H 160 -19.01 4.01 40.36
C GLY H 160 -18.99 3.51 38.94
N PRO H 161 -19.90 4.05 38.11
CA PRO H 161 -19.80 3.91 36.64
C PRO H 161 -18.53 4.44 35.99
N ILE H 162 -18.27 3.89 34.76
CA ILE H 162 -17.01 4.16 34.08
C ILE H 162 -17.06 5.49 33.38
N SER H 163 -15.92 6.18 33.26
CA SER H 163 -15.76 7.42 32.60
C SER H 163 -15.83 7.04 31.04
N SER H 164 -15.16 5.98 30.67
CA SER H 164 -15.15 5.53 29.32
C SER H 164 -14.64 4.15 29.32
N ALA H 165 -15.06 3.29 28.40
CA ALA H 165 -14.74 1.85 28.34
C ALA H 165 -14.43 1.41 26.95
N TRP H 166 -13.48 0.42 26.77
CA TRP H 166 -12.97 0.09 25.42
C TRP H 166 -12.41 -1.33 25.46
N SER H 167 -12.46 -2.11 24.33
CA SER H 167 -11.74 -3.34 24.25
C SER H 167 -11.19 -3.34 22.83
N PRO H 168 -9.98 -3.80 22.51
CA PRO H 168 -9.39 -3.87 21.18
C PRO H 168 -10.03 -5.02 20.41
N PHE H 169 -10.95 -5.81 21.06
CA PHE H 169 -11.57 -6.98 20.44
C PHE H 169 -12.65 -6.46 19.46
N ASP H 170 -13.00 -7.27 18.40
CA ASP H 170 -14.07 -6.96 17.49
C ASP H 170 -14.60 -8.39 17.26
N LYS H 171 -14.87 -8.62 15.96
CA LYS H 171 -14.84 -9.87 15.29
C LYS H 171 -13.49 -10.50 15.37
N VAL H 172 -13.39 -11.56 16.14
CA VAL H 172 -12.15 -12.21 16.42
C VAL H 172 -12.45 -13.64 16.36
N ILE H 173 -11.33 -14.35 16.00
CA ILE H 173 -11.35 -15.73 15.89
C ILE H 173 -10.21 -16.04 16.78
N VAL H 174 -10.55 -16.94 17.75
CA VAL H 174 -9.69 -17.23 18.83
C VAL H 174 -9.24 -18.62 18.47
N TYR H 175 -7.96 -18.76 18.00
CA TYR H 175 -7.28 -20.02 17.94
C TYR H 175 -6.71 -20.32 19.24
N ARG H 176 -6.37 -21.57 19.50
CA ARG H 176 -5.67 -22.03 20.73
C ARG H 176 -4.18 -21.67 20.54
N ASP H 177 -3.68 -21.50 19.29
CA ASP H 177 -2.29 -21.08 18.98
C ASP H 177 -2.03 -19.70 19.39
N GLU H 178 -2.95 -18.72 19.17
CA GLU H 178 -2.85 -17.34 19.56
C GLU H 178 -4.04 -16.70 19.00
N VAL H 179 -4.73 -15.79 19.74
CA VAL H 179 -5.84 -15.01 19.22
C VAL H 179 -5.43 -14.13 18.06
N TYR H 180 -6.30 -14.03 17.07
CA TYR H 180 -5.84 -13.40 15.79
C TYR H 180 -7.10 -12.55 15.48
N ASN H 181 -6.85 -11.33 14.83
CA ASN H 181 -8.00 -10.42 14.56
C ASN H 181 -8.38 -10.63 13.07
N GLU H 182 -9.61 -11.16 12.74
CA GLU H 182 -10.07 -11.56 11.45
C GLU H 182 -11.45 -11.09 11.25
N ASP H 183 -11.69 -10.73 9.96
CA ASP H 183 -12.98 -10.21 9.61
C ASP H 183 -13.66 -11.35 8.91
N TYR H 184 -14.95 -11.35 8.91
CA TYR H 184 -15.77 -12.33 8.28
C TYR H 184 -17.19 -11.88 8.24
N ALA H 185 -18.07 -12.52 7.45
CA ALA H 185 -19.49 -12.16 7.32
C ALA H 185 -20.22 -13.49 7.45
N PRO H 186 -20.99 -13.83 8.53
CA PRO H 186 -21.45 -15.18 8.79
C PRO H 186 -22.61 -15.54 7.85
N TYR H 187 -22.69 -16.75 7.31
CA TYR H 187 -23.72 -17.33 6.49
C TYR H 187 -23.48 -16.94 5.07
N GLY H 188 -22.24 -16.57 4.79
CA GLY H 188 -21.91 -16.05 3.50
C GLY H 188 -21.16 -17.03 2.57
N SER H 189 -21.16 -18.40 2.95
CA SER H 189 -20.44 -19.50 2.25
C SER H 189 -21.15 -19.83 0.95
N GLY H 190 -20.34 -20.33 0.00
CA GLY H 190 -20.71 -20.14 -1.40
C GLY H 190 -19.45 -20.27 -2.24
N GLN H 191 -18.32 -20.05 -1.57
CA GLN H 191 -17.09 -19.91 -2.22
C GLN H 191 -15.99 -20.55 -1.46
N ALA H 192 -14.89 -20.96 -2.12
CA ALA H 192 -13.78 -21.71 -1.52
C ALA H 192 -12.85 -20.96 -0.59
N GLY H 193 -12.81 -19.65 -0.60
CA GLY H 193 -12.19 -18.84 0.40
C GLY H 193 -13.07 -18.58 1.63
N ARG H 194 -12.93 -17.39 2.25
CA ARG H 194 -13.60 -16.84 3.38
C ARG H 194 -13.17 -17.62 4.65
N PHE H 195 -12.67 -16.80 5.65
CA PHE H 195 -12.39 -17.22 6.99
C PHE H 195 -13.61 -17.73 7.66
N GLY H 196 -13.51 -19.00 8.05
CA GLY H 196 -14.62 -19.54 8.82
C GLY H 196 -15.79 -19.94 7.96
N ASP H 197 -15.42 -20.63 6.80
CA ASP H 197 -16.25 -21.12 5.76
C ASP H 197 -17.10 -22.21 6.24
N ILE H 198 -16.50 -23.18 6.95
CA ILE H 198 -17.16 -24.16 7.83
C ILE H 198 -17.84 -23.40 8.96
N GLN H 199 -19.13 -23.59 9.01
CA GLN H 199 -19.86 -23.00 10.13
C GLN H 199 -20.59 -24.16 10.67
N SER H 200 -20.47 -24.35 11.99
CA SER H 200 -21.23 -25.41 12.61
C SER H 200 -21.83 -24.80 13.81
N ARG H 201 -23.08 -25.18 14.27
CA ARG H 201 -23.82 -24.51 15.39
C ARG H 201 -24.39 -25.61 16.25
N THR H 202 -24.73 -26.78 15.60
CA THR H 202 -25.07 -27.97 16.32
C THR H 202 -23.78 -28.72 16.57
N VAL H 203 -23.48 -28.98 17.78
CA VAL H 203 -22.36 -29.80 18.19
C VAL H 203 -22.84 -31.22 18.45
N ASN H 204 -24.17 -31.57 18.25
CA ASN H 204 -24.79 -32.91 18.39
C ASN H 204 -25.02 -33.45 16.97
N SER H 205 -24.56 -32.75 15.87
CA SER H 205 -24.89 -33.18 14.52
C SER H 205 -23.74 -32.79 13.75
N THR H 206 -23.60 -33.59 12.61
CA THR H 206 -22.39 -33.56 11.68
C THR H 206 -22.52 -32.41 10.73
N ASP H 207 -23.72 -31.80 10.56
CA ASP H 207 -23.99 -30.68 9.62
C ASP H 207 -23.04 -29.54 9.95
N VAL H 208 -22.52 -28.96 8.86
CA VAL H 208 -21.64 -27.90 8.68
C VAL H 208 -22.16 -27.24 7.38
N TYR H 209 -22.11 -25.89 7.34
CA TYR H 209 -22.35 -25.17 6.08
C TYR H 209 -20.97 -24.69 5.59
N ALA H 210 -20.67 -25.09 4.39
CA ALA H 210 -19.40 -24.94 3.88
C ALA H 210 -19.51 -24.80 2.38
N ASN H 211 -18.38 -24.57 1.66
CA ASN H 211 -18.32 -24.66 0.24
C ASN H 211 -16.96 -25.24 0.10
N THR H 212 -16.91 -26.32 -0.71
CA THR H 212 -15.67 -26.97 -0.96
C THR H 212 -15.80 -27.39 -2.42
N ASN H 213 -14.60 -27.85 -2.98
CA ASN H 213 -14.29 -28.07 -4.27
C ASN H 213 -13.68 -29.40 -4.26
N LEU H 214 -14.10 -30.38 -5.21
CA LEU H 214 -13.58 -31.72 -5.28
C LEU H 214 -13.56 -32.00 -6.73
N LYS H 215 -12.52 -32.75 -7.23
CA LYS H 215 -12.21 -32.85 -8.58
C LYS H 215 -12.23 -34.34 -8.67
N LEU H 216 -13.22 -34.75 -9.49
CA LEU H 216 -13.53 -36.07 -9.77
C LEU H 216 -13.96 -35.85 -11.21
N LYS H 217 -13.35 -36.66 -12.05
CA LYS H 217 -13.44 -36.69 -13.41
C LYS H 217 -13.28 -38.06 -13.96
N ARG H 218 -13.96 -38.32 -15.11
CA ARG H 218 -14.03 -39.64 -15.68
C ARG H 218 -12.60 -40.10 -16.01
N PRO H 219 -12.14 -41.25 -15.47
CA PRO H 219 -10.93 -41.84 -15.90
C PRO H 219 -11.41 -42.86 -16.99
N ALA H 220 -10.54 -43.04 -18.03
CA ALA H 220 -10.84 -43.94 -19.09
C ALA H 220 -10.30 -45.31 -18.87
N SER H 221 -9.38 -45.40 -17.87
CA SER H 221 -8.66 -46.66 -17.65
C SER H 221 -9.49 -47.49 -16.65
N GLY H 222 -9.11 -48.76 -16.56
CA GLY H 222 -9.61 -49.84 -15.66
C GLY H 222 -9.01 -49.64 -14.34
N ASN H 223 -8.00 -48.69 -14.20
CA ASN H 223 -7.51 -48.18 -12.91
C ASN H 223 -8.50 -47.11 -12.56
N VAL H 224 -9.09 -47.22 -11.37
CA VAL H 224 -10.14 -46.26 -10.91
C VAL H 224 -9.57 -45.74 -9.46
N VAL H 226 -9.90 -43.38 -8.10
CA VAL H 226 -10.66 -42.15 -7.98
C VAL H 226 -9.57 -41.11 -8.16
N PRO H 227 -9.70 -40.07 -9.03
CA PRO H 227 -8.67 -39.06 -9.24
C PRO H 227 -8.39 -38.38 -7.91
N TYR H 228 -9.51 -38.02 -7.20
CA TYR H 228 -9.51 -37.57 -5.88
C TYR H 228 -8.44 -36.51 -5.50
N THR H 229 -8.64 -35.29 -6.05
CA THR H 229 -7.85 -34.14 -5.67
C THR H 229 -8.84 -33.09 -5.26
N GLN H 230 -8.61 -32.44 -4.06
CA GLN H 230 -9.59 -31.61 -3.40
C GLN H 230 -8.79 -30.38 -2.87
N THR H 231 -9.35 -29.19 -3.25
CA THR H 231 -8.97 -27.87 -2.76
C THR H 231 -10.05 -27.73 -1.70
N PRO H 232 -9.72 -27.61 -0.41
CA PRO H 232 -10.64 -27.78 0.73
C PRO H 232 -11.49 -26.55 1.01
N SER H 233 -11.88 -26.39 2.30
CA SER H 233 -12.86 -25.39 2.70
C SER H 233 -12.04 -24.20 2.90
N GLY H 234 -12.60 -22.94 3.10
CA GLY H 234 -11.91 -21.70 3.38
C GLY H 234 -11.29 -21.64 4.74
N PHE H 235 -11.85 -22.40 5.75
CA PHE H 235 -11.28 -22.47 7.09
C PHE H 235 -9.94 -23.28 7.06
N SER H 236 -10.00 -24.47 6.37
CA SER H 236 -8.99 -25.44 6.27
C SER H 236 -7.83 -24.97 5.46
N TYR H 237 -8.12 -24.17 4.34
CA TYR H 237 -7.20 -23.61 3.38
C TYR H 237 -6.42 -22.55 4.15
N TRP H 238 -7.17 -21.74 4.93
CA TRP H 238 -6.52 -20.75 5.70
C TRP H 238 -5.85 -21.17 6.94
N LYS H 239 -6.06 -22.41 7.42
CA LYS H 239 -5.62 -22.91 8.71
C LYS H 239 -4.06 -23.00 8.65
N LYS H 240 -3.44 -23.39 7.54
CA LYS H 240 -1.96 -23.45 7.32
C LYS H 240 -1.40 -22.03 7.31
N GLU H 241 -2.09 -21.11 6.55
CA GLU H 241 -1.70 -19.74 6.46
C GLU H 241 -1.72 -18.93 7.77
N LYS H 242 -2.75 -19.10 8.61
CA LYS H 242 -2.96 -18.58 9.95
C LYS H 242 -3.28 -17.06 9.82
N GLY H 243 -3.83 -16.44 10.90
CA GLY H 243 -4.16 -15.04 11.03
C GLY H 243 -2.96 -14.31 11.71
N VAL H 244 -3.16 -13.02 12.04
CA VAL H 244 -2.07 -12.32 12.75
C VAL H 244 -2.44 -11.81 14.07
N PRO H 245 -1.49 -11.86 15.00
CA PRO H 245 -1.83 -11.65 16.40
C PRO H 245 -2.47 -10.29 16.69
N LEU H 246 -3.44 -10.32 17.60
CA LEU H 246 -4.08 -9.26 18.31
C LEU H 246 -3.34 -9.13 19.66
N ASN H 247 -2.36 -9.99 19.89
CA ASN H 247 -1.57 -10.06 21.07
C ASN H 247 -0.27 -9.32 20.95
N ARG H 248 0.12 -8.92 19.69
CA ARG H 248 1.34 -8.13 19.39
C ARG H 248 1.14 -6.61 19.46
N ASN H 249 -0.16 -6.22 19.45
CA ASN H 249 -0.48 -4.80 19.44
C ASN H 249 -1.76 -4.62 20.28
N ALA H 250 -1.83 -3.52 21.05
CA ALA H 250 -2.94 -3.12 21.91
C ALA H 250 -2.67 -1.80 22.54
N PRO H 251 -3.32 -0.67 22.16
CA PRO H 251 -3.22 0.67 22.72
C PRO H 251 -3.76 0.69 24.13
N PHE H 252 -3.00 1.27 25.06
CA PHE H 252 -3.36 1.24 26.47
C PHE H 252 -3.36 -0.04 27.24
N GLY H 253 -2.23 -0.67 27.36
CA GLY H 253 -2.09 -1.95 28.07
C GLY H 253 -2.84 -3.10 27.39
N CYS H 254 -3.24 -4.11 28.19
CA CYS H 254 -3.96 -5.27 27.65
C CYS H 254 -3.06 -6.32 27.11
N ILE H 255 -2.96 -7.39 27.97
CA ILE H 255 -2.15 -8.48 27.62
C ILE H 255 -3.22 -9.58 27.51
N ILE H 256 -3.37 -10.13 26.26
CA ILE H 256 -4.51 -10.77 25.88
C ILE H 256 -4.27 -12.29 25.95
N LYS H 257 -5.08 -13.04 26.77
CA LYS H 257 -4.81 -14.43 27.02
C LYS H 257 -5.93 -15.14 26.43
N VAL H 258 -5.54 -16.28 25.78
CA VAL H 258 -6.26 -17.02 24.84
C VAL H 258 -7.31 -17.86 25.60
N ASN H 259 -6.94 -18.83 26.46
CA ASN H 259 -7.78 -19.87 26.98
C ASN H 259 -8.76 -19.24 28.00
N PRO H 260 -8.43 -18.40 29.07
CA PRO H 260 -9.34 -17.89 30.04
C PRO H 260 -10.20 -16.82 29.36
N VAL H 261 -9.64 -16.04 28.44
CA VAL H 261 -10.45 -15.11 27.67
C VAL H 261 -10.62 -13.94 28.53
N ARG H 262 -9.54 -13.20 28.74
CA ARG H 262 -9.54 -11.99 29.49
C ARG H 262 -8.36 -11.23 28.97
N ALA H 263 -8.32 -9.90 29.23
CA ALA H 263 -7.17 -9.07 28.96
C ALA H 263 -6.84 -8.40 30.20
N GLU H 264 -5.65 -8.66 30.70
CA GLU H 264 -5.14 -8.22 31.93
C GLU H 264 -4.34 -6.90 31.72
N ASN H 265 -4.45 -6.02 32.76
CA ASN H 265 -3.74 -4.76 32.96
C ASN H 265 -3.87 -3.76 31.85
N CYS H 266 -5.14 -3.32 31.67
CA CYS H 266 -5.61 -2.39 30.63
C CYS H 266 -5.96 -1.13 31.33
N VAL H 267 -5.08 -0.09 31.09
CA VAL H 267 -4.95 1.06 31.84
C VAL H 267 -5.80 2.09 31.24
N TYR H 268 -6.63 1.74 30.23
CA TYR H 268 -7.64 2.58 29.50
C TYR H 268 -8.64 3.12 30.52
N GLY H 269 -8.92 4.40 30.28
CA GLY H 269 -9.85 5.21 30.98
C GLY H 269 -9.46 5.49 32.40
N ASN H 270 -10.40 6.19 33.01
CA ASN H 270 -10.42 6.69 34.37
C ASN H 270 -11.48 5.93 35.07
N ILE H 271 -11.25 5.63 36.36
CA ILE H 271 -12.21 4.86 37.19
C ILE H 271 -12.67 5.82 38.26
N PRO H 272 -13.89 6.28 38.32
CA PRO H 272 -14.38 7.10 39.42
C PRO H 272 -14.54 6.22 40.64
N ILE H 273 -14.11 6.72 41.83
CA ILE H 273 -14.20 6.04 43.10
C ILE H 273 -14.87 6.85 44.13
N SER H 274 -15.63 6.20 45.04
CA SER H 274 -16.33 6.76 46.16
C SER H 274 -16.17 5.85 47.38
N MET H 275 -15.98 6.46 48.61
CA MET H 275 -15.98 5.75 49.88
C MET H 275 -16.57 6.65 50.83
N ASP H 276 -17.38 6.07 51.76
CA ASP H 276 -17.71 6.72 53.01
C ASP H 276 -17.11 5.86 54.06
N ILE H 277 -16.06 6.29 54.82
CA ILE H 277 -15.45 5.54 55.86
C ILE H 277 -16.09 6.05 57.12
N ALA H 278 -16.27 5.09 58.03
CA ALA H 278 -17.04 5.30 59.18
C ALA H 278 -16.36 4.74 60.36
N ASP H 279 -15.29 3.97 60.22
CA ASP H 279 -14.48 3.36 61.28
C ASP H 279 -13.88 4.38 62.16
N ALA H 280 -14.11 4.28 63.51
CA ALA H 280 -13.48 5.21 64.44
C ALA H 280 -13.27 4.26 65.61
N PHE H 281 -11.98 4.10 66.05
CA PHE H 281 -10.96 5.13 66.50
C PHE H 281 -11.60 6.26 67.24
N THR H 282 -11.03 7.50 67.27
CA THR H 282 -11.44 8.69 67.93
C THR H 282 -11.34 9.64 66.76
N ARG H 283 -12.41 10.42 66.52
CA ARG H 283 -12.40 11.46 65.47
C ARG H 283 -12.88 12.75 66.22
N ILE H 284 -12.07 13.81 66.27
CA ILE H 284 -10.73 13.97 65.69
C ILE H 284 -9.74 12.98 66.25
N ASP H 285 -8.60 12.82 65.51
CA ASP H 285 -7.60 11.82 65.85
C ASP H 285 -6.68 12.30 66.93
N GLU H 286 -6.71 13.62 67.27
CA GLU H 286 -5.97 14.25 68.37
C GLU H 286 -4.41 14.29 68.04
N SER H 287 -4.16 14.67 66.75
CA SER H 287 -2.98 14.89 65.98
C SER H 287 -1.95 15.76 66.68
N PRO H 288 -0.66 15.56 66.42
CA PRO H 288 0.34 16.54 66.73
C PRO H 288 0.31 17.67 65.60
N SER H 289 0.35 18.87 66.10
CA SER H 289 0.42 20.08 65.33
C SER H 289 1.89 20.31 65.07
N VAL H 290 2.21 20.92 63.90
CA VAL H 290 3.55 20.77 63.31
C VAL H 290 3.73 21.97 62.44
N SER H 291 5.01 22.47 62.45
CA SER H 291 5.37 23.77 61.97
C SER H 291 6.74 23.64 61.29
N LEU H 292 7.15 24.70 60.56
CA LEU H 292 8.31 24.77 59.83
C LEU H 292 8.51 23.75 58.84
N LYS H 293 7.56 23.45 57.89
CA LYS H 293 7.74 22.34 56.91
C LYS H 293 8.71 22.76 55.81
N ALA H 294 9.67 21.92 55.55
CA ALA H 294 10.73 22.22 54.68
C ALA H 294 11.01 20.90 53.97
N CYS H 295 11.74 21.04 52.80
CA CYS H 295 12.07 19.97 51.92
C CYS H 295 13.50 20.06 51.52
N GLU H 296 14.20 18.96 51.75
CA GLU H 296 15.51 18.79 51.24
C GLU H 296 15.25 17.74 50.10
N VAL H 297 15.99 17.89 48.97
CA VAL H 297 15.85 17.09 47.81
C VAL H 297 17.25 16.64 47.49
N GLN H 298 17.47 15.30 47.52
CA GLN H 298 18.76 14.74 47.35
C GLN H 298 18.67 13.95 45.97
N SER H 299 19.72 13.96 45.15
CA SER H 299 19.80 13.22 43.97
C SER H 299 18.93 13.89 42.96
N CYS H 300 19.50 14.71 42.05
CA CYS H 300 18.66 15.46 41.06
C CYS H 300 19.57 15.59 39.88
N THR H 301 19.20 14.97 38.75
CA THR H 301 19.67 15.08 37.43
C THR H 301 18.46 14.88 36.52
N TYR H 302 18.66 14.24 35.30
CA TYR H 302 17.74 14.11 34.25
C TYR H 302 16.81 12.97 34.55
N SER H 303 15.65 12.95 33.77
CA SER H 303 14.45 12.14 33.92
C SER H 303 14.87 10.67 34.11
N SER H 304 14.35 10.03 35.18
CA SER H 304 14.70 8.71 35.60
C SER H 304 13.54 8.08 36.30
N ASP H 305 13.61 6.77 36.40
CA ASP H 305 12.63 5.97 37.03
C ASP H 305 13.03 5.55 38.45
N PHE H 306 14.13 6.08 38.87
CA PHE H 306 14.78 5.93 40.19
C PHE H 306 14.00 6.49 41.30
N GLY H 307 14.05 5.73 42.53
CA GLY H 307 13.30 6.11 43.76
C GLY H 307 13.88 7.32 44.52
N GLY H 308 12.89 8.08 45.14
CA GLY H 308 13.17 9.30 45.91
C GLY H 308 13.85 9.08 47.30
N VAL H 309 14.80 9.96 47.61
CA VAL H 309 15.47 9.95 48.86
C VAL H 309 15.33 11.32 49.27
N ALA H 310 14.38 11.61 50.17
CA ALA H 310 14.17 12.96 50.53
C ALA H 310 14.02 12.95 52.04
N SER H 311 14.15 14.21 52.64
CA SER H 311 14.01 14.40 54.02
C SER H 311 13.22 15.66 54.20
N ILE H 312 12.42 15.69 55.29
CA ILE H 312 11.57 16.80 55.61
C ILE H 312 12.08 17.15 56.96
N SER H 313 12.31 18.42 57.16
CA SER H 313 12.61 18.93 58.55
C SER H 313 11.40 19.65 58.99
N TYR H 314 10.97 19.45 60.23
CA TYR H 314 9.80 20.13 60.84
C TYR H 314 10.00 19.98 62.28
N THR H 315 9.08 20.54 63.11
CA THR H 315 9.22 20.43 64.49
C THR H 315 7.79 19.99 64.81
N SER H 316 7.66 19.11 65.80
CA SER H 316 6.41 18.51 66.20
C SER H 316 6.39 18.61 67.75
N ASN H 317 5.15 18.56 68.23
CA ASN H 317 4.73 18.66 69.57
C ASN H 317 3.50 17.84 69.72
N LYS H 318 3.50 16.93 70.77
CA LYS H 318 2.51 15.95 71.06
C LYS H 318 2.82 14.68 70.27
N VAL H 319 2.12 13.54 70.64
CA VAL H 319 2.20 12.29 69.89
C VAL H 319 0.77 11.96 69.55
N GLY H 320 0.54 11.56 68.30
CA GLY H 320 -0.76 11.12 67.88
C GLY H 320 -0.59 10.52 66.56
N LYS H 321 -1.75 10.11 65.92
CA LYS H 321 -1.78 9.32 64.71
C LYS H 321 -2.49 10.17 63.69
N CYS H 322 -1.80 10.41 62.55
CA CYS H 322 -2.35 11.23 61.52
C CYS H 322 -2.70 10.24 60.37
N ALA H 323 -3.57 10.73 59.48
CA ALA H 323 -3.86 10.22 58.16
C ALA H 323 -3.32 11.15 57.13
N ILE H 324 -2.31 10.63 56.41
CA ILE H 324 -1.52 11.33 55.43
C ILE H 324 -1.75 10.48 54.18
N SER H 325 -1.71 11.06 52.95
CA SER H 325 -1.45 12.41 52.61
C SER H 325 -2.52 12.87 51.71
N SER H 326 -2.75 14.20 51.58
CA SER H 326 -2.90 15.06 50.39
C SER H 326 -3.97 14.50 49.50
N ASN H 327 -3.70 14.32 48.14
CA ASN H 327 -4.60 13.77 47.15
C ASN H 327 -3.66 13.12 46.13
N SER H 328 -2.39 13.55 46.08
CA SER H 328 -1.32 13.08 45.28
C SER H 328 -0.13 13.08 46.19
N ALA H 329 0.63 12.01 46.31
CA ALA H 329 1.82 12.07 47.19
C ALA H 329 2.60 10.89 46.70
N THR H 330 3.87 10.70 47.15
CA THR H 330 4.76 9.65 46.72
C THR H 330 5.28 8.85 47.89
N MET H 331 4.84 9.18 49.14
CA MET H 331 5.19 8.43 50.37
C MET H 331 4.53 7.14 50.32
N LYS H 332 5.04 6.03 50.93
CA LYS H 332 4.42 4.70 50.93
C LYS H 332 3.62 4.51 52.22
N ASP H 333 3.95 5.39 53.16
CA ASP H 333 3.18 5.47 54.43
C ASP H 333 1.77 6.10 54.26
N SER H 334 0.83 5.60 55.07
CA SER H 334 -0.51 6.15 55.12
C SER H 334 -1.02 5.88 56.59
N VAL H 335 -0.38 4.87 57.32
CA VAL H 335 -0.56 4.67 58.73
C VAL H 335 0.74 5.02 59.32
N GLN H 336 0.85 6.14 60.08
CA GLN H 336 2.11 6.66 60.64
C GLN H 336 1.80 7.30 61.98
N ASP H 337 2.51 6.81 63.04
CA ASP H 337 2.54 7.41 64.29
C ASP H 337 3.54 8.56 64.25
N VAL H 338 3.04 9.85 64.36
CA VAL H 338 3.74 11.05 64.23
C VAL H 338 4.06 11.58 65.62
N GLN H 339 5.40 11.70 65.94
CA GLN H 339 5.95 12.05 67.25
C GLN H 339 6.86 13.19 67.10
N GLU H 340 7.37 13.73 68.24
CA GLU H 340 8.31 14.91 68.28
C GLU H 340 9.48 14.66 67.36
N SER H 341 9.95 15.66 66.49
CA SER H 341 10.84 15.37 65.36
C SER H 341 11.59 16.59 64.94
N GLY H 342 12.53 16.43 63.98
CA GLY H 342 13.38 17.40 63.45
C GLY H 342 13.42 16.99 62.00
N ALA H 343 14.61 16.58 61.51
CA ALA H 343 14.79 16.07 60.11
C ALA H 343 14.46 14.63 60.23
N LEU H 344 13.67 14.12 59.31
CA LEU H 344 13.24 12.82 59.32
C LEU H 344 13.34 12.43 57.82
N SER H 345 14.32 11.52 57.53
CA SER H 345 14.58 10.96 56.22
C SER H 345 13.67 9.84 55.91
N LEU H 346 13.09 9.79 54.70
CA LEU H 346 12.04 8.85 54.28
C LEU H 346 12.22 8.53 52.80
N PHE H 347 11.59 7.39 52.32
CA PHE H 347 11.69 6.87 50.97
C PHE H 347 10.38 7.04 50.25
N PHE H 348 10.57 7.36 48.98
CA PHE H 348 9.47 7.94 48.13
C PHE H 348 9.61 7.33 46.74
N ALA H 349 8.69 7.66 45.81
CA ALA H 349 8.63 7.12 44.52
C ALA H 349 8.37 8.37 43.68
N THR H 350 9.01 9.50 43.93
CA THR H 350 9.04 10.69 43.13
C THR H 350 9.73 10.22 41.86
N SER H 351 9.42 10.80 40.68
CA SER H 351 10.00 10.52 39.39
C SER H 351 9.62 9.10 39.04
N SER H 352 8.53 8.51 39.63
CA SER H 352 8.12 7.16 39.37
C SER H 352 6.63 7.09 39.58
N VAL H 353 6.04 8.24 40.07
CA VAL H 353 4.65 8.51 39.94
C VAL H 353 4.73 9.72 39.04
N GLU H 354 5.26 10.90 39.49
CA GLU H 354 5.29 12.25 38.82
C GLU H 354 6.54 12.91 39.32
N PRO H 355 7.05 13.96 38.70
CA PRO H 355 8.20 14.71 39.22
C PRO H 355 7.83 15.56 40.38
N ASN H 356 6.60 16.26 40.39
CA ASN H 356 5.87 16.89 41.52
C ASN H 356 5.45 15.86 42.54
N PHE H 357 5.52 16.22 43.89
CA PHE H 357 5.13 15.39 44.99
C PHE H 357 4.61 16.31 46.09
N VAL H 358 3.50 16.04 46.71
CA VAL H 358 2.81 16.93 47.66
C VAL H 358 2.78 16.17 48.94
N VAL H 359 3.60 16.59 49.84
CA VAL H 359 3.79 16.02 51.11
C VAL H 359 2.93 16.60 52.24
N GLN H 360 2.25 15.72 53.00
CA GLN H 360 1.54 16.14 54.19
C GLN H 360 2.10 15.34 55.38
N VAL H 361 2.01 16.06 56.50
CA VAL H 361 2.28 15.49 57.81
C VAL H 361 1.16 16.08 58.67
N CYS H 362 -0.08 15.40 58.80
CA CYS H 362 -1.14 15.97 59.73
C CYS H 362 -1.79 17.06 59.03
N ASN H 363 -2.15 18.21 59.72
CA ASN H 363 -2.87 19.28 59.00
C ASN H 363 -2.00 20.00 57.96
N ALA H 364 -0.64 20.10 58.19
CA ALA H 364 0.24 20.97 57.39
C ALA H 364 0.78 20.23 56.21
N ARG H 365 0.96 20.95 55.10
CA ARG H 365 1.48 20.37 53.94
C ARG H 365 2.13 21.46 53.20
N ILE H 366 3.01 21.04 52.26
CA ILE H 366 3.55 21.92 51.22
C ILE H 366 3.77 21.10 50.00
N THR H 367 4.10 21.76 48.81
CA THR H 367 4.49 21.10 47.54
C THR H 367 5.93 21.30 47.29
N CYS H 368 6.60 20.20 46.86
CA CYS H 368 8.03 20.16 46.66
C CYS H 368 8.27 19.37 45.41
N GLY H 369 9.48 19.42 44.74
CA GLY H 369 10.79 19.80 45.26
C GLY H 369 11.24 21.08 44.62
N LYS H 370 12.45 21.18 43.99
CA LYS H 370 12.89 22.34 43.30
C LYS H 370 13.95 22.09 42.30
N CYS H 371 14.05 20.85 41.84
CA CYS H 371 15.02 20.45 40.81
C CYS H 371 14.45 20.63 39.49
N GLU H 372 15.29 20.82 38.43
CA GLU H 372 15.04 20.71 36.99
C GLU H 372 16.38 21.19 36.37
N PRO H 373 17.06 20.35 35.54
CA PRO H 373 18.47 20.68 35.29
C PRO H 373 18.40 21.63 34.09
N PRO H 374 19.36 22.53 33.88
CA PRO H 374 19.34 23.41 32.67
C PRO H 374 19.75 22.60 31.50
N LYS H 375 19.30 23.02 30.29
CA LYS H 375 19.40 22.25 29.03
C LYS H 375 19.51 23.13 27.80
N ASP H 376 19.33 24.50 27.92
CA ASP H 376 19.68 25.49 26.98
C ASP H 376 21.06 25.56 26.55
N ILE H 377 22.10 25.89 27.36
CA ILE H 377 22.26 25.71 28.80
C ILE H 377 22.14 27.02 29.52
N VAL H 378 21.23 27.19 30.48
CA VAL H 378 21.04 28.40 31.22
C VAL H 378 21.75 28.20 32.56
N PRO H 379 21.96 29.19 33.38
CA PRO H 379 22.56 29.08 34.72
C PRO H 379 21.60 28.57 35.72
N TYR H 380 20.35 28.97 35.83
CA TYR H 380 19.47 28.44 36.85
C TYR H 380 18.15 27.97 36.25
N ALA H 381 17.72 26.77 36.67
CA ALA H 381 16.60 26.10 36.09
C ALA H 381 15.93 25.56 37.31
N ALA H 382 14.60 25.86 37.31
CA ALA H 382 13.64 25.58 38.41
C ALA H 382 12.27 25.50 37.92
N LYS H 383 11.37 25.06 38.80
CA LYS H 383 9.98 24.80 38.58
C LYS H 383 9.20 25.56 39.60
N ASN H 384 7.88 25.88 39.32
CA ASN H 384 6.88 25.11 38.53
C ASN H 384 5.85 25.97 37.87
N ASP H 385 6.23 27.32 37.77
CA ASP H 385 5.31 28.37 37.23
C ASP H 385 6.26 29.23 36.42
N ALA H 386 7.58 28.90 36.47
CA ALA H 386 8.68 29.50 35.75
C ALA H 386 8.49 29.49 34.30
N GLU H 387 9.20 30.36 33.56
CA GLU H 387 9.09 30.42 32.12
C GLU H 387 9.64 29.21 31.37
N PHE H 388 10.55 28.44 31.97
CA PHE H 388 11.17 27.32 31.34
C PHE H 388 12.17 27.71 30.29
N PRO H 389 12.90 28.72 30.80
CA PRO H 389 14.31 28.50 30.99
C PRO H 389 14.57 28.89 32.45
N SER H 390 13.46 29.32 33.12
CA SER H 390 13.47 29.99 34.37
C SER H 390 14.33 31.23 34.42
N ILE H 391 14.15 32.06 35.43
CA ILE H 391 14.61 33.42 35.62
C ILE H 391 16.11 33.25 35.70
N SER H 392 16.73 33.91 34.71
CA SER H 392 18.13 33.73 34.30
C SER H 392 18.46 34.94 33.60
N THR H 393 19.73 35.19 33.19
CA THR H 393 20.17 36.35 32.33
C THR H 393 19.50 36.28 30.96
N THR H 394 19.44 35.04 30.46
CA THR H 394 18.99 34.67 29.09
C THR H 394 17.49 35.01 28.99
N ALA H 395 16.81 34.64 30.11
CA ALA H 395 15.39 35.07 30.35
C ALA H 395 15.15 36.51 30.42
N TRP H 396 16.06 37.27 31.10
CA TRP H 396 15.97 38.72 31.27
C TRP H 396 16.22 39.39 29.89
N GLN H 397 17.22 38.93 28.98
CA GLN H 397 17.49 39.48 27.65
C GLN H 397 16.30 39.29 26.77
N TRP H 398 15.56 38.15 26.91
CA TRP H 398 14.31 37.87 26.15
C TRP H 398 13.08 38.77 26.60
N LEU H 399 12.92 38.99 27.95
CA LEU H 399 11.81 39.78 28.61
C LEU H 399 11.78 41.20 28.02
N ALA H 400 12.91 41.79 27.87
CA ALA H 400 13.26 43.04 27.28
C ALA H 400 12.67 43.38 25.89
N THR H 401 12.16 42.31 25.14
CA THR H 401 11.21 42.45 24.08
C THR H 401 10.19 43.39 24.34
N THR H 402 9.39 43.12 25.41
CA THR H 402 8.25 43.82 25.86
C THR H 402 8.57 45.26 26.14
N SER H 403 9.75 45.59 26.73
CA SER H 403 10.22 46.96 27.00
C SER H 403 10.23 47.88 25.83
N GLY H 404 10.66 47.34 24.62
CA GLY H 404 10.88 48.16 23.38
C GLY H 404 9.62 48.95 22.92
N PRO H 405 8.46 48.35 22.71
CA PRO H 405 7.33 49.08 22.28
C PRO H 405 6.83 50.07 23.23
N LEU H 406 7.04 49.81 24.50
CA LEU H 406 6.42 50.54 25.58
C LEU H 406 7.08 51.87 25.80
N THR H 407 8.37 51.98 25.70
CA THR H 407 9.06 53.25 25.72
C THR H 407 8.69 54.22 24.63
N ILE H 408 8.71 53.75 23.38
CA ILE H 408 8.40 54.50 22.19
C ILE H 408 6.95 54.90 22.13
N LEU H 409 5.99 54.05 22.63
CA LEU H 409 4.59 54.44 22.65
C LEU H 409 4.20 55.57 23.49
N VAL H 410 4.70 55.64 24.80
CA VAL H 410 4.49 56.70 25.77
C VAL H 410 5.10 58.02 25.18
N VAL H 411 6.34 58.05 24.61
CA VAL H 411 7.02 59.23 23.99
C VAL H 411 6.28 59.69 22.66
N ALA H 412 5.76 58.78 21.86
CA ALA H 412 4.90 59.00 20.67
C ALA H 412 3.59 59.68 20.87
N ILE H 413 2.89 59.29 21.99
CA ILE H 413 1.65 59.89 22.41
C ILE H 413 1.86 61.35 22.67
N ILE H 414 2.97 61.66 23.32
CA ILE H 414 3.33 63.02 23.67
C ILE H 414 3.44 63.95 22.42
N VAL H 415 4.16 63.51 21.40
CA VAL H 415 4.44 64.33 20.23
C VAL H 415 3.23 64.66 19.48
N VAL H 416 2.36 63.62 19.23
CA VAL H 416 1.17 63.79 18.62
C VAL H 416 0.16 64.64 19.29
N VAL H 417 -0.05 64.50 20.60
CA VAL H 417 -1.12 65.09 21.33
C VAL H 417 -0.85 66.58 21.56
N VAL H 418 0.43 66.97 21.88
CA VAL H 418 0.89 68.33 21.98
C VAL H 418 0.83 69.10 20.67
N VAL H 419 1.20 68.48 19.49
CA VAL H 419 1.02 69.28 18.26
C VAL H 419 -0.42 69.70 17.94
N SER H 420 -1.35 68.83 18.34
CA SER H 420 -2.77 69.01 18.16
C SER H 420 -3.33 70.12 18.97
N ILE H 421 -2.91 70.23 20.20
CA ILE H 421 -3.22 71.26 21.16
C ILE H 421 -2.83 72.61 20.66
N VAL H 422 -1.67 72.78 19.96
CA VAL H 422 -1.28 74.03 19.30
C VAL H 422 -2.27 74.54 18.25
N VAL H 423 -2.67 73.62 17.33
CA VAL H 423 -3.57 73.93 16.25
C VAL H 423 -4.93 74.33 16.76
N CYS H 424 -5.46 73.61 17.76
CA CYS H 424 -6.70 73.67 18.40
C CYS H 424 -6.91 74.95 19.10
N ALA H 425 -5.85 75.54 19.71
CA ALA H 425 -5.91 76.79 20.51
C ALA H 425 -6.50 77.90 19.71
N ARG H 426 -6.17 78.05 18.42
CA ARG H 426 -6.68 78.99 17.58
C ARG H 426 -5.96 80.36 17.69
N HIS H 427 -6.43 81.11 18.60
N SER I 1 -10.48 -52.23 25.34
CA SER I 1 -11.70 -53.09 25.47
C SER I 1 -11.37 -54.51 25.02
N VAL I 2 -12.39 -55.41 25.07
CA VAL I 2 -12.31 -56.86 24.83
C VAL I 2 -12.82 -57.27 23.51
N ALA I 3 -13.40 -56.31 22.74
CA ALA I 3 -13.93 -56.58 21.47
C ALA I 3 -13.21 -55.71 20.51
N HIS I 4 -12.08 -55.09 20.89
CA HIS I 4 -11.31 -54.29 19.96
C HIS I 4 -10.74 -55.24 18.91
N PHE I 5 -10.29 -56.46 19.30
CA PHE I 5 -9.69 -57.55 18.54
C PHE I 5 -10.63 -58.11 17.53
N GLU I 6 -11.94 -58.35 18.00
CA GLU I 6 -13.02 -58.84 17.21
C GLU I 6 -13.38 -57.85 16.13
N ALA I 7 -13.45 -56.54 16.44
CA ALA I 7 -13.80 -55.42 15.56
C ALA I 7 -12.92 -55.38 14.36
N TYR I 8 -11.60 -55.56 14.65
CA TYR I 8 -10.54 -55.47 13.64
C TYR I 8 -10.55 -56.65 12.77
N LYS I 9 -10.83 -57.88 13.29
CA LYS I 9 -10.88 -58.99 12.48
C LYS I 9 -11.93 -58.95 11.37
N ALA I 10 -13.10 -58.37 11.78
CA ALA I 10 -14.27 -58.26 11.00
C ALA I 10 -14.19 -57.28 9.95
N THR I 11 -13.34 -56.22 10.10
CA THR I 11 -13.15 -55.11 9.16
C THR I 11 -11.91 -55.35 8.37
N ARG I 12 -11.84 -56.55 7.73
CA ARG I 12 -10.68 -57.07 7.08
C ARG I 12 -10.06 -56.13 6.04
N PRO I 13 -8.75 -56.06 5.81
CA PRO I 13 -8.00 -55.55 4.60
C PRO I 13 -8.53 -55.95 3.27
N TYR I 14 -8.12 -55.25 2.20
CA TYR I 14 -8.68 -55.28 0.89
C TYR I 14 -7.49 -54.83 0.01
N ILE I 15 -7.50 -55.22 -1.31
CA ILE I 15 -6.49 -54.79 -2.23
C ILE I 15 -7.15 -53.64 -3.00
N GLY I 16 -6.51 -52.46 -3.04
CA GLY I 16 -7.08 -51.26 -3.68
C GLY I 16 -6.03 -50.42 -4.29
N TRP I 17 -6.37 -49.46 -5.20
CA TRP I 17 -5.50 -48.61 -5.95
C TRP I 17 -4.62 -47.64 -5.28
N CYS I 18 -3.35 -47.62 -5.72
CA CYS I 18 -2.27 -46.78 -5.41
C CYS I 18 -1.88 -46.45 -6.77
N ALA I 19 -1.63 -45.17 -7.06
CA ALA I 19 -1.25 -44.64 -8.28
C ALA I 19 0.25 -44.78 -8.45
N ASP I 20 1.08 -45.20 -7.45
CA ASP I 20 2.41 -45.41 -7.54
C ASP I 20 2.54 -46.94 -7.43
N CYS I 21 3.29 -47.63 -8.39
CA CYS I 21 3.48 -49.06 -8.43
C CYS I 21 4.87 -49.46 -8.79
N GLY I 22 5.81 -48.62 -8.31
CA GLY I 22 7.17 -48.59 -8.85
C GLY I 22 7.24 -47.57 -9.90
N LEU I 23 6.10 -46.89 -10.21
CA LEU I 23 5.92 -45.81 -11.16
C LEU I 23 6.04 -46.41 -12.57
N ALA I 24 4.91 -46.91 -13.08
CA ALA I 24 4.78 -47.60 -14.38
C ALA I 24 3.27 -47.57 -14.69
N GLY I 25 2.44 -46.87 -13.78
CA GLY I 25 0.98 -46.74 -13.93
C GLY I 25 0.30 -47.54 -12.89
N SER I 26 -0.75 -46.82 -12.33
CA SER I 26 -1.55 -47.23 -11.24
C SER I 26 -1.96 -48.68 -11.32
N CYS I 27 -2.11 -49.23 -10.15
CA CYS I 27 -2.42 -50.66 -10.01
C CYS I 27 -3.03 -51.01 -8.67
N PRO I 28 -3.65 -52.20 -8.45
CA PRO I 28 -4.01 -52.59 -7.12
C PRO I 28 -2.76 -52.94 -6.36
N SER I 29 -2.55 -52.27 -5.13
CA SER I 29 -1.37 -52.52 -4.31
C SER I 29 -1.90 -53.12 -3.01
N PRO I 30 -1.29 -54.18 -2.44
CA PRO I 30 -1.71 -54.76 -1.17
C PRO I 30 -1.63 -53.81 -0.07
N VAL I 31 -0.71 -52.86 -0.14
CA VAL I 31 -0.63 -51.73 0.79
C VAL I 31 -0.94 -50.48 -0.02
N SER I 32 -1.86 -49.69 0.50
CA SER I 32 -2.35 -48.53 -0.16
C SER I 32 -2.46 -47.61 0.94
N ILE I 33 -1.92 -46.34 0.79
CA ILE I 33 -1.99 -45.33 1.84
C ILE I 33 -3.32 -44.68 1.54
N GLU I 34 -4.28 -44.67 2.53
CA GLU I 34 -5.58 -44.16 2.30
C GLU I 34 -5.50 -42.68 2.46
N HIS I 35 -4.80 -42.27 3.56
CA HIS I 35 -4.50 -40.91 3.88
C HIS I 35 -3.54 -40.99 5.02
N VAL I 36 -2.62 -40.03 5.08
CA VAL I 36 -1.68 -39.80 6.12
C VAL I 36 -1.93 -38.45 6.63
N TRP I 37 -2.19 -38.27 7.95
CA TRP I 37 -2.59 -37.03 8.58
C TRP I 37 -1.48 -36.82 9.56
N SER I 38 -0.90 -35.52 9.61
CA SER I 38 0.02 -35.02 10.61
C SER I 38 -0.50 -33.71 11.19
N ASP I 39 -0.39 -33.53 12.51
CA ASP I 39 -0.88 -32.40 13.14
C ASP I 39 0.02 -32.11 14.32
N ALA I 40 0.99 -32.99 14.56
CA ALA I 40 1.89 -33.10 15.73
C ALA I 40 3.02 -32.07 15.41
N ASP I 41 3.49 -31.40 16.47
CA ASP I 41 4.58 -30.44 16.39
C ASP I 41 5.86 -31.06 16.75
N ASP I 42 5.78 -32.38 16.89
CA ASP I 42 6.94 -33.20 17.29
C ASP I 42 7.40 -34.07 16.14
N GLY I 43 6.64 -34.02 14.95
CA GLY I 43 6.95 -34.76 13.72
C GLY I 43 6.22 -36.01 13.48
N VAL I 44 5.32 -36.42 14.44
CA VAL I 44 4.59 -37.65 14.45
C VAL I 44 3.50 -37.63 13.41
N LEU I 45 3.33 -38.75 12.69
CA LEU I 45 2.48 -38.98 11.64
C LEU I 45 1.60 -40.06 12.15
N LYS I 46 0.34 -39.92 11.91
CA LYS I 46 -0.67 -40.93 12.19
C LYS I 46 -1.11 -41.40 10.79
N ILE I 47 -0.75 -42.68 10.47
CA ILE I 47 -0.76 -43.23 9.04
C ILE I 47 -1.82 -44.22 9.10
N GLN I 48 -2.69 -44.25 8.02
CA GLN I 48 -3.75 -45.21 7.86
C GLN I 48 -3.52 -45.97 6.56
N VAL I 49 -3.62 -47.32 6.56
CA VAL I 49 -3.30 -48.17 5.50
C VAL I 49 -4.38 -49.26 5.49
N SER I 50 -4.46 -50.03 4.34
CA SER I 50 -5.51 -51.05 4.14
C SER I 50 -5.29 -52.29 5.03
N MET I 51 -4.03 -52.66 5.12
CA MET I 51 -3.53 -53.75 6.03
C MET I 51 -3.74 -53.52 7.50
N GLN I 52 -3.64 -54.60 8.38
CA GLN I 52 -3.75 -54.52 9.84
C GLN I 52 -2.53 -55.20 10.51
N ILE I 53 -1.76 -54.49 11.27
CA ILE I 53 -0.43 -54.88 11.76
C ILE I 53 -0.63 -55.31 13.12
N GLY I 54 -0.06 -56.47 13.48
CA GLY I 54 0.03 -57.07 14.77
C GLY I 54 -1.14 -57.93 15.18
N ILE I 55 -1.96 -58.05 14.21
CA ILE I 55 -3.32 -58.56 14.37
C ILE I 55 -3.27 -59.68 13.32
N ALA I 56 -3.91 -60.84 13.65
CA ALA I 56 -3.98 -62.00 12.77
C ALA I 56 -5.45 -62.31 12.63
N LYS I 57 -5.75 -63.27 11.80
CA LYS I 57 -7.09 -63.75 11.48
C LYS I 57 -7.60 -64.67 12.56
N SER I 58 -6.68 -65.31 13.30
CA SER I 58 -6.98 -66.33 14.36
C SER I 58 -7.28 -65.63 15.63
N ASN I 59 -6.92 -64.31 15.79
CA ASN I 59 -7.03 -63.39 16.94
C ASN I 59 -6.03 -63.64 17.91
N THR I 60 -4.91 -64.29 17.45
CA THR I 60 -3.72 -64.59 18.18
C THR I 60 -2.77 -63.47 17.77
N ILE I 61 -2.20 -62.75 18.77
CA ILE I 61 -1.49 -61.45 18.56
C ILE I 61 0.02 -61.66 18.64
N ASN I 62 0.69 -61.20 17.54
CA ASN I 62 2.16 -61.23 17.38
C ASN I 62 2.51 -59.93 16.76
N HIS I 63 3.51 -59.16 17.25
CA HIS I 63 4.06 -57.89 16.73
C HIS I 63 4.77 -58.09 15.41
N ALA I 64 5.29 -59.35 15.22
CA ALA I 64 6.05 -59.75 14.06
C ALA I 64 5.35 -59.73 12.75
N LYS I 65 4.07 -60.12 12.82
CA LYS I 65 3.26 -60.54 11.71
C LYS I 65 2.41 -59.35 11.38
N ILE I 66 1.79 -59.34 10.21
CA ILE I 66 0.94 -58.36 9.65
C ILE I 66 0.01 -59.35 8.91
N ARG I 67 -1.30 -59.05 8.86
CA ARG I 67 -2.19 -59.92 8.15
C ARG I 67 -2.86 -58.97 7.28
N TYR I 68 -2.87 -59.39 6.02
CA TYR I 68 -3.32 -58.65 4.90
C TYR I 68 -4.11 -59.55 4.11
N MET I 69 -5.06 -58.93 3.36
CA MET I 69 -6.03 -59.63 2.54
C MET I 69 -6.22 -58.86 1.26
N GLY I 70 -6.14 -59.62 0.15
CA GLY I 70 -6.49 -59.04 -1.13
C GLY I 70 -6.85 -60.19 -2.01
N ALA I 71 -6.19 -60.21 -3.18
CA ALA I 71 -6.63 -61.02 -4.28
C ALA I 71 -5.92 -62.37 -4.30
N ASN I 72 -5.02 -62.53 -3.33
CA ASN I 72 -4.39 -63.80 -3.09
C ASN I 72 -4.87 -64.34 -1.82
N GLY I 73 -5.98 -63.73 -1.34
CA GLY I 73 -6.60 -63.92 -0.04
C GLY I 73 -5.72 -63.48 1.05
N VAL I 74 -5.90 -64.09 2.25
CA VAL I 74 -5.35 -63.67 3.46
C VAL I 74 -4.03 -64.40 3.57
N GLN I 75 -2.92 -63.63 3.63
CA GLN I 75 -1.58 -64.22 3.82
C GLN I 75 -1.02 -63.30 4.90
N GLU I 76 0.03 -63.74 5.58
CA GLU I 76 0.85 -63.04 6.57
C GLU I 76 2.00 -62.43 5.92
N ALA I 77 2.53 -61.30 6.46
CA ALA I 77 3.65 -60.53 5.93
C ALA I 77 4.44 -60.13 7.14
N GLU I 78 5.74 -59.84 6.89
CA GLU I 78 6.71 -59.52 7.91
C GLU I 78 6.60 -58.01 8.19
N ARG I 79 6.89 -57.58 9.50
CA ARG I 79 6.80 -56.22 9.90
C ARG I 79 8.26 -55.76 10.00
N SER I 80 9.18 -56.75 9.95
CA SER I 80 10.56 -56.42 9.95
C SER I 80 11.10 -55.94 8.65
N THR I 81 10.41 -56.29 7.56
CA THR I 81 10.73 -55.89 6.21
C THR I 81 9.74 -54.82 5.72
N LEU I 82 9.09 -54.13 6.76
CA LEU I 82 8.26 -52.92 6.60
C LEU I 82 9.08 -51.71 6.89
N SER I 83 8.92 -50.62 6.05
CA SER I 83 9.69 -49.41 6.22
C SER I 83 8.88 -48.22 5.79
N VAL I 84 9.06 -47.09 6.45
CA VAL I 84 8.29 -45.90 6.14
C VAL I 84 9.38 -44.89 5.91
N SER I 85 9.21 -43.99 4.95
CA SER I 85 10.25 -43.12 4.56
C SER I 85 9.57 -41.95 4.00
N THR I 86 9.90 -40.76 4.59
CA THR I 86 9.67 -39.48 3.98
C THR I 86 10.54 -39.31 2.78
N THR I 87 11.84 -39.46 3.10
CA THR I 87 12.90 -39.45 2.05
C THR I 87 14.07 -40.31 2.54
N ALA I 88 13.85 -40.87 3.75
CA ALA I 88 14.86 -41.56 4.54
C ALA I 88 14.10 -42.27 5.64
N PRO I 89 14.51 -43.43 6.19
CA PRO I 89 13.86 -44.14 7.26
C PRO I 89 13.26 -43.32 8.39
N CYS I 90 12.32 -43.88 9.17
CA CYS I 90 11.62 -43.30 10.26
C CYS I 90 11.58 -44.31 11.37
N ASP I 91 11.33 -43.86 12.59
CA ASP I 91 11.36 -44.69 13.73
C ASP I 91 9.97 -44.81 14.16
N ILE I 92 9.47 -46.04 14.34
CA ILE I 92 8.03 -46.37 14.57
C ILE I 92 7.87 -46.30 16.02
N LEU I 93 7.07 -45.27 16.44
CA LEU I 93 6.78 -44.92 17.85
C LEU I 93 5.97 -46.12 18.43
N ALA I 94 4.97 -46.60 17.70
CA ALA I 94 3.93 -47.52 18.16
C ALA I 94 3.25 -48.03 16.94
N THR I 95 2.67 -49.22 17.12
CA THR I 95 1.90 -49.84 16.03
C THR I 95 0.75 -50.54 16.65
N MET I 96 -0.47 -50.38 16.16
CA MET I 96 -1.63 -51.02 16.68
C MET I 96 -2.68 -50.88 15.59
N GLY I 97 -3.17 -52.08 15.12
CA GLY I 97 -4.26 -52.14 14.16
C GLY I 97 -3.83 -51.61 12.79
N HIS I 98 -4.69 -50.72 12.16
CA HIS I 98 -4.56 -50.12 10.80
C HIS I 98 -3.83 -48.80 10.91
N PHE I 99 -3.49 -48.38 12.17
CA PHE I 99 -2.79 -47.15 12.40
C PHE I 99 -1.30 -47.45 12.76
N ILE I 100 -0.39 -46.57 12.30
CA ILE I 100 1.05 -46.67 12.57
C ILE I 100 1.31 -45.29 13.07
N LEU I 101 2.01 -45.13 14.21
CA LEU I 101 2.53 -43.83 14.54
C LEU I 101 4.00 -43.96 14.37
N ALA I 102 4.62 -42.94 13.80
CA ALA I 102 5.98 -42.85 13.49
C ALA I 102 6.37 -41.39 13.52
N ARG I 103 7.65 -41.11 13.84
CA ARG I 103 8.16 -39.80 13.80
C ARG I 103 9.18 -39.89 12.67
N CYS I 104 8.96 -39.05 11.64
CA CYS I 104 9.70 -39.05 10.42
C CYS I 104 10.42 -37.70 10.36
N ARG I 105 11.37 -37.69 9.41
CA ARG I 105 12.18 -36.56 8.99
C ARG I 105 11.39 -35.74 7.99
N PRO I 106 11.66 -34.48 7.75
CA PRO I 106 10.99 -33.70 6.68
C PRO I 106 11.00 -34.32 5.28
N GLY I 107 9.95 -34.08 4.48
CA GLY I 107 9.90 -34.55 3.16
C GLY I 107 8.74 -34.01 2.48
N SER I 108 8.84 -34.09 1.08
CA SER I 108 7.83 -33.60 0.14
C SER I 108 6.78 -34.58 -0.17
N GLN I 109 7.13 -35.92 0.08
CA GLN I 109 6.28 -37.04 -0.20
C GLN I 109 6.49 -38.07 0.85
N VAL I 110 5.54 -39.01 0.94
CA VAL I 110 5.51 -40.02 1.98
C VAL I 110 5.33 -41.42 1.29
N GLU I 111 6.23 -42.38 1.67
CA GLU I 111 6.29 -43.63 1.06
C GLU I 111 6.06 -44.54 2.19
N VAL I 112 5.10 -45.53 2.07
CA VAL I 112 4.97 -46.66 3.00
C VAL I 112 5.15 -47.92 2.14
N SER I 113 6.01 -48.85 2.59
CA SER I 113 6.38 -49.91 1.70
C SER I 113 6.62 -51.22 2.52
N LEU I 114 6.73 -52.33 1.77
CA LEU I 114 7.27 -53.56 2.25
C LEU I 114 7.77 -54.41 1.15
N SER I 115 8.50 -55.49 1.48
CA SER I 115 9.10 -56.35 0.44
C SER I 115 9.20 -57.70 0.96
N THR I 116 8.04 -58.23 1.49
CA THR I 116 7.88 -59.57 2.00
C THR I 116 7.66 -60.55 0.81
N ASP I 117 6.38 -60.71 0.42
CA ASP I 117 5.91 -61.40 -0.78
C ASP I 117 5.33 -60.42 -1.71
N PRO I 118 4.81 -59.22 -1.37
CA PRO I 118 4.23 -58.29 -2.37
C PRO I 118 5.28 -57.64 -3.24
N LYS I 119 6.47 -57.26 -2.56
CA LYS I 119 7.70 -56.79 -3.22
C LYS I 119 7.32 -55.49 -4.01
N LEU I 120 6.58 -54.50 -3.33
CA LEU I 120 5.98 -53.30 -3.87
C LEU I 120 5.97 -52.30 -2.67
N LEU I 121 5.32 -51.15 -3.00
CA LEU I 121 5.31 -49.86 -2.28
C LEU I 121 4.22 -49.02 -2.82
N CYS I 122 3.78 -48.02 -2.00
CA CYS I 122 2.73 -47.17 -2.40
C CYS I 122 3.35 -45.83 -1.93
N ARG I 123 3.30 -44.83 -2.77
CA ARG I 123 3.97 -43.49 -2.50
C ARG I 123 2.83 -42.52 -2.76
N THR I 124 2.58 -41.50 -1.85
CA THR I 124 1.52 -40.57 -2.08
C THR I 124 2.17 -39.29 -1.68
N PRO I 125 1.92 -38.08 -2.25
CA PRO I 125 2.43 -36.76 -1.78
C PRO I 125 1.86 -36.36 -0.42
N PHE I 126 2.75 -36.04 0.58
CA PHE I 126 2.41 -35.47 1.80
C PHE I 126 3.56 -34.66 2.17
N SER I 127 3.32 -33.33 2.43
CA SER I 127 4.28 -32.44 2.92
C SER I 127 4.24 -32.68 4.45
N HIS I 128 5.40 -32.99 4.99
CA HIS I 128 5.63 -33.23 6.36
C HIS I 128 6.77 -32.33 6.68
N LYS I 129 6.55 -31.46 7.64
CA LYS I 129 7.48 -30.65 8.26
C LYS I 129 7.25 -31.08 9.68
N PRO I 130 8.20 -31.03 10.59
CA PRO I 130 8.06 -31.41 12.00
C PRO I 130 7.28 -30.40 12.73
N ARG I 131 7.60 -29.07 12.34
CA ARG I 131 7.08 -27.87 12.86
C ARG I 131 7.82 -27.51 14.15
N PHE I 132 7.51 -26.32 14.73
CA PHE I 132 8.17 -25.77 15.95
C PHE I 132 7.06 -25.21 16.71
N ILE I 133 7.31 -24.95 18.01
CA ILE I 133 6.35 -24.43 18.98
C ILE I 133 7.12 -23.62 19.91
N GLY I 134 6.35 -22.61 20.51
CA GLY I 134 6.99 -21.63 21.35
C GLY I 134 7.32 -20.42 20.51
N ASN I 135 8.04 -19.39 21.03
CA ASN I 135 8.39 -18.20 20.25
C ASN I 135 9.79 -18.31 19.74
N GLU I 136 10.06 -19.56 19.19
CA GLU I 136 11.39 -19.84 18.70
C GLU I 136 11.27 -20.48 17.34
N LYS I 137 12.46 -20.64 16.67
CA LYS I 137 12.57 -21.39 15.44
C LYS I 137 13.67 -22.42 15.69
N SER I 138 14.09 -22.63 17.00
CA SER I 138 15.03 -23.63 17.37
C SER I 138 14.57 -25.02 17.07
N PRO I 139 15.40 -25.96 16.68
CA PRO I 139 15.09 -27.35 16.49
C PRO I 139 14.15 -27.98 17.53
N ALA I 140 13.24 -28.86 17.06
CA ALA I 140 12.14 -29.56 17.73
C ALA I 140 12.37 -29.97 19.14
N PRO I 141 11.46 -29.79 20.14
CA PRO I 141 11.54 -29.94 21.60
C PRO I 141 12.54 -30.98 22.21
N THR I 142 13.62 -30.41 22.82
CA THR I 142 14.65 -31.14 23.49
C THR I 142 15.39 -30.21 24.44
N GLY I 143 15.87 -30.69 25.60
CA GLY I 143 16.54 -29.93 26.56
C GLY I 143 15.55 -29.91 27.68
N HIS I 144 15.78 -29.10 28.76
CA HIS I 144 14.88 -28.90 29.80
C HIS I 144 15.03 -27.50 30.24
N LYS I 145 13.91 -26.79 30.59
CA LYS I 145 14.08 -25.43 31.02
C LYS I 145 12.70 -25.07 31.44
N THR I 146 11.70 -25.18 30.51
CA THR I 146 10.32 -24.81 30.85
C THR I 146 9.55 -25.82 30.00
N ARG I 147 8.35 -26.18 30.64
CA ARG I 147 7.38 -27.04 30.14
C ARG I 147 6.38 -26.22 29.37
N ILE I 148 5.94 -26.70 28.20
CA ILE I 148 4.92 -26.02 27.44
C ILE I 148 3.94 -27.02 27.03
N PRO I 149 2.68 -26.61 26.90
CA PRO I 149 1.58 -27.45 26.32
C PRO I 149 1.72 -27.52 24.82
N CYS I 150 1.42 -28.69 24.27
CA CYS I 150 1.55 -29.00 22.88
C CYS I 150 0.53 -30.08 22.64
N LYS I 151 0.35 -30.34 21.31
CA LYS I 151 -0.58 -31.35 20.79
C LYS I 151 0.31 -32.30 20.06
N THR I 152 -0.14 -33.55 20.10
CA THR I 152 0.50 -34.75 19.64
C THR I 152 -0.43 -35.86 19.39
N TYR I 153 0.05 -36.95 18.74
CA TYR I 153 -0.80 -38.21 18.55
C TYR I 153 -0.30 -39.14 19.53
N SER I 154 -1.21 -39.60 20.40
CA SER I 154 -0.86 -40.35 21.55
C SER I 154 -2.18 -41.09 21.97
N HIS I 155 -1.96 -42.22 22.66
CA HIS I 155 -2.99 -43.10 23.03
C HIS I 155 -4.00 -42.57 24.02
N GLN I 156 -5.21 -42.99 23.83
CA GLN I 156 -6.52 -42.64 24.42
C GLN I 156 -7.54 -43.25 23.53
N THR I 157 -8.19 -44.38 24.05
CA THR I 157 -9.04 -45.10 23.16
C THR I 157 -10.36 -44.30 23.26
N ASP I 158 -11.14 -44.17 22.09
CA ASP I 158 -12.17 -43.25 21.95
C ASP I 158 -13.48 -44.04 21.65
N LEU I 159 -14.59 -43.40 22.13
CA LEU I 159 -15.95 -43.88 21.97
C LEU I 159 -16.90 -42.84 21.67
N THR I 160 -16.37 -41.60 21.53
CA THR I 160 -17.18 -40.50 21.17
C THR I 160 -16.27 -39.36 20.79
N ARG I 161 -14.96 -39.48 20.71
CA ARG I 161 -14.18 -38.36 20.25
C ARG I 161 -14.08 -38.62 18.75
N GLU I 162 -13.53 -39.80 18.43
CA GLU I 162 -13.27 -40.16 17.08
C GLU I 162 -13.57 -41.60 16.84
N GLU I 163 -14.45 -41.97 15.90
CA GLU I 163 -14.64 -43.26 15.37
C GLU I 163 -14.77 -43.07 13.90
N ILE I 164 -14.67 -44.16 13.07
CA ILE I 164 -14.81 -44.19 11.59
C ILE I 164 -15.72 -45.34 11.32
N THR I 165 -16.46 -45.28 10.19
CA THR I 165 -17.49 -46.24 9.77
C THR I 165 -16.87 -47.26 8.86
N MET I 166 -17.41 -48.53 8.87
CA MET I 166 -16.98 -49.47 7.90
C MET I 166 -18.35 -50.09 7.53
N HIS I 167 -18.35 -50.70 6.37
CA HIS I 167 -19.58 -51.34 5.86
C HIS I 167 -19.20 -52.11 4.66
N VAL I 168 -20.17 -52.94 4.24
CA VAL I 168 -20.19 -53.71 2.99
C VAL I 168 -19.28 -54.91 3.01
N PRO I 169 -19.65 -56.18 2.81
CA PRO I 169 -18.73 -57.34 2.46
C PRO I 169 -17.58 -57.04 1.48
N PRO I 170 -16.49 -57.79 1.41
CA PRO I 170 -15.33 -57.30 0.75
C PRO I 170 -15.51 -57.56 -0.71
N ASP I 171 -14.64 -56.89 -1.52
CA ASP I 171 -14.54 -56.89 -2.90
C ASP I 171 -13.09 -56.72 -3.20
N VAL I 172 -12.51 -57.56 -4.07
CA VAL I 172 -11.14 -57.47 -4.49
C VAL I 172 -11.14 -57.44 -6.01
N PRO I 173 -10.24 -56.63 -6.66
CA PRO I 173 -10.16 -56.54 -8.05
C PRO I 173 -9.44 -57.73 -8.61
N ILE I 174 -10.19 -58.60 -9.20
CA ILE I 174 -9.58 -59.78 -9.71
C ILE I 174 -10.22 -60.24 -11.00
N GLN I 175 -9.51 -60.96 -11.90
CA GLN I 175 -10.00 -61.50 -13.16
C GLN I 175 -10.75 -62.78 -12.94
N GLY I 176 -10.27 -63.74 -12.05
CA GLY I 176 -11.05 -64.94 -11.67
C GLY I 176 -10.15 -66.05 -11.13
N LEU I 177 -10.78 -66.96 -10.35
CA LEU I 177 -10.26 -68.17 -9.69
C LEU I 177 -10.93 -69.30 -10.35
N VAL I 178 -11.50 -69.05 -11.62
CA VAL I 178 -12.06 -70.08 -12.50
C VAL I 178 -11.20 -70.20 -13.73
N SER I 179 -11.36 -71.29 -14.50
CA SER I 179 -10.48 -71.61 -15.68
C SER I 179 -11.26 -72.26 -16.78
N ASN I 180 -10.66 -72.16 -17.98
CA ASN I 180 -11.14 -72.74 -19.20
C ASN I 180 -10.31 -74.00 -19.33
N THR I 181 -11.05 -75.19 -19.16
CA THR I 181 -10.43 -76.53 -19.39
C THR I 181 -11.07 -77.03 -20.66
N GLY I 182 -10.27 -77.16 -21.78
CA GLY I 182 -10.71 -77.61 -23.06
C GLY I 182 -11.50 -76.54 -23.63
N LYS I 183 -12.75 -76.86 -23.86
CA LYS I 183 -13.71 -75.90 -24.38
C LYS I 183 -14.84 -75.81 -23.31
N SER I 184 -14.58 -75.87 -22.01
CA SER I 184 -15.64 -75.84 -21.04
C SER I 184 -15.17 -74.95 -19.91
N TYR I 185 -16.17 -74.67 -19.07
CA TYR I 185 -15.98 -73.65 -18.03
C TYR I 185 -16.09 -74.41 -16.82
N SER I 186 -14.95 -74.44 -16.10
CA SER I 186 -14.83 -75.18 -14.88
C SER I 186 -14.72 -74.13 -13.84
N LEU I 187 -15.66 -74.30 -12.90
CA LEU I 187 -15.86 -73.33 -11.87
C LEU I 187 -15.18 -74.00 -10.69
N ASP I 188 -14.13 -73.35 -10.11
CA ASP I 188 -13.42 -73.65 -8.88
C ASP I 188 -13.68 -72.51 -8.01
N PRO I 189 -14.40 -72.76 -6.87
CA PRO I 189 -14.49 -71.73 -5.76
C PRO I 189 -13.45 -72.16 -4.74
N LYS I 190 -13.20 -73.52 -4.64
CA LYS I 190 -12.44 -74.27 -3.63
C LYS I 190 -13.03 -73.91 -2.28
N THR I 191 -12.30 -73.22 -1.46
CA THR I 191 -12.80 -72.88 -0.13
C THR I 191 -13.41 -71.48 0.05
N LYS I 192 -13.48 -70.73 -1.05
CA LYS I 192 -13.87 -69.35 -1.17
C LYS I 192 -15.18 -69.33 -1.95
N THR I 193 -15.98 -68.24 -1.62
CA THR I 193 -17.29 -68.04 -2.15
C THR I 193 -17.08 -67.11 -3.29
N ILE I 194 -17.61 -67.34 -4.57
CA ILE I 194 -17.30 -66.47 -5.64
C ILE I 194 -18.65 -65.97 -6.19
N LYS I 195 -18.75 -64.63 -6.43
CA LYS I 195 -19.91 -63.98 -7.09
C LYS I 195 -19.33 -63.70 -8.43
N TYR I 196 -19.98 -64.13 -9.53
CA TYR I 196 -19.42 -63.95 -10.84
C TYR I 196 -20.56 -63.47 -11.75
N LYS I 197 -20.22 -62.67 -12.77
CA LYS I 197 -21.10 -62.22 -13.75
C LYS I 197 -20.64 -62.63 -15.07
N CYS I 198 -21.53 -63.31 -15.83
CA CYS I 198 -21.16 -63.89 -17.12
C CYS I 198 -22.09 -63.44 -18.19
N THR I 199 -21.53 -63.07 -19.32
CA THR I 199 -22.23 -62.76 -20.54
C THR I 199 -22.85 -64.05 -21.12
N CYS I 200 -21.99 -65.10 -21.08
CA CYS I 200 -22.45 -66.37 -21.59
C CYS I 200 -21.83 -67.38 -20.66
N GLY I 201 -22.55 -68.49 -20.46
CA GLY I 201 -22.36 -69.63 -19.59
C GLY I 201 -23.07 -70.68 -20.32
N GLU I 202 -23.83 -71.55 -19.53
CA GLU I 202 -24.68 -72.59 -20.13
C GLU I 202 -26.05 -72.54 -19.48
N THR I 203 -26.15 -72.15 -18.14
CA THR I 203 -27.34 -71.97 -17.36
C THR I 203 -26.95 -70.83 -16.52
N VAL I 204 -26.01 -71.11 -15.61
CA VAL I 204 -25.69 -70.29 -14.48
C VAL I 204 -24.75 -69.34 -15.01
N LYS I 205 -25.20 -68.07 -15.14
CA LYS I 205 -24.52 -66.91 -15.67
C LYS I 205 -24.47 -65.85 -14.57
N GLU I 206 -24.86 -66.25 -13.33
CA GLU I 206 -24.99 -65.45 -12.17
C GLU I 206 -25.43 -66.35 -10.98
N GLY I 207 -24.65 -66.25 -9.91
CA GLY I 207 -24.79 -66.95 -8.66
C GLY I 207 -23.56 -67.01 -7.87
N THR I 208 -23.75 -67.37 -6.61
CA THR I 208 -22.72 -67.47 -5.55
C THR I 208 -22.34 -68.95 -5.34
N ALA I 209 -21.12 -69.33 -5.80
CA ALA I 209 -20.69 -70.80 -5.77
C ALA I 209 -19.66 -71.07 -4.74
N THR I 210 -19.61 -72.29 -4.01
CA THR I 210 -18.57 -72.55 -3.06
C THR I 210 -18.50 -74.10 -3.04
N ASN I 211 -19.25 -74.76 -3.98
CA ASN I 211 -19.12 -76.12 -4.29
C ASN I 211 -18.84 -76.15 -5.77
N LYS I 212 -17.82 -76.89 -6.23
CA LYS I 212 -17.42 -77.13 -7.63
C LYS I 212 -18.51 -77.64 -8.47
N ILE I 213 -18.69 -76.96 -9.62
CA ILE I 213 -19.70 -77.26 -10.60
C ILE I 213 -19.08 -77.04 -11.92
N THR I 214 -19.56 -77.81 -12.93
CA THR I 214 -19.02 -77.65 -14.25
C THR I 214 -20.16 -77.21 -15.22
N LEU I 215 -19.88 -76.26 -16.18
CA LEU I 215 -20.81 -75.71 -17.11
C LEU I 215 -20.27 -75.88 -18.50
N PHE I 216 -21.01 -76.49 -19.48
CA PHE I 216 -20.46 -76.97 -20.73
C PHE I 216 -20.78 -75.97 -21.73
N ASN I 217 -20.05 -76.07 -22.79
CA ASN I 217 -20.22 -75.27 -23.98
C ASN I 217 -20.05 -73.79 -23.77
N CYS I 218 -18.93 -73.45 -23.08
CA CYS I 218 -18.69 -72.10 -22.65
C CYS I 218 -17.25 -71.89 -22.16
N ASP I 219 -16.79 -70.57 -22.01
CA ASP I 219 -15.36 -70.22 -22.00
C ASP I 219 -15.29 -69.19 -20.98
N THR I 220 -14.08 -68.84 -20.62
CA THR I 220 -13.66 -67.85 -19.61
C THR I 220 -12.98 -66.74 -20.33
N ALA I 221 -13.28 -65.48 -19.91
CA ALA I 221 -12.34 -64.39 -19.59
C ALA I 221 -12.87 -63.06 -19.92
N PRO I 222 -13.38 -62.77 -21.13
CA PRO I 222 -13.98 -61.52 -21.36
C PRO I 222 -15.46 -61.81 -21.41
N LYS I 223 -16.03 -62.93 -20.81
CA LYS I 223 -17.47 -63.23 -20.76
C LYS I 223 -17.76 -63.82 -19.45
N CYS I 224 -16.85 -63.63 -18.52
CA CYS I 224 -16.87 -64.11 -17.20
C CYS I 224 -15.97 -63.22 -16.47
N ILE I 225 -16.47 -62.37 -15.55
CA ILE I 225 -15.63 -61.62 -14.58
C ILE I 225 -16.02 -62.14 -13.15
N THR I 226 -15.01 -62.79 -12.50
CA THR I 226 -15.25 -63.57 -11.32
C THR I 226 -14.38 -62.91 -10.23
N TYR I 227 -15.02 -62.76 -9.11
CA TYR I 227 -14.39 -62.09 -7.99
C TYR I 227 -14.83 -62.82 -6.70
N ALA I 228 -13.84 -62.96 -5.84
CA ALA I 228 -13.94 -63.61 -4.59
C ALA I 228 -14.37 -62.81 -3.47
N VAL I 229 -15.31 -63.32 -2.61
CA VAL I 229 -15.85 -62.54 -1.50
C VAL I 229 -15.79 -63.46 -0.29
N ASP I 230 -16.34 -62.96 0.84
CA ASP I 230 -16.42 -63.71 2.04
C ASP I 230 -17.61 -63.24 2.80
N ASN I 231 -18.43 -64.14 3.36
CA ASN I 231 -19.63 -63.72 4.05
C ASN I 231 -19.39 -63.25 5.47
N THR I 232 -20.46 -62.48 5.87
CA THR I 232 -20.70 -61.88 7.23
C THR I 232 -19.53 -61.18 7.87
N VAL I 233 -18.81 -60.40 7.06
CA VAL I 233 -17.65 -59.58 7.36
C VAL I 233 -17.95 -58.27 6.65
N TRP I 234 -17.30 -57.23 7.12
CA TRP I 234 -17.23 -55.92 6.56
C TRP I 234 -15.94 -55.98 5.81
N GLN I 235 -15.69 -54.93 5.00
CA GLN I 235 -14.41 -54.66 4.44
C GLN I 235 -13.99 -53.37 4.99
N TYR I 236 -12.64 -53.02 4.99
CA TYR I 236 -12.17 -51.80 5.60
C TYR I 236 -12.57 -50.81 4.52
N ASN I 237 -12.99 -49.56 4.91
CA ASN I 237 -13.47 -48.52 4.02
C ASN I 237 -12.48 -48.21 2.91
N SER I 238 -13.02 -48.04 1.66
CA SER I 238 -12.22 -47.92 0.47
C SER I 238 -12.55 -46.69 -0.25
N GLN I 239 -11.71 -46.32 -1.26
CA GLN I 239 -11.85 -45.10 -1.96
C GLN I 239 -12.01 -45.24 -3.46
N TYR I 240 -11.48 -46.41 -4.03
CA TYR I 240 -11.40 -46.58 -5.45
C TYR I 240 -11.60 -48.00 -5.77
N VAL I 241 -11.96 -48.79 -4.66
CA VAL I 241 -12.42 -50.16 -4.86
C VAL I 241 -13.93 -50.12 -5.04
N PRO I 242 -14.45 -50.63 -6.17
CA PRO I 242 -15.88 -50.80 -6.36
C PRO I 242 -16.66 -51.80 -5.52
N ARG I 243 -18.04 -51.67 -5.62
CA ARG I 243 -18.96 -52.40 -4.76
C ARG I 243 -19.90 -52.92 -5.73
N SER I 244 -20.15 -54.27 -5.71
CA SER I 244 -21.14 -54.95 -6.46
C SER I 244 -21.62 -55.96 -5.49
N GLU I 245 -22.10 -55.43 -4.39
CA GLU I 245 -22.57 -56.18 -3.29
C GLU I 245 -23.83 -55.50 -2.92
N VAL I 246 -24.96 -56.24 -2.87
CA VAL I 246 -26.25 -55.77 -2.82
C VAL I 246 -26.66 -55.69 -1.39
N THR I 247 -25.71 -56.08 -0.52
CA THR I 247 -25.85 -56.32 0.89
C THR I 247 -25.17 -55.10 1.53
N GLU I 248 -25.71 -54.66 2.68
CA GLU I 248 -25.47 -53.26 3.09
C GLU I 248 -25.35 -53.28 4.59
N VAL I 249 -24.73 -54.29 5.24
CA VAL I 249 -24.64 -54.28 6.67
C VAL I 249 -23.47 -53.34 7.06
N LYS I 250 -23.49 -52.77 8.30
CA LYS I 250 -22.47 -51.80 8.64
C LYS I 250 -22.04 -51.91 10.08
N GLY I 251 -20.85 -51.27 10.47
CA GLY I 251 -20.32 -51.25 11.80
C GLY I 251 -19.51 -49.99 12.09
N LYS I 252 -18.98 -49.85 13.31
CA LYS I 252 -18.15 -48.77 13.60
C LYS I 252 -16.96 -49.34 14.33
N ILE I 253 -15.84 -48.59 14.30
CA ILE I 253 -14.58 -48.91 14.90
C ILE I 253 -13.94 -47.64 15.37
N HIS I 254 -13.33 -47.68 16.62
CA HIS I 254 -12.54 -46.76 17.42
C HIS I 254 -11.24 -46.47 16.81
N VAL I 255 -10.67 -45.38 17.28
CA VAL I 255 -9.40 -44.78 16.91
C VAL I 255 -8.55 -44.86 18.18
N PRO I 256 -7.44 -45.53 18.23
CA PRO I 256 -6.74 -45.76 19.50
C PRO I 256 -5.69 -44.79 19.66
N PHE I 257 -5.46 -43.87 18.67
CA PHE I 257 -4.41 -42.91 18.62
C PHE I 257 -4.91 -41.66 18.10
N PRO I 258 -5.73 -40.85 18.87
CA PRO I 258 -6.21 -39.53 18.36
C PRO I 258 -5.22 -38.43 18.66
N LEU I 259 -5.52 -37.22 18.13
CA LEU I 259 -4.79 -36.02 18.50
C LEU I 259 -5.24 -35.72 19.94
N THR I 260 -4.21 -35.57 20.85
CA THR I 260 -4.39 -35.26 22.24
C THR I 260 -3.27 -34.35 22.74
N ASP I 261 -3.56 -33.53 23.74
CA ASP I 261 -2.66 -32.69 24.37
C ASP I 261 -1.64 -33.45 25.23
N SER I 262 -0.40 -32.94 25.32
CA SER I 262 0.60 -33.43 26.17
C SER I 262 1.45 -32.23 26.57
N THR I 263 2.62 -32.41 27.25
CA THR I 263 3.56 -31.39 27.62
C THR I 263 4.98 -31.83 27.20
N CYS I 264 5.71 -30.80 26.58
CA CYS I 264 7.06 -31.04 26.18
C CYS I 264 8.07 -30.09 26.93
N ALA I 265 9.18 -30.75 27.32
CA ALA I 265 10.41 -30.32 27.96
C ALA I 265 11.26 -29.79 26.84
N VAL I 266 11.54 -28.51 26.76
CA VAL I 266 12.24 -27.78 25.69
C VAL I 266 12.95 -26.65 26.39
N SER I 267 14.14 -26.25 25.75
CA SER I 267 14.91 -25.15 26.20
C SER I 267 14.91 -24.06 25.19
N VAL I 268 14.81 -22.82 25.67
CA VAL I 268 15.22 -21.60 24.97
C VAL I 268 16.70 -21.52 24.63
N ALA I 269 17.09 -20.81 23.50
CA ALA I 269 18.39 -20.71 22.96
C ALA I 269 19.15 -19.65 23.73
N PRO I 270 20.48 -19.46 23.64
CA PRO I 270 21.28 -18.51 24.35
C PRO I 270 20.68 -17.09 24.25
N GLU I 271 20.44 -16.42 25.40
CA GLU I 271 20.00 -15.06 25.59
C GLU I 271 20.88 -14.10 24.81
N PRO I 272 20.37 -13.03 24.20
CA PRO I 272 21.21 -11.97 23.57
C PRO I 272 21.58 -11.03 24.69
N GLN I 273 22.91 -10.63 24.83
CA GLN I 273 23.48 -9.84 25.82
C GLN I 273 22.92 -8.45 25.53
N VAL I 274 22.50 -7.78 26.54
CA VAL I 274 21.83 -6.51 26.42
C VAL I 274 22.71 -5.54 27.04
N THR I 275 22.73 -4.35 26.44
CA THR I 275 23.47 -3.21 26.92
C THR I 275 22.48 -2.08 26.97
N TYR I 276 22.71 -1.08 27.84
CA TYR I 276 21.84 -0.04 28.21
C TYR I 276 22.53 1.20 28.12
N ARG I 277 21.76 2.23 27.71
CA ARG I 277 22.03 3.59 27.42
C ARG I 277 20.83 4.34 28.03
N LEU I 278 20.93 5.67 27.94
CA LEU I 278 19.88 6.56 28.42
C LEU I 278 19.03 6.67 27.25
N GLY I 279 17.75 6.28 27.44
CA GLY I 279 16.64 6.48 26.49
C GLY I 279 16.74 5.52 25.33
N GLU I 280 17.69 4.57 25.37
CA GLU I 280 18.09 3.75 24.26
C GLU I 280 18.38 2.48 25.00
N VAL I 281 18.06 1.37 24.29
CA VAL I 281 18.21 0.00 24.65
C VAL I 281 18.86 -0.51 23.40
N GLU I 282 19.93 -1.29 23.63
CA GLU I 282 20.60 -1.94 22.50
C GLU I 282 20.58 -3.43 22.90
N PHE I 283 20.31 -4.27 21.97
CA PHE I 283 20.36 -5.73 22.12
C PHE I 283 21.33 -6.07 21.08
N HIS I 284 22.25 -6.97 21.41
CA HIS I 284 23.26 -7.55 20.57
C HIS I 284 22.86 -8.99 20.47
N PHE I 285 22.40 -9.41 19.29
CA PHE I 285 21.92 -10.75 19.03
C PHE I 285 23.12 -11.62 18.75
N HIS I 286 23.08 -12.82 19.36
CA HIS I 286 24.22 -13.68 19.34
C HIS I 286 24.26 -14.33 17.98
N PRO I 287 25.43 -14.82 17.48
CA PRO I 287 25.42 -15.72 16.31
C PRO I 287 24.75 -17.03 16.73
N MET I 288 24.17 -17.74 15.73
CA MET I 288 23.56 -18.99 15.87
C MET I 288 22.73 -19.30 14.66
N TYR I 289 21.91 -20.39 14.85
CA TYR I 289 20.94 -20.95 13.92
C TYR I 289 19.65 -20.20 14.18
N PRO I 290 18.73 -19.95 13.23
CA PRO I 290 17.51 -19.14 13.43
C PRO I 290 16.69 -19.42 14.53
N THR I 291 16.57 -18.43 15.46
CA THR I 291 15.74 -18.52 16.68
C THR I 291 14.97 -17.18 16.65
N LEU I 292 13.64 -17.27 16.81
CA LEU I 292 12.70 -16.21 16.62
C LEU I 292 12.82 -15.41 17.88
N PHE I 293 12.81 -14.08 17.73
CA PHE I 293 12.78 -13.16 18.82
C PHE I 293 11.75 -12.22 18.35
N SER I 294 10.89 -11.73 19.28
CA SER I 294 9.96 -10.59 19.08
C SER I 294 10.18 -9.52 20.03
N ILE I 295 10.05 -8.26 19.56
CA ILE I 295 10.24 -7.02 20.32
C ILE I 295 8.91 -6.28 19.97
N ARG I 296 8.08 -5.92 20.97
CA ARG I 296 6.80 -5.36 20.77
C ARG I 296 6.61 -4.40 21.87
N SER I 297 5.32 -3.92 21.93
CA SER I 297 4.96 -2.90 22.74
C SER I 297 3.49 -2.99 22.99
N LEU I 298 3.01 -2.52 24.19
CA LEU I 298 1.60 -2.58 24.55
C LEU I 298 1.27 -1.33 25.29
N GLY I 299 1.87 -0.25 24.95
CA GLY I 299 1.54 1.03 25.57
C GLY I 299 0.63 1.83 24.66
N LYS I 300 0.83 3.17 24.76
CA LYS I 300 0.11 4.22 24.01
C LYS I 300 0.11 3.93 22.51
N ASP I 301 1.26 3.78 21.78
CA ASP I 301 1.28 3.49 20.39
C ASP I 301 1.77 2.06 20.34
N PRO I 302 1.06 1.03 19.86
CA PRO I 302 1.62 -0.26 19.83
C PRO I 302 2.43 -0.49 18.56
N SER I 303 3.57 -1.20 18.66
CA SER I 303 4.42 -1.65 17.65
C SER I 303 4.80 -3.08 17.84
N HIS I 304 5.30 -3.71 16.74
CA HIS I 304 5.76 -5.10 16.80
C HIS I 304 6.66 -5.21 15.58
N SER I 305 7.90 -5.79 15.76
CA SER I 305 8.75 -6.26 14.72
C SER I 305 9.21 -7.59 15.20
N GLN I 306 9.68 -8.44 14.24
CA GLN I 306 10.16 -9.78 14.42
C GLN I 306 11.47 -9.93 13.72
N GLU I 307 12.33 -10.69 14.29
CA GLU I 307 13.59 -10.90 13.59
C GLU I 307 14.19 -12.12 14.11
N TRP I 308 15.05 -12.71 13.26
CA TRP I 308 15.77 -13.98 13.56
C TRP I 308 17.12 -13.52 14.08
N ILE I 309 17.54 -14.12 15.18
CA ILE I 309 18.75 -13.90 15.89
C ILE I 309 19.57 -15.07 15.43
N ASP I 310 20.69 -14.73 14.64
CA ASP I 310 21.43 -15.73 13.97
C ASP I 310 22.69 -15.10 13.32
N THR I 311 23.02 -13.81 13.63
CA THR I 311 24.24 -13.20 13.14
C THR I 311 24.66 -12.40 14.40
N PRO I 312 25.89 -11.90 14.44
CA PRO I 312 26.23 -10.95 15.48
C PRO I 312 25.88 -9.60 14.99
N MET I 313 24.85 -8.95 15.58
CA MET I 313 24.43 -7.68 15.16
C MET I 313 23.81 -6.94 16.29
N SER I 314 23.97 -5.61 16.18
CA SER I 314 23.26 -4.70 17.09
C SER I 314 22.06 -4.11 16.48
N LYS I 315 20.92 -4.12 17.20
CA LYS I 315 19.75 -3.48 16.80
C LYS I 315 19.61 -2.59 17.91
N THR I 316 19.33 -1.30 17.60
CA THR I 316 19.06 -0.30 18.59
C THR I 316 17.63 0.12 18.60
N ILE I 317 16.91 0.04 19.74
CA ILE I 317 15.58 0.42 19.88
C ILE I 317 15.53 1.39 21.01
N GLN I 318 14.68 2.43 20.85
CA GLN I 318 14.54 3.52 21.89
C GLN I 318 13.40 3.19 22.84
N VAL I 319 13.61 3.56 24.16
CA VAL I 319 12.64 3.26 25.21
C VAL I 319 12.18 4.52 25.78
N GLY I 320 10.90 4.44 26.23
CA GLY I 320 10.23 5.47 26.91
C GLY I 320 10.02 4.97 28.29
N ALA I 321 8.78 4.68 28.52
CA ALA I 321 8.37 4.26 29.81
C ALA I 321 6.95 3.87 29.76
N GLU I 322 6.50 3.54 28.50
CA GLU I 322 5.12 3.14 28.16
C GLU I 322 4.77 1.72 28.55
N GLY I 323 5.79 0.88 28.55
CA GLY I 323 5.63 -0.49 28.78
C GLY I 323 5.92 -1.15 27.39
N VAL I 324 7.10 -1.83 27.32
CA VAL I 324 7.53 -2.55 26.20
C VAL I 324 7.81 -3.99 26.73
N GLU I 325 7.35 -4.93 26.01
CA GLU I 325 7.35 -6.30 26.42
C GLU I 325 8.15 -6.89 25.26
N TYR I 326 9.11 -7.78 25.69
CA TYR I 326 9.99 -8.54 24.84
C TYR I 326 9.60 -10.02 25.04
N VAL I 327 9.42 -10.74 23.91
CA VAL I 327 9.16 -12.15 24.02
C VAL I 327 10.41 -12.79 23.36
N TRP I 328 10.96 -13.75 24.13
CA TRP I 328 12.11 -14.54 23.69
C TRP I 328 11.87 -15.94 23.95
N GLY I 329 11.90 -16.80 22.89
CA GLY I 329 11.84 -18.20 22.93
C GLY I 329 10.76 -18.80 23.72
N ASN I 330 11.13 -19.92 24.45
CA ASN I 330 10.15 -20.62 25.32
C ASN I 330 10.10 -19.87 26.61
N ASN I 331 11.15 -19.12 27.03
CA ASN I 331 11.30 -18.39 28.24
C ASN I 331 10.18 -17.35 28.30
N ASN I 332 9.59 -17.13 29.51
CA ASN I 332 8.65 -16.18 29.99
C ASN I 332 8.64 -14.82 29.45
N PRO I 333 7.52 -14.12 29.19
CA PRO I 333 7.62 -12.78 28.61
C PRO I 333 7.99 -11.79 29.69
N VAL I 334 9.08 -11.01 29.48
CA VAL I 334 9.59 -10.01 30.31
C VAL I 334 9.13 -8.66 29.82
N ARG I 335 8.76 -7.86 30.87
CA ARG I 335 8.17 -6.54 30.63
C ARG I 335 9.24 -5.66 31.13
N LEU I 336 9.49 -4.53 30.40
CA LEU I 336 10.46 -3.53 30.69
C LEU I 336 9.77 -2.25 30.53
N TRP I 337 10.13 -1.20 31.27
CA TRP I 337 9.66 0.15 31.05
C TRP I 337 10.97 0.84 30.86
N ALA I 338 11.38 1.78 31.70
CA ALA I 338 12.59 2.55 31.56
C ALA I 338 13.76 1.89 32.26
N GLN I 339 14.97 2.02 31.61
CA GLN I 339 16.25 1.65 32.08
C GLN I 339 17.15 2.76 31.70
N LYS I 340 17.84 3.28 32.80
CA LYS I 340 18.51 4.54 32.66
C LYS I 340 19.93 4.47 33.14
N SER I 341 20.69 5.51 32.84
CA SER I 341 22.07 5.69 33.28
C SER I 341 22.10 7.01 33.98
N SER I 342 20.97 7.39 34.64
CA SER I 342 20.69 8.64 35.36
C SER I 342 19.80 8.23 36.53
N SER I 343 19.96 9.02 37.63
CA SER I 343 19.25 8.82 38.85
C SER I 343 18.80 10.12 39.49
N SER I 344 17.50 10.26 39.70
CA SER I 344 16.99 11.46 40.24
C SER I 344 15.75 11.27 41.03
N SER I 345 15.40 12.32 41.68
CA SER I 345 14.36 12.35 42.66
C SER I 345 13.53 13.57 42.54
N ALA I 346 13.37 14.17 41.32
CA ALA I 346 12.84 15.53 40.99
C ALA I 346 13.69 15.99 39.87
N HIS I 347 13.03 16.44 38.77
CA HIS I 347 13.65 16.78 37.49
C HIS I 347 12.72 17.64 36.69
N GLY I 348 11.62 18.15 37.29
CA GLY I 348 10.79 19.17 36.69
C GLY I 348 9.65 18.45 36.04
N ASN I 349 8.43 18.90 36.28
CA ASN I 349 7.24 18.22 35.85
C ASN I 349 6.97 18.76 34.47
N PRO I 350 6.72 17.99 33.45
CA PRO I 350 6.56 18.52 32.05
C PRO I 350 5.16 18.95 31.91
N ILE I 351 4.97 20.23 31.78
CA ILE I 351 3.62 20.78 31.43
C ILE I 351 3.25 20.47 30.01
N SER I 352 4.27 20.79 29.10
CA SER I 352 4.15 20.69 27.65
C SER I 352 5.57 20.70 27.08
N ILE I 353 6.48 21.20 27.92
CA ILE I 353 7.90 21.43 27.54
C ILE I 353 8.65 20.57 28.55
N VAL I 354 9.62 19.87 28.00
CA VAL I 354 10.25 18.81 28.66
C VAL I 354 11.63 19.27 29.04
N SER I 355 12.42 18.71 30.01
CA SER I 355 13.72 19.26 30.46
C SER I 355 14.86 18.83 29.54
N HIS I 356 14.64 18.70 28.21
CA HIS I 356 15.56 18.17 27.27
C HIS I 356 15.31 19.04 26.18
N TYR I 357 16.43 19.21 25.39
CA TYR I 357 16.37 20.03 24.21
C TYR I 357 16.01 19.05 23.14
N TYR I 358 15.32 19.48 22.03
CA TYR I 358 14.83 18.71 20.94
C TYR I 358 15.09 19.52 19.74
N ASP I 359 14.88 18.91 18.54
CA ASP I 359 15.09 19.74 17.39
C ASP I 359 14.30 18.92 16.28
N LEU I 360 13.52 17.90 16.71
CA LEU I 360 12.88 16.91 15.73
C LEU I 360 12.01 17.41 14.62
N TYR I 361 10.99 18.30 14.79
CA TYR I 361 10.50 18.89 16.02
C TYR I 361 9.35 17.98 16.47
N PRO I 362 9.11 17.96 17.75
CA PRO I 362 7.97 17.35 18.37
C PRO I 362 7.00 18.50 18.76
N TYR I 363 7.30 19.73 18.14
CA TYR I 363 6.63 21.06 18.44
C TYR I 363 7.08 21.48 19.87
N TRP I 364 8.37 21.58 20.12
CA TRP I 364 8.94 22.03 21.42
C TRP I 364 9.82 23.23 21.14
N THR I 365 10.47 23.23 19.97
CA THR I 365 11.50 24.08 19.50
C THR I 365 10.89 25.21 18.74
N ILE I 366 9.56 25.10 18.44
CA ILE I 366 8.73 26.15 17.86
C ILE I 366 8.57 27.31 18.83
N THR I 367 8.39 27.07 20.18
CA THR I 367 8.19 28.14 21.16
C THR I 367 9.36 29.11 21.31
N VAL I 368 10.59 28.55 21.38
CA VAL I 368 11.83 29.19 21.48
C VAL I 368 12.03 29.98 20.20
N LEU I 369 11.72 29.38 19.02
CA LEU I 369 11.84 30.02 17.76
C LEU I 369 10.88 31.20 17.70
N ALA I 370 9.63 31.05 18.20
CA ALA I 370 8.62 32.12 18.25
C ALA I 370 9.06 33.34 19.09
N SER I 371 9.61 33.10 20.32
CA SER I 371 10.13 34.15 21.16
C SER I 371 11.23 34.99 20.72
N LEU I 372 12.24 34.42 20.21
CA LEU I 372 13.46 35.04 19.60
C LEU I 372 12.99 35.82 18.41
N GLY I 373 12.00 35.30 17.56
CA GLY I 373 11.48 35.99 16.43
C GLY I 373 10.87 37.32 16.82
N LEU I 374 10.21 37.40 18.00
CA LEU I 374 9.66 38.69 18.53
C LEU I 374 10.75 39.69 18.84
N LEU I 375 11.92 39.23 19.43
CA LEU I 375 13.07 40.10 19.85
C LEU I 375 13.69 40.78 18.62
N ILE I 376 13.77 40.06 17.48
CA ILE I 376 14.32 40.57 16.33
C ILE I 376 13.52 41.68 15.81
N VAL I 377 12.16 41.57 15.82
CA VAL I 377 11.16 42.46 15.28
C VAL I 377 11.15 43.72 16.05
N ILE I 378 11.26 43.71 17.40
CA ILE I 378 11.34 44.93 18.19
C ILE I 378 12.63 45.65 17.94
N SER I 379 13.80 45.02 17.80
CA SER I 379 15.07 45.71 17.58
C SER I 379 15.09 46.52 16.29
N SER I 380 14.48 45.98 15.20
CA SER I 380 14.32 46.54 13.91
C SER I 380 13.43 47.70 14.02
N GLY I 381 12.32 47.53 14.84
CA GLY I 381 11.19 48.41 15.05
C GLY I 381 11.61 49.72 15.67
N PHE I 382 12.50 49.58 16.69
CA PHE I 382 13.00 50.73 17.40
C PHE I 382 13.80 51.64 16.48
N SER I 383 14.72 51.07 15.64
CA SER I 383 15.61 51.78 14.77
C SER I 383 14.88 52.60 13.71
N CYS I 384 13.91 51.99 13.07
CA CYS I 384 13.08 52.69 12.15
C CYS I 384 12.14 53.69 12.83
N PHE I 385 11.57 53.40 14.00
CA PHE I 385 10.69 54.37 14.68
C PHE I 385 11.38 55.54 15.18
N LEU I 386 12.61 55.43 15.71
CA LEU I 386 13.48 56.43 16.13
C LEU I 386 13.78 57.42 15.02
N CYS I 387 14.03 56.95 13.80
CA CYS I 387 14.17 57.78 12.66
C CYS I 387 12.90 58.64 12.40
N SER I 388 11.69 58.07 12.39
CA SER I 388 10.46 58.82 12.12
C SER I 388 10.08 59.77 13.23
N VAL I 389 10.18 59.42 14.53
CA VAL I 389 9.77 60.24 15.65
C VAL I 389 10.55 61.47 15.74
N ALA I 390 11.88 61.31 15.42
CA ALA I 390 12.87 62.37 15.34
C ALA I 390 12.51 63.31 14.30
N ARG I 391 11.98 62.89 13.15
CA ARG I 391 11.64 63.73 11.98
C ARG I 391 10.56 64.63 12.36
N THR I 392 9.52 64.12 13.10
CA THR I 392 8.45 64.87 13.70
C THR I 392 8.88 65.89 14.70
N LYS I 393 9.95 65.43 15.50
CA LYS I 393 10.59 66.26 16.49
C LYS I 393 11.34 67.50 15.91
N CYS I 394 11.99 67.27 14.77
CA CYS I 394 12.62 68.37 14.07
C CYS I 394 11.55 69.36 13.56
N LEU I 395 10.37 68.87 13.05
CA LEU I 395 9.33 69.70 12.35
C LEU I 395 8.53 70.62 13.26
N THR I 396 8.33 70.20 14.56
CA THR I 396 7.62 71.04 15.51
C THR I 396 8.37 72.36 15.92
N PRO I 397 9.72 72.44 16.32
CA PRO I 397 10.39 73.69 16.42
C PRO I 397 10.81 74.31 15.06
N TYR I 398 10.63 73.61 13.91
CA TYR I 398 10.82 74.29 12.60
C TYR I 398 9.61 75.30 12.49
N GLN I 399 8.36 74.74 12.79
CA GLN I 399 7.06 75.38 12.72
C GLN I 399 6.87 76.42 13.81
N LEU I 400 7.44 76.25 15.07
CA LEU I 400 7.43 77.14 16.22
C LEU I 400 8.64 78.03 16.07
N ALA I 401 9.77 77.54 16.68
CA ALA I 401 11.02 78.20 16.64
C ALA I 401 12.08 77.30 17.13
N PRO I 402 13.35 77.31 16.60
CA PRO I 402 14.40 76.39 16.92
C PRO I 402 14.72 76.07 18.33
N GLY I 403 14.66 77.05 19.40
CA GLY I 403 14.24 78.54 19.36
C GLY I 403 14.88 79.19 20.57
N ALA I 404 14.69 80.52 20.73
CA ALA I 404 15.18 81.31 21.85
C ALA I 404 14.05 81.73 22.74
N GLN I 405 12.92 81.08 22.56
CA GLN I 405 11.77 81.00 23.49
C GLN I 405 12.02 80.37 24.83
N LEU I 406 12.76 79.21 24.82
CA LEU I 406 13.34 78.50 25.92
C LEU I 406 14.68 77.91 25.40
N PRO I 407 15.63 77.63 26.25
CA PRO I 407 16.87 76.95 25.82
C PRO I 407 16.48 75.44 25.64
N THR I 408 15.44 74.85 26.33
CA THR I 408 15.08 73.50 26.08
C THR I 408 14.97 72.97 24.67
N PHE I 409 14.39 73.79 23.72
CA PHE I 409 14.15 73.43 22.28
C PHE I 409 15.44 73.12 21.64
N ILE I 410 16.47 73.91 21.96
CA ILE I 410 17.73 73.87 21.24
C ILE I 410 18.40 72.47 21.45
N ALA I 411 18.34 71.92 22.69
CA ALA I 411 18.79 70.65 23.01
C ALA I 411 18.00 69.46 22.38
N LEU I 412 16.62 69.60 22.29
CA LEU I 412 15.81 68.54 21.69
C LEU I 412 15.95 68.46 20.18
N LEU I 413 16.08 69.64 19.49
CA LEU I 413 16.26 69.72 18.07
C LEU I 413 17.57 69.04 17.76
N CYS I 414 18.62 69.21 18.62
CA CYS I 414 19.89 68.50 18.48
C CYS I 414 19.91 67.05 18.58
N CYS I 415 19.19 66.48 19.59
CA CYS I 415 19.08 65.10 19.81
C CYS I 415 18.32 64.46 18.64
N ALA I 416 17.25 65.11 18.11
CA ALA I 416 16.56 64.65 16.92
C ALA I 416 17.37 64.76 15.61
N LYS I 417 18.05 65.86 15.28
CA LYS I 417 18.82 66.09 14.04
C LYS I 417 20.02 65.13 13.89
N SER I 418 20.79 64.95 15.00
CA SER I 418 21.95 64.06 15.03
C SER I 418 21.59 62.62 14.88
N ALA I 419 20.51 62.16 15.63
CA ALA I 419 19.99 60.82 15.48
C ALA I 419 19.47 60.56 14.12
N ARG I 420 18.65 61.50 13.57
CA ARG I 420 18.12 61.27 12.22
C ARG I 420 19.22 61.15 11.12
N ALA I 421 20.24 62.06 11.06
CA ALA I 421 21.30 62.03 10.03
C ALA I 421 22.52 62.80 10.59
N PRO J 83 -37.03 108.18 -47.30
CA PRO J 83 -36.84 107.11 -46.34
C PRO J 83 -37.89 106.03 -46.50
N THR J 84 -38.84 105.99 -47.43
CA THR J 84 -39.74 104.90 -47.79
C THR J 84 -38.97 103.58 -47.81
N GLN J 85 -39.65 102.59 -47.20
CA GLN J 85 -39.15 101.25 -47.15
C GLN J 85 -40.21 100.42 -47.84
N LYS J 86 -39.98 99.08 -47.88
CA LYS J 86 -40.80 98.13 -48.55
C LYS J 86 -42.18 98.05 -47.87
N LYS J 87 -42.29 97.82 -46.54
CA LYS J 87 -43.39 97.78 -45.70
C LYS J 87 -43.01 98.54 -44.48
N LYS J 88 -43.66 99.72 -44.25
CA LYS J 88 -43.51 100.48 -43.03
C LYS J 88 -44.04 99.75 -41.77
N SER J 89 -43.15 99.74 -40.80
CA SER J 89 -43.40 99.03 -39.58
C SER J 89 -43.10 99.94 -38.42
N LYS J 90 -43.00 101.27 -38.70
CA LYS J 90 -42.85 102.35 -37.74
C LYS J 90 -43.48 103.56 -38.41
N PRO J 91 -44.01 104.56 -37.67
CA PRO J 91 -44.58 105.80 -38.26
C PRO J 91 -43.47 106.82 -38.51
N GLY J 92 -42.23 106.39 -38.28
CA GLY J 92 -41.05 107.25 -38.25
C GLY J 92 -40.75 107.83 -36.91
N LYS J 93 -41.28 107.09 -35.88
CA LYS J 93 -41.29 107.55 -34.45
C LYS J 93 -41.14 106.32 -33.62
N ARG J 94 -40.74 106.56 -32.33
CA ARG J 94 -40.27 105.60 -31.36
C ARG J 94 -41.50 105.08 -30.55
N MET J 95 -42.65 104.72 -31.23
CA MET J 95 -43.87 104.31 -30.52
C MET J 95 -44.12 102.86 -31.00
N ARG J 96 -43.27 102.34 -31.95
CA ARG J 96 -43.21 101.01 -32.42
C ARG J 96 -41.74 100.92 -32.76
N ASN J 97 -41.11 99.70 -32.53
CA ASN J 97 -39.68 99.55 -32.63
C ASN J 97 -39.46 98.14 -33.00
N CYS J 98 -38.19 97.99 -33.52
CA CYS J 98 -37.63 96.82 -34.12
C CYS J 98 -36.59 96.34 -33.25
N MET J 99 -36.67 96.65 -31.98
CA MET J 99 -35.63 96.34 -31.08
C MET J 99 -35.96 95.41 -29.86
N LYS J 100 -37.19 94.79 -29.88
CA LYS J 100 -37.69 93.88 -28.83
C LYS J 100 -36.88 92.66 -28.68
N ILE J 101 -36.81 92.18 -27.40
CA ILE J 101 -35.85 91.14 -27.01
C ILE J 101 -36.35 90.40 -25.74
N GLU J 102 -37.47 90.88 -25.19
CA GLU J 102 -38.06 90.40 -23.91
C GLU J 102 -39.56 90.13 -24.11
N ASN J 103 -40.17 89.64 -23.03
CA ASN J 103 -41.60 89.25 -23.09
C ASN J 103 -42.20 89.97 -21.91
N ASP J 104 -43.52 89.77 -21.79
CA ASP J 104 -44.37 90.29 -20.66
C ASP J 104 -45.24 89.17 -20.10
N CYS J 105 -44.97 87.94 -20.46
CA CYS J 105 -45.63 86.74 -19.95
C CYS J 105 -44.68 86.11 -18.92
N ILE J 106 -43.52 86.77 -18.67
CA ILE J 106 -42.52 86.14 -17.70
C ILE J 106 -42.94 86.57 -16.29
N PHE J 107 -42.66 85.68 -15.35
CA PHE J 107 -42.59 85.98 -13.94
C PHE J 107 -41.37 85.23 -13.38
N PRO J 108 -40.45 85.81 -12.68
CA PRO J 108 -39.39 85.10 -11.90
C PRO J 108 -39.91 84.53 -10.64
N VAL J 109 -39.30 83.39 -10.20
CA VAL J 109 -39.83 82.57 -9.16
C VAL J 109 -38.60 82.52 -8.27
N MET J 110 -38.83 82.92 -6.99
CA MET J 110 -37.80 83.09 -6.07
C MET J 110 -37.65 81.91 -5.16
N LEU J 111 -36.38 81.72 -4.71
CA LEU J 111 -36.08 80.72 -3.78
C LEU J 111 -34.76 81.16 -3.18
N ASP J 112 -34.77 81.44 -1.84
CA ASP J 112 -33.78 81.96 -0.98
C ASP J 112 -33.57 83.40 -1.29
N GLY J 113 -34.46 84.05 -1.98
CA GLY J 113 -34.33 85.41 -2.31
C GLY J 113 -33.61 85.55 -3.71
N LYS J 114 -33.38 84.44 -4.44
CA LYS J 114 -32.67 84.32 -5.67
C LYS J 114 -33.56 83.79 -6.74
N VAL J 115 -33.51 84.27 -7.94
CA VAL J 115 -34.22 83.83 -9.11
C VAL J 115 -33.58 82.53 -9.64
N ASN J 116 -34.16 81.31 -9.33
CA ASN J 116 -33.60 80.01 -9.81
C ASN J 116 -34.49 79.47 -10.84
N GLY J 117 -35.19 80.41 -11.58
CA GLY J 117 -36.04 80.02 -12.66
C GLY J 117 -37.04 81.09 -12.91
N TYR J 118 -37.95 80.81 -13.91
CA TYR J 118 -38.96 81.66 -14.28
C TYR J 118 -40.17 80.83 -14.52
N ALA J 119 -41.42 81.32 -14.24
CA ALA J 119 -42.60 80.63 -14.49
C ALA J 119 -43.43 81.50 -15.41
N CYS J 120 -44.30 80.82 -16.17
CA CYS J 120 -45.05 81.46 -17.19
C CYS J 120 -46.29 80.64 -17.40
N LEU J 121 -46.27 79.31 -16.95
CA LEU J 121 -47.34 78.36 -17.19
C LEU J 121 -47.64 78.25 -18.77
N VAL J 122 -46.81 77.39 -19.47
CA VAL J 122 -46.67 77.45 -20.87
C VAL J 122 -47.69 76.42 -21.42
N GLY J 123 -48.33 76.83 -22.53
CA GLY J 123 -49.58 76.17 -23.06
C GLY J 123 -50.65 75.96 -21.91
N ASP J 124 -51.65 75.15 -22.35
CA ASP J 124 -52.82 74.81 -21.56
C ASP J 124 -52.67 73.50 -20.85
N LYS J 125 -51.70 72.63 -21.36
CA LYS J 125 -51.30 71.43 -20.76
C LYS J 125 -49.87 71.67 -20.57
N VAL J 126 -49.48 71.80 -19.31
CA VAL J 126 -48.57 72.84 -18.81
C VAL J 126 -47.27 72.14 -18.66
N MET J 127 -46.16 72.65 -19.22
CA MET J 127 -45.04 71.80 -19.59
C MET J 127 -43.86 72.09 -18.70
N LYS J 128 -44.00 73.05 -17.77
CA LYS J 128 -42.93 73.80 -17.15
C LYS J 128 -41.89 73.14 -16.29
N PRO J 129 -42.05 72.22 -15.39
CA PRO J 129 -41.13 72.03 -14.25
C PRO J 129 -39.98 71.11 -14.64
N ALA J 130 -38.78 71.66 -14.62
CA ALA J 130 -37.55 71.02 -15.06
C ALA J 130 -36.35 71.94 -14.69
N HIS J 131 -36.68 73.03 -14.00
CA HIS J 131 -35.78 74.14 -13.70
C HIS J 131 -36.54 74.86 -12.63
N VAL J 132 -37.88 74.46 -12.42
CA VAL J 132 -38.82 75.06 -11.53
C VAL J 132 -39.63 73.99 -10.93
N LYS J 133 -39.01 72.80 -10.87
CA LYS J 133 -39.50 71.68 -10.11
C LYS J 133 -38.97 71.86 -8.75
N GLY J 134 -37.69 72.29 -8.55
CA GLY J 134 -37.00 72.45 -7.33
C GLY J 134 -37.13 73.87 -6.95
N THR J 135 -37.96 74.77 -7.50
CA THR J 135 -37.91 76.22 -7.18
C THR J 135 -39.34 76.56 -6.93
N ILE J 136 -40.24 75.88 -7.64
CA ILE J 136 -41.64 76.08 -7.90
C ILE J 136 -42.05 77.51 -8.03
N ASP J 137 -43.37 77.76 -8.02
CA ASP J 137 -43.89 79.03 -8.37
C ASP J 137 -44.63 79.46 -7.10
N ASN J 138 -45.74 78.69 -6.75
CA ASN J 138 -46.39 78.77 -5.45
C ASN J 138 -46.60 77.30 -5.07
N PRO J 139 -46.74 76.81 -3.79
CA PRO J 139 -46.96 75.46 -3.46
C PRO J 139 -48.25 74.85 -3.96
N GLU J 140 -49.41 75.64 -3.96
CA GLU J 140 -50.68 75.20 -4.27
C GLU J 140 -50.88 74.77 -5.75
N LEU J 141 -50.43 75.57 -6.79
CA LEU J 141 -50.69 75.25 -8.22
C LEU J 141 -49.94 73.91 -8.55
N ALA J 142 -48.72 73.69 -8.06
CA ALA J 142 -47.88 72.55 -8.30
C ALA J 142 -48.51 71.26 -7.85
N LYS J 143 -48.98 71.22 -6.62
CA LYS J 143 -49.43 69.95 -6.08
C LYS J 143 -50.58 69.41 -6.77
N LEU J 144 -51.48 70.31 -7.16
CA LEU J 144 -52.76 70.08 -7.75
C LEU J 144 -52.57 69.43 -9.11
N THR J 145 -51.66 70.07 -9.91
CA THR J 145 -51.51 69.86 -11.33
C THR J 145 -50.81 68.55 -11.60
N PHE J 146 -49.75 68.30 -10.77
CA PHE J 146 -48.56 67.70 -11.31
C PHE J 146 -48.70 66.15 -11.46
N LYS J 147 -48.88 65.75 -12.70
CA LYS J 147 -48.58 64.43 -13.22
C LYS J 147 -47.51 64.64 -14.29
N LYS J 148 -46.60 63.70 -14.32
CA LYS J 148 -45.35 63.86 -15.03
C LYS J 148 -44.90 62.60 -15.55
N SER J 149 -43.87 62.64 -16.43
CA SER J 149 -43.07 61.60 -16.97
C SER J 149 -41.74 62.04 -16.46
N SER J 150 -41.30 61.57 -15.30
CA SER J 150 -40.16 62.12 -14.61
C SER J 150 -38.84 61.61 -15.20
N LYS J 151 -38.89 60.81 -16.24
CA LYS J 151 -37.68 60.29 -16.82
C LYS J 151 -37.03 61.20 -17.86
N TYR J 152 -37.79 62.29 -18.19
CA TYR J 152 -37.44 63.29 -19.20
C TYR J 152 -37.86 64.64 -18.55
N ASP J 153 -38.48 64.57 -17.38
CA ASP J 153 -39.02 65.65 -16.53
C ASP J 153 -39.94 66.58 -17.26
N LEU J 154 -41.04 66.12 -17.86
CA LEU J 154 -42.02 66.90 -18.51
C LEU J 154 -43.27 66.61 -17.84
N GLU J 155 -44.02 67.68 -17.61
CA GLU J 155 -45.35 67.55 -16.90
C GLU J 155 -46.44 67.50 -17.95
N CYS J 156 -47.57 66.78 -17.72
CA CYS J 156 -48.69 66.80 -18.59
C CYS J 156 -49.83 66.97 -17.66
N ALA J 157 -50.76 67.96 -17.96
CA ALA J 157 -51.99 68.24 -17.17
C ALA J 157 -52.41 69.65 -17.37
N GLN J 158 -53.72 69.80 -17.61
CA GLN J 158 -54.43 70.99 -17.76
C GLN J 158 -54.48 71.81 -16.48
N VAL J 159 -54.56 73.20 -16.58
CA VAL J 159 -54.85 74.08 -15.52
C VAL J 159 -56.16 74.85 -15.85
N PRO J 160 -56.92 75.31 -14.85
CA PRO J 160 -58.18 76.03 -14.98
C PRO J 160 -58.13 77.29 -15.79
N VAL J 161 -59.33 77.94 -15.84
CA VAL J 161 -59.61 79.18 -16.63
C VAL J 161 -58.85 80.38 -16.20
N CYS J 162 -58.71 80.55 -14.90
CA CYS J 162 -57.95 81.66 -14.27
C CYS J 162 -56.59 81.69 -14.79
N MET J 163 -55.83 80.54 -14.67
CA MET J 163 -54.47 80.45 -15.10
C MET J 163 -54.38 80.57 -16.65
N LYS J 164 -55.29 79.99 -17.37
CA LYS J 164 -55.18 79.91 -18.78
C LYS J 164 -55.29 81.28 -19.46
N SER J 165 -56.13 82.22 -18.94
CA SER J 165 -56.36 83.55 -19.49
C SER J 165 -55.04 84.33 -19.80
N ASP J 166 -53.96 84.10 -18.97
CA ASP J 166 -52.66 84.83 -19.02
C ASP J 166 -51.57 83.90 -19.41
N ALA J 167 -51.87 82.56 -19.56
CA ALA J 167 -51.02 81.45 -20.08
C ALA J 167 -50.38 81.71 -21.43
N SER J 168 -49.10 81.29 -21.56
CA SER J 168 -48.34 81.42 -22.82
C SER J 168 -49.05 80.63 -23.94
N LYS J 169 -48.37 80.72 -25.16
CA LYS J 169 -48.90 80.13 -26.37
C LYS J 169 -48.72 78.64 -26.33
N PHE J 170 -49.69 77.86 -26.87
CA PHE J 170 -49.80 76.43 -26.98
C PHE J 170 -48.78 76.12 -28.09
N THR J 171 -47.94 75.06 -27.99
CA THR J 171 -46.99 74.80 -29.00
C THR J 171 -47.26 73.35 -29.30
N HIS J 172 -47.28 73.11 -30.62
CA HIS J 172 -47.60 71.79 -31.12
C HIS J 172 -46.86 71.77 -32.47
N GLU J 173 -46.14 72.86 -32.94
CA GLU J 173 -45.41 72.97 -34.24
C GLU J 173 -44.03 73.45 -33.97
N LYS J 174 -43.09 73.31 -34.92
CA LYS J 174 -41.69 73.70 -34.76
C LYS J 174 -41.29 74.55 -35.94
N PRO J 175 -41.27 75.85 -35.80
CA PRO J 175 -40.39 76.75 -36.52
C PRO J 175 -38.94 76.40 -36.52
N GLU J 176 -38.33 76.73 -37.64
CA GLU J 176 -36.94 76.39 -37.88
C GLU J 176 -36.23 77.72 -37.87
N GLY J 177 -35.07 77.84 -37.23
CA GLY J 177 -34.34 79.09 -37.10
C GLY J 177 -34.98 79.96 -36.13
N HIS J 178 -34.24 80.30 -35.11
CA HIS J 178 -34.64 81.23 -34.10
C HIS J 178 -33.48 82.16 -33.79
N TYR J 179 -33.73 83.25 -33.00
CA TYR J 179 -32.67 84.25 -32.77
C TYR J 179 -32.93 84.91 -31.48
N ASN J 180 -34.21 84.95 -30.91
CA ASN J 180 -34.52 85.66 -29.68
C ASN J 180 -34.95 84.61 -28.70
N TRP J 181 -34.58 85.01 -27.48
CA TRP J 181 -35.04 84.38 -26.31
C TRP J 181 -35.08 85.28 -25.07
N HIS J 182 -34.22 86.34 -25.15
CA HIS J 182 -33.61 87.04 -24.03
C HIS J 182 -32.46 87.76 -24.61
N HIS J 183 -31.83 87.21 -25.65
CA HIS J 183 -30.52 87.51 -26.10
C HIS J 183 -30.50 87.17 -27.55
N GLY J 184 -29.29 87.44 -28.11
CA GLY J 184 -29.18 87.88 -29.47
C GLY J 184 -28.87 86.82 -30.41
N ALA J 185 -28.91 85.51 -30.03
CA ALA J 185 -28.88 84.44 -30.93
C ALA J 185 -29.33 83.16 -30.32
N VAL J 186 -30.06 82.31 -31.04
CA VAL J 186 -30.39 80.94 -30.62
C VAL J 186 -30.63 80.37 -31.97
N GLN J 187 -29.58 80.27 -32.83
CA GLN J 187 -29.74 79.78 -34.21
C GLN J 187 -29.79 78.33 -34.06
N PHE J 188 -30.78 77.72 -34.80
CA PHE J 188 -31.02 76.37 -34.73
C PHE J 188 -30.60 75.77 -36.06
N SER J 189 -29.36 75.19 -36.04
CA SER J 189 -28.81 74.56 -37.26
C SER J 189 -27.94 73.52 -36.83
N ASN J 190 -27.94 72.31 -37.61
CA ASN J 190 -27.12 71.10 -37.33
C ASN J 190 -27.72 70.42 -36.20
N GLY J 191 -28.97 70.75 -35.82
CA GLY J 191 -29.63 70.14 -34.78
C GLY J 191 -29.21 70.61 -33.46
N ARG J 192 -28.63 71.83 -33.53
CA ARG J 192 -28.19 72.51 -32.27
C ARG J 192 -28.51 73.94 -32.21
N PHE J 193 -28.91 74.31 -30.94
CA PHE J 193 -29.06 75.68 -30.65
C PHE J 193 -27.68 76.05 -30.08
N THR J 194 -27.03 77.18 -30.42
CA THR J 194 -25.82 77.66 -29.82
C THR J 194 -26.06 79.18 -29.68
N ILE J 195 -25.42 79.76 -28.67
CA ILE J 195 -25.38 81.14 -28.29
C ILE J 195 -23.90 81.41 -28.06
N PRO J 196 -23.41 82.65 -28.04
CA PRO J 196 -22.05 82.92 -27.62
C PRO J 196 -21.78 82.75 -26.11
N THR J 197 -20.54 82.53 -25.72
CA THR J 197 -20.06 82.32 -24.39
C THR J 197 -20.21 83.56 -23.56
N GLY J 198 -20.94 83.40 -22.39
CA GLY J 198 -21.31 84.57 -21.58
C GLY J 198 -22.79 84.36 -21.30
N SER J 199 -23.42 83.33 -21.79
CA SER J 199 -24.79 82.92 -21.35
C SER J 199 -24.67 81.51 -20.91
N GLY J 200 -25.82 80.99 -20.37
CA GLY J 200 -26.15 79.70 -19.80
C GLY J 200 -26.27 79.96 -18.37
N LYS J 201 -25.97 81.24 -17.91
CA LYS J 201 -26.01 81.65 -16.47
C LYS J 201 -27.38 81.41 -15.89
N PRO J 202 -27.58 80.90 -14.74
CA PRO J 202 -28.93 80.80 -14.12
C PRO J 202 -29.39 82.11 -13.70
N GLY J 203 -30.72 82.31 -13.46
CA GLY J 203 -31.29 83.58 -13.19
C GLY J 203 -31.58 84.32 -14.41
N ASP J 204 -31.48 83.59 -15.52
CA ASP J 204 -31.68 84.19 -16.84
C ASP J 204 -32.14 83.05 -17.62
N SER J 205 -32.26 81.84 -16.96
CA SER J 205 -32.61 80.58 -17.47
C SER J 205 -34.00 80.36 -17.02
N GLY J 206 -34.86 80.02 -18.02
CA GLY J 206 -36.17 79.68 -17.85
C GLY J 206 -37.09 80.51 -18.77
N ARG J 207 -36.42 81.43 -19.49
CA ARG J 207 -36.99 82.32 -20.46
C ARG J 207 -37.23 81.47 -21.72
N PRO J 208 -38.32 81.49 -22.40
CA PRO J 208 -38.60 80.65 -23.58
C PRO J 208 -37.92 81.24 -24.85
N ILE J 209 -37.74 80.37 -25.84
CA ILE J 209 -37.14 80.66 -27.04
C ILE J 209 -38.33 80.89 -27.92
N PHE J 210 -38.50 82.14 -28.38
CA PHE J 210 -39.65 82.76 -29.03
C PHE J 210 -39.24 83.17 -30.43
N ASP J 211 -40.21 83.26 -31.34
CA ASP J 211 -40.04 83.49 -32.77
C ASP J 211 -40.66 84.88 -33.09
N ASN J 212 -41.08 85.66 -32.03
CA ASN J 212 -41.79 86.88 -32.06
C ASN J 212 -43.26 86.77 -32.18
N THR J 213 -43.78 85.66 -31.65
CA THR J 213 -45.18 85.30 -31.57
C THR J 213 -45.45 84.54 -30.28
N GLY J 214 -44.38 84.20 -29.56
CA GLY J 214 -44.46 83.56 -28.24
C GLY J 214 -44.69 82.08 -28.34
N LYS J 215 -44.37 81.43 -29.52
CA LYS J 215 -44.40 79.99 -29.64
C LYS J 215 -43.11 79.38 -29.05
N VAL J 216 -43.22 78.42 -28.13
CA VAL J 216 -42.09 78.00 -27.40
C VAL J 216 -41.67 76.65 -27.96
N VAL J 217 -40.48 76.49 -28.54
CA VAL J 217 -40.01 75.18 -29.03
C VAL J 217 -39.23 74.55 -27.82
N ALA J 218 -38.69 75.32 -26.87
CA ALA J 218 -37.90 74.80 -25.82
C ALA J 218 -37.77 75.85 -24.78
N ILE J 219 -37.47 75.49 -23.60
CA ILE J 219 -37.30 76.35 -22.47
C ILE J 219 -35.88 75.99 -22.15
N VAL J 220 -35.04 77.08 -21.90
CA VAL J 220 -33.59 77.03 -21.66
C VAL J 220 -33.42 76.77 -20.21
N LEU J 221 -32.74 75.71 -19.93
CA LEU J 221 -32.53 75.29 -18.52
C LEU J 221 -31.15 75.62 -17.98
N GLY J 222 -30.05 75.67 -18.84
CA GLY J 222 -28.74 75.86 -18.33
C GLY J 222 -27.90 75.80 -19.53
N GLY J 223 -26.63 75.41 -19.34
CA GLY J 223 -25.67 75.13 -20.45
C GLY J 223 -24.25 74.79 -20.15
N ALA J 224 -23.51 74.58 -21.27
CA ALA J 224 -22.14 74.12 -21.19
C ALA J 224 -21.40 74.86 -22.30
N ASN J 225 -20.23 75.41 -21.95
CA ASN J 225 -19.29 75.93 -22.92
C ASN J 225 -18.57 74.89 -23.82
N GLU J 226 -18.64 75.00 -25.22
CA GLU J 226 -18.11 74.16 -26.23
C GLU J 226 -16.69 74.52 -26.29
N GLY J 227 -16.33 75.73 -26.65
CA GLY J 227 -14.99 76.17 -26.60
C GLY J 227 -15.03 77.73 -26.90
N ALA J 228 -16.05 78.19 -27.66
CA ALA J 228 -16.07 79.57 -28.09
C ALA J 228 -17.55 79.90 -28.25
N ARG J 229 -18.41 78.88 -28.21
CA ARG J 229 -19.81 78.94 -28.25
C ARG J 229 -20.33 78.16 -27.05
N THR J 230 -21.59 78.22 -26.71
CA THR J 230 -22.18 77.56 -25.61
C THR J 230 -23.29 76.76 -26.16
N ALA J 231 -23.19 75.43 -25.91
CA ALA J 231 -24.21 74.46 -26.17
C ALA J 231 -25.09 74.55 -24.94
N LEU J 232 -26.40 74.37 -25.20
CA LEU J 232 -27.49 74.79 -24.29
C LEU J 232 -28.19 73.47 -23.88
N SER J 233 -28.83 73.56 -22.67
CA SER J 233 -29.52 72.43 -22.04
C SER J 233 -30.95 72.82 -22.28
N VAL J 234 -31.80 71.92 -22.71
CA VAL J 234 -33.23 72.28 -23.10
C VAL J 234 -34.10 71.18 -22.76
N VAL J 235 -35.42 71.51 -22.64
CA VAL J 235 -36.47 70.59 -22.81
C VAL J 235 -37.22 71.06 -24.01
N THR J 236 -37.65 70.18 -24.91
CA THR J 236 -38.34 70.66 -26.15
C THR J 236 -39.67 69.83 -26.09
N TRP J 237 -40.60 70.16 -27.00
CA TRP J 237 -41.98 69.71 -27.18
C TRP J 237 -42.45 70.80 -28.11
N ASN J 238 -42.71 70.43 -29.38
CA ASN J 238 -43.20 71.34 -30.35
C ASN J 238 -43.98 70.34 -31.31
N LYS J 239 -43.49 70.09 -32.60
CA LYS J 239 -44.04 69.07 -33.51
C LYS J 239 -43.72 67.67 -33.06
N ASP J 240 -42.51 67.56 -32.49
CA ASP J 240 -42.00 66.27 -32.12
C ASP J 240 -41.38 66.57 -30.79
N MET J 241 -41.10 65.51 -30.02
CA MET J 241 -40.41 65.51 -28.73
C MET J 241 -38.88 65.72 -29.06
N VAL J 242 -38.11 64.58 -29.09
CA VAL J 242 -36.68 64.53 -29.16
C VAL J 242 -36.07 65.27 -27.94
N THR J 243 -36.58 64.98 -26.74
CA THR J 243 -36.35 65.83 -25.62
C THR J 243 -34.97 65.90 -25.14
N ARG J 244 -34.45 67.14 -24.85
CA ARG J 244 -33.07 67.37 -24.30
C ARG J 244 -32.03 67.18 -25.36
N ILE J 245 -32.24 67.89 -26.49
CA ILE J 245 -31.31 67.94 -27.59
C ILE J 245 -30.06 68.69 -27.02
N THR J 246 -28.92 67.99 -27.16
CA THR J 246 -27.68 68.32 -26.57
C THR J 246 -26.67 67.72 -27.55
N PRO J 247 -25.39 68.09 -27.52
CA PRO J 247 -24.43 67.48 -28.42
C PRO J 247 -24.09 66.05 -28.02
N GLU J 248 -23.86 65.75 -26.73
CA GLU J 248 -23.53 64.45 -26.26
C GLU J 248 -23.72 64.38 -24.75
N GLU J 249 -23.83 65.53 -24.05
CA GLU J 249 -23.98 65.69 -22.65
C GLU J 249 -23.74 67.12 -22.29
N SER J 250 -24.81 67.84 -21.88
CA SER J 250 -24.68 69.14 -21.30
C SER J 250 -25.37 68.94 -19.97
N VAL J 251 -25.09 69.83 -19.08
CA VAL J 251 -25.54 69.77 -17.79
C VAL J 251 -26.24 71.06 -17.51
N GLU J 252 -27.48 70.95 -16.90
CA GLU J 252 -28.26 71.95 -16.42
C GLU J 252 -27.61 72.74 -15.32
N TRP J 253 -27.73 74.06 -15.34
CA TRP J 253 -27.07 74.92 -14.40
C TRP J 253 -28.01 76.15 -14.16
N TYR K 1 -27.80 -11.87 -18.11
CA TYR K 1 -27.04 -12.77 -17.18
C TYR K 1 -27.81 -12.83 -15.86
N GLU K 2 -27.94 -11.67 -15.14
CA GLU K 2 -28.49 -11.54 -13.83
C GLU K 2 -29.05 -10.18 -13.58
N SER K 3 -30.01 -10.18 -12.58
CA SER K 3 -29.99 -9.27 -11.47
C SER K 3 -31.16 -8.26 -11.68
N THR K 4 -32.12 -8.34 -10.69
CA THR K 4 -33.35 -7.60 -10.59
C THR K 4 -33.45 -7.13 -9.17
N THR K 5 -34.33 -6.20 -8.87
CA THR K 5 -34.56 -5.67 -7.55
C THR K 5 -36.06 -5.67 -7.36
N MET K 6 -36.52 -6.52 -6.45
CA MET K 6 -37.94 -6.45 -6.01
C MET K 6 -37.99 -5.66 -4.72
N PRO K 7 -39.03 -5.05 -4.31
CA PRO K 7 -39.01 -4.33 -3.05
C PRO K 7 -39.39 -5.40 -2.07
N ASN K 8 -39.18 -5.21 -0.76
CA ASN K 8 -39.71 -6.12 0.22
C ASN K 8 -41.10 -5.64 0.63
N GLN K 9 -42.14 -6.20 -0.06
CA GLN K 9 -43.53 -6.04 0.24
C GLN K 9 -43.99 -7.43 0.21
N VAL K 10 -44.69 -7.88 1.29
CA VAL K 10 -45.00 -9.30 1.44
C VAL K 10 -46.29 -9.69 0.71
N GLY K 11 -46.41 -10.86 0.14
CA GLY K 11 -47.52 -11.49 -0.46
C GLY K 11 -47.85 -10.98 -1.79
N ILE K 12 -47.02 -10.13 -2.46
CA ILE K 12 -47.26 -9.65 -3.76
C ILE K 12 -46.41 -10.46 -4.72
N PRO K 13 -46.79 -11.12 -5.85
CA PRO K 13 -45.93 -11.93 -6.56
C PRO K 13 -45.11 -11.15 -7.59
N PHE K 14 -43.77 -11.27 -7.49
CA PHE K 14 -42.92 -10.66 -8.46
C PHE K 14 -42.41 -11.71 -9.43
N LYS K 15 -42.20 -11.24 -10.66
CA LYS K 15 -41.79 -12.07 -11.81
C LYS K 15 -40.51 -11.58 -12.39
N ALA K 16 -39.50 -12.45 -12.47
CA ALA K 16 -38.26 -12.20 -13.04
C ALA K 16 -37.98 -13.04 -14.20
N LEU K 17 -37.50 -12.50 -15.34
CA LEU K 17 -36.97 -13.24 -16.44
C LEU K 17 -35.69 -12.57 -16.63
N ILE K 18 -34.60 -13.38 -16.89
CA ILE K 18 -33.29 -12.77 -16.91
C ILE K 18 -32.40 -13.97 -17.11
N GLU K 19 -31.45 -13.81 -17.98
CA GLU K 19 -30.41 -14.77 -18.44
C GLU K 19 -29.95 -14.16 -19.81
N ARG K 20 -30.94 -13.49 -20.48
CA ARG K 20 -30.77 -12.86 -21.73
C ARG K 20 -32.17 -12.57 -22.17
N PRO K 21 -32.45 -11.55 -22.95
CA PRO K 21 -33.74 -11.22 -23.47
C PRO K 21 -34.44 -12.29 -24.26
N GLY K 22 -35.76 -12.08 -24.62
CA GLY K 22 -36.56 -13.09 -25.16
C GLY K 22 -37.52 -13.49 -24.01
N TYR K 23 -38.46 -14.43 -24.42
CA TYR K 23 -39.60 -14.89 -23.65
C TYR K 23 -39.28 -16.29 -23.21
N ALA K 24 -39.88 -16.71 -22.06
CA ALA K 24 -39.70 -18.06 -21.54
C ALA K 24 -41.15 -18.44 -21.21
N GLY K 25 -41.38 -19.76 -21.02
CA GLY K 25 -42.66 -20.39 -20.80
C GLY K 25 -42.72 -20.77 -19.32
N LEU K 26 -41.53 -20.96 -18.69
CA LEU K 26 -41.39 -21.14 -17.28
C LEU K 26 -40.47 -20.05 -16.82
N PRO K 27 -40.83 -19.14 -15.92
CA PRO K 27 -39.98 -17.96 -15.57
C PRO K 27 -40.07 -18.10 -14.04
N LEU K 28 -39.36 -17.20 -13.30
CA LEU K 28 -39.25 -17.32 -11.90
C LEU K 28 -40.21 -16.44 -11.34
N SER K 29 -41.10 -16.94 -10.49
CA SER K 29 -42.04 -16.14 -9.69
C SER K 29 -41.63 -16.44 -8.29
N LEU K 30 -41.57 -15.37 -7.50
CA LEU K 30 -41.18 -15.39 -6.16
C LEU K 30 -42.03 -14.38 -5.50
N VAL K 31 -42.45 -14.83 -4.25
CA VAL K 31 -43.32 -14.05 -3.34
C VAL K 31 -42.61 -14.19 -1.96
N VAL K 32 -42.74 -13.14 -1.10
CA VAL K 32 -42.23 -13.12 0.25
C VAL K 32 -43.38 -13.35 1.12
N ILE K 33 -43.34 -14.37 2.03
CA ILE K 33 -44.51 -14.61 2.90
C ILE K 33 -44.20 -13.69 4.04
N LYS K 34 -42.95 -13.82 4.60
CA LYS K 34 -42.61 -12.97 5.69
C LYS K 34 -41.10 -12.81 5.88
N SER K 35 -40.76 -11.59 6.45
CA SER K 35 -39.34 -11.34 6.93
C SER K 35 -39.42 -11.73 8.36
N GLU K 36 -38.31 -12.21 8.95
CA GLU K 36 -38.33 -12.72 10.35
C GLU K 36 -37.02 -12.35 11.07
N LEU K 37 -37.00 -11.40 12.00
CA LEU K 37 -35.99 -11.00 12.85
C LEU K 37 -35.89 -11.98 14.00
N VAL K 38 -34.79 -12.84 14.14
CA VAL K 38 -34.59 -13.96 15.03
C VAL K 38 -33.34 -13.69 15.95
N PRO K 39 -33.34 -13.72 17.32
CA PRO K 39 -32.25 -13.14 18.08
C PRO K 39 -30.98 -13.90 18.03
N SER K 40 -29.87 -13.08 18.16
CA SER K 40 -28.51 -13.54 18.52
C SER K 40 -27.88 -12.81 19.63
N LEU K 41 -28.09 -13.27 20.89
CA LEU K 41 -28.14 -12.49 22.07
C LEU K 41 -27.05 -12.77 23.12
N VAL K 42 -26.82 -11.88 24.05
CA VAL K 42 -25.87 -12.06 25.14
C VAL K 42 -26.77 -11.99 26.32
N GLN K 43 -26.81 -12.93 27.35
CA GLN K 43 -27.66 -12.81 28.50
C GLN K 43 -26.88 -11.88 29.42
N ASP K 44 -27.47 -10.72 29.74
CA ASP K 44 -26.80 -9.79 30.66
C ASP K 44 -26.83 -10.30 32.08
N TYR K 45 -28.01 -10.63 32.61
CA TYR K 45 -28.08 -11.21 33.87
C TYR K 45 -29.43 -11.84 33.99
N ILE K 46 -29.62 -12.57 35.10
CA ILE K 46 -30.89 -13.09 35.44
C ILE K 46 -31.25 -12.55 36.80
N THR K 47 -32.55 -12.28 36.97
CA THR K 47 -33.07 -11.87 38.28
C THR K 47 -34.34 -12.69 38.43
N CYS K 48 -34.69 -12.97 39.70
CA CYS K 48 -35.86 -13.71 40.05
C CYS K 48 -36.11 -13.54 41.52
N ASN K 49 -37.32 -13.91 41.93
CA ASN K 49 -37.76 -14.00 43.30
C ASN K 49 -36.90 -14.93 44.01
N TYR K 50 -36.76 -14.65 45.27
CA TYR K 50 -35.74 -15.20 46.12
C TYR K 50 -36.51 -15.59 47.35
N LYS K 51 -36.10 -16.60 48.12
CA LYS K 51 -36.72 -16.88 49.38
C LYS K 51 -35.80 -16.53 50.53
N THR K 52 -36.20 -15.40 51.18
CA THR K 52 -35.47 -14.86 52.22
C THR K 52 -36.07 -15.57 53.37
N VAL K 53 -35.24 -16.05 54.32
CA VAL K 53 -35.73 -16.93 55.38
C VAL K 53 -35.11 -16.21 56.57
N VAL K 54 -35.95 -15.95 57.58
CA VAL K 54 -35.52 -15.34 58.81
C VAL K 54 -35.66 -16.41 59.83
N PRO K 55 -34.58 -16.98 60.36
CA PRO K 55 -34.69 -17.95 61.39
C PRO K 55 -35.15 -17.28 62.64
N SER K 56 -35.98 -18.05 63.36
CA SER K 56 -36.28 -17.55 64.73
C SER K 56 -34.96 -17.59 65.55
N PRO K 57 -34.88 -16.76 66.65
CA PRO K 57 -33.80 -16.75 67.50
C PRO K 57 -33.06 -18.02 67.89
N TYR K 58 -31.70 -17.96 67.98
CA TYR K 58 -30.72 -18.94 68.60
C TYR K 58 -30.09 -18.18 69.71
N ILE K 59 -30.03 -18.74 70.90
CA ILE K 59 -29.57 -18.14 72.05
C ILE K 59 -28.28 -18.81 72.35
N LYS K 60 -27.42 -18.04 73.05
CA LYS K 60 -26.06 -18.37 73.45
C LYS K 60 -26.03 -17.86 74.81
N CYS K 61 -25.65 -18.71 75.68
CA CYS K 61 -25.75 -18.44 77.08
C CYS K 61 -24.64 -17.55 77.62
N CYS K 62 -25.04 -16.54 78.46
CA CYS K 62 -24.22 -15.67 79.20
C CYS K 62 -23.13 -15.00 78.37
N GLY K 63 -23.52 -14.25 77.28
CA GLY K 63 -22.66 -13.56 76.45
C GLY K 63 -22.33 -14.37 75.21
N GLY K 64 -22.88 -13.99 74.01
CA GLY K 64 -22.63 -14.64 72.78
C GLY K 64 -21.48 -14.01 72.02
N ALA K 65 -21.58 -14.03 70.64
CA ALA K 65 -20.72 -13.29 69.85
C ALA K 65 -21.52 -13.09 68.61
N GLU K 66 -21.15 -12.23 67.62
CA GLU K 66 -21.88 -12.01 66.40
C GLU K 66 -21.83 -13.19 65.44
N CYS K 67 -22.58 -13.06 64.38
CA CYS K 67 -22.71 -14.11 63.30
C CYS K 67 -21.39 -14.28 62.64
N SER K 68 -20.99 -15.48 62.40
CA SER K 68 -19.85 -15.83 61.67
C SER K 68 -20.12 -17.06 60.93
N LYS K 69 -21.45 -17.50 60.91
CA LYS K 69 -22.22 -18.06 59.80
C LYS K 69 -22.32 -17.06 58.64
N ASN K 70 -22.25 -17.55 57.37
CA ASN K 70 -22.35 -16.75 56.16
C ASN K 70 -23.24 -17.46 55.19
N GLU K 71 -23.70 -16.80 54.06
CA GLU K 71 -24.57 -17.49 53.06
C GLU K 71 -24.41 -16.53 51.81
N ALA K 72 -25.42 -16.53 50.95
CA ALA K 72 -25.45 -15.78 49.70
C ALA K 72 -25.62 -14.31 50.07
N ASP K 73 -26.41 -13.91 51.17
CA ASP K 73 -26.56 -12.57 51.57
C ASP K 73 -27.01 -12.73 52.92
N TYR K 74 -26.59 -11.79 53.88
CA TYR K 74 -26.80 -12.14 55.25
C TYR K 74 -26.99 -10.80 55.90
N LYS K 75 -27.78 -10.74 56.99
CA LYS K 75 -27.76 -9.60 57.81
C LYS K 75 -27.73 -10.20 59.19
N CYS K 76 -27.11 -9.49 60.09
CA CYS K 76 -26.96 -10.09 61.46
C CYS K 76 -26.89 -8.97 62.54
N SER K 77 -27.63 -9.17 63.69
CA SER K 77 -27.55 -8.17 64.79
C SER K 77 -27.46 -8.99 65.99
N VAL K 78 -26.65 -8.50 66.95
CA VAL K 78 -26.51 -9.20 68.24
C VAL K 78 -27.14 -8.31 69.41
N PHE K 79 -28.28 -8.78 69.95
CA PHE K 79 -28.93 -8.10 71.09
C PHE K 79 -28.40 -8.76 72.32
N THR K 80 -28.22 -7.96 73.45
CA THR K 80 -27.50 -8.37 74.62
C THR K 80 -28.40 -7.97 75.81
N GLY K 81 -28.30 -8.76 76.98
CA GLY K 81 -29.03 -8.53 78.14
C GLY K 81 -30.41 -9.05 78.00
N VAL K 82 -30.81 -9.70 76.91
CA VAL K 82 -32.18 -10.16 76.60
C VAL K 82 -32.79 -11.19 77.48
N TYR K 83 -34.17 -11.30 77.33
CA TYR K 83 -35.11 -12.11 78.05
C TYR K 83 -35.22 -11.66 79.55
N PRO K 84 -35.69 -10.40 79.88
CA PRO K 84 -35.40 -9.76 81.12
C PRO K 84 -36.28 -10.33 82.21
N PHE K 85 -37.41 -11.02 81.95
CA PHE K 85 -38.35 -11.61 82.84
C PHE K 85 -38.52 -13.04 82.41
N MET K 86 -38.11 -13.33 81.14
CA MET K 86 -38.17 -14.54 80.36
C MET K 86 -39.59 -15.15 80.39
N TRP K 87 -39.75 -16.46 79.98
CA TRP K 87 -41.02 -17.18 79.80
C TRP K 87 -40.60 -18.61 79.98
N GLY K 88 -39.37 -18.89 80.43
CA GLY K 88 -38.75 -20.14 80.54
C GLY K 88 -38.20 -20.51 79.21
N GLY K 89 -38.07 -19.55 78.20
CA GLY K 89 -37.36 -19.77 76.95
C GLY K 89 -35.96 -19.22 76.96
N ALA K 90 -35.54 -18.83 78.19
CA ALA K 90 -34.16 -18.46 78.44
C ALA K 90 -33.16 -19.63 78.15
N TYR K 91 -33.50 -20.79 78.78
CA TYR K 91 -32.78 -22.12 78.73
C TYR K 91 -31.25 -21.95 79.20
N CYS K 92 -31.09 -21.11 80.19
CA CYS K 92 -29.85 -20.71 80.65
C CYS K 92 -30.00 -20.36 82.11
N PHE K 93 -28.84 -20.34 82.79
CA PHE K 93 -28.72 -19.72 84.09
C PHE K 93 -28.98 -18.24 83.97
N CYS K 94 -28.29 -17.59 83.03
CA CYS K 94 -28.43 -16.13 82.79
C CYS K 94 -29.77 -15.71 82.22
N ASP K 95 -30.09 -14.41 82.52
CA ASP K 95 -31.34 -13.76 82.31
C ASP K 95 -31.02 -12.32 82.41
N THR K 96 -29.82 -11.94 82.85
CA THR K 96 -29.47 -10.62 83.23
C THR K 96 -28.37 -10.28 82.30
N GLU K 97 -27.81 -11.25 81.55
CA GLU K 97 -26.63 -11.02 80.71
C GLU K 97 -26.68 -11.98 79.55
N ASN K 98 -27.77 -12.61 79.21
CA ASN K 98 -27.93 -13.49 78.02
C ASN K 98 -27.87 -12.65 76.74
N SER K 99 -27.54 -13.39 75.65
CA SER K 99 -27.38 -12.76 74.35
C SER K 99 -28.16 -13.63 73.40
N GLN K 100 -28.74 -13.02 72.37
CA GLN K 100 -29.49 -13.66 71.32
C GLN K 100 -28.79 -13.20 70.12
N MET K 101 -28.31 -14.11 69.26
CA MET K 101 -27.75 -13.83 68.01
C MET K 101 -28.99 -13.97 67.14
N SER K 102 -29.47 -12.91 66.47
CA SER K 102 -30.64 -13.01 65.57
C SER K 102 -29.95 -12.97 64.24
N GLU K 103 -30.61 -13.67 63.24
CA GLU K 103 -30.07 -13.98 61.96
C GLU K 103 -31.16 -14.09 60.97
N VAL K 104 -30.74 -13.86 59.72
CA VAL K 104 -31.48 -13.85 58.52
C VAL K 104 -30.45 -14.10 57.42
N TYR K 105 -30.89 -14.73 56.28
CA TYR K 105 -30.12 -14.99 55.09
C TYR K 105 -31.08 -15.16 53.92
N VAL K 106 -30.39 -15.15 52.72
CA VAL K 106 -31.12 -15.23 51.44
C VAL K 106 -30.79 -16.52 50.80
N THR K 107 -31.82 -17.01 50.12
CA THR K 107 -31.65 -18.17 49.42
C THR K 107 -32.24 -17.95 48.05
N ARG K 108 -31.96 -18.63 46.92
CA ARG K 108 -32.55 -18.29 45.69
C ARG K 108 -33.58 -19.30 45.38
N GLY K 109 -34.79 -18.79 44.90
CA GLY K 109 -36.07 -19.50 44.65
C GLY K 109 -35.97 -20.31 43.42
N GLU K 110 -37.14 -20.85 43.05
CA GLU K 110 -37.36 -21.78 41.99
C GLU K 110 -38.05 -21.11 40.90
N SER K 111 -38.11 -19.74 40.97
CA SER K 111 -38.88 -18.84 40.06
C SER K 111 -37.90 -18.13 39.16
N CYS K 112 -36.77 -18.82 38.80
CA CYS K 112 -35.65 -18.36 38.06
C CYS K 112 -35.68 -18.99 36.70
N GLU K 113 -36.92 -19.34 36.18
CA GLU K 113 -37.15 -20.03 34.96
C GLU K 113 -36.99 -19.17 33.73
N ALA K 114 -37.52 -17.91 33.76
CA ALA K 114 -37.36 -16.89 32.81
C ALA K 114 -38.11 -15.70 33.41
N ASP K 115 -38.17 -15.52 34.72
CA ASP K 115 -39.02 -14.54 35.31
C ASP K 115 -38.09 -13.69 36.16
N ALA K 116 -37.03 -13.13 35.52
CA ALA K 116 -36.94 -12.50 34.20
C ALA K 116 -35.52 -12.48 33.74
N ILE K 117 -35.30 -12.47 32.45
CA ILE K 117 -33.96 -12.60 31.81
C ILE K 117 -33.80 -11.42 30.92
N ALA K 118 -32.66 -10.68 31.06
CA ALA K 118 -32.33 -9.45 30.42
C ALA K 118 -31.42 -9.78 29.30
N TYR K 119 -31.79 -9.34 28.02
CA TYR K 119 -31.03 -9.63 26.85
C TYR K 119 -30.72 -8.36 26.15
N GLN K 120 -29.47 -8.39 25.65
CA GLN K 120 -28.90 -7.52 24.64
C GLN K 120 -28.95 -8.32 23.42
N VAL K 121 -29.75 -7.78 22.41
CA VAL K 121 -29.97 -8.51 21.14
C VAL K 121 -29.36 -7.69 20.08
N THR K 122 -28.69 -8.38 19.10
CA THR K 122 -28.67 -8.03 17.74
C THR K 122 -29.13 -9.13 16.91
N ALA K 123 -30.14 -8.83 16.13
CA ALA K 123 -30.81 -9.81 15.41
C ALA K 123 -30.04 -10.27 14.14
N SER K 124 -30.27 -11.55 13.81
CA SER K 124 -29.83 -12.20 12.57
C SER K 124 -31.04 -12.31 11.75
N LEU K 125 -30.91 -12.28 10.41
CA LEU K 125 -31.94 -12.11 9.51
C LEU K 125 -32.22 -13.39 8.83
N LYS K 126 -33.61 -13.71 8.85
CA LYS K 126 -34.09 -14.92 8.30
C LYS K 126 -35.25 -14.46 7.37
N ALA K 127 -35.41 -15.07 6.19
CA ALA K 127 -36.50 -14.88 5.28
C ALA K 127 -37.38 -16.13 5.24
N GLN K 128 -38.64 -16.06 4.73
CA GLN K 128 -39.45 -17.15 4.22
C GLN K 128 -39.93 -16.68 2.88
N VAL K 129 -39.09 -16.89 1.83
CA VAL K 129 -39.41 -16.58 0.44
C VAL K 129 -40.03 -17.84 -0.10
N MET K 130 -41.01 -17.74 -1.05
CA MET K 130 -41.73 -18.83 -1.67
C MET K 130 -41.21 -18.73 -3.01
N ILE K 131 -40.69 -19.85 -3.55
CA ILE K 131 -40.09 -19.91 -4.85
C ILE K 131 -41.04 -20.84 -5.66
N SER K 132 -41.41 -20.44 -6.91
CA SER K 132 -42.21 -21.14 -7.86
C SER K 132 -41.49 -20.99 -9.19
N ILE K 133 -41.05 -22.15 -9.72
CA ILE K 133 -40.36 -22.23 -10.99
C ILE K 133 -41.45 -22.60 -12.01
N GLY K 134 -42.74 -22.76 -11.56
CA GLY K 134 -43.83 -23.25 -12.39
C GLY K 134 -43.87 -24.78 -12.50
N GLU K 135 -43.06 -25.59 -11.76
CA GLU K 135 -43.17 -27.01 -11.77
C GLU K 135 -42.72 -27.66 -10.43
N LEU K 136 -42.12 -26.82 -9.51
CA LEU K 136 -41.85 -27.15 -8.14
C LEU K 136 -42.30 -25.85 -7.44
N ASN K 137 -43.14 -26.18 -6.42
CA ASN K 137 -43.77 -25.13 -5.69
C ASN K 137 -43.40 -25.49 -4.28
N GLN K 138 -42.55 -24.68 -3.64
CA GLN K 138 -41.96 -24.86 -2.35
C GLN K 138 -41.62 -23.51 -1.86
N THR K 139 -41.54 -23.32 -0.55
CA THR K 139 -41.02 -22.13 0.12
C THR K 139 -40.00 -22.75 0.98
N VAL K 140 -38.98 -21.96 1.26
CA VAL K 140 -37.80 -22.52 1.93
C VAL K 140 -37.37 -21.34 2.88
N ASP K 141 -37.14 -21.67 4.18
CA ASP K 141 -36.57 -20.74 5.13
C ASP K 141 -35.11 -20.64 5.00
N VAL K 142 -34.45 -19.43 4.81
CA VAL K 142 -33.06 -19.34 4.41
C VAL K 142 -32.56 -18.00 4.90
N PHE K 143 -31.27 -17.91 5.36
CA PHE K 143 -30.73 -16.68 5.85
C PHE K 143 -30.38 -15.78 4.70
N VAL K 144 -30.53 -14.43 4.96
CA VAL K 144 -30.22 -13.45 3.98
C VAL K 144 -28.99 -12.72 4.21
N ASN K 145 -28.12 -13.05 5.25
CA ASN K 145 -26.81 -12.39 5.45
C ASN K 145 -25.85 -12.64 4.35
N GLY K 146 -25.63 -11.58 3.47
CA GLY K 146 -24.81 -11.53 2.30
C GLY K 146 -25.25 -12.51 1.28
N ASP K 147 -24.26 -13.06 0.56
CA ASP K 147 -24.48 -14.06 -0.43
C ASP K 147 -25.02 -15.37 0.09
N SER K 148 -26.10 -15.90 -0.54
CA SER K 148 -26.71 -17.11 -0.14
C SER K 148 -27.07 -17.87 -1.37
N PRO K 149 -26.21 -18.72 -1.92
CA PRO K 149 -26.58 -19.51 -3.11
C PRO K 149 -27.54 -20.66 -2.69
N ALA K 150 -28.53 -20.89 -3.54
CA ALA K 150 -29.52 -22.00 -3.43
C ALA K 150 -29.73 -22.41 -4.87
N ARG K 151 -29.84 -23.76 -5.10
CA ARG K 151 -29.98 -24.43 -6.32
C ARG K 151 -31.27 -25.13 -6.26
N ILE K 152 -32.11 -24.94 -7.30
CA ILE K 152 -33.30 -25.74 -7.49
C ILE K 152 -33.21 -26.01 -8.97
N GLN K 153 -33.16 -27.33 -9.29
CA GLN K 153 -32.89 -27.98 -10.56
C GLN K 153 -31.66 -27.54 -11.31
N GLN K 154 -30.63 -27.13 -10.54
CA GLN K 154 -29.28 -26.75 -10.92
C GLN K 154 -29.40 -25.50 -11.77
N SER K 155 -30.21 -24.54 -11.24
CA SER K 155 -30.30 -23.17 -11.69
C SER K 155 -30.08 -22.34 -10.42
N LYS K 156 -29.15 -21.39 -10.56
CA LYS K 156 -28.66 -20.56 -9.49
C LYS K 156 -29.62 -19.44 -9.11
N PHE K 157 -29.77 -19.22 -7.75
CA PHE K 157 -30.57 -18.12 -7.13
C PHE K 157 -29.63 -17.69 -5.98
N ILE K 158 -29.74 -16.43 -5.76
CA ILE K 158 -28.99 -15.84 -4.71
C ILE K 158 -29.94 -14.81 -4.08
N LEU K 159 -30.19 -15.05 -2.77
CA LEU K 159 -31.10 -14.28 -2.01
C LEU K 159 -30.22 -13.21 -1.38
N GLY K 160 -30.49 -11.86 -1.63
CA GLY K 160 -29.54 -10.87 -1.25
C GLY K 160 -30.05 -10.32 -0.01
N PRO K 161 -29.29 -9.31 0.58
CA PRO K 161 -29.57 -8.76 1.91
C PRO K 161 -30.65 -7.70 1.85
N ILE K 162 -31.46 -7.72 2.95
CA ILE K 162 -32.58 -6.91 3.16
C ILE K 162 -32.03 -5.77 3.96
N SER K 163 -32.46 -4.55 3.62
CA SER K 163 -32.02 -3.36 4.31
C SER K 163 -33.03 -3.11 5.36
N SER K 164 -32.69 -3.40 6.62
CA SER K 164 -33.52 -3.21 7.81
C SER K 164 -33.35 -1.82 8.24
N ALA K 165 -34.54 -1.11 8.37
CA ALA K 165 -34.57 0.23 9.02
C ALA K 165 -34.32 0.18 10.50
N TRP K 166 -34.88 -0.81 11.22
CA TRP K 166 -34.64 -0.84 12.63
C TRP K 166 -35.08 -2.27 13.06
N SER K 167 -34.79 -2.84 14.24
CA SER K 167 -35.33 -4.09 14.71
C SER K 167 -35.99 -3.87 16.11
N PRO K 168 -37.07 -4.62 16.43
CA PRO K 168 -37.76 -4.39 17.73
C PRO K 168 -36.99 -5.01 18.93
N PHE K 169 -35.97 -5.77 18.66
CA PHE K 169 -35.33 -6.49 19.67
C PHE K 169 -34.14 -5.62 20.01
N ASP K 170 -34.09 -5.08 21.23
CA ASP K 170 -33.08 -4.22 21.73
C ASP K 170 -32.73 -4.75 23.10
N LYS K 171 -32.32 -3.80 24.01
CA LYS K 171 -32.49 -4.02 25.45
C LYS K 171 -33.97 -4.19 25.69
N VAL K 172 -34.36 -5.47 26.00
CA VAL K 172 -35.72 -5.86 26.26
C VAL K 172 -35.62 -6.69 27.46
N ILE K 173 -36.76 -6.87 28.23
CA ILE K 173 -36.86 -7.77 29.38
C ILE K 173 -37.85 -8.78 29.02
N VAL K 174 -37.54 -10.00 29.29
CA VAL K 174 -38.47 -11.12 29.06
C VAL K 174 -38.81 -11.80 30.37
N TYR K 175 -40.11 -11.67 30.74
CA TYR K 175 -40.80 -12.48 31.74
C TYR K 175 -41.37 -13.62 31.08
N ARG K 176 -41.76 -14.66 31.83
CA ARG K 176 -42.25 -15.79 31.14
C ARG K 176 -43.76 -15.70 30.84
N ASP K 177 -44.37 -14.68 31.50
CA ASP K 177 -45.72 -14.33 31.17
C ASP K 177 -45.81 -13.84 29.72
N GLU K 178 -44.80 -13.07 29.21
CA GLU K 178 -44.97 -12.31 28.04
C GLU K 178 -43.65 -11.58 27.88
N VAL K 179 -43.18 -11.51 26.57
CA VAL K 179 -42.07 -10.60 26.19
C VAL K 179 -42.52 -9.18 26.43
N TYR K 180 -41.62 -8.36 26.92
CA TYR K 180 -41.94 -7.02 27.22
C TYR K 180 -40.80 -6.13 26.76
N ASN K 181 -41.04 -4.90 26.30
CA ASN K 181 -40.12 -3.92 25.74
C ASN K 181 -39.89 -3.06 26.94
N GLU K 182 -38.65 -3.00 27.40
CA GLU K 182 -38.31 -2.37 28.56
C GLU K 182 -36.78 -2.36 28.59
N ASP K 183 -36.16 -1.17 28.78
CA ASP K 183 -34.77 -0.96 28.89
C ASP K 183 -34.40 -0.99 30.34
N TYR K 184 -33.12 -1.23 30.64
CA TYR K 184 -32.44 -1.36 31.91
C TYR K 184 -31.14 -0.68 31.71
N ALA K 185 -30.48 -0.50 32.89
CA ALA K 185 -29.18 0.04 32.96
C ALA K 185 -28.33 -1.10 33.42
N PRO K 186 -27.12 -1.33 32.94
CA PRO K 186 -26.42 -2.56 33.23
C PRO K 186 -25.97 -2.55 34.59
N TYR K 187 -26.10 -3.64 35.35
CA TYR K 187 -25.71 -3.81 36.76
C TYR K 187 -26.63 -2.97 37.59
N GLY K 188 -27.96 -2.99 37.26
CA GLY K 188 -28.95 -2.08 37.83
C GLY K 188 -29.81 -2.83 38.85
N SER K 189 -29.47 -4.14 39.15
CA SER K 189 -30.29 -4.98 39.99
C SER K 189 -29.42 -5.28 41.15
N GLY K 190 -29.96 -5.42 42.39
CA GLY K 190 -29.21 -5.53 43.69
C GLY K 190 -29.44 -4.24 44.43
N GLN K 191 -30.22 -3.33 43.87
CA GLN K 191 -30.43 -2.01 44.43
C GLN K 191 -31.93 -1.74 44.35
N ALA K 192 -32.40 -0.70 45.03
CA ALA K 192 -33.72 -0.31 45.20
C ALA K 192 -33.80 0.91 44.38
N GLY K 193 -34.98 1.12 43.81
CA GLY K 193 -35.34 2.28 43.07
C GLY K 193 -35.09 2.14 41.57
N ARG K 194 -34.41 1.02 41.14
CA ARG K 194 -34.01 0.66 39.84
C ARG K 194 -34.38 -0.81 39.70
N PHE K 195 -34.44 -1.29 38.40
CA PHE K 195 -35.06 -2.56 38.06
C PHE K 195 -34.37 -3.72 38.64
N GLY K 196 -35.01 -4.42 39.63
CA GLY K 196 -34.46 -5.52 40.29
C GLY K 196 -34.07 -5.15 41.61
N ASP K 197 -33.56 -6.16 42.39
CA ASP K 197 -33.31 -5.94 43.80
C ASP K 197 -32.49 -7.17 44.16
N ILE K 198 -32.06 -7.97 43.06
CA ILE K 198 -31.41 -9.22 43.24
C ILE K 198 -30.70 -9.36 41.91
N GLN K 199 -29.38 -9.78 41.97
CA GLN K 199 -28.61 -10.03 40.78
C GLN K 199 -27.93 -11.38 40.87
N SER K 200 -28.18 -12.23 39.87
CA SER K 200 -27.57 -13.51 39.80
C SER K 200 -26.96 -13.56 38.42
N ARG K 201 -25.70 -14.05 38.28
CA ARG K 201 -24.97 -13.88 37.06
C ARG K 201 -25.37 -14.88 36.11
N THR K 202 -25.68 -16.15 36.58
CA THR K 202 -26.17 -17.17 35.64
C THR K 202 -27.29 -17.86 36.39
N VAL K 203 -28.10 -18.64 35.73
CA VAL K 203 -29.24 -19.37 36.27
C VAL K 203 -28.70 -20.46 37.28
N ASN K 204 -27.57 -21.11 37.17
CA ASN K 204 -27.18 -22.22 37.98
C ASN K 204 -26.71 -21.66 39.36
N SER K 205 -26.15 -20.41 39.40
CA SER K 205 -25.55 -19.80 40.54
C SER K 205 -26.48 -19.76 41.73
N THR K 206 -26.06 -20.40 42.87
CA THR K 206 -27.00 -20.61 44.00
C THR K 206 -26.85 -19.48 44.90
N ASP K 207 -25.84 -18.56 44.60
CA ASP K 207 -25.63 -17.45 45.52
C ASP K 207 -25.95 -16.22 44.78
N VAL K 208 -26.47 -15.20 45.51
CA VAL K 208 -27.13 -14.06 44.81
C VAL K 208 -26.69 -12.92 45.66
N TYR K 209 -26.70 -11.67 45.13
CA TYR K 209 -26.53 -10.50 45.88
C TYR K 209 -27.90 -9.95 45.93
N ALA K 210 -28.52 -9.85 47.12
CA ALA K 210 -29.92 -9.51 47.30
C ALA K 210 -29.93 -8.53 48.38
N ASN K 211 -31.05 -7.72 48.34
CA ASN K 211 -31.24 -6.55 49.15
C ASN K 211 -32.67 -6.74 49.63
N THR K 212 -32.83 -6.83 50.97
CA THR K 212 -34.13 -6.94 51.54
C THR K 212 -33.98 -6.24 52.85
N ASN K 213 -35.14 -5.90 53.45
CA ASN K 213 -35.22 -5.05 54.65
C ASN K 213 -35.93 -5.95 55.68
N LEU K 214 -35.35 -5.95 56.91
CA LEU K 214 -35.87 -6.65 58.02
C LEU K 214 -35.50 -5.83 59.21
N LYS K 215 -36.40 -5.76 60.22
CA LYS K 215 -36.24 -5.01 61.44
C LYS K 215 -36.43 -5.95 62.58
N LEU K 216 -35.31 -6.18 63.29
CA LEU K 216 -35.29 -7.11 64.38
C LEU K 216 -35.28 -6.29 65.54
N LYS K 217 -35.92 -6.70 66.65
CA LYS K 217 -35.89 -5.98 67.92
C LYS K 217 -35.63 -7.04 69.04
N ARG K 218 -35.36 -6.54 70.30
CA ARG K 218 -35.11 -7.39 71.49
C ARG K 218 -36.45 -7.60 72.18
N PRO K 219 -36.60 -8.63 72.95
CA PRO K 219 -37.81 -8.94 73.67
C PRO K 219 -37.73 -8.19 75.01
N ALA K 220 -38.86 -7.90 75.57
CA ALA K 220 -38.88 -7.08 76.74
C ALA K 220 -40.09 -7.36 77.64
N SER K 221 -40.62 -8.55 77.50
CA SER K 221 -41.86 -8.92 78.07
C SER K 221 -41.85 -10.32 78.51
N GLY K 222 -42.92 -10.77 79.14
CA GLY K 222 -43.10 -12.11 79.61
C GLY K 222 -43.54 -13.10 78.53
N ASN K 223 -43.69 -12.65 77.29
CA ASN K 223 -44.13 -13.40 76.13
C ASN K 223 -42.80 -13.62 75.37
N VAL K 224 -42.79 -14.62 74.42
CA VAL K 224 -41.68 -14.70 73.54
C VAL K 224 -42.09 -14.27 72.02
N VAL K 226 -41.01 -12.51 70.28
CA VAL K 226 -39.81 -11.68 69.91
C VAL K 226 -40.49 -10.61 69.07
N PRO K 227 -40.17 -9.30 69.18
CA PRO K 227 -40.73 -8.38 68.21
C PRO K 227 -39.85 -8.29 66.98
N TYR K 228 -40.55 -8.33 65.75
CA TYR K 228 -39.94 -8.12 64.50
C TYR K 228 -41.02 -7.80 63.51
N THR K 229 -40.71 -6.82 62.56
CA THR K 229 -41.52 -6.45 61.45
C THR K 229 -40.65 -6.67 60.21
N GLN K 230 -41.35 -7.26 59.19
CA GLN K 230 -40.81 -7.87 58.01
C GLN K 230 -41.70 -7.36 56.82
N THR K 231 -41.03 -6.73 55.82
CA THR K 231 -41.63 -6.19 54.57
C THR K 231 -41.46 -7.19 53.44
N PRO K 232 -42.33 -7.19 52.45
CA PRO K 232 -42.19 -8.10 51.27
C PRO K 232 -40.95 -7.91 50.46
N SER K 233 -40.61 -8.85 49.51
CA SER K 233 -39.33 -8.84 48.76
C SER K 233 -39.41 -7.75 47.69
N GLY K 234 -38.25 -7.20 47.24
CA GLY K 234 -38.14 -6.20 46.18
C GLY K 234 -38.52 -6.67 44.79
N PHE K 235 -38.20 -7.94 44.47
CA PHE K 235 -38.51 -8.57 43.26
C PHE K 235 -40.05 -8.72 43.15
N SER K 236 -40.72 -8.96 44.29
CA SER K 236 -42.13 -9.20 44.36
C SER K 236 -42.89 -8.01 43.98
N TYR K 237 -42.35 -6.80 44.23
CA TYR K 237 -42.91 -5.49 43.84
C TYR K 237 -42.85 -5.31 42.35
N TRP K 238 -41.71 -5.64 41.70
CA TRP K 238 -41.56 -5.57 40.24
C TRP K 238 -42.30 -6.61 39.54
N LYS K 239 -42.71 -7.79 40.19
CA LYS K 239 -43.37 -8.88 39.47
C LYS K 239 -44.69 -8.33 38.91
N LYS K 240 -45.41 -7.50 39.71
CA LYS K 240 -46.65 -6.86 39.39
C LYS K 240 -46.54 -5.86 38.28
N GLU K 241 -45.38 -5.10 38.33
CA GLU K 241 -45.25 -3.97 37.41
C GLU K 241 -45.14 -4.38 35.98
N LYS K 242 -44.42 -5.58 35.67
CA LYS K 242 -44.06 -5.95 34.35
C LYS K 242 -43.44 -4.88 33.51
N GLY K 243 -43.81 -4.82 32.20
CA GLY K 243 -43.35 -3.76 31.36
C GLY K 243 -44.51 -3.44 30.48
N VAL K 244 -44.21 -2.97 29.25
CA VAL K 244 -45.31 -2.79 28.27
C VAL K 244 -45.06 -3.74 27.08
N PRO K 245 -46.07 -4.26 26.46
CA PRO K 245 -45.95 -5.52 25.70
C PRO K 245 -44.97 -5.41 24.61
N LEU K 246 -44.17 -6.44 24.33
CA LEU K 246 -43.36 -6.50 23.13
C LEU K 246 -44.12 -7.29 22.04
N ASN K 247 -45.10 -6.65 21.37
CA ASN K 247 -45.97 -7.37 20.46
C ASN K 247 -46.51 -6.31 19.42
N ARG K 248 -46.19 -4.97 19.62
CA ARG K 248 -46.80 -3.92 18.84
C ARG K 248 -45.83 -2.85 18.65
N ASN K 249 -44.62 -3.06 19.27
CA ASN K 249 -43.47 -2.17 19.05
C ASN K 249 -42.93 -2.47 17.68
N ALA K 250 -42.21 -1.36 17.15
CA ALA K 250 -41.50 -1.05 15.86
C ALA K 250 -42.48 -0.59 14.81
N PRO K 251 -42.28 0.40 14.02
CA PRO K 251 -43.24 0.82 13.04
C PRO K 251 -42.89 0.08 11.77
N PHE K 252 -43.77 -0.04 10.78
CA PHE K 252 -43.54 -0.72 9.54
C PHE K 252 -43.50 -2.29 9.67
N GLY K 253 -44.60 -2.92 9.98
CA GLY K 253 -44.82 -4.29 10.34
C GLY K 253 -44.23 -4.63 11.69
N CYS K 254 -43.97 -5.93 11.88
CA CYS K 254 -43.28 -6.45 13.10
C CYS K 254 -44.32 -6.72 14.09
N ILE K 255 -44.70 -7.99 14.25
CA ILE K 255 -45.56 -8.58 15.19
C ILE K 255 -44.69 -9.47 15.91
N ILE K 256 -44.43 -9.24 17.22
CA ILE K 256 -43.51 -10.03 18.00
C ILE K 256 -44.32 -11.01 18.93
N LYS K 257 -44.12 -12.31 18.72
CA LYS K 257 -44.96 -13.25 19.32
C LYS K 257 -44.06 -13.98 20.22
N VAL K 258 -44.60 -14.29 21.32
CA VAL K 258 -43.94 -14.59 22.58
C VAL K 258 -43.25 -15.90 22.46
N ASN K 259 -43.97 -16.99 22.03
CA ASN K 259 -43.49 -18.33 21.98
C ASN K 259 -42.40 -18.52 20.94
N PRO K 260 -42.40 -18.06 19.68
CA PRO K 260 -41.30 -18.24 18.70
C PRO K 260 -40.17 -17.35 19.02
N VAL K 261 -40.36 -16.31 19.83
CA VAL K 261 -39.35 -15.34 20.22
C VAL K 261 -38.82 -14.67 19.02
N ARG K 262 -39.74 -14.18 18.09
CA ARG K 262 -39.33 -13.51 16.81
C ARG K 262 -40.39 -12.65 16.23
N ALA K 263 -40.08 -11.84 15.24
CA ALA K 263 -40.97 -10.82 14.77
C ALA K 263 -41.25 -11.01 13.25
N GLU K 264 -42.56 -11.31 13.01
CA GLU K 264 -43.14 -11.71 11.71
C GLU K 264 -43.54 -10.56 10.88
N ASN K 265 -43.48 -10.59 9.55
CA ASN K 265 -44.08 -9.68 8.61
C ASN K 265 -43.52 -8.26 8.81
N CYS K 266 -42.20 -8.10 8.55
CA CYS K 266 -41.41 -6.91 8.70
C CYS K 266 -40.97 -6.46 7.28
N VAL K 267 -41.65 -5.34 6.82
CA VAL K 267 -41.47 -4.71 5.54
C VAL K 267 -40.47 -3.52 5.78
N TYR K 268 -39.32 -3.61 5.06
CA TYR K 268 -38.22 -2.72 5.27
C TYR K 268 -37.40 -2.95 3.92
N GLY K 269 -36.88 -1.86 3.32
CA GLY K 269 -35.94 -1.91 2.23
C GLY K 269 -36.30 -2.74 1.01
N ASN K 270 -35.24 -2.93 0.21
CA ASN K 270 -35.35 -3.55 -1.09
C ASN K 270 -34.46 -4.75 -0.97
N ILE K 271 -34.77 -5.87 -1.72
CA ILE K 271 -33.99 -7.07 -1.70
C ILE K 271 -33.41 -7.28 -3.11
N PRO K 272 -32.06 -7.13 -3.34
CA PRO K 272 -31.53 -7.48 -4.59
C PRO K 272 -31.49 -8.99 -4.63
N ILE K 273 -31.85 -9.46 -5.85
CA ILE K 273 -31.89 -10.82 -6.15
C ILE K 273 -31.17 -11.04 -7.42
N SER K 274 -30.44 -12.15 -7.66
CA SER K 274 -29.74 -12.38 -8.90
C SER K 274 -29.92 -13.86 -9.13
N MET K 275 -30.10 -14.24 -10.38
CA MET K 275 -30.24 -15.62 -10.76
C MET K 275 -29.72 -15.80 -12.15
N ASP K 276 -29.16 -16.95 -12.30
CA ASP K 276 -28.81 -17.56 -13.64
C ASP K 276 -29.68 -18.76 -13.67
N ILE K 277 -30.65 -18.72 -14.60
CA ILE K 277 -31.73 -19.72 -14.70
C ILE K 277 -31.76 -20.10 -16.11
N ALA K 278 -32.07 -21.43 -16.42
CA ALA K 278 -32.06 -21.95 -17.78
C ALA K 278 -33.42 -21.71 -18.38
N ASP K 279 -33.55 -20.80 -19.38
CA ASP K 279 -34.82 -20.47 -20.00
C ASP K 279 -34.59 -20.57 -21.46
N ALA K 280 -33.41 -21.16 -21.90
CA ALA K 280 -33.01 -21.45 -23.33
C ALA K 280 -32.43 -22.82 -23.16
N PHE K 281 -33.29 -23.96 -23.04
CA PHE K 281 -34.41 -24.27 -23.88
C PHE K 281 -34.08 -24.17 -25.39
N THR K 282 -35.09 -23.65 -26.17
CA THR K 282 -35.00 -23.38 -27.62
C THR K 282 -35.81 -22.09 -27.63
N ARG K 283 -35.10 -21.13 -28.20
CA ARG K 283 -35.64 -19.76 -28.38
C ARG K 283 -35.91 -19.51 -29.82
N ILE K 284 -37.18 -19.11 -30.25
CA ILE K 284 -38.34 -18.69 -29.45
C ILE K 284 -38.91 -19.88 -28.78
N ASP K 285 -39.55 -19.62 -27.69
CA ASP K 285 -40.18 -20.62 -26.77
C ASP K 285 -41.68 -20.36 -27.04
N GLU K 286 -42.01 -19.66 -28.23
CA GLU K 286 -43.27 -19.41 -28.79
C GLU K 286 -43.67 -18.06 -28.28
N SER K 287 -43.84 -17.12 -29.24
CA SER K 287 -44.28 -15.79 -29.00
C SER K 287 -45.37 -15.53 -29.95
N PRO K 288 -46.62 -15.55 -29.47
CA PRO K 288 -47.78 -15.12 -30.32
C PRO K 288 -47.77 -13.63 -30.51
N SER K 289 -48.00 -13.11 -31.76
CA SER K 289 -48.19 -11.76 -32.11
C SER K 289 -49.65 -11.51 -31.68
N VAL K 290 -50.04 -10.30 -31.38
CA VAL K 290 -51.26 -9.94 -30.65
C VAL K 290 -51.73 -8.68 -31.18
N SER K 291 -53.10 -8.56 -31.20
CA SER K 291 -53.91 -7.60 -31.95
C SER K 291 -55.07 -7.26 -31.10
N LEU K 292 -55.81 -6.18 -31.44
CA LEU K 292 -57.15 -5.87 -30.79
C LEU K 292 -57.00 -5.69 -29.26
N LYS K 293 -55.91 -4.92 -28.85
CA LYS K 293 -55.58 -4.81 -27.44
C LYS K 293 -56.46 -3.79 -26.76
N ALA K 294 -57.20 -4.22 -25.70
CA ALA K 294 -58.09 -3.52 -24.92
C ALA K 294 -57.96 -3.75 -23.48
N CYS K 295 -58.53 -2.75 -22.68
CA CYS K 295 -58.53 -2.64 -21.28
C CYS K 295 -59.93 -2.34 -20.96
N GLU K 296 -60.54 -3.27 -20.09
CA GLU K 296 -61.80 -3.03 -19.46
C GLU K 296 -61.50 -2.93 -18.01
N VAL K 297 -62.10 -1.94 -17.32
CA VAL K 297 -61.92 -1.71 -15.90
C VAL K 297 -63.32 -1.70 -15.31
N GLN K 298 -63.54 -2.61 -14.33
CA GLN K 298 -64.87 -2.85 -13.73
C GLN K 298 -64.62 -3.39 -12.33
N SER K 299 -65.76 -3.28 -11.52
CA SER K 299 -65.66 -3.72 -10.18
C SER K 299 -65.00 -2.54 -9.39
N CYS K 300 -65.31 -1.26 -9.67
CA CYS K 300 -64.63 -0.12 -9.14
C CYS K 300 -65.39 0.37 -7.98
N THR K 301 -64.77 0.25 -6.80
CA THR K 301 -65.35 0.55 -5.54
C THR K 301 -64.20 0.88 -4.77
N TYR K 302 -64.37 1.90 -3.95
CA TYR K 302 -63.31 2.61 -3.19
C TYR K 302 -62.78 1.73 -2.11
N SER K 303 -61.45 1.87 -1.85
CA SER K 303 -60.57 1.20 -0.87
C SER K 303 -59.33 0.98 -1.66
N SER K 304 -58.21 0.45 -1.04
CA SER K 304 -56.92 0.37 -1.69
C SER K 304 -56.10 -0.57 -0.83
N ASP K 305 -56.70 -1.17 0.22
CA ASP K 305 -55.97 -2.16 1.03
C ASP K 305 -56.30 -3.52 0.46
N PHE K 306 -56.99 -3.59 -0.72
CA PHE K 306 -57.10 -4.83 -1.42
C PHE K 306 -56.57 -4.61 -2.84
N GLY K 307 -56.36 -5.76 -3.56
CA GLY K 307 -55.79 -5.82 -4.88
C GLY K 307 -56.69 -5.34 -6.04
N GLY K 308 -55.99 -5.17 -7.21
CA GLY K 308 -56.56 -4.63 -8.40
C GLY K 308 -57.23 -5.64 -9.10
N VAL K 309 -58.30 -5.21 -9.82
CA VAL K 309 -59.13 -6.11 -10.61
C VAL K 309 -59.27 -5.36 -11.90
N ALA K 310 -58.59 -5.85 -12.97
CA ALA K 310 -58.61 -5.34 -14.36
C ALA K 310 -58.89 -6.60 -15.20
N SER K 311 -59.41 -6.36 -16.44
CA SER K 311 -59.60 -7.37 -17.38
C SER K 311 -59.05 -6.81 -18.60
N ILE K 312 -58.38 -7.71 -19.32
CA ILE K 312 -57.58 -7.26 -20.48
C ILE K 312 -58.15 -8.11 -21.57
N SER K 313 -58.55 -7.55 -22.72
CA SER K 313 -59.05 -8.28 -23.89
C SER K 313 -58.09 -8.10 -24.99
N TYR K 314 -57.90 -9.20 -25.74
CA TYR K 314 -57.08 -9.23 -26.90
C TYR K 314 -57.49 -10.44 -27.77
N THR K 315 -56.85 -10.57 -28.90
CA THR K 315 -57.11 -11.56 -29.89
C THR K 315 -55.73 -11.92 -30.39
N SER K 316 -55.40 -13.10 -30.77
CA SER K 316 -54.02 -13.54 -31.04
C SER K 316 -54.11 -14.27 -32.40
N ASN K 317 -52.95 -14.42 -33.00
CA ASN K 317 -52.84 -15.02 -34.34
C ASN K 317 -52.05 -16.30 -34.25
N LYS K 318 -51.68 -16.75 -32.99
CA LYS K 318 -50.87 -17.89 -32.76
C LYS K 318 -51.15 -18.23 -31.29
N VAL K 319 -50.81 -19.44 -30.84
CA VAL K 319 -50.81 -19.97 -29.50
C VAL K 319 -49.41 -20.12 -29.20
N GLY K 320 -49.01 -19.59 -28.01
CA GLY K 320 -47.76 -19.84 -27.45
C GLY K 320 -47.70 -19.36 -26.07
N LYS K 321 -46.50 -19.48 -25.47
CA LYS K 321 -46.34 -19.11 -24.12
C LYS K 321 -45.33 -17.96 -23.97
N CYS K 322 -45.73 -16.79 -23.37
CA CYS K 322 -44.87 -15.69 -22.97
C CYS K 322 -44.78 -15.73 -21.56
N ALA K 323 -43.76 -15.01 -20.96
CA ALA K 323 -43.87 -14.81 -19.49
C ALA K 323 -44.18 -13.37 -19.27
N ILE K 324 -45.38 -13.32 -18.79
CA ILE K 324 -46.06 -12.05 -18.65
C ILE K 324 -46.75 -12.28 -17.33
N SER K 325 -46.83 -11.32 -16.36
CA SER K 325 -46.34 -10.01 -16.53
C SER K 325 -45.33 -9.83 -15.47
N SER K 326 -44.01 -9.68 -15.88
CA SER K 326 -43.09 -8.56 -15.68
C SER K 326 -43.31 -7.83 -14.30
N ASN K 327 -43.26 -6.48 -14.24
CA ASN K 327 -43.23 -5.63 -13.05
C ASN K 327 -43.76 -4.34 -13.40
N SER K 328 -44.10 -4.05 -14.67
CA SER K 328 -44.74 -2.83 -15.14
C SER K 328 -46.21 -3.06 -14.89
N ALA K 329 -46.57 -4.36 -14.55
CA ALA K 329 -47.82 -4.79 -13.96
C ALA K 329 -47.69 -6.12 -13.33
N THR K 330 -48.74 -6.65 -12.64
CA THR K 330 -48.75 -7.90 -11.85
C THR K 330 -49.88 -8.86 -12.37
N MET K 331 -49.46 -10.09 -12.81
CA MET K 331 -50.37 -11.10 -13.27
C MET K 331 -50.65 -12.11 -12.18
N LYS K 332 -51.71 -12.87 -12.39
CA LYS K 332 -52.01 -13.99 -11.54
C LYS K 332 -51.12 -15.16 -11.89
N ASP K 333 -51.09 -15.43 -13.28
CA ASP K 333 -50.32 -16.47 -13.88
C ASP K 333 -49.06 -15.98 -14.55
N SER K 334 -47.91 -16.66 -14.26
CA SER K 334 -46.67 -16.33 -14.83
C SER K 334 -46.25 -17.32 -15.83
N VAL K 335 -46.85 -18.53 -15.80
CA VAL K 335 -46.69 -19.56 -16.77
C VAL K 335 -48.03 -19.61 -17.32
N GLN K 336 -48.08 -19.13 -18.55
CA GLN K 336 -49.35 -18.74 -19.01
C GLN K 336 -49.50 -19.05 -20.46
N ASP K 337 -50.56 -19.75 -20.78
CA ASP K 337 -51.00 -20.04 -22.17
C ASP K 337 -51.78 -18.87 -22.76
N VAL K 338 -51.22 -18.20 -23.82
CA VAL K 338 -51.77 -17.08 -24.50
C VAL K 338 -52.44 -17.70 -25.78
N GLN K 339 -53.75 -17.46 -25.89
CA GLN K 339 -54.48 -18.02 -27.02
C GLN K 339 -55.30 -16.96 -27.71
N GLU K 340 -55.77 -17.44 -28.93
CA GLU K 340 -56.57 -16.64 -29.75
C GLU K 340 -57.84 -16.38 -29.09
N SER K 341 -58.29 -15.07 -29.13
CA SER K 341 -59.45 -14.54 -28.44
C SER K 341 -59.39 -14.63 -26.97
N GLY K 342 -58.29 -14.04 -26.39
CA GLY K 342 -57.93 -14.36 -25.01
C GLY K 342 -58.38 -13.37 -24.09
N ALA K 343 -59.64 -13.38 -23.73
CA ALA K 343 -60.03 -12.37 -22.71
C ALA K 343 -59.78 -12.99 -21.31
N LEU K 344 -59.10 -12.22 -20.43
CA LEU K 344 -58.63 -12.69 -19.20
C LEU K 344 -58.85 -11.66 -18.17
N SER K 345 -59.67 -12.09 -17.13
CA SER K 345 -59.77 -11.34 -15.93
C SER K 345 -58.65 -11.87 -15.12
N LEU K 346 -57.81 -10.99 -14.49
CA LEU K 346 -56.59 -11.45 -13.90
C LEU K 346 -56.48 -10.65 -12.68
N PHE K 347 -55.60 -11.07 -11.73
CA PHE K 347 -55.50 -10.36 -10.44
C PHE K 347 -54.16 -9.58 -10.39
N PHE K 348 -54.19 -8.45 -9.68
CA PHE K 348 -53.06 -7.54 -9.66
C PHE K 348 -52.88 -7.33 -8.20
N ALA K 349 -51.78 -6.63 -7.88
CA ALA K 349 -51.46 -6.46 -6.50
C ALA K 349 -50.54 -5.28 -6.26
N THR K 350 -50.08 -4.81 -7.45
CA THR K 350 -49.46 -3.50 -7.47
C THR K 350 -50.37 -2.78 -8.36
N SER K 351 -51.15 -1.85 -7.82
CA SER K 351 -52.09 -1.00 -8.67
C SER K 351 -52.49 0.00 -7.68
N SER K 352 -51.79 0.06 -6.52
CA SER K 352 -52.03 1.06 -5.43
C SER K 352 -50.73 1.69 -5.00
N VAL K 353 -49.55 0.92 -5.16
CA VAL K 353 -48.22 1.55 -4.95
C VAL K 353 -47.97 2.39 -6.18
N GLU K 354 -48.33 1.76 -7.37
CA GLU K 354 -48.26 2.27 -8.73
C GLU K 354 -49.59 2.08 -9.34
N PRO K 355 -50.52 3.02 -9.21
CA PRO K 355 -51.75 3.00 -9.90
C PRO K 355 -51.66 2.96 -11.40
N ASN K 356 -50.62 3.57 -12.06
CA ASN K 356 -50.48 3.35 -13.45
C ASN K 356 -50.07 1.90 -13.75
N PHE K 357 -50.54 1.29 -14.78
CA PHE K 357 -50.09 -0.05 -15.18
C PHE K 357 -50.11 -0.23 -16.67
N VAL K 358 -48.91 -0.72 -17.17
CA VAL K 358 -48.65 -0.96 -18.55
C VAL K 358 -48.65 -2.48 -18.60
N VAL K 359 -49.86 -3.04 -19.02
CA VAL K 359 -50.14 -4.42 -19.05
C VAL K 359 -49.65 -4.90 -20.38
N GLN K 360 -48.94 -6.10 -20.45
CA GLN K 360 -48.35 -6.53 -21.74
C GLN K 360 -49.02 -7.84 -21.91
N VAL K 361 -49.19 -8.27 -23.21
CA VAL K 361 -49.48 -9.66 -23.44
C VAL K 361 -48.49 -9.85 -24.60
N CYS K 362 -47.29 -10.31 -24.18
CA CYS K 362 -46.08 -10.57 -25.00
C CYS K 362 -45.50 -9.22 -25.28
N ASN K 363 -45.17 -8.95 -26.53
CA ASN K 363 -44.79 -7.78 -27.11
C ASN K 363 -45.78 -6.64 -27.01
N ALA K 364 -47.08 -6.92 -27.21
CA ALA K 364 -48.00 -5.76 -27.40
C ALA K 364 -48.42 -5.25 -26.06
N ARG K 365 -48.72 -3.97 -25.89
CA ARG K 365 -49.08 -3.48 -24.57
C ARG K 365 -49.86 -2.27 -24.65
N ILE K 366 -50.63 -1.86 -23.52
CA ILE K 366 -51.39 -0.59 -23.41
C ILE K 366 -51.36 -0.16 -21.97
N THR K 367 -51.90 0.99 -21.66
CA THR K 367 -51.90 1.68 -20.39
C THR K 367 -53.31 1.72 -19.88
N CYS K 368 -53.50 1.58 -18.50
CA CYS K 368 -54.75 1.71 -17.72
C CYS K 368 -54.30 2.20 -16.35
N GLY K 369 -55.15 2.70 -15.41
CA GLY K 369 -56.56 2.36 -15.19
C GLY K 369 -57.40 3.53 -15.66
N LYS K 370 -58.55 3.79 -15.00
CA LYS K 370 -59.43 4.84 -15.41
C LYS K 370 -60.33 5.25 -14.31
N CYS K 371 -60.24 4.47 -13.22
CA CYS K 371 -60.99 4.56 -12.00
C CYS K 371 -60.07 5.14 -11.03
N GLU K 372 -60.28 6.39 -10.56
CA GLU K 372 -59.60 7.15 -9.53
C GLU K 372 -60.68 8.13 -9.08
N PRO K 373 -60.53 8.66 -7.82
CA PRO K 373 -61.66 9.40 -7.12
C PRO K 373 -62.08 10.54 -8.04
N PRO K 374 -63.32 10.80 -8.36
CA PRO K 374 -63.64 11.99 -9.22
C PRO K 374 -63.94 13.12 -8.26
N LYS K 375 -63.89 14.37 -8.72
CA LYS K 375 -64.01 15.52 -7.95
C LYS K 375 -63.67 16.61 -9.01
N ASP K 376 -64.68 17.47 -9.27
CA ASP K 376 -64.60 18.65 -10.16
C ASP K 376 -65.96 19.43 -9.90
N ILE K 377 -67.17 18.84 -9.96
CA ILE K 377 -67.69 17.55 -9.64
C ILE K 377 -68.02 16.60 -10.72
N VAL K 378 -67.93 17.15 -11.97
CA VAL K 378 -67.96 16.35 -13.16
C VAL K 378 -66.76 15.31 -13.10
N PRO K 379 -66.96 14.05 -13.37
CA PRO K 379 -65.92 13.05 -13.54
C PRO K 379 -64.78 13.45 -14.46
N TYR K 380 -63.55 13.24 -14.02
CA TYR K 380 -62.31 13.46 -14.70
C TYR K 380 -61.33 12.58 -14.07
N ALA K 381 -60.56 11.85 -15.04
CA ALA K 381 -59.61 10.87 -14.68
C ALA K 381 -58.59 10.79 -15.73
N ALA K 382 -57.32 11.13 -15.42
CA ALA K 382 -56.26 11.06 -16.36
C ALA K 382 -55.01 10.79 -15.59
N LYS K 383 -54.09 9.97 -16.17
CA LYS K 383 -52.94 9.48 -15.50
C LYS K 383 -51.89 9.78 -16.56
N ASN K 384 -50.64 10.16 -16.16
CA ASN K 384 -49.94 9.88 -14.93
C ASN K 384 -49.83 11.15 -14.12
N ASP K 385 -50.34 12.30 -14.62
CA ASP K 385 -50.29 13.49 -13.78
C ASP K 385 -51.72 13.97 -13.79
N ALA K 386 -52.13 14.44 -12.60
CA ALA K 386 -53.41 14.88 -12.21
C ALA K 386 -53.28 16.23 -11.54
N GLU K 387 -54.06 17.28 -12.07
CA GLU K 387 -53.92 18.72 -11.77
C GLU K 387 -54.83 19.04 -10.59
N PHE K 388 -55.60 18.00 -10.19
CA PHE K 388 -56.63 17.97 -9.24
C PHE K 388 -57.84 18.63 -9.78
N PRO K 389 -58.04 18.51 -11.07
CA PRO K 389 -59.21 17.72 -11.39
C PRO K 389 -58.76 17.07 -12.62
N SER K 390 -57.51 16.65 -12.53
CA SER K 390 -56.75 15.99 -13.58
C SER K 390 -56.61 16.84 -14.80
N ILE K 391 -56.29 16.23 -15.94
CA ILE K 391 -56.11 16.96 -17.15
C ILE K 391 -57.41 16.86 -17.87
N SER K 392 -58.08 18.02 -17.97
CA SER K 392 -59.48 18.14 -18.45
C SER K 392 -59.59 19.50 -19.05
N THR K 393 -60.68 19.84 -19.84
CA THR K 393 -60.92 21.10 -20.42
C THR K 393 -61.04 22.19 -19.43
N THR K 394 -61.82 21.82 -18.41
CA THR K 394 -62.15 22.70 -17.34
C THR K 394 -60.89 23.16 -16.54
N ALA K 395 -59.94 22.24 -16.28
CA ALA K 395 -58.67 22.52 -15.64
C ALA K 395 -57.82 23.45 -16.39
N TRP K 396 -57.78 23.22 -17.73
CA TRP K 396 -57.01 24.03 -18.70
C TRP K 396 -57.56 25.45 -18.75
N GLN K 397 -58.95 25.50 -18.68
CA GLN K 397 -59.62 26.75 -18.79
C GLN K 397 -59.37 27.65 -17.61
N TRP K 398 -59.36 27.03 -16.39
CA TRP K 398 -59.14 27.70 -15.11
C TRP K 398 -57.74 28.22 -15.00
N LEU K 399 -56.73 27.42 -15.43
CA LEU K 399 -55.33 27.67 -15.56
C LEU K 399 -54.95 28.87 -16.47
N ALA K 400 -55.66 28.98 -17.58
CA ALA K 400 -55.56 30.19 -18.50
C ALA K 400 -55.41 31.61 -17.95
N THR K 401 -55.83 31.89 -16.71
CA THR K 401 -55.47 33.08 -15.89
C THR K 401 -54.00 33.54 -15.92
N THR K 402 -53.07 32.57 -15.75
CA THR K 402 -51.60 32.68 -15.67
C THR K 402 -51.01 33.28 -16.87
N SER K 403 -51.61 32.84 -18.02
CA SER K 403 -51.30 33.35 -19.34
C SER K 403 -51.44 34.85 -19.51
N GLY K 404 -52.44 35.50 -18.86
CA GLY K 404 -52.84 36.88 -19.11
C GLY K 404 -51.79 37.91 -18.94
N PRO K 405 -51.07 37.99 -17.81
CA PRO K 405 -50.05 39.03 -17.68
C PRO K 405 -48.98 38.96 -18.70
N LEU K 406 -48.64 37.73 -19.19
CA LEU K 406 -47.51 37.41 -19.99
C LEU K 406 -47.69 37.87 -21.35
N THR K 407 -48.93 37.71 -21.86
CA THR K 407 -49.26 38.15 -23.21
C THR K 407 -49.16 39.65 -23.41
N ILE K 408 -49.75 40.47 -22.46
CA ILE K 408 -49.88 41.90 -22.46
C ILE K 408 -48.53 42.49 -22.28
N LEU K 409 -47.62 41.73 -21.54
CA LEU K 409 -46.29 42.04 -21.13
C LEU K 409 -45.42 42.26 -22.33
N VAL K 410 -45.56 41.35 -23.36
CA VAL K 410 -44.83 41.52 -24.63
C VAL K 410 -45.21 42.86 -25.31
N VAL K 411 -46.56 43.25 -25.28
CA VAL K 411 -46.98 44.46 -25.92
C VAL K 411 -46.44 45.74 -25.27
N ALA K 412 -46.40 45.69 -23.87
CA ALA K 412 -46.09 46.74 -22.93
C ALA K 412 -44.70 47.25 -23.12
N ILE K 413 -43.77 46.27 -23.35
CA ILE K 413 -42.38 46.56 -23.60
C ILE K 413 -42.12 47.42 -24.86
N ILE K 414 -42.78 47.12 -25.93
CA ILE K 414 -42.77 47.67 -27.24
C ILE K 414 -43.20 49.17 -27.26
N VAL K 415 -44.30 49.48 -26.54
CA VAL K 415 -44.85 50.79 -26.44
C VAL K 415 -43.86 51.56 -25.68
N VAL K 416 -43.15 51.04 -24.61
CA VAL K 416 -42.17 51.74 -23.89
C VAL K 416 -40.98 52.05 -24.79
N VAL K 417 -40.56 51.11 -25.70
CA VAL K 417 -39.44 51.22 -26.49
C VAL K 417 -39.51 52.21 -27.57
N VAL K 418 -40.64 52.21 -28.24
CA VAL K 418 -40.73 53.10 -29.39
C VAL K 418 -40.58 54.51 -29.00
N VAL K 419 -41.18 54.94 -27.85
CA VAL K 419 -41.05 56.34 -27.41
C VAL K 419 -39.56 56.73 -27.15
N SER K 420 -38.75 55.72 -26.61
CA SER K 420 -37.34 55.88 -26.34
C SER K 420 -36.44 56.03 -27.52
N ILE K 421 -36.74 55.37 -28.64
CA ILE K 421 -36.04 55.48 -29.88
C ILE K 421 -35.99 56.87 -30.37
N VAL K 422 -37.13 57.67 -30.27
CA VAL K 422 -37.25 59.06 -30.61
C VAL K 422 -36.34 59.97 -29.88
N VAL K 423 -36.21 59.81 -28.53
CA VAL K 423 -35.35 60.59 -27.66
C VAL K 423 -33.95 60.46 -28.01
N CYS K 424 -33.51 59.20 -28.29
CA CYS K 424 -32.12 58.81 -28.49
C CYS K 424 -31.53 59.42 -29.78
N ALA K 425 -32.42 59.54 -30.85
CA ALA K 425 -32.19 59.82 -32.26
C ALA K 425 -31.42 61.13 -32.57
N ARG K 426 -31.85 62.16 -31.76
CA ARG K 426 -31.45 63.45 -31.77
C ARG K 426 -32.03 64.23 -33.01
N HIS K 427 -33.07 63.77 -33.60
N SER L 1 -36.37 -35.68 53.67
CA SER L 1 -35.41 -36.82 53.56
C SER L 1 -35.75 -37.60 52.32
N VAL L 2 -35.54 -38.93 52.35
CA VAL L 2 -35.60 -39.94 51.25
C VAL L 2 -37.05 -40.19 50.86
N ALA L 3 -37.90 -40.19 51.93
CA ALA L 3 -39.26 -40.64 51.83
C ALA L 3 -40.04 -40.11 52.98
N HIS L 4 -41.41 -40.22 52.90
CA HIS L 4 -42.42 -39.69 53.80
C HIS L 4 -42.29 -40.26 55.16
N PHE L 5 -42.05 -41.54 55.37
CA PHE L 5 -41.90 -42.12 56.67
C PHE L 5 -40.69 -41.68 57.48
N GLU L 6 -39.57 -41.70 56.78
CA GLU L 6 -38.32 -41.41 57.26
C GLU L 6 -38.24 -39.90 57.53
N ALA L 7 -38.78 -39.02 56.64
CA ALA L 7 -38.71 -37.57 56.78
C ALA L 7 -39.34 -37.11 58.04
N TYR L 8 -40.56 -37.65 58.24
CA TYR L 8 -41.34 -37.21 59.34
C TYR L 8 -40.86 -37.55 60.78
N LYS L 9 -40.31 -38.80 60.91
CA LYS L 9 -39.67 -39.24 62.10
C LYS L 9 -38.48 -38.50 62.48
N ALA L 10 -37.48 -38.27 61.50
CA ALA L 10 -36.20 -37.70 61.84
C ALA L 10 -36.30 -36.28 62.22
N THR L 11 -37.21 -35.48 61.49
CA THR L 11 -37.38 -34.15 61.91
C THR L 11 -38.66 -34.04 62.56
N ARG L 12 -38.67 -34.39 63.91
CA ARG L 12 -39.87 -34.45 64.75
C ARG L 12 -40.72 -33.20 64.59
N PRO L 13 -42.07 -33.28 64.64
CA PRO L 13 -42.98 -32.13 64.76
C PRO L 13 -42.80 -31.32 66.05
N TYR L 14 -43.49 -30.12 66.08
CA TYR L 14 -43.16 -29.23 67.13
C TYR L 14 -44.25 -28.19 67.14
N ILE L 15 -44.27 -27.53 68.32
CA ILE L 15 -45.11 -26.42 68.72
C ILE L 15 -44.44 -25.09 68.47
N GLY L 16 -45.16 -24.02 68.14
CA GLY L 16 -44.54 -22.78 67.91
C GLY L 16 -45.46 -21.77 68.41
N TRP L 17 -44.90 -20.52 68.52
CA TRP L 17 -45.60 -19.33 69.00
C TRP L 17 -46.61 -19.00 67.92
N CYS L 18 -47.85 -18.77 68.33
CA CYS L 18 -48.92 -18.22 67.45
C CYS L 18 -49.57 -17.20 68.33
N ALA L 19 -49.68 -15.95 67.77
CA ALA L 19 -50.14 -14.83 68.52
C ALA L 19 -51.66 -14.71 68.43
N ASP L 20 -52.42 -15.70 67.87
CA ASP L 20 -53.87 -15.86 67.84
C ASP L 20 -54.17 -17.22 68.27
N CYS L 21 -55.03 -17.38 69.25
CA CYS L 21 -55.38 -18.60 69.91
C CYS L 21 -56.98 -18.73 70.06
N GLY L 22 -57.68 -17.79 69.38
CA GLY L 22 -59.07 -17.70 69.46
C GLY L 22 -59.54 -16.57 68.64
N LEU L 23 -58.66 -15.91 67.95
CA LEU L 23 -58.73 -14.70 67.19
C LEU L 23 -58.30 -13.60 68.15
N ALA L 24 -57.55 -13.91 69.24
CA ALA L 24 -57.06 -12.96 70.21
C ALA L 24 -56.64 -13.80 71.40
N GLY L 25 -55.48 -13.47 71.96
CA GLY L 25 -54.83 -14.23 72.95
C GLY L 25 -53.59 -14.84 72.27
N SER L 26 -52.41 -14.72 72.85
CA SER L 26 -51.12 -15.12 72.33
C SER L 26 -50.75 -16.30 73.24
N CYS L 27 -50.35 -17.44 72.70
CA CYS L 27 -50.08 -18.70 73.37
C CYS L 27 -49.24 -19.49 72.44
N PRO L 28 -48.54 -20.52 72.91
CA PRO L 28 -48.03 -21.61 72.09
C PRO L 28 -49.21 -22.34 71.61
N SER L 29 -49.38 -22.46 70.27
CA SER L 29 -50.39 -23.16 69.54
C SER L 29 -49.65 -24.24 68.91
N PRO L 30 -50.16 -25.48 68.75
CA PRO L 30 -49.40 -26.55 68.04
C PRO L 30 -49.51 -26.42 66.60
N VAL L 31 -50.58 -25.66 66.22
CA VAL L 31 -50.70 -25.16 64.89
C VAL L 31 -50.16 -23.74 64.86
N SER L 32 -49.15 -23.51 63.93
CA SER L 32 -48.51 -22.24 63.77
C SER L 32 -48.15 -22.28 62.34
N ILE L 33 -48.40 -21.17 61.57
CA ILE L 33 -48.09 -20.95 60.22
C ILE L 33 -46.74 -20.33 60.18
N GLU L 34 -45.84 -21.06 59.47
CA GLU L 34 -44.46 -20.80 59.43
C GLU L 34 -44.10 -19.73 58.41
N HIS L 35 -44.77 -19.92 57.31
CA HIS L 35 -44.57 -19.17 56.05
C HIS L 35 -45.71 -19.55 55.09
N VAL L 36 -46.14 -18.49 54.37
CA VAL L 36 -46.93 -18.63 53.23
C VAL L 36 -46.18 -18.07 52.13
N TRP L 37 -46.02 -18.90 51.08
CA TRP L 37 -45.31 -18.54 49.83
C TRP L 37 -46.25 -18.67 48.59
N SER L 38 -46.27 -17.72 47.68
CA SER L 38 -47.10 -17.90 46.50
C SER L 38 -46.21 -17.59 45.26
N ASP L 39 -46.09 -18.64 44.41
CA ASP L 39 -45.29 -18.63 43.23
C ASP L 39 -46.11 -19.19 42.13
N ALA L 40 -47.46 -19.24 42.42
CA ALA L 40 -48.44 -19.75 41.48
C ALA L 40 -49.27 -18.59 41.05
N ASP L 41 -49.71 -18.61 39.76
CA ASP L 41 -50.52 -17.62 39.15
C ASP L 41 -51.92 -18.22 39.08
N ASP L 42 -52.15 -19.39 39.75
CA ASP L 42 -53.44 -20.17 39.83
C ASP L 42 -53.94 -19.73 41.19
N GLY L 43 -53.24 -18.77 41.90
CA GLY L 43 -53.72 -18.16 43.09
C GLY L 43 -53.43 -19.02 44.33
N VAL L 44 -52.66 -20.14 44.15
CA VAL L 44 -52.48 -21.22 45.21
C VAL L 44 -51.54 -20.74 46.24
N LEU L 45 -51.82 -21.05 47.51
CA LEU L 45 -51.04 -20.64 48.66
C LEU L 45 -50.42 -21.89 49.17
N LYS L 46 -49.09 -21.87 49.37
CA LYS L 46 -48.34 -22.99 49.86
C LYS L 46 -48.07 -22.51 51.25
N ILE L 47 -48.72 -23.15 52.23
CA ILE L 47 -48.70 -22.75 53.56
C ILE L 47 -47.96 -23.79 54.25
N GLN L 48 -47.14 -23.35 55.15
CA GLN L 48 -46.30 -24.22 55.88
C GLN L 48 -46.86 -24.08 57.28
N VAL L 49 -47.06 -25.20 57.96
CA VAL L 49 -47.62 -25.30 59.28
C VAL L 49 -46.78 -26.32 59.98
N SER L 50 -46.94 -26.33 61.35
CA SER L 50 -46.12 -27.20 62.15
C SER L 50 -46.65 -28.56 62.42
N MET L 51 -47.94 -28.86 62.06
CA MET L 51 -48.50 -30.19 62.20
C MET L 51 -48.17 -30.89 60.96
N GLN L 52 -48.23 -32.23 61.07
CA GLN L 52 -47.98 -33.17 60.09
C GLN L 52 -49.23 -34.05 59.89
N ILE L 53 -49.76 -33.89 58.69
CA ILE L 53 -51.06 -34.42 58.27
C ILE L 53 -50.82 -35.70 57.45
N GLY L 54 -51.65 -36.77 57.75
CA GLY L 54 -51.62 -38.06 57.11
C GLY L 54 -50.69 -39.07 57.71
N ILE L 55 -50.01 -38.75 58.85
CA ILE L 55 -49.23 -39.78 59.54
C ILE L 55 -49.53 -39.71 60.97
N ALA L 56 -49.56 -40.89 61.61
CA ALA L 56 -49.83 -41.07 63.02
C ALA L 56 -48.58 -41.10 63.83
N LYS L 57 -48.70 -41.32 65.19
CA LYS L 57 -47.56 -41.38 66.03
C LYS L 57 -46.84 -42.68 66.09
N SER L 58 -47.43 -43.75 65.46
CA SER L 58 -46.92 -45.05 65.49
C SER L 58 -46.00 -45.32 64.34
N ASN L 59 -45.86 -44.24 63.50
CA ASN L 59 -45.07 -44.29 62.27
C ASN L 59 -45.74 -45.17 61.27
N THR L 60 -47.08 -44.94 60.94
CA THR L 60 -47.87 -45.75 59.98
C THR L 60 -48.77 -44.70 59.36
N ILE L 61 -49.50 -44.97 58.26
CA ILE L 61 -50.32 -43.95 57.51
C ILE L 61 -51.79 -44.17 57.75
N ASN L 62 -52.47 -43.11 58.25
CA ASN L 62 -53.91 -43.11 58.40
C ASN L 62 -54.21 -41.76 57.98
N HIS L 63 -55.11 -41.59 57.03
CA HIS L 63 -55.59 -40.26 56.68
C HIS L 63 -56.43 -39.72 57.79
N ALA L 64 -57.11 -40.55 58.65
CA ALA L 64 -57.98 -40.17 59.72
C ALA L 64 -57.15 -39.50 60.77
N LYS L 65 -55.86 -39.85 60.92
CA LYS L 65 -55.04 -39.35 62.01
C LYS L 65 -54.06 -38.28 61.46
N ILE L 66 -53.43 -37.55 62.42
CA ILE L 66 -52.52 -36.44 62.15
C ILE L 66 -51.67 -36.59 63.38
N ARG L 67 -50.36 -36.12 63.34
CA ARG L 67 -49.37 -36.21 64.43
C ARG L 67 -48.78 -34.83 64.70
N TYR L 68 -48.81 -34.37 66.00
CA TYR L 68 -48.34 -33.14 66.43
C TYR L 68 -47.70 -33.44 67.76
N MET L 69 -46.81 -32.49 68.15
CA MET L 69 -46.06 -32.55 69.30
C MET L 69 -46.14 -31.13 69.83
N GLY L 70 -46.50 -30.98 71.13
CA GLY L 70 -46.36 -29.69 71.76
C GLY L 70 -46.05 -29.90 73.18
N ALA L 71 -46.72 -29.34 74.23
CA ALA L 71 -46.23 -29.36 75.59
C ALA L 71 -46.88 -30.55 76.35
N ASN L 72 -47.66 -31.33 75.72
CA ASN L 72 -48.10 -32.69 76.14
C ASN L 72 -47.29 -33.74 75.47
N GLY L 73 -46.18 -33.33 74.86
CA GLY L 73 -45.38 -34.21 73.97
C GLY L 73 -46.10 -34.62 72.76
N VAL L 74 -45.59 -35.70 72.21
CA VAL L 74 -45.95 -36.11 70.88
C VAL L 74 -47.21 -36.94 71.04
N GLN L 75 -48.31 -36.47 70.31
CA GLN L 75 -49.63 -37.13 70.27
C GLN L 75 -50.20 -37.33 68.85
N GLU L 76 -51.18 -38.26 68.65
CA GLU L 76 -52.02 -38.57 67.47
C GLU L 76 -53.18 -37.81 67.70
N ALA L 77 -53.92 -37.31 66.67
CA ALA L 77 -55.23 -36.78 66.86
C ALA L 77 -56.07 -37.17 65.69
N GLU L 78 -57.38 -37.08 65.91
CA GLU L 78 -58.32 -37.38 64.78
C GLU L 78 -58.64 -36.17 64.05
N ARG L 79 -58.86 -36.29 62.74
CA ARG L 79 -59.12 -35.30 61.77
C ARG L 79 -60.31 -35.73 60.99
N SER L 80 -61.33 -34.85 60.84
CA SER L 80 -62.61 -35.16 60.25
C SER L 80 -63.09 -33.73 59.84
N THR L 81 -62.35 -32.63 60.22
CA THR L 81 -62.67 -31.27 59.90
C THR L 81 -61.31 -30.58 59.72
N LEU L 82 -61.14 -29.89 58.61
CA LEU L 82 -59.87 -29.18 58.40
C LEU L 82 -60.33 -28.00 57.59
N SER L 83 -59.86 -26.77 58.00
CA SER L 83 -60.25 -25.62 57.15
C SER L 83 -59.22 -24.53 57.17
N VAL L 84 -59.22 -23.71 56.06
CA VAL L 84 -58.39 -22.56 55.94
C VAL L 84 -59.45 -21.54 55.62
N SER L 85 -59.15 -20.29 56.08
CA SER L 85 -60.09 -19.12 55.99
C SER L 85 -59.22 -17.96 56.05
N THR L 86 -59.30 -17.15 54.96
CA THR L 86 -58.71 -15.83 54.75
C THR L 86 -59.62 -14.98 55.54
N THR L 87 -60.61 -14.31 54.89
CA THR L 87 -61.56 -13.46 55.62
C THR L 87 -62.91 -13.98 55.20
N ALA L 88 -62.86 -15.06 54.43
CA ALA L 88 -63.89 -15.79 53.77
C ALA L 88 -63.44 -17.13 53.35
N PRO L 89 -64.30 -18.10 53.27
CA PRO L 89 -63.90 -19.48 53.03
C PRO L 89 -62.96 -19.84 51.89
N CYS L 90 -62.30 -21.00 52.02
CA CYS L 90 -61.37 -21.52 51.01
C CYS L 90 -61.59 -22.92 50.80
N ASP L 91 -61.05 -23.32 49.63
CA ASP L 91 -61.12 -24.69 49.13
C ASP L 91 -59.73 -25.22 49.26
N ILE L 92 -59.49 -26.43 49.83
CA ILE L 92 -58.17 -27.00 49.98
C ILE L 92 -57.89 -27.85 48.80
N LEU L 93 -56.84 -27.47 47.96
CA LEU L 93 -56.41 -28.19 46.73
C LEU L 93 -55.77 -29.50 47.07
N ALA L 94 -54.90 -29.52 48.11
CA ALA L 94 -54.12 -30.74 48.43
C ALA L 94 -53.43 -30.42 49.73
N THR L 95 -53.17 -31.48 50.53
CA THR L 95 -52.52 -31.37 51.81
C THR L 95 -51.73 -32.63 51.89
N MET L 96 -50.42 -32.50 52.38
CA MET L 96 -49.45 -33.57 52.57
C MET L 96 -48.60 -32.94 53.61
N GLY L 97 -48.55 -33.68 54.81
CA GLY L 97 -47.74 -33.34 55.96
C GLY L 97 -47.77 -31.86 56.35
N HIS L 98 -46.53 -31.28 56.44
CA HIS L 98 -46.25 -29.94 56.82
C HIS L 98 -46.90 -28.95 55.92
N PHE L 99 -47.06 -29.30 54.62
CA PHE L 99 -47.43 -28.39 53.66
C PHE L 99 -48.90 -28.44 53.36
N ILE L 100 -49.58 -27.28 53.12
CA ILE L 100 -50.97 -27.23 52.73
C ILE L 100 -51.05 -26.40 51.49
N LEU L 101 -51.78 -26.80 50.48
CA LEU L 101 -52.26 -26.09 49.29
C LEU L 101 -53.65 -25.78 49.40
N ALA L 102 -53.89 -24.53 49.03
CA ALA L 102 -55.28 -24.06 49.24
C ALA L 102 -55.47 -22.99 48.20
N ARG L 103 -56.74 -22.79 47.75
CA ARG L 103 -57.14 -21.66 46.97
C ARG L 103 -58.15 -20.97 47.94
N CYS L 104 -57.82 -19.68 48.33
CA CYS L 104 -58.54 -18.81 49.24
C CYS L 104 -58.89 -17.55 48.43
N ARG L 105 -59.75 -16.81 49.10
CA ARG L 105 -60.28 -15.51 48.75
C ARG L 105 -59.32 -14.38 49.14
N PRO L 106 -59.44 -13.07 48.86
CA PRO L 106 -58.59 -12.13 49.45
C PRO L 106 -58.72 -12.07 50.97
N GLY L 107 -57.61 -11.69 51.66
CA GLY L 107 -57.69 -11.46 53.11
C GLY L 107 -56.35 -10.92 53.54
N SER L 108 -56.36 -10.28 54.74
CA SER L 108 -55.21 -9.67 55.42
C SER L 108 -54.54 -10.67 56.29
N GLN L 109 -55.25 -11.68 56.66
CA GLN L 109 -54.87 -12.83 57.50
C GLN L 109 -55.46 -14.16 56.91
N VAL L 110 -54.77 -15.22 57.37
CA VAL L 110 -54.86 -16.61 56.86
C VAL L 110 -54.92 -17.42 58.10
N GLU L 111 -55.90 -18.26 58.15
CA GLU L 111 -56.26 -18.95 59.43
C GLU L 111 -56.18 -20.49 59.09
N VAL L 112 -55.50 -21.31 59.96
CA VAL L 112 -55.46 -22.71 59.79
C VAL L 112 -56.07 -23.07 61.10
N SER L 113 -57.07 -23.95 60.95
CA SER L 113 -57.97 -24.26 62.04
C SER L 113 -58.38 -25.76 61.88
N LEU L 114 -58.90 -26.32 62.96
CA LEU L 114 -59.60 -27.60 62.97
C LEU L 114 -60.49 -27.47 64.10
N SER L 115 -61.37 -28.53 64.28
CA SER L 115 -62.31 -28.56 65.42
C SER L 115 -62.58 -30.02 65.82
N THR L 116 -62.08 -31.08 65.06
CA THR L 116 -62.37 -32.44 65.37
C THR L 116 -61.92 -33.02 66.73
N ASP L 117 -60.63 -32.74 66.93
CA ASP L 117 -60.06 -33.08 68.19
C ASP L 117 -59.08 -32.05 68.77
N PRO L 118 -58.30 -31.28 67.95
CA PRO L 118 -57.40 -30.26 68.51
C PRO L 118 -58.13 -29.09 69.10
N LYS L 119 -59.19 -28.66 68.39
CA LYS L 119 -60.10 -27.59 68.83
C LYS L 119 -59.38 -26.32 69.03
N LEU L 120 -58.57 -25.86 68.02
CA LEU L 120 -57.81 -24.63 68.16
C LEU L 120 -57.62 -24.05 66.84
N LEU L 121 -56.86 -22.96 66.75
CA LEU L 121 -56.75 -22.29 65.49
C LEU L 121 -55.60 -21.38 65.69
N CYS L 122 -55.00 -20.97 64.52
CA CYS L 122 -53.88 -20.10 64.56
C CYS L 122 -54.26 -19.20 63.40
N ARG L 123 -54.20 -17.86 63.61
CA ARG L 123 -54.46 -16.93 62.56
C ARG L 123 -53.30 -15.95 62.54
N THR L 124 -52.65 -15.77 61.31
CA THR L 124 -51.41 -14.99 61.29
C THR L 124 -51.68 -14.16 60.04
N PRO L 125 -51.25 -12.89 59.99
CA PRO L 125 -51.22 -12.08 58.85
C PRO L 125 -50.26 -12.65 57.85
N PHE L 126 -50.84 -12.78 56.70
CA PHE L 126 -50.20 -13.16 55.48
C PHE L 126 -51.13 -12.53 54.48
N SER L 127 -50.63 -11.71 53.53
CA SER L 127 -51.33 -11.07 52.50
C SER L 127 -51.58 -11.95 51.33
N HIS L 128 -52.85 -12.04 50.94
CA HIS L 128 -53.35 -12.74 49.81
C HIS L 128 -54.29 -11.64 49.26
N LYS L 129 -54.06 -11.13 48.05
CA LYS L 129 -54.81 -10.02 47.52
C LYS L 129 -55.67 -10.62 46.42
N PRO L 130 -56.70 -9.95 45.84
CA PRO L 130 -57.52 -10.46 44.75
C PRO L 130 -56.95 -11.15 43.59
N ARG L 131 -57.59 -12.30 43.15
CA ARG L 131 -57.18 -13.12 42.06
C ARG L 131 -58.34 -13.09 41.11
N PHE L 132 -58.14 -12.43 39.95
CA PHE L 132 -59.13 -12.30 38.89
C PHE L 132 -58.34 -12.65 37.57
N ILE L 133 -58.61 -13.84 36.93
CA ILE L 133 -57.99 -14.41 35.80
C ILE L 133 -59.22 -14.68 34.98
N GLY L 134 -59.10 -14.23 33.74
CA GLY L 134 -60.19 -14.18 32.80
C GLY L 134 -60.50 -12.80 32.81
N ASN L 135 -61.80 -12.55 32.47
CA ASN L 135 -62.39 -11.20 32.56
C ASN L 135 -63.83 -11.30 32.94
N GLU L 136 -64.27 -12.59 33.24
CA GLU L 136 -65.62 -12.96 33.61
C GLU L 136 -65.45 -14.06 34.64
N LYS L 137 -66.57 -14.13 35.38
CA LYS L 137 -66.82 -15.12 36.33
C LYS L 137 -68.25 -15.51 36.21
N SER L 138 -68.75 -16.43 37.04
CA SER L 138 -70.09 -16.83 36.96
C SER L 138 -70.47 -17.56 38.21
N PRO L 139 -71.64 -17.65 38.69
CA PRO L 139 -71.96 -18.60 39.77
C PRO L 139 -71.44 -20.05 39.53
N ALA L 140 -70.49 -20.53 40.40
CA ALA L 140 -69.79 -21.78 40.38
C ALA L 140 -68.85 -21.85 39.13
N PRO L 141 -67.98 -20.81 38.92
CA PRO L 141 -67.10 -20.65 37.71
C PRO L 141 -66.45 -21.93 37.27
N THR L 142 -66.44 -22.12 35.93
CA THR L 142 -65.82 -23.24 35.35
C THR L 142 -65.62 -22.87 33.86
N GLY L 143 -66.12 -21.73 33.37
CA GLY L 143 -66.10 -21.29 31.99
C GLY L 143 -64.84 -21.40 31.21
N HIS L 144 -64.90 -21.49 29.86
CA HIS L 144 -63.76 -21.60 29.06
C HIS L 144 -64.00 -20.89 27.80
N LYS L 145 -62.91 -20.20 27.30
CA LYS L 145 -63.02 -19.53 25.98
C LYS L 145 -61.61 -19.40 25.36
N THR L 146 -60.65 -19.39 26.26
CA THR L 146 -59.29 -19.12 25.95
C THR L 146 -58.49 -19.79 27.01
N ARG L 147 -57.36 -20.40 26.68
CA ARG L 147 -56.38 -21.02 27.58
C ARG L 147 -55.33 -19.94 27.76
N ILE L 148 -54.89 -19.69 29.00
CA ILE L 148 -53.85 -18.71 29.28
C ILE L 148 -52.78 -19.46 29.99
N PRO L 149 -51.50 -19.15 29.91
CA PRO L 149 -50.39 -19.73 30.61
C PRO L 149 -50.43 -19.28 32.02
N CYS L 150 -50.09 -20.25 32.91
CA CYS L 150 -49.99 -19.88 34.28
C CYS L 150 -48.97 -20.81 34.84
N LYS L 151 -48.62 -20.47 36.11
CA LYS L 151 -47.69 -21.27 36.86
C LYS L 151 -48.53 -21.72 38.09
N THR L 152 -48.15 -22.90 38.69
CA THR L 152 -48.89 -23.52 39.73
C THR L 152 -47.94 -24.38 40.49
N TYR L 153 -48.50 -24.81 41.72
CA TYR L 153 -47.87 -25.78 42.61
C TYR L 153 -48.72 -27.10 42.41
N SER L 154 -48.00 -28.16 42.02
CA SER L 154 -48.55 -29.47 41.61
C SER L 154 -49.68 -29.91 42.52
N HIS L 155 -50.51 -30.78 41.95
CA HIS L 155 -51.56 -31.42 42.64
C HIS L 155 -50.96 -32.65 43.35
N GLN L 156 -50.07 -33.38 42.70
CA GLN L 156 -49.48 -34.64 43.14
C GLN L 156 -48.56 -34.30 44.25
N THR L 157 -48.34 -35.36 45.11
CA THR L 157 -47.51 -35.25 46.27
C THR L 157 -46.24 -36.00 45.91
N ASP L 158 -45.11 -35.38 46.30
CA ASP L 158 -43.87 -36.04 45.94
C ASP L 158 -43.31 -36.64 47.20
N LEU L 159 -42.76 -37.89 47.16
CA LEU L 159 -42.16 -38.55 48.32
C LEU L 159 -40.79 -37.97 48.51
N THR L 160 -40.08 -37.64 47.42
CA THR L 160 -38.97 -36.72 47.55
C THR L 160 -38.90 -35.94 46.22
N ARG L 161 -38.45 -34.70 46.29
CA ARG L 161 -38.39 -33.73 45.25
C ARG L 161 -38.10 -32.38 45.90
N GLU L 162 -36.88 -31.87 45.71
CA GLU L 162 -36.23 -30.79 46.47
C GLU L 162 -36.19 -30.97 47.99
N GLU L 163 -35.43 -30.13 48.65
CA GLU L 163 -35.34 -30.06 50.13
C GLU L 163 -35.35 -28.67 50.62
N ILE L 164 -35.60 -28.54 51.92
CA ILE L 164 -35.47 -27.34 52.70
C ILE L 164 -34.84 -27.91 53.90
N THR L 165 -34.10 -27.00 54.57
CA THR L 165 -33.37 -27.31 55.80
C THR L 165 -34.27 -27.05 57.06
N MET L 166 -33.93 -27.84 58.10
CA MET L 166 -34.45 -27.73 59.45
C MET L 166 -33.18 -27.73 60.25
N HIS L 167 -33.18 -27.24 61.55
CA HIS L 167 -31.92 -26.99 62.22
C HIS L 167 -32.22 -26.65 63.67
N VAL L 168 -31.12 -26.67 64.49
CA VAL L 168 -31.00 -26.49 65.94
C VAL L 168 -31.39 -27.81 66.71
N PRO L 169 -30.46 -28.65 67.26
CA PRO L 169 -30.65 -29.80 68.19
C PRO L 169 -31.81 -29.70 69.13
N PRO L 170 -32.49 -30.71 69.63
CA PRO L 170 -33.75 -30.72 70.39
C PRO L 170 -33.85 -29.55 71.43
N ASP L 171 -34.95 -28.82 71.40
CA ASP L 171 -35.25 -27.79 72.31
C ASP L 171 -36.69 -27.57 71.91
N VAL L 172 -37.61 -28.08 72.77
CA VAL L 172 -39.06 -28.03 72.55
C VAL L 172 -39.71 -27.14 73.48
N PRO L 173 -40.30 -25.99 73.03
CA PRO L 173 -40.93 -24.96 73.81
C PRO L 173 -41.96 -25.40 74.77
N ILE L 174 -41.93 -24.80 76.04
CA ILE L 174 -42.74 -24.77 77.23
C ILE L 174 -42.86 -23.30 77.64
N GLN L 175 -43.89 -22.98 78.39
CA GLN L 175 -44.39 -21.65 78.69
C GLN L 175 -44.39 -21.55 80.20
N GLY L 176 -43.86 -22.53 80.93
CA GLY L 176 -43.97 -22.41 82.38
C GLY L 176 -44.52 -23.67 82.85
N LEU L 177 -43.81 -24.25 83.88
CA LEU L 177 -44.13 -25.58 84.39
C LEU L 177 -43.65 -25.71 85.76
N VAL L 178 -42.73 -24.79 86.24
CA VAL L 178 -42.17 -24.84 87.48
C VAL L 178 -42.63 -23.63 88.31
N SER L 179 -42.94 -23.89 89.61
CA SER L 179 -43.43 -22.86 90.44
C SER L 179 -43.06 -23.16 91.82
N ASN L 180 -43.08 -22.00 92.59
CA ASN L 180 -42.62 -22.02 93.98
C ASN L 180 -43.95 -22.07 94.67
N THR L 181 -44.25 -23.29 95.28
CA THR L 181 -45.41 -23.61 95.97
C THR L 181 -45.08 -23.61 97.41
N GLY L 182 -45.76 -22.67 98.17
CA GLY L 182 -45.45 -22.58 99.57
C GLY L 182 -44.30 -21.74 99.83
N LYS L 183 -43.10 -22.34 99.89
CA LYS L 183 -41.80 -21.69 100.16
C LYS L 183 -40.66 -22.64 99.86
N SER L 184 -40.98 -23.62 98.99
CA SER L 184 -40.12 -24.69 98.54
C SER L 184 -40.44 -24.69 97.13
N TYR L 185 -39.69 -25.57 96.44
CA TYR L 185 -39.67 -25.68 94.98
C TYR L 185 -40.21 -27.03 94.66
N SER L 186 -41.31 -27.13 93.93
CA SER L 186 -41.99 -28.32 93.55
C SER L 186 -41.71 -28.48 92.07
N LEU L 187 -41.07 -29.65 91.74
CA LEU L 187 -40.61 -29.98 90.45
C LEU L 187 -41.75 -30.87 89.91
N ASP L 188 -42.37 -30.28 88.84
CA ASP L 188 -43.37 -30.95 88.06
C ASP L 188 -42.68 -31.52 86.82
N PRO L 189 -42.81 -32.80 86.48
CA PRO L 189 -42.27 -33.31 85.23
C PRO L 189 -43.28 -33.16 84.09
N LYS L 190 -44.61 -33.03 84.47
CA LYS L 190 -45.69 -33.34 83.62
C LYS L 190 -45.60 -34.66 82.95
N THR L 191 -45.89 -34.82 81.67
CA THR L 191 -46.04 -36.06 80.93
C THR L 191 -44.95 -36.04 79.91
N LYS L 192 -43.70 -35.59 80.28
CA LYS L 192 -42.57 -35.57 79.38
C LYS L 192 -41.33 -35.61 80.30
N THR L 193 -40.18 -35.95 79.69
CA THR L 193 -38.85 -35.89 80.30
C THR L 193 -38.38 -34.49 80.39
N ILE L 194 -37.90 -34.06 81.60
CA ILE L 194 -37.43 -32.70 81.81
C ILE L 194 -36.01 -32.64 82.31
N LYS L 195 -35.22 -31.75 81.63
CA LYS L 195 -33.88 -31.50 81.81
C LYS L 195 -33.84 -30.15 82.47
N TYR L 196 -33.17 -29.97 83.58
CA TYR L 196 -33.00 -28.72 84.25
C TYR L 196 -31.65 -28.62 84.77
N LYS L 197 -31.10 -27.41 84.93
CA LYS L 197 -29.79 -27.20 85.49
C LYS L 197 -30.22 -26.27 86.66
N CYS L 198 -29.81 -26.68 87.88
CA CYS L 198 -30.14 -26.09 89.15
C CYS L 198 -28.87 -25.71 89.87
N THR L 199 -28.83 -24.48 90.41
CA THR L 199 -27.68 -24.08 91.27
C THR L 199 -27.63 -24.98 92.48
N CYS L 200 -28.75 -25.35 93.12
CA CYS L 200 -28.80 -26.10 94.28
C CYS L 200 -29.96 -27.04 94.15
N GLY L 201 -30.03 -27.99 95.10
CA GLY L 201 -31.02 -29.01 95.11
C GLY L 201 -30.51 -29.98 96.10
N GLU L 202 -31.38 -30.54 96.97
CA GLU L 202 -31.05 -31.53 98.00
C GLU L 202 -30.80 -32.92 97.43
N THR L 203 -31.71 -33.40 96.48
CA THR L 203 -31.51 -34.69 95.77
C THR L 203 -30.99 -34.38 94.39
N VAL L 204 -31.79 -33.69 93.55
CA VAL L 204 -31.50 -33.60 92.14
C VAL L 204 -31.17 -32.21 91.84
N LYS L 205 -30.13 -31.95 90.93
CA LYS L 205 -29.77 -30.57 90.56
C LYS L 205 -29.05 -30.66 89.27
N GLU L 206 -29.17 -31.85 88.59
CA GLU L 206 -28.81 -32.17 87.28
C GLU L 206 -29.21 -33.63 87.16
N GLY L 207 -30.08 -33.90 86.15
CA GLY L 207 -30.58 -35.25 85.91
C GLY L 207 -31.81 -35.18 85.13
N THR L 208 -32.26 -36.25 84.60
CA THR L 208 -33.51 -36.46 83.80
C THR L 208 -34.61 -36.87 84.72
N ALA L 209 -35.56 -35.97 84.96
CA ALA L 209 -36.51 -36.23 86.02
C ALA L 209 -37.81 -36.57 85.45
N THR L 210 -38.49 -37.51 86.14
CA THR L 210 -39.81 -37.95 85.71
C THR L 210 -40.58 -38.37 86.94
N ASN L 211 -40.18 -37.76 88.11
CA ASN L 211 -40.86 -37.95 89.32
C ASN L 211 -40.90 -36.57 89.94
N LYS L 212 -41.76 -36.46 90.98
CA LYS L 212 -41.98 -35.30 91.74
C LYS L 212 -41.01 -35.27 92.89
N ILE L 213 -40.40 -34.11 93.10
CA ILE L 213 -39.35 -33.99 94.13
C ILE L 213 -39.66 -32.59 94.66
N THR L 214 -39.19 -32.39 95.95
CA THR L 214 -39.28 -31.16 96.62
C THR L 214 -37.84 -30.90 97.03
N LEU L 215 -37.40 -29.70 96.76
CA LEU L 215 -36.08 -29.20 96.91
C LEU L 215 -36.16 -27.96 97.73
N PHE L 216 -35.39 -27.85 98.83
CA PHE L 216 -35.47 -26.67 99.65
C PHE L 216 -34.17 -25.93 99.45
N ASN L 217 -34.34 -24.60 99.61
CA ASN L 217 -33.30 -23.60 99.30
C ASN L 217 -33.23 -23.46 97.77
N CYS L 218 -34.35 -23.56 97.14
CA CYS L 218 -34.43 -23.47 95.70
C CYS L 218 -35.63 -22.65 95.25
N ASP L 219 -35.52 -21.94 94.09
CA ASP L 219 -36.47 -20.95 93.71
C ASP L 219 -36.37 -20.88 92.20
N THR L 220 -37.48 -20.42 91.59
CA THR L 220 -37.57 -20.27 90.13
C THR L 220 -36.75 -19.11 89.67
N ALA L 221 -35.80 -19.37 88.76
CA ALA L 221 -35.74 -18.70 87.44
C ALA L 221 -34.28 -18.48 87.05
N PRO L 222 -33.49 -17.73 87.83
CA PRO L 222 -32.13 -17.40 87.27
C PRO L 222 -31.15 -18.29 87.93
N LYS L 223 -31.67 -19.28 88.57
CA LYS L 223 -30.85 -20.11 89.39
C LYS L 223 -31.49 -21.50 89.48
N CYS L 224 -32.65 -21.68 88.68
CA CYS L 224 -33.21 -23.02 88.42
C CYS L 224 -34.03 -22.90 87.21
N ILE L 225 -33.43 -23.49 86.06
CA ILE L 225 -34.05 -23.44 84.73
C ILE L 225 -34.52 -24.80 84.20
N THR L 226 -35.84 -25.00 83.99
CA THR L 226 -36.39 -26.26 83.63
C THR L 226 -37.08 -26.03 82.32
N TYR L 227 -36.95 -27.03 81.37
CA TYR L 227 -37.62 -27.15 80.14
C TYR L 227 -37.72 -28.64 79.80
N ALA L 228 -38.84 -29.10 79.23
CA ALA L 228 -39.04 -30.39 78.78
C ALA L 228 -38.36 -30.48 77.37
N VAL L 229 -37.66 -31.53 77.07
CA VAL L 229 -37.00 -31.79 75.81
C VAL L 229 -36.91 -33.33 75.76
N ASP L 230 -37.12 -33.75 74.49
CA ASP L 230 -37.10 -35.15 74.15
C ASP L 230 -36.34 -35.30 72.81
N ASN L 231 -35.53 -36.37 72.55
CA ASN L 231 -34.65 -36.33 71.39
C ASN L 231 -35.25 -36.64 70.04
N THR L 232 -34.39 -36.18 69.04
CA THR L 232 -34.35 -36.35 67.62
C THR L 232 -35.27 -35.42 66.90
N VAL L 233 -35.06 -34.11 67.21
CA VAL L 233 -35.98 -33.03 66.91
C VAL L 233 -35.10 -32.06 66.16
N TRP L 234 -35.32 -31.79 64.84
CA TRP L 234 -34.89 -30.54 64.16
C TRP L 234 -36.19 -30.00 63.73
N GLN L 235 -36.37 -28.67 64.06
CA GLN L 235 -37.52 -27.85 63.68
C GLN L 235 -37.09 -26.74 62.72
N TYR L 236 -38.10 -26.33 61.92
CA TYR L 236 -37.92 -25.24 60.96
C TYR L 236 -38.40 -24.08 61.80
N ASN L 237 -38.06 -22.86 61.42
CA ASN L 237 -38.40 -21.59 62.16
C ASN L 237 -39.88 -21.40 62.02
N SER L 238 -40.39 -20.65 63.06
CA SER L 238 -41.81 -20.37 63.22
C SER L 238 -41.81 -18.85 63.00
N GLN L 239 -41.76 -18.09 64.09
CA GLN L 239 -41.87 -16.60 64.11
C GLN L 239 -41.22 -16.12 65.42
N TYR L 240 -41.38 -16.84 66.58
CA TYR L 240 -41.08 -16.32 67.91
C TYR L 240 -40.89 -17.55 68.76
N VAL L 241 -40.20 -18.59 68.27
CA VAL L 241 -39.69 -19.74 69.04
C VAL L 241 -38.25 -19.43 69.51
N PRO L 242 -37.86 -19.39 70.79
CA PRO L 242 -36.52 -19.15 71.22
C PRO L 242 -36.00 -20.53 71.49
N ARG L 243 -34.63 -20.71 71.35
CA ARG L 243 -34.03 -21.97 71.46
C ARG L 243 -32.55 -21.70 71.75
N SER L 244 -31.87 -22.54 72.49
CA SER L 244 -30.51 -22.39 72.94
C SER L 244 -29.97 -23.81 72.80
N GLU L 245 -28.72 -23.89 72.35
CA GLU L 245 -28.07 -25.17 72.37
C GLU L 245 -26.64 -24.90 72.60
N VAL L 246 -25.88 -26.03 72.96
CA VAL L 246 -24.48 -25.97 73.20
C VAL L 246 -23.78 -26.54 72.01
N THR L 247 -24.50 -27.26 71.09
CA THR L 247 -23.92 -27.86 69.92
C THR L 247 -24.88 -27.42 68.81
N GLU L 248 -24.43 -27.63 67.51
CA GLU L 248 -25.17 -27.14 66.36
C GLU L 248 -25.20 -28.30 65.42
N VAL L 249 -26.42 -28.76 65.05
CA VAL L 249 -26.77 -29.96 64.22
C VAL L 249 -27.97 -29.51 63.41
N LYS L 250 -28.34 -30.32 62.35
CA LYS L 250 -29.41 -30.00 61.39
C LYS L 250 -30.21 -31.26 61.09
N GLY L 251 -31.35 -31.09 60.33
CA GLY L 251 -32.12 -32.21 59.85
C GLY L 251 -32.57 -31.64 58.48
N LYS L 252 -33.19 -32.45 57.58
CA LYS L 252 -33.65 -32.00 56.24
C LYS L 252 -35.10 -32.54 56.15
N ILE L 253 -35.93 -31.97 55.28
CA ILE L 253 -37.27 -32.38 54.94
C ILE L 253 -37.53 -32.07 53.42
N HIS L 254 -38.28 -33.04 52.80
CA HIS L 254 -38.70 -33.06 51.46
C HIS L 254 -39.78 -32.13 51.16
N VAL L 255 -39.96 -31.73 49.90
CA VAL L 255 -40.89 -30.69 49.47
C VAL L 255 -41.79 -31.28 48.39
N PRO L 256 -43.05 -31.75 48.69
CA PRO L 256 -44.05 -32.06 47.72
C PRO L 256 -44.51 -30.69 47.14
N PHE L 257 -45.28 -30.74 46.06
CA PHE L 257 -45.91 -29.62 45.35
C PHE L 257 -44.92 -28.68 44.63
N PRO L 258 -43.94 -29.10 43.75
CA PRO L 258 -43.00 -28.23 43.15
C PRO L 258 -43.73 -27.29 42.21
N LEU L 259 -43.16 -26.21 41.84
CA LEU L 259 -43.60 -25.26 40.87
C LEU L 259 -43.53 -25.83 39.50
N THR L 260 -44.69 -25.76 38.79
CA THR L 260 -44.69 -26.29 37.50
C THR L 260 -45.73 -25.50 36.71
N ASP L 261 -45.51 -25.29 35.41
CA ASP L 261 -46.38 -24.66 34.46
C ASP L 261 -47.56 -25.48 34.20
N SER L 262 -48.72 -24.85 33.91
CA SER L 262 -50.00 -25.41 33.60
C SER L 262 -50.54 -24.37 32.67
N THR L 263 -51.77 -24.64 32.28
CA THR L 263 -52.64 -23.77 31.54
C THR L 263 -53.97 -23.82 32.22
N CYS L 264 -54.66 -22.63 32.40
CA CYS L 264 -55.97 -22.54 32.95
C CYS L 264 -56.93 -22.08 31.81
N ALA L 265 -58.13 -22.70 31.83
CA ALA L 265 -59.38 -22.39 31.18
C ALA L 265 -60.21 -21.26 31.93
N VAL L 266 -60.40 -20.12 31.19
CA VAL L 266 -61.15 -19.03 31.75
C VAL L 266 -61.95 -18.47 30.58
N SER L 267 -63.14 -17.91 30.83
CA SER L 267 -63.93 -17.15 29.88
C SER L 267 -63.47 -15.67 30.05
N VAL L 268 -63.43 -15.00 28.91
CA VAL L 268 -63.43 -13.60 28.72
C VAL L 268 -64.69 -13.36 27.85
N ALA L 269 -65.01 -12.06 27.74
CA ALA L 269 -66.27 -11.51 27.21
C ALA L 269 -66.17 -11.72 25.68
N PRO L 270 -67.19 -12.17 24.99
CA PRO L 270 -67.18 -12.24 23.48
C PRO L 270 -67.06 -10.85 22.95
N GLU L 271 -66.53 -10.73 21.73
CA GLU L 271 -66.14 -9.42 21.00
C GLU L 271 -67.28 -8.36 20.98
N PRO L 272 -67.07 -7.04 21.27
CA PRO L 272 -68.04 -5.97 21.19
C PRO L 272 -68.48 -5.66 19.72
N GLN L 273 -69.72 -5.02 19.50
CA GLN L 273 -70.25 -4.78 18.15
C GLN L 273 -69.39 -3.72 17.44
N VAL L 274 -69.16 -3.87 16.13
CA VAL L 274 -68.36 -2.89 15.38
C VAL L 274 -69.21 -2.22 14.39
N THR L 275 -68.95 -0.88 14.19
CA THR L 275 -69.75 -0.07 13.22
C THR L 275 -68.71 0.49 12.37
N TYR L 276 -69.00 0.76 11.04
CA TYR L 276 -67.96 0.97 10.05
C TYR L 276 -68.35 2.23 9.32
N ARG L 277 -67.40 3.00 8.88
CA ARG L 277 -67.47 4.28 8.18
C ARG L 277 -66.47 4.14 7.12
N LEU L 278 -66.34 5.12 6.23
CA LEU L 278 -65.45 5.15 5.12
C LEU L 278 -64.00 5.29 5.56
N GLY L 279 -63.32 4.16 5.78
CA GLY L 279 -61.87 4.14 6.15
C GLY L 279 -61.62 4.28 7.54
N GLU L 280 -62.62 4.09 8.42
CA GLU L 280 -62.53 4.32 9.85
C GLU L 280 -63.31 3.30 10.55
N VAL L 281 -62.84 2.82 11.75
CA VAL L 281 -63.55 1.81 12.47
C VAL L 281 -63.86 2.21 13.91
N GLU L 282 -65.14 2.01 14.32
CA GLU L 282 -65.69 2.47 15.54
C GLU L 282 -66.14 1.16 16.31
N PHE L 283 -65.89 1.06 17.64
CA PHE L 283 -66.24 -0.03 18.48
C PHE L 283 -67.17 0.73 19.37
N HIS L 284 -68.39 0.05 19.54
CA HIS L 284 -69.44 0.30 20.48
C HIS L 284 -69.44 -0.84 21.54
N PHE L 285 -69.00 -0.55 22.80
CA PHE L 285 -68.83 -1.58 23.77
C PHE L 285 -70.10 -2.00 24.36
N HIS L 286 -70.28 -3.31 24.57
CA HIS L 286 -71.62 -3.86 25.00
C HIS L 286 -71.47 -3.84 26.56
N PRO L 287 -72.62 -4.07 27.41
CA PRO L 287 -72.48 -4.25 28.90
C PRO L 287 -71.82 -5.59 29.15
N MET L 288 -70.78 -5.68 29.97
CA MET L 288 -70.16 -6.88 30.46
C MET L 288 -69.41 -6.50 31.78
N TYR L 289 -68.96 -7.46 32.57
CA TYR L 289 -68.21 -7.12 33.78
C TYR L 289 -66.82 -6.85 33.30
N PRO L 290 -66.16 -5.82 33.77
CA PRO L 290 -64.93 -5.21 33.30
C PRO L 290 -64.01 -5.99 32.44
N THR L 291 -63.65 -5.38 31.26
CA THR L 291 -62.74 -5.99 30.31
C THR L 291 -61.70 -4.96 30.04
N LEU L 292 -60.44 -5.48 30.14
CA LEU L 292 -59.29 -4.69 29.81
C LEU L 292 -59.11 -4.73 28.30
N PHE L 293 -58.79 -3.58 27.73
CA PHE L 293 -58.74 -3.31 26.30
C PHE L 293 -57.41 -2.57 26.13
N SER L 294 -56.88 -2.88 24.96
CA SER L 294 -55.72 -2.31 24.36
C SER L 294 -56.10 -1.74 23.08
N ILE L 295 -55.51 -0.61 22.67
CA ILE L 295 -55.81 -0.15 21.30
C ILE L 295 -54.37 -0.01 20.83
N ARG L 296 -53.98 -0.72 19.70
CA ARG L 296 -52.63 -0.67 19.31
C ARG L 296 -52.56 -0.65 17.87
N SER L 297 -51.27 -0.64 17.50
CA SER L 297 -50.81 -0.37 16.13
C SER L 297 -49.44 -0.95 16.08
N LEU L 298 -48.87 -1.30 14.89
CA LEU L 298 -47.50 -1.75 14.63
C LEU L 298 -47.26 -1.59 13.17
N GLY L 299 -48.33 -1.19 12.50
CA GLY L 299 -48.40 -1.00 11.07
C GLY L 299 -47.73 0.25 10.60
N LYS L 300 -47.90 1.38 11.31
CA LYS L 300 -47.49 2.68 10.80
C LYS L 300 -46.77 3.42 11.93
N ASP L 301 -47.10 3.16 13.25
CA ASP L 301 -46.54 3.78 14.42
C ASP L 301 -46.62 2.64 15.38
N PRO L 302 -45.82 2.65 16.46
CA PRO L 302 -45.70 1.49 17.40
C PRO L 302 -46.85 1.56 18.42
N SER L 303 -47.43 2.84 18.66
CA SER L 303 -48.43 3.42 19.61
C SER L 303 -49.34 2.46 20.33
N HIS L 304 -49.54 2.74 21.60
CA HIS L 304 -50.35 1.92 22.51
C HIS L 304 -50.89 2.69 23.69
N SER L 305 -52.17 2.57 23.96
CA SER L 305 -52.87 2.96 25.26
C SER L 305 -53.81 1.86 25.64
N GLN L 306 -54.18 1.88 26.97
CA GLN L 306 -54.84 0.82 27.66
C GLN L 306 -55.90 1.51 28.50
N GLU L 307 -57.05 0.78 28.66
CA GLU L 307 -58.07 1.18 29.63
C GLU L 307 -58.95 0.03 29.96
N TRP L 308 -59.54 0.13 31.16
CA TRP L 308 -60.60 -0.78 31.43
C TRP L 308 -61.89 -0.09 30.94
N ILE L 309 -62.65 -0.86 30.12
CA ILE L 309 -63.89 -0.50 29.48
C ILE L 309 -64.87 -1.28 30.32
N ASP L 310 -65.66 -0.61 31.08
CA ASP L 310 -66.56 -1.16 32.06
C ASP L 310 -67.98 -0.80 31.76
N THR L 311 -68.21 0.08 30.76
CA THR L 311 -69.46 0.74 30.59
C THR L 311 -69.56 1.06 29.07
N PRO L 312 -70.76 0.93 28.44
CA PRO L 312 -70.97 1.20 27.01
C PRO L 312 -70.49 2.53 26.50
N MET L 313 -69.58 2.58 25.48
CA MET L 313 -69.11 3.82 24.95
C MET L 313 -68.76 3.56 23.50
N SER L 314 -68.79 4.60 22.68
CA SER L 314 -68.26 4.42 21.32
C SER L 314 -66.93 5.12 21.33
N LYS L 315 -65.88 4.43 20.76
CA LYS L 315 -64.59 4.89 20.50
C LYS L 315 -64.21 4.74 19.03
N THR L 316 -63.67 5.81 18.47
CA THR L 316 -63.29 5.88 17.09
C THR L 316 -61.87 5.80 17.08
N ILE L 317 -61.35 4.85 16.31
CA ILE L 317 -59.90 4.57 16.17
C ILE L 317 -59.82 4.57 14.70
N GLN L 318 -58.71 5.16 14.05
CA GLN L 318 -58.62 5.28 12.62
C GLN L 318 -57.75 4.15 12.03
N VAL L 319 -58.03 3.64 10.79
CA VAL L 319 -57.34 2.55 10.20
C VAL L 319 -56.89 3.02 8.88
N GLY L 320 -55.54 3.12 8.68
CA GLY L 320 -54.97 3.60 7.41
C GLY L 320 -54.75 2.51 6.44
N ALA L 321 -53.66 2.52 5.72
CA ALA L 321 -53.43 1.55 4.63
C ALA L 321 -52.94 0.27 5.26
N GLU L 322 -52.15 0.41 6.36
CA GLU L 322 -51.57 -0.59 7.17
C GLU L 322 -52.60 -0.97 8.18
N GLY L 323 -52.49 -2.17 8.76
CA GLY L 323 -53.41 -2.68 9.77
C GLY L 323 -53.49 -1.91 11.09
N VAL L 324 -54.60 -2.17 11.84
CA VAL L 324 -54.82 -1.66 13.20
C VAL L 324 -55.26 -2.89 13.95
N GLU L 325 -54.81 -3.06 15.20
CA GLU L 325 -55.05 -4.21 15.91
C GLU L 325 -55.77 -3.87 17.21
N TYR L 326 -56.86 -4.62 17.46
CA TYR L 326 -57.59 -4.42 18.79
C TYR L 326 -57.46 -5.73 19.45
N VAL L 327 -57.06 -5.59 20.76
CA VAL L 327 -56.87 -6.73 21.64
C VAL L 327 -57.97 -6.39 22.62
N TRP L 328 -58.81 -7.35 22.92
CA TRP L 328 -60.01 -7.28 23.76
C TRP L 328 -59.93 -8.50 24.67
N GLY L 329 -59.75 -8.30 25.94
CA GLY L 329 -59.69 -9.29 26.96
C GLY L 329 -58.43 -10.04 26.69
N ASN L 330 -58.44 -11.40 26.97
CA ASN L 330 -57.24 -12.22 26.92
C ASN L 330 -57.20 -12.89 25.56
N ASN L 331 -58.12 -12.56 24.62
CA ASN L 331 -58.19 -13.13 23.35
C ASN L 331 -57.07 -12.61 22.41
N ASN L 332 -56.85 -13.47 21.39
CA ASN L 332 -55.81 -13.34 20.40
C ASN L 332 -56.18 -12.06 19.59
N PRO L 333 -55.20 -11.40 18.91
CA PRO L 333 -55.51 -10.12 18.23
C PRO L 333 -56.30 -10.31 16.96
N VAL L 334 -57.23 -9.36 16.71
CA VAL L 334 -57.97 -9.31 15.46
C VAL L 334 -57.23 -8.12 14.78
N ARG L 335 -56.98 -8.21 13.48
CA ARG L 335 -56.41 -7.23 12.65
C ARG L 335 -57.36 -6.81 11.66
N LEU L 336 -57.41 -5.45 11.36
CA LEU L 336 -58.45 -4.87 10.56
C LEU L 336 -57.73 -3.94 9.65
N TRP L 337 -58.26 -3.84 8.38
CA TRP L 337 -57.74 -3.10 7.29
C TRP L 337 -58.75 -2.01 6.99
N ALA L 338 -58.62 -1.28 5.89
CA ALA L 338 -59.49 -0.24 5.59
C ALA L 338 -60.61 -0.78 4.79
N GLN L 339 -61.81 -0.49 5.31
CA GLN L 339 -63.13 -0.82 4.73
C GLN L 339 -63.87 0.48 4.51
N LYS L 340 -64.19 0.62 3.15
CA LYS L 340 -64.85 1.84 2.67
C LYS L 340 -66.07 1.27 1.97
N SER L 341 -65.89 0.59 0.90
CA SER L 341 -66.89 -0.05 0.15
C SER L 341 -66.25 -1.13 -0.63
N SER L 342 -64.93 -1.43 -0.26
CA SER L 342 -64.25 -2.59 -0.73
C SER L 342 -63.62 -2.39 -2.02
N SER L 343 -62.51 -3.15 -2.27
CA SER L 343 -61.81 -3.25 -3.48
C SER L 343 -61.09 -2.01 -3.98
N SER L 344 -60.28 -2.26 -5.05
CA SER L 344 -59.47 -1.36 -5.82
C SER L 344 -59.35 -1.97 -7.19
N SER L 345 -58.98 -1.08 -8.19
CA SER L 345 -58.79 -1.48 -9.55
C SER L 345 -57.68 -0.62 -9.97
N ALA L 346 -57.56 0.59 -9.41
CA ALA L 346 -56.63 1.55 -10.01
C ALA L 346 -56.72 2.80 -9.18
N HIS L 347 -57.46 2.86 -8.00
CA HIS L 347 -57.84 4.04 -7.29
C HIS L 347 -56.61 4.72 -6.92
N GLY L 348 -56.60 6.06 -7.12
CA GLY L 348 -55.57 7.00 -6.91
C GLY L 348 -54.80 7.07 -8.16
N ASN L 349 -53.79 7.95 -8.18
CA ASN L 349 -53.04 8.31 -9.41
C ASN L 349 -51.62 8.41 -8.79
N PRO L 350 -50.53 8.30 -9.57
CA PRO L 350 -49.13 8.40 -8.93
C PRO L 350 -48.80 9.72 -8.25
N ILE L 351 -49.34 10.88 -8.82
CA ILE L 351 -49.31 12.20 -8.19
C ILE L 351 -50.51 12.13 -7.25
N SER L 352 -50.25 12.24 -5.94
CA SER L 352 -51.11 11.85 -4.85
C SER L 352 -52.34 12.68 -4.77
N ILE L 353 -53.52 12.02 -4.47
CA ILE L 353 -54.85 12.49 -4.47
C ILE L 353 -55.54 11.68 -3.33
N VAL L 354 -56.83 12.10 -2.81
CA VAL L 354 -57.51 11.45 -1.78
C VAL L 354 -58.96 11.05 -2.15
N SER L 355 -59.42 10.04 -1.32
CA SER L 355 -60.70 9.29 -1.49
C SER L 355 -62.01 10.11 -1.55
N HIS L 356 -62.98 9.76 -2.37
CA HIS L 356 -64.27 10.43 -2.45
C HIS L 356 -64.14 11.86 -2.91
N TYR L 357 -64.91 12.81 -2.35
CA TYR L 357 -64.83 14.17 -2.88
C TYR L 357 -64.42 15.04 -1.79
N TYR L 358 -63.69 14.54 -0.73
CA TYR L 358 -63.24 15.35 0.37
C TYR L 358 -62.20 16.35 -0.01
N ASP L 359 -61.77 17.21 0.98
CA ASP L 359 -60.76 18.26 0.86
C ASP L 359 -59.67 17.94 1.83
N LEU L 360 -59.88 16.92 2.63
CA LEU L 360 -58.93 16.50 3.52
C LEU L 360 -58.79 15.05 3.10
N TYR L 361 -57.60 14.35 2.99
CA TYR L 361 -56.20 14.87 3.21
C TYR L 361 -55.84 16.02 2.33
N PRO L 362 -54.99 17.03 2.69
CA PRO L 362 -54.49 18.08 1.86
C PRO L 362 -53.89 17.62 0.57
N TYR L 363 -54.64 17.87 -0.47
CA TYR L 363 -54.40 17.66 -1.84
C TYR L 363 -55.43 18.46 -2.58
N TRP L 364 -56.32 19.17 -1.79
CA TRP L 364 -57.34 20.03 -2.44
C TRP L 364 -57.23 21.40 -1.88
N THR L 365 -56.62 21.53 -0.70
CA THR L 365 -56.52 22.71 0.05
C THR L 365 -55.18 23.33 -0.31
N ILE L 366 -54.26 22.54 -0.93
CA ILE L 366 -53.07 23.04 -1.58
C ILE L 366 -53.50 23.77 -2.74
N THR L 367 -54.48 23.21 -3.43
CA THR L 367 -55.09 23.86 -4.59
C THR L 367 -55.70 25.16 -4.33
N VAL L 368 -56.34 25.30 -3.16
CA VAL L 368 -56.93 26.55 -2.75
C VAL L 368 -55.80 27.57 -2.62
N LEU L 369 -54.61 27.26 -1.99
CA LEU L 369 -53.47 28.15 -1.84
C LEU L 369 -52.94 28.56 -3.30
N ALA L 370 -52.90 27.57 -4.23
CA ALA L 370 -52.41 27.77 -5.65
C ALA L 370 -53.26 28.79 -6.37
N SER L 371 -54.62 28.73 -6.16
CA SER L 371 -55.59 29.58 -6.71
C SER L 371 -55.48 30.92 -6.27
N LEU L 372 -55.28 31.13 -4.94
CA LEU L 372 -55.22 32.40 -4.25
C LEU L 372 -54.00 33.14 -4.79
N GLY L 373 -52.96 32.33 -5.04
CA GLY L 373 -51.68 32.84 -5.58
C GLY L 373 -51.74 33.42 -7.01
N LEU L 374 -52.64 32.82 -7.87
CA LEU L 374 -52.86 33.27 -9.24
C LEU L 374 -53.48 34.60 -9.11
N LEU L 375 -54.54 34.83 -8.23
CA LEU L 375 -55.36 36.04 -8.14
C LEU L 375 -54.67 37.28 -7.67
N ILE L 376 -53.82 37.13 -6.66
CA ILE L 376 -53.01 38.17 -6.12
C ILE L 376 -51.95 38.63 -7.08
N VAL L 377 -51.25 37.71 -7.78
CA VAL L 377 -50.14 38.03 -8.77
C VAL L 377 -50.59 38.73 -10.02
N ILE L 378 -51.71 38.32 -10.62
CA ILE L 378 -52.15 38.87 -11.89
C ILE L 378 -52.53 40.33 -11.71
N SER L 379 -53.25 40.57 -10.61
CA SER L 379 -53.70 41.86 -10.21
C SER L 379 -52.52 42.78 -9.88
N SER L 380 -51.46 42.25 -9.17
CA SER L 380 -50.24 43.04 -8.85
C SER L 380 -49.47 43.42 -10.17
N GLY L 381 -49.43 42.45 -11.17
CA GLY L 381 -48.66 42.63 -12.38
C GLY L 381 -49.22 43.68 -13.23
N PHE L 382 -50.59 43.76 -13.40
CA PHE L 382 -51.25 44.73 -14.23
C PHE L 382 -51.15 46.16 -13.82
N SER L 383 -51.16 46.35 -12.46
CA SER L 383 -50.97 47.67 -11.86
C SER L 383 -49.63 48.26 -12.15
N CYS L 384 -48.56 47.48 -12.13
CA CYS L 384 -47.19 47.87 -12.43
C CYS L 384 -47.02 48.21 -13.88
N PHE L 385 -47.67 47.46 -14.75
CA PHE L 385 -47.72 47.64 -16.19
C PHE L 385 -48.42 48.86 -16.66
N LEU L 386 -49.52 49.19 -15.99
CA LEU L 386 -50.38 50.28 -16.26
C LEU L 386 -49.67 51.61 -16.12
N CYS L 387 -48.84 51.82 -15.06
CA CYS L 387 -47.92 52.93 -14.83
C CYS L 387 -46.97 53.03 -15.92
N SER L 388 -46.30 51.98 -16.44
CA SER L 388 -45.29 52.15 -17.49
C SER L 388 -45.99 52.59 -18.81
N VAL L 389 -47.18 52.06 -19.17
CA VAL L 389 -47.97 52.47 -20.42
C VAL L 389 -48.38 53.97 -20.31
N ALA L 390 -48.73 54.41 -19.10
CA ALA L 390 -49.21 55.68 -18.82
C ALA L 390 -48.25 56.84 -19.10
N ARG L 391 -46.92 56.63 -18.87
CA ARG L 391 -45.87 57.59 -19.12
C ARG L 391 -45.80 57.81 -20.65
N THR L 392 -45.95 56.71 -21.44
CA THR L 392 -45.98 56.74 -22.93
C THR L 392 -47.23 57.47 -23.34
N LYS L 393 -48.41 57.24 -22.72
CA LYS L 393 -49.71 57.81 -23.06
C LYS L 393 -49.70 59.31 -22.81
N CYS L 394 -49.06 59.83 -21.71
CA CYS L 394 -48.81 61.23 -21.54
C CYS L 394 -47.89 61.93 -22.59
N LEU L 395 -46.76 61.45 -23.00
CA LEU L 395 -45.88 62.15 -23.97
C LEU L 395 -46.24 62.08 -25.44
N THR L 396 -46.74 60.94 -25.96
CA THR L 396 -47.01 60.73 -27.40
C THR L 396 -48.33 61.30 -27.86
N PRO L 397 -49.51 61.11 -27.19
CA PRO L 397 -50.60 61.97 -27.32
C PRO L 397 -50.41 63.45 -27.09
N TYR L 398 -49.31 63.88 -26.46
CA TYR L 398 -49.05 65.32 -26.36
C TYR L 398 -48.33 65.76 -27.62
N GLN L 399 -47.20 64.99 -27.91
CA GLN L 399 -46.33 65.11 -29.04
C GLN L 399 -47.06 65.42 -30.39
N LEU L 400 -47.93 64.47 -30.91
CA LEU L 400 -48.84 64.52 -32.09
C LEU L 400 -50.19 64.60 -31.53
N ALA L 401 -51.21 64.92 -32.40
CA ALA L 401 -52.60 65.11 -31.91
C ALA L 401 -53.39 64.48 -33.01
N PRO L 402 -54.67 64.07 -32.82
CA PRO L 402 -55.41 63.38 -33.81
C PRO L 402 -55.87 64.29 -34.93
N GLY L 403 -56.04 63.82 -36.18
CA GLY L 403 -55.69 62.47 -36.67
C GLY L 403 -54.20 62.26 -36.90
N ALA L 404 -53.90 61.14 -37.58
CA ALA L 404 -52.48 60.73 -37.79
C ALA L 404 -52.45 59.86 -39.06
N GLN L 405 -51.17 59.61 -39.46
CA GLN L 405 -50.86 58.73 -40.49
C GLN L 405 -50.62 57.30 -39.94
N LEU L 406 -50.84 57.05 -38.63
CA LEU L 406 -50.43 55.83 -38.06
C LEU L 406 -51.73 55.50 -37.38
N PRO L 407 -52.37 54.27 -37.55
CA PRO L 407 -53.71 54.08 -37.13
C PRO L 407 -53.56 53.79 -35.69
N THR L 408 -52.42 53.30 -35.23
CA THR L 408 -52.14 53.09 -33.88
C THR L 408 -52.44 54.26 -32.92
N PHE L 409 -52.11 55.45 -33.44
CA PHE L 409 -52.22 56.69 -32.66
C PHE L 409 -53.62 56.93 -32.16
N ILE L 410 -54.61 56.65 -33.09
CA ILE L 410 -56.02 56.83 -32.84
C ILE L 410 -56.57 55.89 -31.80
N ALA L 411 -56.00 54.60 -31.81
CA ALA L 411 -56.34 53.52 -30.92
C ALA L 411 -55.92 53.75 -29.57
N LEU L 412 -54.70 54.28 -29.41
CA LEU L 412 -53.99 54.66 -28.20
C LEU L 412 -54.63 55.84 -27.47
N LEU L 413 -55.23 56.74 -28.26
CA LEU L 413 -55.88 57.96 -27.83
C LEU L 413 -57.02 57.80 -26.87
N CYS L 414 -57.80 56.76 -27.11
CA CYS L 414 -59.00 56.40 -26.27
C CYS L 414 -58.65 56.22 -24.84
N CYS L 415 -57.53 55.47 -24.70
CA CYS L 415 -56.88 55.14 -23.46
C CYS L 415 -56.30 56.30 -22.80
N ALA L 416 -55.59 57.19 -23.58
CA ALA L 416 -54.79 58.34 -23.16
C ALA L 416 -55.66 59.40 -22.48
N LYS L 417 -56.77 59.83 -23.11
CA LYS L 417 -57.55 60.97 -22.74
C LYS L 417 -58.06 60.79 -21.28
N SER L 418 -58.47 59.52 -20.97
CA SER L 418 -59.04 59.07 -19.72
C SER L 418 -58.03 59.08 -18.56
N ALA L 419 -56.71 58.60 -18.75
CA ALA L 419 -55.69 58.68 -17.68
C ALA L 419 -55.35 60.15 -17.36
N ARG L 420 -55.04 60.96 -18.44
CA ARG L 420 -54.60 62.36 -18.40
C ARG L 420 -55.56 63.29 -17.74
N ALA L 421 -56.83 63.25 -18.17
CA ALA L 421 -57.84 64.14 -17.68
C ALA L 421 -58.66 63.42 -16.60
#